data_3WYF
#
_entry.id   3WYF
#
_cell.length_a   87.490
_cell.length_b   155.950
_cell.length_c   149.820
_cell.angle_alpha   90.00
_cell.angle_beta   106.91
_cell.angle_gamma   90.00
#
_symmetry.space_group_name_H-M   'P 1 21 1'
#
loop_
_entity.id
_entity.type
_entity.pdbx_description
1 polymer Gsp1p
2 polymer 'Ran-specific GTPase-activating protein 2'
3 polymer Exportin-1
4 non-polymer "GUANOSINE-5'-TRIPHOSPHATE"
5 non-polymer 'MAGNESIUM ION'
6 water water
#
loop_
_entity_poly.entity_id
_entity_poly.type
_entity_poly.pdbx_seq_one_letter_code
_entity_poly.pdbx_strand_id
1 'polypeptide(L)'
;MSAPAANGEVPTFKLVLVGDGGTGKTTFVKRHLTGEFEKKYIATIGVEVHPLSFYTNFGEIKFDVWDTAGLEKFGGLRDG
YYINAQCAIIMFDVTSRITYKNVPNWHRDLVRVCENIPIVLCGNKVDVKERKVKAKTITFHRKKNLQYYDISAKSNYNFE
KPFLWLARKLAGNPQLEFVASPALAPPEVQVDEQLMQQYQQEMEQATALPLPDEDDADL
;
A,D
2 'polypeptide(L)'
;EDDKKEDKFVFGAASKFGTGFGVAKKDTKDGDATTSTESLPASDSKTKKPFAFGSGLSFGSGFNILKNKTENNSESEKKA
TDVDKDKVHSGSEQLANASEDTKDKPKPLKLQKQEVKSGEESEECIYQVNAKLYQLSNIKEGWKERGVGIIKINKSKDDV
EKTRIVMRSRGILKVILNIQLVKGFTVQKGFTGSLQSEKFIRLLAVDDNGDPAQYAIKTGKKETTDELYNIIVKSVPK
;
B,E
3 'polypeptide(L)'
;GAMEGILDFSNDLDIALLDQVVSTFYQGSGVQQKQAQEILTKFQDNPDAWQKADQILQFSTNPQSKFIALSILDKLITRK
WKLLPNDHRIGIRNFVVGMIISMCQDDEVFKTQKNLINKSDLTLVQILKQEWPQNWPEFIPELIGSSSSSVNVCENNMIV
LKLLSEEVFDFSAEQMTQAKALHLKNSMSKEFEQIFKLCFQVLEQGSSSSLIVATLESLLRYLHWIPYRYIYETNILELL
STKFMTSPDTRAITLKCLTEVSNLKIPQDNDLIKRQTVLFFQNTLQQIATSVMPVTADLKATYANANGNDQSFLQDLAMF
LTTYLARNRALLESDESLRELLLNAHQYLIQLSKIEERELFKTTLDYWHNLVADLFYEPLKKHIYEEICSQLRLVIIENM
VRPEEVLVVENDEGEIVREFVKESDTIQLYKSEREVLVYLTHLNVIDTEEIMISKLARQIDGSEWSWHNINTLSWAIGSI
SGTMSEDTEKRFVVTVIKDLLDLTVKKRGKDNKAVVASDIMYVVGQYPRFLKAHWNFLRTVILKLFEFMHETHEGVQDMA
CDTFIKIVQKCKYHFVIQQPRESEPFIQTIIRDIQKTTADLQPQQVHTFYKACGIIISEERSVAERNRLLSDLMQLPNMA
WDTIVEQSTANPTLLLDSETVKIIANIIKTNVAVCTSMGADFYPQLGHIYYNMLQLYRAVSSMISAQVAAEGLIATKTPK
VRGLRTIKKEILKLVETYISKARNLDDVVKVLVEPLLNAVLEDYMNNVPDARDAEVLNCMTTVVEKVGHMIPQGVILILQ
SVFECTLDMINKDFTEYPEHRVEFYKLLKVINEKSFAAFLELPPAAFKLFVDAICWAFKHNNRDVEVNGLQIALDLVKNI
ERMGNVPFANEFHKNYFFIFVSETFFVLTDSDHKSGFSKQALLLMKLISLVYDNKISVPLYQEAEVPQGTSNQVYLSQYL
ANMLSNAFPHLTSEQIASFLSALTKQYKDLVVFKGTLRDFLVQIKEVGGDPTDYLFAEDKENALMEQNRLEREKAAKIGG
LLKPSELDD
;
C,F
#
loop_
_chem_comp.id
_chem_comp.type
_chem_comp.name
_chem_comp.formula
GTP non-polymer GUANOSINE-5'-TRIPHOSPHATE 'C10 H16 N5 O14 P3'
MG non-polymer 'MAGNESIUM ION' 'Mg 2'
#
# COMPACT_ATOMS: atom_id res chain seq x y z
N VAL A 10 -18.02 19.79 -14.16
CA VAL A 10 -16.56 19.78 -14.44
C VAL A 10 -15.92 20.93 -13.69
N PRO A 11 -15.16 20.64 -12.62
CA PRO A 11 -14.60 21.76 -11.88
C PRO A 11 -13.36 22.36 -12.57
N THR A 12 -13.11 23.61 -12.23
CA THR A 12 -11.96 24.37 -12.69
C THR A 12 -11.15 24.76 -11.45
N PHE A 13 -9.81 24.59 -11.51
CA PHE A 13 -8.87 24.92 -10.41
C PHE A 13 -7.94 26.08 -10.77
N LYS A 14 -7.93 27.11 -9.95
CA LYS A 14 -7.03 28.21 -10.20
C LYS A 14 -5.59 27.85 -9.76
N LEU A 15 -4.65 27.95 -10.71
CA LEU A 15 -3.22 27.65 -10.49
C LEU A 15 -2.51 28.93 -10.58
N VAL A 16 -1.84 29.40 -9.50
CA VAL A 16 -0.92 30.52 -9.66
C VAL A 16 0.52 30.06 -9.90
N LEU A 17 1.19 30.80 -10.81
CA LEU A 17 2.58 30.54 -11.24
C LEU A 17 3.44 31.78 -10.94
N VAL A 18 4.39 31.61 -10.03
CA VAL A 18 5.15 32.75 -9.57
C VAL A 18 6.62 32.45 -9.67
N GLY A 19 7.41 33.52 -9.66
CA GLY A 19 8.86 33.39 -9.54
C GLY A 19 9.55 34.50 -10.28
N ASP A 20 10.87 34.57 -10.15
CA ASP A 20 11.60 35.67 -10.72
C ASP A 20 11.44 35.79 -12.20
N GLY A 21 11.58 37.02 -12.73
CA GLY A 21 11.48 37.19 -14.16
C GLY A 21 12.60 36.49 -14.92
N GLY A 22 12.33 36.06 -16.13
CA GLY A 22 13.30 35.33 -16.91
C GLY A 22 13.40 33.84 -16.65
N THR A 23 12.59 33.31 -15.71
CA THR A 23 12.79 31.91 -15.17
C THR A 23 12.09 30.85 -16.00
N GLY A 24 11.19 31.30 -16.87
CA GLY A 24 10.56 30.43 -17.88
C GLY A 24 9.10 30.16 -17.58
N LYS A 25 8.51 30.97 -16.70
CA LYS A 25 7.06 30.83 -16.43
C LYS A 25 6.21 30.85 -17.73
N THR A 26 6.25 31.95 -18.46
CA THR A 26 5.38 32.12 -19.63
C THR A 26 5.78 31.12 -20.71
N THR A 27 7.09 31.00 -20.98
CA THR A 27 7.58 29.93 -21.85
C THR A 27 6.99 28.57 -21.49
N PHE A 28 6.97 28.25 -20.19
CA PHE A 28 6.36 26.97 -19.77
C PHE A 28 4.87 26.87 -20.06
N VAL A 29 4.11 27.94 -19.86
CA VAL A 29 2.66 27.88 -20.15
C VAL A 29 2.46 27.70 -21.68
N LYS A 30 3.15 28.54 -22.45
CA LYS A 30 3.10 28.53 -23.91
C LYS A 30 3.41 27.12 -24.45
N ARG A 31 4.52 26.53 -24.00
CA ARG A 31 4.77 25.12 -24.30
C ARG A 31 3.50 24.25 -24.15
N HIS A 32 2.87 24.29 -22.99
CA HIS A 32 1.66 23.49 -22.79
C HIS A 32 0.47 23.88 -23.65
N LEU A 33 0.32 25.19 -23.88
CA LEU A 33 -0.82 25.68 -24.66
C LEU A 33 -0.71 25.37 -26.17
N THR A 34 0.42 25.74 -26.78
CA THR A 34 0.56 25.70 -28.25
C THR A 34 1.54 24.65 -28.73
N GLY A 35 2.40 24.17 -27.84
CA GLY A 35 3.45 23.24 -28.20
C GLY A 35 4.73 23.99 -28.57
N GLU A 36 4.64 25.30 -28.79
CA GLU A 36 5.80 26.04 -29.22
C GLU A 36 6.80 26.33 -28.12
N PHE A 37 8.02 26.66 -28.53
CA PHE A 37 9.06 27.05 -27.61
C PHE A 37 9.45 28.50 -27.87
N GLU A 38 9.14 29.37 -26.91
CA GLU A 38 9.31 30.79 -27.09
C GLU A 38 10.74 31.14 -26.78
N LYS A 39 11.46 31.69 -27.74
CA LYS A 39 12.88 32.00 -27.53
C LYS A 39 13.05 33.35 -26.93
N LYS A 40 12.20 34.31 -27.29
CA LYS A 40 12.42 35.69 -26.81
C LYS A 40 11.99 35.79 -25.36
N TYR A 41 12.59 36.69 -24.62
CA TYR A 41 12.03 37.03 -23.32
C TYR A 41 11.14 38.25 -23.50
N ILE A 42 9.83 38.05 -23.49
CA ILE A 42 8.95 39.21 -23.32
C ILE A 42 8.35 39.17 -21.92
N ALA A 43 8.88 40.02 -21.05
CA ALA A 43 8.42 40.12 -19.67
C ALA A 43 6.89 40.27 -19.55
N THR A 44 6.26 39.45 -18.71
CA THR A 44 4.81 39.56 -18.45
C THR A 44 4.55 40.81 -17.62
N ILE A 45 3.39 41.42 -17.79
CA ILE A 45 3.09 42.66 -17.12
C ILE A 45 1.87 42.41 -16.23
N GLY A 46 2.06 42.34 -14.91
CA GLY A 46 0.97 41.91 -14.02
C GLY A 46 0.73 40.43 -14.05
N VAL A 47 -0.30 40.02 -14.78
CA VAL A 47 -0.65 38.62 -14.86
C VAL A 47 -1.25 38.37 -16.22
N GLU A 48 -1.17 37.14 -16.71
CA GLU A 48 -1.88 36.69 -17.88
C GLU A 48 -2.62 35.42 -17.49
N VAL A 49 -3.88 35.33 -17.85
CA VAL A 49 -4.64 34.18 -17.43
C VAL A 49 -4.87 33.32 -18.65
N HIS A 50 -4.65 32.01 -18.53
CA HIS A 50 -4.94 31.06 -19.62
C HIS A 50 -5.61 29.82 -19.08
N PRO A 51 -6.81 29.47 -19.60
CA PRO A 51 -7.37 28.14 -19.34
C PRO A 51 -6.41 27.05 -19.83
N LEU A 52 -6.48 25.87 -19.23
CA LEU A 52 -5.58 24.79 -19.61
C LEU A 52 -6.18 23.54 -19.02
N SER A 53 -6.39 22.54 -19.87
CA SER A 53 -7.00 21.28 -19.45
C SER A 53 -6.35 20.04 -20.06
N PHE A 54 -6.67 18.88 -19.47
CA PHE A 54 -6.32 17.58 -20.00
C PHE A 54 -7.32 16.57 -19.44
N TYR A 55 -7.16 15.30 -19.79
CA TYR A 55 -8.10 14.31 -19.33
C TYR A 55 -7.38 13.31 -18.48
N THR A 56 -8.10 12.76 -17.53
CA THR A 56 -7.51 11.77 -16.64
C THR A 56 -8.54 10.71 -16.47
N ASN A 57 -8.20 9.68 -15.70
CA ASN A 57 -9.15 8.63 -15.42
C ASN A 57 -10.16 9.07 -14.34
N PHE A 58 -10.11 10.35 -13.96
CA PHE A 58 -11.03 11.01 -13.05
C PHE A 58 -11.66 12.13 -13.83
N GLY A 59 -11.69 11.94 -15.15
CA GLY A 59 -12.24 12.93 -16.06
C GLY A 59 -11.33 14.10 -16.37
N GLU A 60 -11.90 15.06 -17.08
CA GLU A 60 -11.23 16.31 -17.46
C GLU A 60 -10.79 17.17 -16.26
N ILE A 61 -9.56 17.68 -16.33
CA ILE A 61 -9.03 18.59 -15.29
C ILE A 61 -8.68 19.90 -15.94
N LYS A 62 -9.29 20.95 -15.40
CA LYS A 62 -9.27 22.29 -15.91
C LYS A 62 -8.50 23.19 -14.96
N PHE A 63 -7.42 23.82 -15.45
CA PHE A 63 -6.75 24.84 -14.66
C PHE A 63 -6.96 26.20 -15.29
N ASP A 64 -7.12 27.18 -14.45
CA ASP A 64 -7.11 28.54 -14.87
C ASP A 64 -5.69 28.96 -14.47
N VAL A 65 -4.75 28.99 -15.43
CA VAL A 65 -3.38 29.34 -15.07
C VAL A 65 -3.22 30.84 -15.04
N TRP A 66 -2.81 31.34 -13.87
CA TRP A 66 -2.58 32.75 -13.67
C TRP A 66 -1.08 32.94 -13.69
N ASP A 67 -0.55 33.34 -14.84
CA ASP A 67 0.88 33.52 -15.09
C ASP A 67 1.36 34.95 -14.70
N THR A 68 1.91 35.07 -13.50
CA THR A 68 2.25 36.38 -12.95
C THR A 68 3.63 36.87 -13.42
N ALA A 69 3.80 38.19 -13.40
CA ALA A 69 5.05 38.84 -13.64
C ALA A 69 6.00 38.66 -12.47
N GLY A 70 7.28 38.35 -12.75
CA GLY A 70 8.30 38.25 -11.71
C GLY A 70 9.15 39.49 -11.55
N LEU A 71 9.15 40.38 -12.54
CA LEU A 71 9.89 41.62 -12.36
C LEU A 71 9.12 42.59 -11.46
N GLU A 72 9.83 43.16 -10.50
CA GLU A 72 9.21 43.93 -9.44
C GLU A 72 8.41 45.14 -9.98
N LYS A 73 8.97 45.80 -11.00
CA LYS A 73 8.31 46.91 -11.66
C LYS A 73 7.07 46.50 -12.49
N PHE A 74 6.91 45.21 -12.80
CA PHE A 74 5.73 44.77 -13.55
C PHE A 74 4.82 43.96 -12.64
N GLY A 75 5.13 44.06 -11.35
CA GLY A 75 4.50 43.33 -10.27
C GLY A 75 2.97 43.37 -10.27
N GLY A 76 2.39 44.52 -10.65
CA GLY A 76 0.91 44.70 -10.68
C GLY A 76 0.29 44.52 -9.33
N LEU A 77 -0.84 43.82 -9.25
CA LEU A 77 -1.49 43.57 -7.97
C LEU A 77 -0.70 42.58 -7.08
N ARG A 78 0.45 42.11 -7.55
CA ARG A 78 1.30 41.23 -6.71
C ARG A 78 0.59 40.04 -6.05
N ASP A 79 0.63 40.00 -4.72
CA ASP A 79 -0.06 38.94 -3.96
C ASP A 79 -1.57 39.02 -4.08
N GLY A 80 -2.10 40.12 -4.62
CA GLY A 80 -3.54 40.17 -4.94
C GLY A 80 -3.89 39.16 -6.02
N TYR A 81 -2.90 38.62 -6.72
CA TYR A 81 -3.23 37.62 -7.75
C TYR A 81 -3.51 36.26 -7.15
N TYR A 82 -3.09 36.04 -5.90
CA TYR A 82 -3.17 34.68 -5.29
C TYR A 82 -4.51 34.34 -4.66
N ILE A 83 -5.36 35.37 -4.50
CA ILE A 83 -6.62 35.15 -3.79
C ILE A 83 -7.33 34.04 -4.50
N ASN A 84 -7.75 33.05 -3.71
CA ASN A 84 -8.53 31.89 -4.12
C ASN A 84 -7.83 30.88 -5.00
N ALA A 85 -6.51 30.94 -5.04
CA ALA A 85 -5.76 29.90 -5.78
C ALA A 85 -6.00 28.61 -5.04
N GLN A 86 -6.18 27.55 -5.78
CA GLN A 86 -6.33 26.20 -5.24
C GLN A 86 -5.05 25.40 -5.45
N CYS A 87 -4.05 26.00 -6.11
CA CYS A 87 -2.74 25.35 -6.23
C CYS A 87 -1.74 26.31 -6.86
N ALA A 88 -0.47 25.93 -6.91
CA ALA A 88 0.54 26.88 -7.32
C ALA A 88 1.77 26.16 -7.81
N ILE A 89 2.54 26.87 -8.64
CA ILE A 89 3.88 26.42 -9.06
C ILE A 89 4.79 27.58 -8.82
N ILE A 90 5.93 27.33 -8.19
CA ILE A 90 7.01 28.32 -7.99
C ILE A 90 8.20 27.94 -8.85
N MET A 91 8.72 28.91 -9.55
CA MET A 91 9.64 28.58 -10.63
C MET A 91 10.92 29.32 -10.38
N PHE A 92 12.03 28.61 -10.51
CA PHE A 92 13.35 29.28 -10.52
C PHE A 92 14.18 28.75 -11.69
N ASP A 93 15.40 29.26 -11.88
CA ASP A 93 16.21 29.02 -13.07
C ASP A 93 17.55 28.49 -12.52
N VAL A 94 17.84 27.18 -12.69
CA VAL A 94 19.03 26.51 -12.14
C VAL A 94 20.36 27.08 -12.68
N THR A 95 20.20 27.84 -13.75
CA THR A 95 21.21 28.68 -14.37
C THR A 95 21.46 30.02 -13.66
N SER A 96 20.60 30.37 -12.69
CA SER A 96 20.65 31.66 -12.01
C SER A 96 20.43 31.63 -10.46
N ARG A 97 21.51 31.72 -9.71
CA ARG A 97 21.45 31.61 -8.25
C ARG A 97 20.43 32.51 -7.56
N ILE A 98 20.40 33.76 -7.98
CA ILE A 98 19.54 34.76 -7.38
C ILE A 98 18.06 34.29 -7.41
N THR A 99 17.65 33.55 -8.43
CA THR A 99 16.24 33.11 -8.58
C THR A 99 15.87 32.03 -7.60
N TYR A 100 16.85 31.19 -7.26
CA TYR A 100 16.64 30.25 -6.20
C TYR A 100 16.77 30.90 -4.83
N LYS A 101 17.70 31.82 -4.68
CA LYS A 101 17.75 32.62 -3.44
C LYS A 101 16.44 33.34 -3.17
N ASN A 102 15.60 33.56 -4.17
CA ASN A 102 14.36 34.32 -4.00
C ASN A 102 13.10 33.47 -3.79
N VAL A 103 13.26 32.17 -3.99
CA VAL A 103 12.22 31.21 -3.80
C VAL A 103 11.50 31.31 -2.42
N PRO A 104 12.24 31.49 -1.30
CA PRO A 104 11.46 31.69 -0.06
C PRO A 104 10.58 32.94 -0.03
N ASN A 105 10.93 34.00 -0.72
CA ASN A 105 10.05 35.20 -0.74
C ASN A 105 8.76 34.97 -1.48
N TRP A 106 8.84 34.34 -2.66
CA TRP A 106 7.66 33.96 -3.39
C TRP A 106 6.80 32.98 -2.61
N HIS A 107 7.48 32.04 -1.96
CA HIS A 107 6.71 31.11 -1.17
C HIS A 107 6.08 31.77 0.05
N ARG A 108 6.84 32.63 0.72
CA ARG A 108 6.25 33.43 1.82
C ARG A 108 4.98 34.21 1.39
N ASP A 109 5.08 35.03 0.36
CA ASP A 109 3.87 35.78 -0.12
C ASP A 109 2.70 34.93 -0.54
N LEU A 110 3.00 33.76 -1.09
CA LEU A 110 1.96 32.89 -1.54
C LEU A 110 1.19 32.24 -0.38
N VAL A 111 1.92 31.64 0.55
CA VAL A 111 1.25 30.97 1.64
C VAL A 111 0.54 31.93 2.61
N ARG A 112 1.00 33.17 2.71
CA ARG A 112 0.24 34.16 3.48
C ARG A 112 -1.14 34.36 2.92
N VAL A 113 -1.30 34.17 1.61
CA VAL A 113 -2.61 34.29 1.00
C VAL A 113 -3.39 32.99 0.88
N CYS A 114 -2.68 31.88 0.64
CA CYS A 114 -3.29 30.57 0.46
C CYS A 114 -2.66 29.57 1.42
N GLU A 115 -3.36 29.25 2.50
CA GLU A 115 -2.73 28.61 3.65
C GLU A 115 -2.36 27.14 3.43
N ASN A 116 -3.18 26.46 2.65
CA ASN A 116 -3.20 25.03 2.63
C ASN A 116 -3.43 24.57 1.21
N ILE A 117 -2.53 24.91 0.30
CA ILE A 117 -2.71 24.45 -1.07
C ILE A 117 -1.51 23.68 -1.53
N PRO A 118 -1.72 22.72 -2.44
CA PRO A 118 -0.55 21.98 -2.98
C PRO A 118 0.32 22.92 -3.82
N ILE A 119 1.64 22.85 -3.67
CA ILE A 119 2.56 23.80 -4.35
C ILE A 119 3.79 23.02 -4.84
N VAL A 120 4.11 23.20 -6.12
CA VAL A 120 5.23 22.57 -6.78
C VAL A 120 6.33 23.59 -6.96
N LEU A 121 7.52 23.18 -6.55
CA LEU A 121 8.73 23.93 -6.84
C LEU A 121 9.33 23.35 -8.11
N CYS A 122 9.55 24.22 -9.08
CA CYS A 122 10.17 23.81 -10.35
C CYS A 122 11.48 24.50 -10.61
N GLY A 123 12.54 23.71 -10.77
CA GLY A 123 13.88 24.32 -11.16
C GLY A 123 14.01 24.14 -12.68
N ASN A 124 14.00 25.23 -13.45
CA ASN A 124 13.80 25.11 -14.92
C ASN A 124 15.12 25.32 -15.67
N LYS A 125 15.14 24.97 -16.96
CA LYS A 125 16.33 25.19 -17.79
C LYS A 125 17.42 24.19 -17.46
N VAL A 126 17.04 22.98 -17.05
CA VAL A 126 18.08 21.98 -16.68
C VAL A 126 18.87 21.46 -17.91
N ASP A 127 18.49 21.93 -19.10
CA ASP A 127 19.05 21.49 -20.36
C ASP A 127 20.33 22.26 -20.63
N VAL A 128 20.60 23.31 -19.84
CA VAL A 128 21.76 24.17 -20.02
C VAL A 128 23.00 23.55 -19.36
N LYS A 129 24.07 23.37 -20.15
CA LYS A 129 25.30 22.68 -19.66
C LYS A 129 25.83 23.28 -18.36
N GLU A 130 26.14 24.57 -18.37
CA GLU A 130 26.67 25.22 -17.17
C GLU A 130 25.55 25.53 -16.18
N ARG A 131 25.18 24.52 -15.39
CA ARG A 131 24.21 24.68 -14.31
C ARG A 131 24.89 25.37 -13.14
N LYS A 132 24.16 26.26 -12.46
CA LYS A 132 24.67 27.06 -11.34
C LYS A 132 24.04 26.74 -9.97
N VAL A 133 22.78 26.30 -9.97
CA VAL A 133 22.12 25.93 -8.69
C VAL A 133 22.18 24.43 -8.66
N LYS A 134 23.07 23.88 -7.83
CA LYS A 134 23.31 22.42 -7.88
C LYS A 134 22.26 21.65 -7.10
N ALA A 135 22.05 20.39 -7.46
CA ALA A 135 21.05 19.56 -6.82
C ALA A 135 21.08 19.61 -5.27
N LYS A 136 22.27 19.65 -4.68
CA LYS A 136 22.46 19.62 -3.22
C LYS A 136 22.15 20.94 -2.55
N THR A 137 21.96 21.99 -3.34
CA THR A 137 21.57 23.27 -2.80
C THR A 137 20.03 23.31 -2.68
N ILE A 138 19.33 22.54 -3.49
CA ILE A 138 17.89 22.71 -3.62
C ILE A 138 17.18 21.93 -2.53
N THR A 139 17.05 22.56 -1.36
CA THR A 139 16.51 21.88 -0.25
C THR A 139 15.21 22.48 0.25
N PHE A 140 14.87 23.68 -0.24
CA PHE A 140 13.86 24.52 0.42
C PHE A 140 12.51 23.80 0.58
N HIS A 141 12.16 22.99 -0.41
CA HIS A 141 10.88 22.38 -0.48
C HIS A 141 10.66 21.36 0.65
N ARG A 142 11.74 20.81 1.17
CA ARG A 142 11.64 19.69 2.11
C ARG A 142 10.87 20.11 3.35
N LYS A 143 11.28 21.21 4.01
CA LYS A 143 10.59 21.57 5.23
C LYS A 143 9.22 22.16 4.96
N LYS A 144 8.96 22.57 3.73
CA LYS A 144 7.70 23.24 3.40
C LYS A 144 6.73 22.35 2.73
N ASN A 145 7.06 21.07 2.57
CA ASN A 145 6.15 20.10 1.98
C ASN A 145 5.75 20.45 0.55
N LEU A 146 6.70 21.01 -0.22
CA LEU A 146 6.45 21.27 -1.63
C LEU A 146 7.01 20.10 -2.38
N GLN A 147 6.39 19.77 -3.49
CA GLN A 147 6.97 18.79 -4.41
C GLN A 147 8.02 19.58 -5.21
N TYR A 148 9.13 18.96 -5.58
CA TYR A 148 10.19 19.57 -6.40
C TYR A 148 10.41 18.80 -7.71
N TYR A 149 10.45 19.50 -8.86
CA TYR A 149 10.98 18.83 -10.07
C TYR A 149 11.99 19.71 -10.78
N ASP A 150 13.08 19.09 -11.22
CA ASP A 150 13.97 19.65 -12.22
C ASP A 150 13.16 19.58 -13.49
N ILE A 151 12.91 20.70 -14.17
CA ILE A 151 12.26 20.63 -15.49
C ILE A 151 13.06 21.41 -16.54
N SER A 152 12.70 21.19 -17.81
CA SER A 152 13.09 22.03 -18.91
C SER A 152 11.94 22.33 -19.89
N ALA A 153 11.57 23.59 -20.04
CA ALA A 153 10.56 23.93 -21.03
C ALA A 153 11.16 23.71 -22.45
N LYS A 154 12.48 23.82 -22.56
CA LYS A 154 13.10 23.66 -23.85
C LYS A 154 13.11 22.20 -24.30
N SER A 155 13.62 21.30 -23.45
CA SER A 155 13.67 19.87 -23.83
C SER A 155 12.44 19.03 -23.46
N ASN A 156 11.44 19.66 -22.79
CA ASN A 156 10.24 18.96 -22.26
C ASN A 156 10.56 18.00 -21.11
N TYR A 157 11.79 17.96 -20.61
CA TYR A 157 12.05 17.10 -19.46
C TYR A 157 11.10 17.44 -18.27
N ASN A 158 10.49 16.42 -17.67
CA ASN A 158 9.48 16.54 -16.62
C ASN A 158 8.42 17.61 -16.79
N PHE A 159 8.01 18.02 -17.99
CA PHE A 159 7.21 19.28 -18.05
C PHE A 159 5.73 19.02 -17.78
N GLU A 160 5.35 17.75 -17.81
CA GLU A 160 4.00 17.28 -17.49
C GLU A 160 3.87 16.97 -15.99
N LYS A 161 4.99 16.70 -15.34
CA LYS A 161 4.97 16.28 -13.92
C LYS A 161 4.33 17.27 -12.90
N PRO A 162 4.56 18.59 -13.06
CA PRO A 162 3.92 19.47 -12.09
C PRO A 162 2.40 19.37 -12.14
N PHE A 163 1.87 19.23 -13.35
CA PHE A 163 0.46 19.09 -13.59
C PHE A 163 -0.08 17.75 -13.05
N LEU A 164 0.62 16.65 -13.29
CA LEU A 164 0.17 15.36 -12.79
C LEU A 164 0.16 15.42 -11.27
N TRP A 165 1.24 15.91 -10.66
CA TRP A 165 1.26 15.88 -9.22
C TRP A 165 0.11 16.76 -8.63
N LEU A 166 -0.09 17.93 -9.21
CA LEU A 166 -1.06 18.84 -8.73
C LEU A 166 -2.46 18.22 -8.89
N ALA A 167 -2.77 17.68 -10.07
CA ALA A 167 -4.05 17.00 -10.23
C ALA A 167 -4.33 15.84 -9.26
N ARG A 168 -3.28 15.09 -8.91
CA ARG A 168 -3.41 14.00 -7.93
C ARG A 168 -3.75 14.56 -6.53
N LYS A 169 -3.18 15.69 -6.17
CA LYS A 169 -3.49 16.33 -4.88
C LYS A 169 -4.91 16.81 -4.83
N LEU A 170 -5.35 17.41 -5.94
CA LEU A 170 -6.64 18.08 -6.01
C LEU A 170 -7.79 17.06 -6.00
N ALA A 171 -7.58 15.96 -6.72
CA ALA A 171 -8.52 14.85 -6.73
C ALA A 171 -8.44 14.02 -5.46
N GLY A 172 -7.34 14.15 -4.72
CA GLY A 172 -7.13 13.39 -3.49
C GLY A 172 -6.93 11.92 -3.74
N ASN A 173 -6.30 11.60 -4.86
CA ASN A 173 -6.19 10.22 -5.26
C ASN A 173 -4.96 10.04 -6.10
N PRO A 174 -3.93 9.44 -5.51
CA PRO A 174 -2.71 9.18 -6.26
C PRO A 174 -2.93 8.17 -7.39
N GLN A 175 -4.14 7.61 -7.49
CA GLN A 175 -4.43 6.72 -8.62
C GLN A 175 -4.58 7.50 -9.93
N LEU A 176 -4.59 8.82 -9.83
CA LEU A 176 -4.89 9.61 -11.00
C LEU A 176 -3.75 9.54 -12.07
N GLU A 177 -4.13 9.37 -13.33
CA GLU A 177 -3.16 9.31 -14.41
C GLU A 177 -3.72 10.05 -15.61
N PHE A 178 -2.86 10.50 -16.52
CA PHE A 178 -3.39 11.07 -17.77
C PHE A 178 -4.00 9.97 -18.61
N VAL A 179 -5.08 10.31 -19.31
CA VAL A 179 -5.64 9.40 -20.31
C VAL A 179 -5.77 10.20 -21.61
N ALA A 180 -6.11 9.53 -22.72
CA ALA A 180 -6.18 10.19 -24.01
C ALA A 180 -7.38 11.12 -24.12
N SER A 181 -7.15 12.35 -24.52
CA SER A 181 -8.27 13.22 -24.74
C SER A 181 -9.12 12.61 -25.85
N PRO A 182 -10.43 12.83 -25.80
CA PRO A 182 -11.29 12.32 -26.87
C PRO A 182 -10.98 12.94 -28.23
N ALA A 183 -10.76 12.09 -29.23
CA ALA A 183 -10.63 12.53 -30.63
C ALA A 183 -11.98 12.39 -31.36
N LEU A 184 -12.73 13.50 -31.44
CA LEU A 184 -14.05 13.52 -32.08
C LEU A 184 -13.95 13.77 -33.59
N ALA A 185 -15.07 13.69 -34.31
CA ALA A 185 -15.08 13.82 -35.78
C ALA A 185 -14.43 15.13 -36.23
N PRO A 186 -13.47 15.06 -37.18
CA PRO A 186 -12.96 16.26 -37.85
C PRO A 186 -14.06 17.02 -38.61
N PRO A 187 -13.87 18.33 -38.84
CA PRO A 187 -14.95 19.15 -39.42
C PRO A 187 -15.15 18.98 -40.93
N MET A 203 2.63 26.00 -51.26
CA MET A 203 3.47 25.33 -50.27
C MET A 203 4.96 25.58 -50.44
N GLU A 204 5.40 25.67 -51.71
CA GLU A 204 6.82 25.74 -52.09
C GLU A 204 7.66 26.78 -51.33
N GLN A 205 7.04 27.91 -50.98
CA GLN A 205 7.72 29.00 -50.26
C GLN A 205 8.15 28.61 -48.84
N ALA A 206 7.62 27.50 -48.33
CA ALA A 206 7.84 27.08 -46.94
C ALA A 206 9.00 26.07 -46.76
N THR A 207 9.21 25.19 -47.74
CA THR A 207 10.18 24.09 -47.66
C THR A 207 11.60 24.51 -47.25
N ALA A 208 12.01 25.71 -47.67
CA ALA A 208 13.37 26.19 -47.44
C ALA A 208 13.46 27.25 -46.33
N LEU A 209 12.40 27.43 -45.54
CA LEU A 209 12.47 28.21 -44.31
C LEU A 209 13.22 27.40 -43.24
N PRO A 210 14.01 28.06 -42.37
CA PRO A 210 14.61 27.29 -41.28
C PRO A 210 13.59 26.74 -40.26
N LEU A 211 14.02 25.74 -39.50
CA LEU A 211 13.19 25.14 -38.45
C LEU A 211 13.66 25.57 -37.06
N PRO A 212 12.71 25.96 -36.18
CA PRO A 212 13.05 26.51 -34.87
C PRO A 212 14.11 25.67 -34.12
N ASP A 213 13.93 24.36 -34.07
CA ASP A 213 14.86 23.48 -33.35
C ASP A 213 16.05 23.00 -34.23
N LYS B 8 14.51 53.56 -23.34
CA LYS B 8 15.50 52.87 -24.22
C LYS B 8 16.91 53.25 -23.83
N PHE B 9 17.87 52.42 -24.21
CA PHE B 9 19.28 52.67 -23.96
C PHE B 9 20.02 52.96 -25.26
N VAL B 10 20.93 53.93 -25.22
CA VAL B 10 21.63 54.35 -26.42
C VAL B 10 23.12 54.18 -26.25
N PHE B 11 23.74 53.63 -27.28
CA PHE B 11 25.08 53.12 -27.15
C PHE B 11 26.16 54.12 -26.71
N GLY B 12 26.28 55.25 -27.39
CA GLY B 12 27.37 56.18 -27.05
C GLY B 12 27.12 57.07 -25.85
N ALA B 13 25.87 57.15 -25.44
CA ALA B 13 25.40 58.15 -24.48
C ALA B 13 25.75 57.84 -23.02
N ALA B 14 26.23 58.85 -22.30
CA ALA B 14 26.43 58.75 -20.85
C ALA B 14 25.08 58.49 -20.20
N SER B 15 25.04 57.63 -19.19
CA SER B 15 23.77 57.34 -18.52
C SER B 15 23.23 58.58 -17.88
N LYS B 16 21.95 58.83 -18.15
CA LYS B 16 21.21 59.95 -17.60
C LYS B 16 20.97 59.75 -16.10
N PHE B 17 21.86 59.00 -15.45
CA PHE B 17 21.73 58.60 -14.04
C PHE B 17 21.55 59.76 -13.04
N GLY B 18 22.61 60.53 -12.82
CA GLY B 18 22.55 61.68 -11.89
C GLY B 18 22.98 62.97 -12.59
N THR B 19 22.26 63.26 -13.68
CA THR B 19 22.55 64.32 -14.63
C THR B 19 22.49 65.76 -14.08
N GLY B 20 21.37 66.11 -13.44
CA GLY B 20 21.12 67.50 -13.07
C GLY B 20 20.44 68.25 -14.20
N PHE B 21 20.63 69.57 -14.23
CA PHE B 21 19.84 70.48 -15.07
C PHE B 21 18.42 70.70 -14.53
N ALA B 52 -8.52 63.36 6.76
CA ALA B 52 -8.06 62.75 8.03
C ALA B 52 -8.43 61.26 8.10
N PHE B 53 -7.44 60.39 7.89
CA PHE B 53 -7.73 58.97 7.61
C PHE B 53 -8.64 58.26 8.61
N GLY B 54 -9.74 57.76 8.12
CA GLY B 54 -10.65 56.97 8.91
C GLY B 54 -11.47 57.75 9.94
N SER B 55 -11.32 59.08 9.97
CA SER B 55 -11.88 59.84 11.09
C SER B 55 -13.40 59.70 11.31
N GLY B 56 -14.21 59.78 10.27
CA GLY B 56 -15.66 59.66 10.52
C GLY B 56 -16.14 58.25 10.88
N LEU B 57 -15.23 57.28 10.86
CA LEU B 57 -15.64 55.90 10.60
C LEU B 57 -15.51 54.94 11.76
N SER B 58 -16.37 53.93 11.72
CA SER B 58 -16.58 53.01 12.82
C SER B 58 -15.33 52.30 13.38
N PHE B 59 -14.31 52.05 12.58
CA PHE B 59 -13.20 51.31 13.16
C PHE B 59 -11.74 51.70 12.99
N GLY B 60 -11.36 52.98 12.84
CA GLY B 60 -11.95 54.11 13.49
C GLY B 60 -11.45 54.13 14.92
N SER B 61 -12.21 53.44 15.78
CA SER B 61 -12.03 53.41 17.23
C SER B 61 -10.68 52.91 17.68
N GLY B 62 -10.25 51.81 17.09
CA GLY B 62 -8.97 51.19 17.44
C GLY B 62 -9.25 50.01 18.35
N PHE B 63 -8.42 49.88 19.38
CA PHE B 63 -8.63 48.91 20.47
C PHE B 63 -9.97 49.05 21.23
N ASN B 64 -10.55 50.25 21.20
CA ASN B 64 -11.87 50.52 21.79
C ASN B 64 -13.03 49.69 21.25
N ILE B 65 -12.89 49.18 20.03
CA ILE B 65 -13.94 48.35 19.47
C ILE B 65 -14.00 46.98 20.19
N LEU B 66 -13.04 46.78 21.10
CA LEU B 66 -12.92 45.63 21.99
C LEU B 66 -14.04 45.64 23.05
N LEU B 111 -16.50 17.60 -7.03
CA LEU B 111 -15.50 16.57 -6.74
C LEU B 111 -15.25 15.64 -7.92
N GLN B 112 -13.98 15.38 -8.24
CA GLN B 112 -13.66 14.30 -9.18
C GLN B 112 -13.93 12.94 -8.58
N LYS B 113 -14.45 12.06 -9.42
CA LYS B 113 -14.60 10.63 -9.13
C LYS B 113 -13.94 9.90 -10.31
N GLN B 114 -13.48 8.68 -10.07
CA GLN B 114 -12.97 7.82 -11.14
C GLN B 114 -14.03 7.68 -12.25
N GLU B 115 -13.61 7.91 -13.50
CA GLU B 115 -14.52 7.86 -14.64
C GLU B 115 -13.94 6.91 -15.69
N VAL B 116 -14.57 6.89 -16.86
CA VAL B 116 -13.97 6.30 -18.07
C VAL B 116 -14.12 7.34 -19.18
N LYS B 117 -12.99 7.72 -19.80
CA LYS B 117 -13.06 8.55 -20.98
C LYS B 117 -12.97 7.62 -22.17
N SER B 118 -13.65 7.99 -23.24
CA SER B 118 -13.56 7.20 -24.45
C SER B 118 -12.58 7.87 -25.41
N GLY B 119 -11.64 7.10 -25.93
CA GLY B 119 -10.72 7.60 -26.96
C GLY B 119 -11.51 8.38 -28.00
N GLU B 120 -12.76 7.96 -28.18
CA GLU B 120 -13.60 8.35 -29.32
C GLU B 120 -13.12 7.61 -30.56
N GLU B 121 -12.71 6.37 -30.33
CA GLU B 121 -12.24 5.52 -31.39
C GLU B 121 -12.99 4.19 -31.34
N SER B 122 -13.94 4.06 -32.26
CA SER B 122 -14.44 2.75 -32.68
C SER B 122 -14.00 2.57 -34.13
N GLU B 123 -12.67 2.56 -34.27
CA GLU B 123 -11.93 2.47 -35.51
C GLU B 123 -10.80 1.47 -35.24
N GLU B 124 -9.91 1.23 -36.20
CA GLU B 124 -8.74 0.36 -35.97
C GLU B 124 -7.45 1.09 -36.34
N CYS B 125 -6.41 0.90 -35.52
CA CYS B 125 -5.14 1.56 -35.80
C CYS B 125 -4.26 0.73 -36.72
N ILE B 126 -4.13 1.19 -37.95
CA ILE B 126 -3.25 0.51 -38.89
C ILE B 126 -1.80 0.82 -38.52
N TYR B 127 -1.36 2.03 -38.83
CA TYR B 127 0.04 2.36 -38.64
C TYR B 127 0.21 3.42 -37.57
N GLN B 128 1.20 3.20 -36.70
CA GLN B 128 1.60 4.22 -35.74
C GLN B 128 3.12 4.35 -35.62
N VAL B 129 3.56 5.59 -35.52
CA VAL B 129 4.95 5.86 -35.25
C VAL B 129 5.06 7.10 -34.35
N ASN B 130 6.13 7.15 -33.56
CA ASN B 130 6.51 8.31 -32.77
C ASN B 130 6.91 9.44 -33.69
N ALA B 131 6.35 10.63 -33.48
CA ALA B 131 6.55 11.74 -34.43
C ALA B 131 6.71 13.11 -33.81
N LYS B 132 7.15 14.04 -34.63
CA LYS B 132 7.29 15.41 -34.23
C LYS B 132 6.53 16.21 -35.29
N LEU B 133 5.77 17.19 -34.81
CA LEU B 133 4.82 17.94 -35.63
C LEU B 133 5.18 19.42 -35.59
N TYR B 134 4.98 20.10 -36.71
CA TYR B 134 5.17 21.53 -36.82
C TYR B 134 3.97 22.09 -37.51
N GLN B 135 3.77 23.38 -37.35
CA GLN B 135 2.71 24.07 -38.00
C GLN B 135 3.21 25.39 -38.54
N LEU B 136 2.63 25.79 -39.66
CA LEU B 136 2.88 27.09 -40.25
C LEU B 136 1.53 27.71 -40.61
N SER B 137 1.28 28.93 -40.12
CA SER B 137 0.04 29.68 -40.39
C SER B 137 0.31 30.92 -41.23
N ASN B 138 1.58 31.29 -41.34
CA ASN B 138 2.10 32.29 -42.27
C ASN B 138 3.62 32.22 -42.32
N GLU B 141 5.84 34.53 -41.06
CA GLU B 141 6.90 33.73 -40.45
C GLU B 141 6.54 33.30 -39.02
N GLY B 142 6.71 32.02 -38.66
CA GLY B 142 7.14 30.93 -39.57
C GLY B 142 6.65 29.57 -39.06
N TRP B 143 7.48 28.54 -39.19
CA TRP B 143 7.20 27.19 -38.66
C TRP B 143 7.36 27.17 -37.14
N LYS B 144 6.34 26.67 -36.43
CA LYS B 144 6.43 26.47 -34.97
C LYS B 144 6.29 25.00 -34.54
N GLU B 145 6.94 24.62 -33.44
CA GLU B 145 6.75 23.27 -32.90
C GLU B 145 5.33 23.17 -32.39
N ARG B 146 4.82 21.96 -32.30
CA ARG B 146 3.43 21.75 -31.98
C ARG B 146 3.22 20.60 -31.01
N GLY B 147 4.13 19.63 -31.02
CA GLY B 147 4.00 18.41 -30.22
C GLY B 147 4.89 17.26 -30.67
N VAL B 148 5.20 16.39 -29.74
CA VAL B 148 5.85 15.12 -30.05
C VAL B 148 4.91 14.03 -29.51
N GLY B 149 4.68 12.99 -30.30
CA GLY B 149 3.86 11.90 -29.83
C GLY B 149 3.57 10.87 -30.90
N ILE B 150 2.61 10.01 -30.61
CA ILE B 150 2.26 8.94 -31.51
C ILE B 150 1.24 9.46 -32.50
N ILE B 151 1.64 9.48 -33.76
CA ILE B 151 0.71 9.72 -34.87
C ILE B 151 0.07 8.37 -35.28
N LYS B 152 -1.24 8.40 -35.47
CA LYS B 152 -2.00 7.19 -35.78
C LYS B 152 -2.89 7.35 -37.01
N ILE B 153 -2.85 6.34 -37.89
CA ILE B 153 -3.80 6.26 -39.00
C ILE B 153 -4.89 5.25 -38.60
N ASN B 154 -6.14 5.72 -38.54
CA ASN B 154 -7.24 4.90 -38.04
C ASN B 154 -8.28 4.51 -39.11
N LYS B 155 -8.58 3.21 -39.20
CA LYS B 155 -9.60 2.71 -40.14
C LYS B 155 -10.93 2.49 -39.43
N SER B 156 -11.95 3.20 -39.90
CA SER B 156 -13.21 3.35 -39.13
C SER B 156 -14.24 2.21 -39.23
N LYS B 157 -13.74 0.97 -39.31
CA LYS B 157 -14.60 -0.23 -39.43
C LYS B 157 -15.68 -0.12 -40.53
N ASP B 158 -15.41 0.73 -41.53
CA ASP B 158 -16.27 0.92 -42.71
C ASP B 158 -15.45 0.83 -44.01
N LYS B 162 -14.02 5.06 -44.25
CA LYS B 162 -13.47 6.37 -43.88
C LYS B 162 -12.16 6.23 -43.08
N THR B 163 -11.21 7.11 -43.37
CA THR B 163 -9.93 7.14 -42.64
C THR B 163 -9.62 8.52 -42.05
N ARG B 164 -8.93 8.54 -40.92
CA ARG B 164 -8.44 9.81 -40.36
C ARG B 164 -7.07 9.69 -39.71
N ILE B 165 -6.35 10.81 -39.61
CA ILE B 165 -5.09 10.88 -38.85
C ILE B 165 -5.33 11.38 -37.41
N VAL B 166 -4.81 10.65 -36.44
CA VAL B 166 -4.91 11.08 -35.03
C VAL B 166 -3.52 11.21 -34.40
N MET B 167 -3.16 12.40 -33.92
CA MET B 167 -1.92 12.56 -33.16
C MET B 167 -2.13 13.08 -31.75
N ARG B 168 -1.35 12.55 -30.81
CA ARG B 168 -1.39 12.98 -29.40
C ARG B 168 -0.03 13.38 -28.86
N SER B 169 0.00 14.41 -28.01
CA SER B 169 1.22 14.82 -27.33
C SER B 169 1.58 13.80 -26.27
N ARG B 170 2.85 13.43 -26.26
CA ARG B 170 3.39 12.52 -25.25
C ARG B 170 3.22 13.04 -23.80
N GLY B 171 2.92 12.12 -22.89
CA GLY B 171 2.72 12.49 -21.48
C GLY B 171 1.33 13.05 -21.18
N ILE B 172 1.09 14.32 -21.52
CA ILE B 172 -0.19 14.99 -21.27
C ILE B 172 -1.33 14.42 -22.13
N LEU B 173 -0.96 13.88 -23.30
CA LEU B 173 -1.88 13.13 -24.19
C LEU B 173 -3.09 13.89 -24.76
N LYS B 174 -2.89 15.19 -25.00
CA LYS B 174 -3.87 16.00 -25.73
C LYS B 174 -3.85 15.70 -27.23
N VAL B 175 -4.97 15.96 -27.89
CA VAL B 175 -5.11 15.82 -29.34
C VAL B 175 -4.48 17.05 -29.99
N ILE B 176 -3.42 16.83 -30.79
CA ILE B 176 -2.76 17.92 -31.54
C ILE B 176 -2.93 17.77 -33.07
N LEU B 177 -3.47 16.63 -33.50
CA LEU B 177 -3.76 16.40 -34.92
C LEU B 177 -4.92 15.44 -35.11
N ASN B 178 -5.91 15.90 -35.85
CA ASN B 178 -7.10 15.11 -36.08
C ASN B 178 -7.71 15.47 -37.45
N ILE B 179 -7.47 14.61 -38.44
CA ILE B 179 -7.82 14.92 -39.83
C ILE B 179 -8.46 13.75 -40.56
N GLN B 180 -9.68 13.97 -41.07
CA GLN B 180 -10.32 13.01 -41.98
C GLN B 180 -9.56 12.95 -43.30
N LEU B 181 -9.27 11.72 -43.75
CA LEU B 181 -8.68 11.54 -45.08
C LEU B 181 -9.78 11.55 -46.13
N VAL B 182 -9.93 12.72 -46.76
CA VAL B 182 -10.98 12.98 -47.74
C VAL B 182 -10.39 12.87 -49.17
N LYS B 183 -11.25 12.84 -50.20
CA LYS B 183 -10.78 12.79 -51.60
C LYS B 183 -10.17 14.11 -52.08
N GLY B 184 -9.04 14.00 -52.78
CA GLY B 184 -8.29 15.16 -53.27
C GLY B 184 -7.37 15.74 -52.20
N PHE B 185 -6.60 14.87 -51.57
CA PHE B 185 -5.80 15.24 -50.41
C PHE B 185 -4.31 15.24 -50.74
N THR B 186 -3.66 16.36 -50.44
CA THR B 186 -2.27 16.54 -50.86
C THR B 186 -1.26 16.33 -49.73
N VAL B 187 -0.42 15.31 -49.92
CA VAL B 187 0.65 14.97 -48.98
C VAL B 187 1.95 14.88 -49.74
N GLN B 188 2.89 15.76 -49.43
CA GLN B 188 4.17 15.79 -50.13
C GLN B 188 5.29 15.19 -49.28
N LYS B 189 6.11 14.34 -49.88
CA LYS B 189 7.36 13.89 -49.25
C LYS B 189 8.37 15.07 -49.10
N GLY B 190 9.37 14.89 -48.25
CA GLY B 190 10.43 15.90 -48.07
C GLY B 190 10.14 17.24 -47.40
N PHE B 191 11.23 17.89 -46.99
CA PHE B 191 11.28 19.25 -46.47
C PHE B 191 12.70 19.67 -46.78
N THR B 192 12.93 20.75 -47.51
CA THR B 192 14.30 21.01 -48.01
C THR B 192 15.22 21.78 -47.04
N GLY B 193 14.65 22.76 -46.35
CA GLY B 193 15.43 23.64 -45.48
C GLY B 193 16.00 22.99 -44.24
N SER B 194 16.00 21.65 -44.21
CA SER B 194 16.45 20.85 -43.06
C SER B 194 17.25 19.63 -43.53
N LEU B 195 18.49 19.48 -43.04
CA LEU B 195 19.35 18.33 -43.35
C LEU B 195 18.67 16.97 -43.27
N GLN B 196 17.97 16.74 -42.16
CA GLN B 196 17.20 15.51 -41.94
C GLN B 196 15.96 15.40 -42.82
N SER B 197 15.81 16.32 -43.76
CA SER B 197 14.60 16.46 -44.58
C SER B 197 14.04 15.20 -45.26
N GLU B 198 14.85 14.14 -45.32
CA GLU B 198 14.34 12.88 -45.81
C GLU B 198 13.55 12.12 -44.74
N LYS B 199 13.58 12.65 -43.52
CA LYS B 199 12.75 12.14 -42.41
C LYS B 199 11.41 12.87 -42.33
N PHE B 200 11.21 13.84 -43.21
CA PHE B 200 10.04 14.72 -43.19
C PHE B 200 8.95 14.45 -44.21
N ILE B 201 7.79 15.04 -43.92
CA ILE B 201 6.56 14.95 -44.72
C ILE B 201 5.73 16.21 -44.45
N ARG B 202 5.09 16.75 -45.47
CA ARG B 202 4.23 17.93 -45.28
C ARG B 202 2.77 17.70 -45.69
N LEU B 203 1.92 18.70 -45.46
CA LEU B 203 0.48 18.47 -45.37
C LEU B 203 -0.31 19.77 -45.26
N LEU B 204 -1.56 19.75 -45.72
CA LEU B 204 -2.47 20.91 -45.61
C LEU B 204 -3.77 20.52 -44.94
N ALA B 205 -4.20 21.31 -43.94
CA ALA B 205 -5.42 20.98 -43.20
C ALA B 205 -6.27 22.18 -42.76
N VAL B 206 -7.55 21.90 -42.51
CA VAL B 206 -8.52 22.82 -41.89
C VAL B 206 -8.07 23.23 -40.46
N ASP B 207 -8.37 24.47 -40.08
CA ASP B 207 -7.92 25.09 -38.82
C ASP B 207 -8.28 24.26 -37.56
N ALA B 213 -4.45 26.08 -42.71
CA ALA B 213 -2.99 26.07 -42.54
C ALA B 213 -2.34 24.68 -42.71
N GLN B 214 -1.00 24.65 -42.69
CA GLN B 214 -0.21 23.48 -43.04
C GLN B 214 0.59 22.87 -41.87
N TYR B 215 0.87 21.59 -41.97
CA TYR B 215 1.56 20.86 -40.92
C TYR B 215 2.73 20.10 -41.51
N ALA B 216 3.78 19.92 -40.71
CA ALA B 216 4.93 19.09 -41.10
C ALA B 216 5.19 18.02 -40.05
N ILE B 217 5.24 16.78 -40.50
CA ILE B 217 5.53 15.65 -39.62
C ILE B 217 6.96 15.18 -39.83
N LYS B 218 7.59 14.70 -38.76
CA LYS B 218 8.93 14.12 -38.82
C LYS B 218 8.99 12.81 -38.04
N THR B 219 9.75 11.86 -38.58
CA THR B 219 9.81 10.50 -38.03
C THR B 219 11.22 10.07 -37.59
N LYS B 221 13.79 8.35 -38.50
CA LYS B 221 14.28 7.28 -39.37
C LYS B 221 13.52 7.28 -40.70
N LYS B 222 14.27 7.39 -41.79
CA LYS B 222 13.72 7.49 -43.16
C LYS B 222 12.73 6.39 -43.56
N GLU B 223 13.05 5.16 -43.19
CA GLU B 223 12.25 3.99 -43.54
C GLU B 223 10.82 4.15 -43.04
N THR B 224 10.68 4.77 -41.85
CA THR B 224 9.36 4.98 -41.22
C THR B 224 8.59 6.17 -41.78
N THR B 225 9.32 7.19 -42.24
CA THR B 225 8.70 8.30 -42.96
C THR B 225 8.06 7.88 -44.31
N ASP B 226 8.66 6.89 -44.98
CA ASP B 226 8.12 6.38 -46.23
C ASP B 226 6.89 5.52 -45.94
N GLU B 227 7.01 4.65 -44.94
CA GLU B 227 5.89 3.85 -44.46
C GLU B 227 4.68 4.74 -44.21
N LEU B 228 4.88 5.79 -43.41
CA LEU B 228 3.80 6.72 -43.10
C LEU B 228 3.21 7.38 -44.36
N TYR B 229 4.07 7.74 -45.29
CA TYR B 229 3.63 8.31 -46.57
C TYR B 229 2.73 7.36 -47.39
N ASN B 230 3.23 6.15 -47.64
CA ASN B 230 2.54 5.18 -48.50
C ASN B 230 1.23 4.72 -47.86
N ILE B 231 1.25 4.61 -46.53
CA ILE B 231 0.08 4.22 -45.77
C ILE B 231 -0.98 5.32 -45.82
N ILE B 232 -0.53 6.57 -45.78
CA ILE B 232 -1.40 7.73 -45.88
C ILE B 232 -1.91 7.86 -47.32
N VAL B 233 -0.96 7.85 -48.25
CA VAL B 233 -1.24 7.94 -49.69
C VAL B 233 -2.31 6.92 -50.10
N LYS B 234 -2.15 5.65 -49.69
CA LYS B 234 -3.07 4.57 -50.05
C LYS B 234 -4.55 4.97 -49.91
N SER B 235 -4.81 5.98 -49.07
CA SER B 235 -6.17 6.28 -48.61
C SER B 235 -6.93 7.47 -49.23
N VAL B 236 -7.80 7.14 -50.20
CA VAL B 236 -8.92 7.99 -50.70
C VAL B 236 -8.49 9.13 -51.63
N GLY C 1 -14.33 51.94 -21.62
CA GLY C 1 -15.68 51.36 -21.31
C GLY C 1 -16.18 52.14 -20.10
N ALA C 2 -16.69 51.46 -19.09
CA ALA C 2 -17.12 52.17 -17.90
C ALA C 2 -16.27 51.74 -16.73
N MET C 3 -15.56 50.64 -16.87
CA MET C 3 -14.82 50.18 -15.71
C MET C 3 -13.75 51.17 -15.32
N GLU C 4 -13.19 51.89 -16.30
CA GLU C 4 -12.12 52.85 -16.00
C GLU C 4 -12.58 54.08 -15.20
N GLY C 5 -13.89 54.20 -14.94
CA GLY C 5 -14.43 55.31 -14.12
C GLY C 5 -13.75 55.43 -12.76
N ILE C 6 -13.26 54.32 -12.21
CA ILE C 6 -12.60 54.34 -10.90
C ILE C 6 -11.23 55.06 -10.95
N LEU C 7 -10.68 55.25 -12.15
CA LEU C 7 -9.42 55.97 -12.29
C LEU C 7 -9.65 57.47 -12.33
N ASP C 8 -10.89 57.89 -12.51
CA ASP C 8 -11.16 59.37 -12.42
C ASP C 8 -11.28 59.90 -10.99
N PHE C 9 -10.22 60.53 -10.50
CA PHE C 9 -10.14 60.98 -9.11
C PHE C 9 -10.73 62.40 -8.85
N SER C 10 -11.18 63.09 -9.88
CA SER C 10 -11.84 64.39 -9.65
C SER C 10 -13.25 64.19 -9.05
N ASN C 11 -13.78 62.99 -9.18
CA ASN C 11 -15.06 62.66 -8.56
C ASN C 11 -14.84 61.76 -7.39
N ASP C 12 -15.87 61.61 -6.55
CA ASP C 12 -15.87 60.74 -5.37
C ASP C 12 -15.84 59.29 -5.80
N LEU C 13 -15.08 58.46 -5.08
CA LEU C 13 -14.95 57.05 -5.45
C LEU C 13 -16.26 56.34 -5.27
N ASP C 14 -16.81 55.89 -6.39
CA ASP C 14 -17.91 54.99 -6.41
C ASP C 14 -17.50 53.54 -6.08
N ILE C 15 -17.79 53.12 -4.84
CA ILE C 15 -17.34 51.85 -4.30
C ILE C 15 -18.02 50.65 -4.95
N ALA C 16 -19.29 50.83 -5.31
CA ALA C 16 -20.02 49.79 -5.98
C ALA C 16 -19.45 49.57 -7.41
N LEU C 17 -18.85 50.61 -7.97
CA LEU C 17 -18.11 50.50 -9.24
C LEU C 17 -16.83 49.69 -9.03
N LEU C 18 -16.07 50.06 -8.00
CA LEU C 18 -14.86 49.33 -7.64
C LEU C 18 -15.21 47.88 -7.51
N ASP C 19 -16.22 47.59 -6.68
CA ASP C 19 -16.59 46.21 -6.44
C ASP C 19 -16.88 45.42 -7.70
N GLN C 20 -17.44 46.11 -8.69
CA GLN C 20 -17.85 45.41 -9.88
C GLN C 20 -16.63 45.16 -10.81
N VAL C 21 -15.69 46.11 -10.82
CA VAL C 21 -14.45 45.99 -11.57
C VAL C 21 -13.64 44.90 -10.89
N VAL C 22 -13.62 44.90 -9.57
CA VAL C 22 -12.90 43.85 -8.86
C VAL C 22 -13.40 42.43 -9.18
N SER C 23 -14.72 42.24 -9.15
CA SER C 23 -15.36 40.94 -9.42
C SER C 23 -15.17 40.51 -10.84
N THR C 24 -15.23 41.47 -11.74
CA THR C 24 -15.01 41.17 -13.14
C THR C 24 -13.62 40.58 -13.29
N PHE C 25 -12.66 41.06 -12.50
CA PHE C 25 -11.32 40.57 -12.68
C PHE C 25 -11.13 39.20 -12.04
N TYR C 26 -11.59 39.01 -10.80
CA TYR C 26 -11.44 37.73 -10.11
C TYR C 26 -12.39 36.63 -10.60
N GLN C 27 -13.62 36.99 -10.97
CA GLN C 27 -14.62 35.99 -11.35
C GLN C 27 -14.95 35.99 -12.85
N GLY C 28 -14.44 36.99 -13.54
CA GLY C 28 -14.59 37.08 -14.97
C GLY C 28 -13.48 36.33 -15.71
N SER C 29 -13.43 36.56 -17.03
CA SER C 29 -12.54 35.84 -17.94
C SER C 29 -12.24 36.62 -19.25
N GLY C 30 -11.36 36.09 -20.11
CA GLY C 30 -11.02 36.70 -21.42
C GLY C 30 -10.69 38.19 -21.37
N VAL C 31 -11.13 38.93 -22.38
CA VAL C 31 -10.81 40.37 -22.48
C VAL C 31 -11.30 41.27 -21.34
N GLN C 32 -12.49 41.04 -20.81
CA GLN C 32 -12.94 41.89 -19.69
C GLN C 32 -12.07 41.73 -18.44
N GLN C 33 -11.78 40.49 -18.07
CA GLN C 33 -10.87 40.18 -16.95
C GLN C 33 -9.55 40.91 -17.13
N LYS C 34 -9.07 40.92 -18.39
CA LYS C 34 -7.78 41.50 -18.71
C LYS C 34 -7.80 43.02 -18.68
N GLN C 35 -8.90 43.64 -19.13
CA GLN C 35 -8.96 45.11 -19.01
C GLN C 35 -9.14 45.57 -17.57
N ALA C 36 -9.96 44.85 -16.81
CA ALA C 36 -10.14 45.13 -15.36
C ALA C 36 -8.84 45.05 -14.60
N GLN C 37 -8.04 44.03 -14.93
CA GLN C 37 -6.70 43.86 -14.37
C GLN C 37 -5.81 45.09 -14.62
N GLU C 38 -5.87 45.63 -15.84
CA GLU C 38 -5.16 46.87 -16.15
C GLU C 38 -5.66 48.08 -15.37
N ILE C 39 -6.97 48.17 -15.21
CA ILE C 39 -7.57 49.30 -14.52
C ILE C 39 -7.18 49.16 -13.05
N LEU C 40 -7.13 47.94 -12.56
CA LEU C 40 -6.90 47.77 -11.15
C LEU C 40 -5.49 48.10 -10.81
N THR C 41 -4.54 47.70 -11.66
CA THR C 41 -3.15 48.03 -11.41
C THR C 41 -3.04 49.53 -11.35
N LYS C 42 -3.54 50.23 -12.35
CA LYS C 42 -3.42 51.71 -12.32
C LYS C 42 -4.11 52.39 -11.13
N PHE C 43 -5.20 51.79 -10.66
CA PHE C 43 -5.85 52.27 -9.44
C PHE C 43 -4.99 52.08 -8.20
N GLN C 44 -4.42 50.86 -8.02
CA GLN C 44 -3.62 50.69 -6.83
C GLN C 44 -2.40 51.55 -6.86
N ASP C 45 -1.86 51.79 -8.05
CA ASP C 45 -0.62 52.55 -8.20
C ASP C 45 -0.78 54.08 -8.20
N ASN C 46 -1.99 54.59 -8.32
CA ASN C 46 -2.17 56.04 -8.19
C ASN C 46 -1.64 56.52 -6.82
N PRO C 47 -0.71 57.48 -6.83
CA PRO C 47 -0.16 57.85 -5.52
C PRO C 47 -1.16 58.46 -4.55
N ASP C 48 -2.42 58.62 -4.96
CA ASP C 48 -3.43 59.14 -4.00
C ASP C 48 -4.51 58.11 -3.64
N ALA C 49 -4.42 56.92 -4.21
CA ALA C 49 -5.37 55.87 -3.90
C ALA C 49 -5.48 55.55 -2.38
N TRP C 50 -4.41 55.78 -1.61
CA TRP C 50 -4.49 55.53 -0.15
C TRP C 50 -5.60 56.32 0.54
N GLN C 51 -5.74 57.58 0.11
CA GLN C 51 -6.78 58.47 0.62
C GLN C 51 -8.17 57.84 0.51
N LYS C 52 -8.32 56.87 -0.39
CA LYS C 52 -9.61 56.25 -0.63
C LYS C 52 -9.80 54.98 0.16
N ALA C 53 -8.73 54.49 0.81
CA ALA C 53 -8.73 53.13 1.35
C ALA C 53 -9.60 52.99 2.60
N ASP C 54 -9.74 54.07 3.37
CA ASP C 54 -10.60 54.00 4.61
C ASP C 54 -12.06 53.70 4.27
N GLN C 55 -12.65 54.48 3.36
CA GLN C 55 -13.99 54.21 2.80
C GLN C 55 -14.09 52.84 2.15
N ILE C 56 -13.10 52.48 1.34
CA ILE C 56 -13.16 51.12 0.77
C ILE C 56 -13.25 50.06 1.86
N LEU C 57 -12.40 50.17 2.87
CA LEU C 57 -12.32 49.13 3.93
C LEU C 57 -13.57 49.14 4.85
N GLN C 58 -14.11 50.33 5.11
CA GLN C 58 -15.32 50.43 5.93
C GLN C 58 -16.54 49.90 5.16
N PHE C 59 -16.71 50.36 3.92
CA PHE C 59 -17.99 50.21 3.24
C PHE C 59 -18.09 49.20 2.12
N SER C 60 -16.97 48.82 1.48
CA SER C 60 -17.07 47.86 0.35
C SER C 60 -17.71 46.55 0.73
N THR C 61 -18.46 45.94 -0.17
CA THR C 61 -19.04 44.64 0.18
C THR C 61 -18.25 43.46 -0.40
N ASN C 62 -17.12 43.76 -1.04
CA ASN C 62 -16.36 42.75 -1.76
C ASN C 62 -14.99 42.55 -1.05
N PRO C 63 -14.75 41.36 -0.50
CA PRO C 63 -13.52 41.09 0.27
C PRO C 63 -12.23 41.34 -0.54
N GLN C 64 -12.29 41.08 -1.85
CA GLN C 64 -11.18 41.27 -2.75
C GLN C 64 -10.80 42.74 -2.98
N SER C 65 -11.81 43.62 -3.05
CA SER C 65 -11.61 45.08 -3.08
C SER C 65 -10.89 45.53 -1.83
N LYS C 66 -11.27 44.94 -0.70
CA LYS C 66 -10.64 45.37 0.54
C LYS C 66 -9.20 44.85 0.57
N PHE C 67 -8.94 43.72 -0.07
CA PHE C 67 -7.58 43.19 -0.13
C PHE C 67 -6.64 44.14 -0.89
N ILE C 68 -7.13 44.63 -2.04
CA ILE C 68 -6.44 45.63 -2.88
C ILE C 68 -6.19 46.95 -2.17
N ALA C 69 -7.19 47.42 -1.42
CA ALA C 69 -7.03 48.59 -0.53
C ALA C 69 -5.91 48.47 0.49
N LEU C 70 -5.68 47.26 0.99
CA LEU C 70 -4.65 47.00 1.99
C LEU C 70 -3.25 47.04 1.34
N SER C 71 -3.16 46.54 0.12
CA SER C 71 -1.95 46.64 -0.71
C SER C 71 -1.64 48.09 -0.99
N ILE C 72 -2.66 48.86 -1.35
CA ILE C 72 -2.44 50.34 -1.56
C ILE C 72 -1.76 50.92 -0.34
N LEU C 73 -2.33 50.65 0.82
CA LEU C 73 -1.75 51.10 2.11
C LEU C 73 -0.39 50.48 2.43
N ASP C 74 -0.21 49.19 2.10
CA ASP C 74 1.12 48.55 2.26
C ASP C 74 2.19 49.39 1.54
N LYS C 75 1.89 49.81 0.33
CA LYS C 75 2.78 50.63 -0.48
C LYS C 75 3.07 51.99 0.15
N LEU C 76 2.09 52.51 0.87
CA LEU C 76 2.20 53.83 1.50
C LEU C 76 3.03 53.74 2.75
N ILE C 77 2.68 52.74 3.54
CA ILE C 77 3.40 52.40 4.76
C ILE C 77 4.85 52.08 4.44
N THR C 78 5.11 51.15 3.50
CA THR C 78 6.53 50.73 3.33
C THR C 78 7.44 51.84 2.82
N ARG C 79 6.92 52.75 2.01
CA ARG C 79 7.75 53.68 1.26
C ARG C 79 7.53 55.18 1.53
N LYS C 80 6.34 55.57 1.98
CA LYS C 80 6.07 57.00 2.19
C LYS C 80 5.57 57.42 3.56
N TRP C 81 5.58 56.49 4.51
CA TRP C 81 5.03 56.66 5.82
C TRP C 81 5.46 57.94 6.56
N LYS C 82 6.75 58.28 6.47
CA LYS C 82 7.29 59.39 7.23
C LYS C 82 6.90 60.74 6.68
N LEU C 83 6.19 60.75 5.56
CA LEU C 83 5.71 62.00 4.98
C LEU C 83 4.35 62.34 5.54
N LEU C 84 3.74 61.37 6.20
CA LEU C 84 2.44 61.57 6.79
C LEU C 84 2.52 62.45 8.03
N PRO C 85 1.57 63.38 8.17
CA PRO C 85 1.43 64.05 9.46
C PRO C 85 0.93 63.05 10.50
N ASN C 86 1.28 63.26 11.77
CA ASN C 86 0.77 62.47 12.90
C ASN C 86 -0.69 62.07 12.77
N ASP C 87 -1.53 63.03 12.38
CA ASP C 87 -2.97 62.84 12.22
C ASP C 87 -3.24 61.58 11.42
N HIS C 88 -2.50 61.43 10.32
CA HIS C 88 -2.69 60.31 9.42
C HIS C 88 -2.12 59.01 9.99
N ARG C 89 -0.86 59.05 10.43
CA ARG C 89 -0.21 57.86 11.05
C ARG C 89 -1.02 57.28 12.21
N ILE C 90 -1.57 58.12 13.07
CA ILE C 90 -2.34 57.61 14.19
C ILE C 90 -3.66 57.05 13.69
N GLY C 91 -4.29 57.80 12.79
CA GLY C 91 -5.59 57.41 12.24
C GLY C 91 -5.57 56.11 11.45
N ILE C 92 -4.49 55.89 10.69
CA ILE C 92 -4.36 54.68 9.87
C ILE C 92 -4.13 53.52 10.82
N ARG C 93 -3.27 53.72 11.82
CA ARG C 93 -2.94 52.63 12.76
C ARG C 93 -4.13 52.15 13.58
N ASN C 94 -4.93 53.10 14.06
CA ASN C 94 -6.15 52.81 14.80
C ASN C 94 -7.18 52.11 13.95
N PHE C 95 -7.45 52.71 12.80
CA PHE C 95 -8.38 52.17 11.82
C PHE C 95 -8.01 50.74 11.53
N VAL C 96 -6.73 50.48 11.27
CA VAL C 96 -6.33 49.10 10.95
C VAL C 96 -6.61 48.14 12.12
N VAL C 97 -6.24 48.53 13.36
CA VAL C 97 -6.49 47.70 14.54
C VAL C 97 -8.00 47.46 14.69
N GLY C 98 -8.75 48.55 14.58
CA GLY C 98 -10.19 48.47 14.75
C GLY C 98 -10.83 47.45 13.83
N MET C 99 -10.43 47.49 12.56
CA MET C 99 -10.96 46.62 11.52
C MET C 99 -10.62 45.17 11.80
N ILE C 100 -9.37 44.95 12.17
CA ILE C 100 -8.96 43.59 12.55
C ILE C 100 -9.86 43.03 13.63
N ILE C 101 -10.16 43.85 14.64
CA ILE C 101 -10.92 43.37 15.81
C ILE C 101 -12.37 43.04 15.44
N SER C 102 -12.95 43.85 14.56
CA SER C 102 -14.30 43.68 14.11
C SER C 102 -14.48 42.42 13.28
N MET C 103 -13.55 42.17 12.36
CA MET C 103 -13.53 40.90 11.63
C MET C 103 -13.36 39.69 12.55
N CYS C 104 -12.55 39.82 13.61
CA CYS C 104 -12.34 38.71 14.57
C CYS C 104 -13.55 38.44 15.46
N GLN C 105 -14.24 39.52 15.83
CA GLN C 105 -15.42 39.51 16.72
C GLN C 105 -16.71 39.16 15.99
N ASP C 106 -16.61 38.81 14.71
CA ASP C 106 -17.72 38.31 13.94
C ASP C 106 -17.33 36.91 13.45
N ASP C 107 -17.98 35.89 14.00
CA ASP C 107 -17.63 34.50 13.74
C ASP C 107 -17.64 34.07 12.29
N GLU C 108 -18.61 34.58 11.53
CA GLU C 108 -18.74 34.20 10.12
C GLU C 108 -17.59 34.83 9.31
N VAL C 109 -17.28 36.08 9.62
CA VAL C 109 -16.16 36.74 8.96
C VAL C 109 -14.84 36.03 9.31
N PHE C 110 -14.67 35.73 10.60
CA PHE C 110 -13.48 35.06 11.09
C PHE C 110 -13.38 33.63 10.59
N LYS C 111 -14.53 33.01 10.34
CA LYS C 111 -14.60 31.69 9.74
C LYS C 111 -14.30 31.74 8.23
N THR C 112 -14.83 32.75 7.52
CA THR C 112 -14.75 32.73 6.04
C THR C 112 -13.85 33.76 5.35
N GLN C 113 -13.27 34.70 6.09
CA GLN C 113 -12.41 35.70 5.45
C GLN C 113 -10.97 35.73 5.98
N LYS C 114 -10.46 34.54 6.26
CA LYS C 114 -9.07 34.31 6.69
C LYS C 114 -7.99 35.03 5.88
N ASN C 115 -8.02 34.89 4.56
CA ASN C 115 -7.03 35.56 3.72
C ASN C 115 -7.08 37.09 3.92
N LEU C 116 -8.29 37.64 4.03
CA LEU C 116 -8.44 39.09 4.28
C LEU C 116 -8.01 39.57 5.69
N ILE C 117 -8.29 38.77 6.71
CA ILE C 117 -7.82 39.01 8.11
C ILE C 117 -6.29 38.92 8.15
N ASN C 118 -5.75 37.98 7.43
CA ASN C 118 -4.30 37.76 7.45
C ASN C 118 -3.58 38.89 6.72
N LYS C 119 -4.19 39.41 5.65
CA LYS C 119 -3.60 40.56 4.92
C LYS C 119 -3.57 41.81 5.80
N SER C 120 -4.66 42.00 6.56
CA SER C 120 -4.79 43.09 7.55
C SER C 120 -3.77 42.99 8.67
N ASP C 121 -3.48 41.77 9.15
CA ASP C 121 -2.52 41.65 10.25
C ASP C 121 -1.13 41.93 9.72
N LEU C 122 -0.91 41.56 8.45
CA LEU C 122 0.36 41.84 7.78
C LEU C 122 0.48 43.33 7.62
N THR C 123 -0.62 43.99 7.25
CA THR C 123 -0.58 45.45 7.11
C THR C 123 -0.24 46.03 8.50
N LEU C 124 -0.77 45.42 9.55
CA LEU C 124 -0.54 45.96 10.91
C LEU C 124 0.94 45.86 11.20
N VAL C 125 1.50 44.68 10.86
CA VAL C 125 2.91 44.44 10.99
C VAL C 125 3.78 45.42 10.25
N GLN C 126 3.36 45.81 9.05
CA GLN C 126 4.18 46.75 8.32
C GLN C 126 4.17 48.09 9.08
N ILE C 127 3.01 48.45 9.68
CA ILE C 127 2.92 49.66 10.54
C ILE C 127 3.80 49.50 11.80
N LEU C 128 3.91 48.29 12.35
CA LEU C 128 4.80 48.12 13.50
C LEU C 128 6.28 48.31 13.10
N LYS C 129 6.66 47.94 11.87
CA LYS C 129 8.08 48.16 11.42
C LYS C 129 8.40 49.63 11.31
N GLN C 130 7.38 50.45 11.03
CA GLN C 130 7.58 51.93 11.05
C GLN C 130 7.42 52.56 12.43
N GLU C 131 6.48 52.06 13.24
CA GLU C 131 6.03 52.76 14.47
C GLU C 131 6.45 52.19 15.83
N TRP C 132 6.81 50.90 15.85
CA TRP C 132 7.02 50.18 17.08
C TRP C 132 8.53 49.88 17.33
N PRO C 133 9.01 49.99 18.60
CA PRO C 133 8.28 50.43 19.81
C PRO C 133 8.22 51.95 20.01
N GLN C 134 9.18 52.69 19.45
CA GLN C 134 9.40 54.11 19.78
C GLN C 134 8.17 55.04 19.73
N ASN C 135 7.15 54.68 18.96
CA ASN C 135 5.96 55.52 18.81
C ASN C 135 4.66 54.77 19.06
N TRP C 136 4.85 53.59 19.61
CA TRP C 136 3.80 52.72 20.02
C TRP C 136 4.33 51.82 21.15
N PRO C 137 4.96 52.40 22.19
CA PRO C 137 5.58 51.48 23.19
C PRO C 137 4.58 50.55 23.85
N GLU C 138 3.32 50.98 23.92
CA GLU C 138 2.27 50.20 24.58
C GLU C 138 1.65 49.07 23.78
N PHE C 139 2.04 48.93 22.50
CA PHE C 139 1.33 47.98 21.62
C PHE C 139 1.38 46.55 22.12
N ILE C 140 2.56 46.01 22.37
CA ILE C 140 2.61 44.56 22.71
C ILE C 140 1.77 44.22 23.95
N PRO C 141 1.94 44.98 25.07
CA PRO C 141 1.07 44.76 26.25
C PRO C 141 -0.42 44.85 25.92
N GLU C 142 -0.86 45.89 25.21
CA GLU C 142 -2.26 46.00 24.74
C GLU C 142 -2.75 44.84 23.87
N LEU C 143 -1.92 44.42 22.92
CA LEU C 143 -2.27 43.30 22.07
C LEU C 143 -2.43 42.05 22.93
N ILE C 144 -1.42 41.77 23.77
CA ILE C 144 -1.51 40.66 24.72
C ILE C 144 -2.75 40.83 25.62
N GLY C 145 -2.97 42.03 26.16
CA GLY C 145 -4.20 42.33 26.92
C GLY C 145 -5.48 41.90 26.20
N SER C 146 -5.61 42.25 24.91
CA SER C 146 -6.83 42.02 24.15
C SER C 146 -7.20 40.56 24.00
N SER C 147 -6.23 39.68 24.24
CA SER C 147 -6.36 38.24 23.99
C SER C 147 -7.49 37.61 24.80
N SER C 148 -7.83 38.25 25.92
CA SER C 148 -8.79 37.69 26.84
C SER C 148 -10.21 38.03 26.45
N SER C 149 -10.39 38.95 25.50
CA SER C 149 -11.73 39.32 25.05
C SER C 149 -12.47 38.16 24.43
N SER C 150 -11.77 37.39 23.60
CA SER C 150 -12.35 36.20 23.01
C SER C 150 -11.26 35.26 22.49
N VAL C 151 -11.69 34.04 22.22
CA VAL C 151 -10.84 33.01 21.62
C VAL C 151 -10.44 33.40 20.16
N ASN C 152 -11.34 34.07 19.43
CA ASN C 152 -11.08 34.53 18.07
C ASN C 152 -9.91 35.53 18.00
N VAL C 153 -10.01 36.57 18.83
CA VAL C 153 -9.00 37.62 18.91
C VAL C 153 -7.68 37.06 19.42
N CYS C 154 -7.73 36.28 20.49
CA CYS C 154 -6.54 35.58 20.98
C CYS C 154 -5.82 34.78 19.86
N GLU C 155 -6.58 34.00 19.10
CA GLU C 155 -6.06 33.23 17.96
C GLU C 155 -5.40 34.16 16.93
N ASN C 156 -6.09 35.25 16.63
CA ASN C 156 -5.58 36.18 15.68
C ASN C 156 -4.29 36.85 16.10
N ASN C 157 -4.20 37.20 17.38
CA ASN C 157 -2.99 37.76 17.95
C ASN C 157 -1.77 36.85 17.77
N MET C 158 -2.00 35.55 17.84
CA MET C 158 -0.91 34.59 17.55
C MET C 158 -0.39 34.78 16.11
N ILE C 159 -1.31 35.14 15.21
CA ILE C 159 -0.98 35.36 13.79
C ILE C 159 -0.15 36.63 13.66
N VAL C 160 -0.64 37.72 14.23
CA VAL C 160 0.08 38.97 14.27
C VAL C 160 1.50 38.76 14.77
N LEU C 161 1.61 38.02 15.87
CA LEU C 161 2.87 37.86 16.54
C LEU C 161 3.80 36.95 15.73
N LYS C 162 3.23 35.89 15.14
CA LYS C 162 3.99 35.05 14.18
C LYS C 162 4.40 35.94 13.04
N LEU C 163 3.48 36.75 12.51
CA LEU C 163 3.91 37.64 11.41
C LEU C 163 5.06 38.55 11.74
N LEU C 164 4.96 39.13 12.93
CA LEU C 164 5.95 40.06 13.37
C LEU C 164 7.30 39.34 13.46
N SER C 165 7.32 38.16 14.08
CA SER C 165 8.61 37.46 14.19
C SER C 165 9.23 37.18 12.78
N GLU C 166 8.41 36.72 11.83
CA GLU C 166 8.86 36.60 10.43
C GLU C 166 9.56 37.81 9.88
N GLU C 167 8.91 38.97 9.99
CA GLU C 167 9.42 40.16 9.33
C GLU C 167 10.68 40.65 10.00
N VAL C 168 10.76 40.38 11.30
CA VAL C 168 11.91 40.87 12.02
C VAL C 168 13.13 39.95 11.89
N PHE C 169 12.97 38.64 12.03
CA PHE C 169 14.13 37.71 12.09
C PHE C 169 14.38 36.87 10.83
N ASP C 170 13.32 36.56 10.08
CA ASP C 170 13.38 35.65 8.92
C ASP C 170 13.54 36.35 7.59
N PHE C 171 12.97 37.54 7.45
CA PHE C 171 12.91 38.18 6.16
C PHE C 171 13.36 39.60 6.25
N SER C 172 14.13 39.95 7.29
CA SER C 172 14.63 41.31 7.43
C SER C 172 15.89 41.60 6.60
N ALA C 173 16.76 40.62 6.46
CA ALA C 173 18.02 40.83 5.72
C ALA C 173 17.68 41.37 4.30
N GLU C 174 18.40 42.41 3.87
CA GLU C 174 18.14 43.12 2.58
C GLU C 174 16.76 43.77 2.37
N GLN C 175 15.77 43.52 3.23
CA GLN C 175 14.54 44.32 3.21
C GLN C 175 14.64 45.60 4.07
N MET C 176 15.51 45.63 5.06
CA MET C 176 15.67 46.81 5.88
C MET C 176 17.13 47.02 6.03
N THR C 177 17.51 48.17 6.58
CA THR C 177 18.91 48.39 6.85
C THR C 177 19.31 47.45 7.97
N GLN C 178 20.60 47.15 8.03
CA GLN C 178 21.14 46.30 9.05
C GLN C 178 20.85 46.85 10.44
N ALA C 179 20.81 48.17 10.58
CA ALA C 179 20.64 48.83 11.88
C ALA C 179 19.15 48.79 12.24
N LYS C 180 18.27 48.92 11.26
CA LYS C 180 16.82 48.81 11.59
C LYS C 180 16.49 47.38 12.06
N ALA C 181 17.14 46.41 11.40
CA ALA C 181 16.99 44.99 11.73
C ALA C 181 17.45 44.75 13.16
N LEU C 182 18.67 45.15 13.51
CA LEU C 182 19.17 45.00 14.89
C LEU C 182 18.20 45.58 15.94
N HIS C 183 17.71 46.79 15.67
CA HIS C 183 16.84 47.54 16.57
C HIS C 183 15.56 46.81 16.83
N LEU C 184 14.97 46.29 15.76
CA LEU C 184 13.68 45.58 15.84
C LEU C 184 13.80 44.21 16.48
N LYS C 185 14.88 43.52 16.17
CA LYS C 185 15.29 42.29 16.86
C LYS C 185 15.49 42.57 18.36
N ASN C 186 16.22 43.63 18.71
CA ASN C 186 16.43 44.00 20.13
C ASN C 186 15.07 44.32 20.79
N SER C 187 14.20 45.00 20.06
CA SER C 187 12.87 45.37 20.59
C SER C 187 11.98 44.16 20.82
N MET C 188 12.02 43.23 19.90
CA MET C 188 11.25 42.04 20.07
C MET C 188 11.86 41.19 21.19
N SER C 189 13.16 41.06 21.23
CA SER C 189 13.74 40.28 22.32
C SER C 189 13.46 40.87 23.75
N LYS C 190 13.35 42.19 23.88
CA LYS C 190 13.05 42.79 25.18
C LYS C 190 11.56 42.55 25.57
N GLU C 191 10.70 42.28 24.61
CA GLU C 191 9.30 42.00 24.99
C GLU C 191 8.88 40.52 24.97
N PHE C 192 9.84 39.63 24.77
CA PHE C 192 9.56 38.20 24.57
C PHE C 192 9.11 37.48 25.81
N GLU C 193 9.59 37.89 26.99
CA GLU C 193 9.06 37.38 28.26
C GLU C 193 7.51 37.37 28.24
N GLN C 194 6.91 38.48 27.85
CA GLN C 194 5.45 38.62 27.97
C GLN C 194 4.81 37.83 26.85
N ILE C 195 5.47 37.80 25.70
CA ILE C 195 4.93 37.04 24.56
C ILE C 195 4.89 35.58 24.95
N PHE C 196 5.99 35.07 25.47
CA PHE C 196 6.04 33.67 25.88
C PHE C 196 5.00 33.33 26.98
N LYS C 197 4.82 34.25 27.93
CA LYS C 197 3.84 34.07 29.02
C LYS C 197 2.51 33.72 28.41
N LEU C 198 2.02 34.56 27.49
CA LEU C 198 0.78 34.28 26.76
C LEU C 198 0.80 32.96 25.97
N CYS C 199 1.83 32.76 25.16
CA CYS C 199 1.84 31.58 24.30
C CYS C 199 1.85 30.28 25.15
N PHE C 200 2.63 30.28 26.24
CA PHE C 200 2.62 29.14 27.19
C PHE C 200 1.26 28.92 27.87
N GLN C 201 0.59 30.00 28.24
CA GLN C 201 -0.71 29.90 28.90
C GLN C 201 -1.68 29.13 28.03
N VAL C 202 -1.80 29.54 26.77
CA VAL C 202 -2.72 28.91 25.83
C VAL C 202 -2.30 27.48 25.64
N LEU C 203 -0.99 27.24 25.58
CA LEU C 203 -0.49 25.86 25.44
C LEU C 203 -0.87 24.93 26.61
N GLU C 204 -1.01 25.45 27.84
CA GLU C 204 -1.44 24.58 28.94
C GLU C 204 -2.94 24.54 29.20
N GLN C 205 -3.61 25.69 29.14
CA GLN C 205 -5.04 25.72 29.48
C GLN C 205 -6.02 26.04 28.34
N GLY C 206 -5.66 25.68 27.10
CA GLY C 206 -6.50 25.95 25.92
C GLY C 206 -7.20 24.72 25.37
N SER C 207 -8.40 24.94 24.81
CA SER C 207 -9.28 23.86 24.33
C SER C 207 -9.44 23.87 22.81
N SER C 208 -9.54 25.08 22.24
CA SER C 208 -9.76 25.31 20.81
C SER C 208 -8.61 24.80 19.99
N SER C 209 -8.92 23.86 19.11
CA SER C 209 -7.95 23.27 18.22
C SER C 209 -7.27 24.40 17.43
N SER C 210 -8.06 25.12 16.66
CA SER C 210 -7.57 26.24 15.86
C SER C 210 -6.67 27.21 16.63
N LEU C 211 -6.95 27.44 17.91
CA LEU C 211 -6.12 28.40 18.68
C LEU C 211 -4.78 27.83 19.14
N ILE C 212 -4.75 26.54 19.43
CA ILE C 212 -3.55 25.84 19.85
C ILE C 212 -2.60 25.77 18.63
N VAL C 213 -3.16 25.32 17.50
CA VAL C 213 -2.42 25.28 16.23
C VAL C 213 -1.80 26.64 15.84
N ALA C 214 -2.54 27.74 15.97
CA ALA C 214 -1.93 29.06 15.62
C ALA C 214 -0.79 29.42 16.57
N THR C 215 -1.01 29.13 17.85
CA THR C 215 0.01 29.33 18.84
C THR C 215 1.28 28.52 18.50
N LEU C 216 1.10 27.25 18.15
CA LEU C 216 2.22 26.39 17.78
C LEU C 216 2.93 26.89 16.52
N GLU C 217 2.16 27.44 15.58
CA GLU C 217 2.67 28.06 14.35
C GLU C 217 3.62 29.21 14.68
N SER C 218 3.18 30.10 15.58
CA SER C 218 4.04 31.12 16.19
C SER C 218 5.26 30.60 16.94
N LEU C 219 5.06 29.59 17.77
CA LEU C 219 6.21 28.95 18.43
C LEU C 219 7.25 28.50 17.43
N LEU C 220 6.81 27.94 16.30
CA LEU C 220 7.75 27.49 15.25
C LEU C 220 8.68 28.62 14.81
N ARG C 221 8.10 29.80 14.54
CA ARG C 221 8.93 30.94 14.20
C ARG C 221 9.78 31.46 15.37
N TYR C 222 9.26 31.46 16.58
CA TYR C 222 10.07 31.93 17.73
C TYR C 222 11.31 31.09 17.95
N LEU C 223 11.27 29.82 17.55
CA LEU C 223 12.38 28.95 17.86
C LEU C 223 13.57 29.23 16.94
N HIS C 224 13.36 30.06 15.90
CA HIS C 224 14.46 30.46 14.99
C HIS C 224 15.47 31.34 15.72
N TRP C 225 15.09 31.92 16.88
CA TRP C 225 15.92 32.96 17.49
C TRP C 225 15.92 33.08 19.03
N ILE C 226 14.90 32.59 19.69
CA ILE C 226 14.83 32.85 21.14
C ILE C 226 15.94 32.15 21.95
N PRO C 227 16.27 32.68 23.15
CA PRO C 227 17.21 32.03 24.03
C PRO C 227 16.82 30.59 24.38
N TYR C 228 17.83 29.72 24.50
CA TYR C 228 17.64 28.31 24.85
C TYR C 228 16.72 28.08 26.08
N ARG C 229 16.84 28.92 27.11
CA ARG C 229 16.11 28.73 28.40
C ARG C 229 14.60 28.70 28.30
N TYR C 230 14.04 29.32 27.27
CA TYR C 230 12.61 29.22 27.11
C TYR C 230 12.23 27.82 26.65
N ILE C 231 13.17 27.12 26.07
CA ILE C 231 12.81 25.78 25.62
C ILE C 231 13.16 24.81 26.74
N TYR C 232 14.38 24.88 27.22
CA TYR C 232 14.81 23.91 28.22
C TYR C 232 14.34 24.15 29.67
N GLU C 233 14.20 25.41 30.09
CA GLU C 233 13.91 25.70 31.54
C GLU C 233 12.44 25.89 31.86
N THR C 234 11.57 25.48 30.95
CA THR C 234 10.14 25.50 31.22
C THR C 234 9.67 24.09 30.93
N ASN C 235 8.39 23.83 31.08
CA ASN C 235 7.86 22.51 30.83
C ASN C 235 7.51 22.26 29.35
N ILE C 236 7.72 23.25 28.47
CA ILE C 236 7.27 23.17 27.06
C ILE C 236 7.81 21.96 26.27
N LEU C 237 9.05 21.53 26.51
CA LEU C 237 9.59 20.35 25.84
C LEU C 237 8.78 19.12 26.12
N GLU C 238 8.29 19.02 27.35
CA GLU C 238 7.36 17.94 27.75
C GLU C 238 6.00 18.03 27.07
N LEU C 239 5.44 19.23 26.96
CA LEU C 239 4.08 19.38 26.41
C LEU C 239 4.04 19.13 24.92
N LEU C 240 5.15 19.50 24.27
CA LEU C 240 5.36 19.21 22.84
C LEU C 240 5.59 17.72 22.56
N SER C 241 6.50 17.10 23.32
CA SER C 241 6.86 15.69 23.10
C SER C 241 5.78 14.68 23.52
N THR C 242 4.77 15.16 24.25
CA THR C 242 3.76 14.30 24.88
C THR C 242 2.33 14.64 24.44
N LYS C 243 1.69 15.62 25.07
CA LYS C 243 0.28 15.90 24.72
C LYS C 243 0.06 16.34 23.25
N PHE C 244 0.95 17.19 22.73
CA PHE C 244 0.73 17.75 21.40
C PHE C 244 1.12 16.79 20.27
N MET C 245 1.98 15.82 20.58
CA MET C 245 2.15 14.68 19.71
C MET C 245 0.92 13.72 19.78
N THR C 246 0.20 13.73 20.88
CA THR C 246 -0.91 12.80 21.09
C THR C 246 -2.16 13.13 20.26
N SER C 247 -2.62 14.38 20.35
CA SER C 247 -3.78 14.86 19.58
C SER C 247 -3.48 15.02 18.07
N PRO C 248 -4.30 14.38 17.22
CA PRO C 248 -4.16 14.38 15.74
C PRO C 248 -3.97 15.74 15.05
N ASP C 249 -4.68 16.75 15.53
CA ASP C 249 -4.71 18.09 14.91
C ASP C 249 -3.39 18.86 15.09
N THR C 250 -2.69 18.63 16.21
CA THR C 250 -1.54 19.44 16.59
C THR C 250 -0.20 18.82 16.18
N ARG C 251 -0.29 17.60 15.68
CA ARG C 251 0.82 16.69 15.52
C ARG C 251 1.88 17.06 14.45
N ALA C 252 1.41 17.64 13.34
CA ALA C 252 2.29 18.09 12.26
C ALA C 252 3.14 19.28 12.72
N ILE C 253 2.47 20.25 13.32
CA ILE C 253 3.16 21.48 13.67
C ILE C 253 4.13 21.27 14.85
N THR C 254 3.74 20.41 15.77
CA THR C 254 4.58 20.05 16.89
C THR C 254 5.89 19.41 16.43
N LEU C 255 5.80 18.50 15.46
CA LEU C 255 6.95 17.81 14.86
C LEU C 255 7.92 18.76 14.19
N LYS C 256 7.34 19.73 13.50
CA LYS C 256 8.16 20.80 12.98
C LYS C 256 8.74 21.63 14.13
N CYS C 257 8.00 21.83 15.21
CA CYS C 257 8.62 22.53 16.35
C CYS C 257 9.75 21.74 16.93
N LEU C 258 9.56 20.45 17.11
CA LEU C 258 10.61 19.67 17.73
C LEU C 258 11.81 19.53 16.80
N THR C 259 11.57 19.57 15.48
CA THR C 259 12.69 19.60 14.51
C THR C 259 13.59 20.82 14.74
N GLU C 260 13.01 22.01 14.80
CA GLU C 260 13.80 23.20 15.09
C GLU C 260 14.34 23.16 16.54
N VAL C 261 13.55 22.63 17.47
CA VAL C 261 14.10 22.45 18.85
C VAL C 261 15.40 21.70 18.76
N SER C 262 15.45 20.64 17.94
CA SER C 262 16.69 19.89 17.76
C SER C 262 17.86 20.85 17.46
N ASN C 263 17.64 21.78 16.54
CA ASN C 263 18.67 22.71 16.07
C ASN C 263 19.09 23.88 16.99
N LEU C 264 18.44 24.07 18.14
CA LEU C 264 18.71 25.23 19.02
C LEU C 264 20.16 25.30 19.53
N LYS C 265 20.63 26.52 19.81
CA LYS C 265 21.87 26.73 20.54
C LYS C 265 21.76 26.12 21.94
N ILE C 266 22.58 25.08 22.12
CA ILE C 266 22.63 24.17 23.28
C ILE C 266 23.94 24.40 24.04
N PRO C 267 23.89 24.39 25.39
CA PRO C 267 25.15 24.24 26.12
C PRO C 267 25.70 22.83 25.93
N GLN C 268 26.92 22.72 25.41
CA GLN C 268 27.55 21.42 25.15
C GLN C 268 27.97 20.67 26.42
N ASP C 269 28.33 21.40 27.48
CA ASP C 269 28.78 20.79 28.74
C ASP C 269 27.79 20.94 29.89
N ASN C 270 26.50 20.95 29.57
CA ASN C 270 25.43 20.96 30.54
C ASN C 270 24.73 19.61 30.49
N ASP C 271 24.97 18.79 31.50
CA ASP C 271 24.50 17.39 31.50
C ASP C 271 23.02 17.24 31.79
N LEU C 272 22.39 18.30 32.27
CA LEU C 272 20.95 18.26 32.49
C LEU C 272 20.25 18.55 31.16
N ILE C 273 20.94 19.31 30.31
CA ILE C 273 20.41 19.68 29.00
C ILE C 273 20.52 18.50 28.02
N LYS C 274 21.64 17.76 28.11
CA LYS C 274 21.84 16.51 27.39
C LYS C 274 20.66 15.60 27.68
N ARG C 275 20.43 15.39 28.97
CA ARG C 275 19.37 14.51 29.45
C ARG C 275 18.01 14.98 28.97
N GLN C 276 17.85 16.27 28.78
CA GLN C 276 16.58 16.79 28.23
C GLN C 276 16.40 16.56 26.72
N THR C 277 17.51 16.55 25.99
CA THR C 277 17.53 16.36 24.56
C THR C 277 17.18 14.89 24.30
N VAL C 278 17.81 14.00 25.08
CA VAL C 278 17.41 12.60 25.12
C VAL C 278 15.91 12.39 25.43
N LEU C 279 15.40 13.00 26.49
CA LEU C 279 13.98 12.84 26.91
C LEU C 279 12.88 13.24 25.89
N PHE C 280 13.00 14.41 25.28
CA PHE C 280 11.98 14.79 24.30
C PHE C 280 11.97 13.81 23.10
N PHE C 281 13.17 13.38 22.69
CA PHE C 281 13.27 12.42 21.59
C PHE C 281 12.56 11.13 21.99
N GLN C 282 12.85 10.69 23.22
CA GLN C 282 12.21 9.51 23.82
C GLN C 282 10.67 9.68 23.87
N ASN C 283 10.20 10.80 24.38
CA ASN C 283 8.73 11.03 24.45
C ASN C 283 8.05 10.96 23.08
N THR C 284 8.69 11.59 22.08
CA THR C 284 8.08 11.78 20.75
C THR C 284 7.96 10.43 20.05
N LEU C 285 9.04 9.69 20.12
CA LEU C 285 9.12 8.36 19.56
C LEU C 285 8.12 7.38 20.17
N GLN C 286 8.00 7.42 21.50
CA GLN C 286 6.97 6.66 22.22
C GLN C 286 5.54 7.01 21.79
N GLN C 287 5.21 8.31 21.64
CA GLN C 287 3.89 8.76 21.17
C GLN C 287 3.56 8.33 19.74
N ILE C 288 4.57 8.28 18.86
CA ILE C 288 4.37 7.82 17.48
C ILE C 288 3.91 6.37 17.52
N ALA C 289 4.68 5.56 18.26
CA ALA C 289 4.47 4.12 18.34
C ALA C 289 3.09 3.86 18.99
N THR C 290 2.75 4.61 20.03
CA THR C 290 1.45 4.46 20.70
C THR C 290 0.28 4.98 19.90
N SER C 291 0.37 6.22 19.41
CA SER C 291 -0.80 6.84 18.81
C SER C 291 -0.82 6.91 17.29
N VAL C 292 0.32 6.73 16.63
CA VAL C 292 0.29 6.86 15.16
C VAL C 292 0.56 5.53 14.45
N MET C 293 1.78 4.97 14.56
CA MET C 293 2.05 3.67 13.94
C MET C 293 3.27 3.00 14.56
N PRO C 294 3.35 1.65 14.49
CA PRO C 294 4.45 1.00 15.11
C PRO C 294 5.65 0.98 14.14
N VAL C 295 6.85 0.68 14.62
CA VAL C 295 8.05 0.64 13.75
C VAL C 295 7.96 -0.40 12.64
N THR C 296 7.05 -1.37 12.78
CA THR C 296 6.85 -2.41 11.74
C THR C 296 5.85 -1.99 10.64
N ALA C 297 5.14 -0.86 10.85
CA ALA C 297 4.32 -0.29 9.76
C ALA C 297 5.04 -0.27 8.42
N ASP C 298 4.27 -0.59 7.37
CA ASP C 298 4.73 -0.50 5.99
C ASP C 298 4.47 0.94 5.55
N LEU C 299 5.46 1.81 5.72
CA LEU C 299 5.30 3.24 5.45
C LEU C 299 5.28 3.49 3.96
N LYS C 300 5.86 2.58 3.21
CA LYS C 300 5.73 2.64 1.76
C LYS C 300 4.27 2.53 1.26
N ALA C 301 3.56 1.55 1.79
CA ALA C 301 2.13 1.36 1.49
C ALA C 301 1.32 2.54 2.03
N THR C 302 1.61 2.95 3.26
CA THR C 302 0.89 4.07 3.90
C THR C 302 0.99 5.37 3.08
N TYR C 303 2.20 5.70 2.64
CA TYR C 303 2.43 6.90 1.81
C TYR C 303 1.74 6.79 0.47
N ALA C 304 1.91 5.63 -0.18
CA ALA C 304 1.29 5.50 -1.48
C ALA C 304 -0.25 5.67 -1.36
N ASN C 305 -0.87 5.22 -0.26
CA ASN C 305 -2.31 5.48 -0.03
C ASN C 305 -2.75 6.93 0.06
N ALA C 306 -1.87 7.76 0.63
CA ALA C 306 -1.98 9.22 0.59
C ALA C 306 -3.21 9.77 1.27
N ASN C 307 -3.62 9.12 2.35
CA ASN C 307 -4.79 9.55 3.09
C ASN C 307 -4.52 10.73 4.00
N GLY C 308 -5.30 11.78 3.82
CA GLY C 308 -5.18 12.94 4.65
C GLY C 308 -3.81 13.55 4.43
N ASN C 309 -3.22 13.98 5.55
CA ASN C 309 -1.91 14.64 5.56
C ASN C 309 -0.80 13.67 5.95
N ASP C 310 -1.03 12.38 5.68
CA ASP C 310 -0.10 11.30 5.97
C ASP C 310 1.22 11.53 5.26
N GLN C 311 1.15 12.03 4.03
CA GLN C 311 2.37 12.17 3.22
C GLN C 311 3.19 13.28 3.83
N SER C 312 2.54 14.38 4.22
CA SER C 312 3.27 15.46 4.93
C SER C 312 3.77 15.03 6.28
N PHE C 313 2.91 14.39 7.05
CA PHE C 313 3.36 13.86 8.31
C PHE C 313 4.65 13.04 8.11
N LEU C 314 4.63 12.14 7.13
CA LEU C 314 5.74 11.21 6.95
C LEU C 314 6.99 11.92 6.43
N GLN C 315 6.83 13.01 5.66
CA GLN C 315 8.01 13.86 5.30
C GLN C 315 8.58 14.56 6.54
N ASP C 316 7.70 15.11 7.37
CA ASP C 316 8.11 15.73 8.63
C ASP C 316 8.78 14.75 9.64
N LEU C 317 8.32 13.51 9.64
CA LEU C 317 8.95 12.51 10.51
C LEU C 317 10.36 12.29 10.04
N ALA C 318 10.53 12.11 8.74
CA ALA C 318 11.86 11.93 8.18
C ALA C 318 12.77 13.11 8.53
N MET C 319 12.22 14.31 8.50
CA MET C 319 12.97 15.51 8.68
C MET C 319 13.41 15.65 10.13
N PHE C 320 12.49 15.31 11.03
CA PHE C 320 12.74 15.29 12.48
C PHE C 320 13.79 14.23 12.85
N LEU C 321 13.59 13.01 12.33
CA LEU C 321 14.47 11.91 12.71
C LEU C 321 15.86 12.18 12.18
N THR C 322 15.97 12.57 10.92
CA THR C 322 17.31 12.91 10.42
C THR C 322 17.97 14.12 11.00
N THR C 323 17.24 15.20 11.21
CA THR C 323 17.80 16.34 11.95
C THR C 323 18.30 15.99 13.36
N TYR C 324 17.46 15.33 14.13
CA TYR C 324 17.83 15.10 15.52
C TYR C 324 18.98 14.11 15.59
N LEU C 325 18.93 13.09 14.72
CA LEU C 325 19.90 12.01 14.81
C LEU C 325 21.28 12.39 14.29
N ALA C 326 21.36 13.32 13.33
CA ALA C 326 22.66 13.79 12.83
C ALA C 326 23.27 14.79 13.78
N ARG C 327 22.49 15.38 14.68
CA ARG C 327 23.10 16.28 15.68
C ARG C 327 23.37 15.46 16.94
N ASN C 328 22.42 14.61 17.30
CA ASN C 328 22.35 13.99 18.61
C ASN C 328 22.59 12.48 18.77
N ARG C 329 22.79 11.73 17.70
CA ARG C 329 22.90 10.27 17.88
C ARG C 329 23.91 9.79 18.94
N ALA C 330 25.01 10.50 19.13
CA ALA C 330 26.08 10.04 20.05
C ALA C 330 25.59 10.08 21.49
N LEU C 331 24.67 11.01 21.75
CA LEU C 331 23.88 11.01 22.99
C LEU C 331 23.30 9.67 23.29
N LEU C 332 22.89 8.95 22.25
CA LEU C 332 22.16 7.71 22.51
C LEU C 332 23.04 6.48 22.46
N GLU C 333 24.29 6.65 22.03
CA GLU C 333 25.16 5.54 21.55
C GLU C 333 25.87 4.66 22.61
N SER C 334 26.03 5.15 23.82
CA SER C 334 26.76 4.39 24.84
C SER C 334 25.94 3.87 26.03
N ASP C 335 24.84 4.53 26.34
CA ASP C 335 23.99 4.12 27.48
C ASP C 335 23.05 3.04 26.97
N GLU C 336 23.31 1.81 27.42
CA GLU C 336 22.59 0.60 27.02
C GLU C 336 21.07 0.74 27.05
N SER C 337 20.61 1.54 27.99
CA SER C 337 19.19 1.71 28.17
C SER C 337 18.70 2.67 27.10
N LEU C 338 19.63 3.33 26.41
CA LEU C 338 19.23 4.17 25.25
C LEU C 338 19.35 3.44 23.90
N ARG C 339 19.88 2.21 23.91
CA ARG C 339 20.17 1.47 22.68
C ARG C 339 18.95 1.17 21.83
N GLU C 340 17.84 0.89 22.49
CA GLU C 340 16.64 0.50 21.78
C GLU C 340 16.00 1.75 21.15
N LEU C 341 16.06 2.86 21.89
CA LEU C 341 15.59 4.14 21.33
C LEU C 341 16.33 4.43 20.01
N LEU C 342 17.66 4.44 20.10
CA LEU C 342 18.55 4.61 18.98
C LEU C 342 18.18 3.80 17.78
N LEU C 343 18.00 2.50 18.00
CA LEU C 343 17.71 1.59 16.92
C LEU C 343 16.27 1.66 16.43
N ASN C 344 15.29 1.86 17.33
CA ASN C 344 13.91 2.08 16.81
C ASN C 344 13.88 3.31 15.91
N ALA C 345 14.64 4.34 16.25
CA ALA C 345 14.55 5.56 15.43
C ALA C 345 15.14 5.30 14.05
N HIS C 346 16.21 4.52 14.00
CA HIS C 346 16.80 4.19 12.71
C HIS C 346 15.99 3.22 11.94
N GLN C 347 15.23 2.35 12.65
CA GLN C 347 14.26 1.45 12.03
C GLN C 347 13.12 2.21 11.41
N TYR C 348 12.66 3.24 12.10
CA TYR C 348 11.72 4.19 11.49
C TYR C 348 12.26 4.82 10.20
N LEU C 349 13.56 5.10 10.19
CA LEU C 349 14.23 5.65 8.99
C LEU C 349 14.38 4.65 7.87
N ILE C 350 14.72 3.41 8.21
CA ILE C 350 14.67 2.31 7.24
C ILE C 350 13.31 2.20 6.49
N GLN C 351 12.21 2.22 7.24
CA GLN C 351 10.86 2.21 6.66
C GLN C 351 10.50 3.40 5.84
N LEU C 352 10.85 4.60 6.30
CA LEU C 352 10.69 5.81 5.48
C LEU C 352 11.51 5.69 4.21
N SER C 353 12.67 5.02 4.27
CA SER C 353 13.58 4.97 3.10
C SER C 353 13.01 4.07 2.02
N LYS C 354 11.98 3.27 2.33
CA LYS C 354 11.29 2.50 1.26
C LYS C 354 10.15 3.28 0.62
N ILE C 355 9.86 4.48 1.09
CA ILE C 355 8.77 5.21 0.44
C ILE C 355 9.11 5.47 -1.04
N GLU C 356 8.13 5.37 -1.93
CA GLU C 356 8.38 5.80 -3.33
C GLU C 356 8.09 7.27 -3.55
N GLU C 357 9.03 8.10 -3.18
CA GLU C 357 8.93 9.52 -3.35
C GLU C 357 10.36 10.03 -3.43
N ARG C 358 10.84 10.31 -4.64
CA ARG C 358 12.26 10.71 -4.83
C ARG C 358 12.84 11.75 -3.87
N GLU C 359 12.14 12.87 -3.63
CA GLU C 359 12.67 13.86 -2.72
C GLU C 359 12.77 13.45 -1.27
N LEU C 360 11.78 12.71 -0.80
CA LEU C 360 11.81 12.20 0.53
C LEU C 360 13.01 11.23 0.62
N PHE C 361 13.15 10.39 -0.38
CA PHE C 361 14.23 9.43 -0.46
C PHE C 361 15.62 10.11 -0.42
N LYS C 362 15.74 11.27 -1.09
CA LYS C 362 16.95 12.06 -0.97
C LYS C 362 17.21 12.59 0.43
N THR C 363 16.12 12.91 1.14
CA THR C 363 16.26 13.39 2.49
C THR C 363 16.80 12.27 3.38
N THR C 364 16.23 11.07 3.27
CA THR C 364 16.74 9.97 4.10
C THR C 364 18.17 9.59 3.65
N LEU C 365 18.45 9.57 2.34
CA LEU C 365 19.79 9.18 1.82
C LEU C 365 20.91 10.07 2.33
N ASP C 366 20.71 11.36 2.32
CA ASP C 366 21.65 12.25 2.99
C ASP C 366 22.01 11.92 4.42
N TYR C 367 20.99 11.54 5.18
CA TYR C 367 21.25 11.07 6.51
C TYR C 367 22.11 9.80 6.54
N TRP C 368 21.83 8.89 5.59
CA TRP C 368 22.45 7.57 5.61
C TRP C 368 23.92 7.74 5.24
N HIS C 369 24.19 8.60 4.25
CA HIS C 369 25.56 9.07 3.97
C HIS C 369 26.28 9.56 5.24
N ASN C 370 25.62 10.39 6.03
CA ASN C 370 26.21 10.88 7.27
C ASN C 370 26.51 9.73 8.24
N LEU C 371 25.51 8.88 8.50
CA LEU C 371 25.72 7.68 9.31
C LEU C 371 26.86 6.76 8.84
N VAL C 372 26.79 6.27 7.61
CA VAL C 372 27.78 5.27 7.20
C VAL C 372 29.20 5.80 6.98
N ALA C 373 29.37 7.08 6.65
CA ALA C 373 30.71 7.64 6.51
C ALA C 373 31.35 7.70 7.89
N ASP C 374 30.52 8.08 8.86
CA ASP C 374 30.96 8.13 10.24
C ASP C 374 31.43 6.76 10.71
N LEU C 375 30.77 5.70 10.27
CA LEU C 375 31.16 4.37 10.74
C LEU C 375 32.38 3.88 9.99
N PHE C 376 32.54 4.35 8.77
CA PHE C 376 33.76 4.04 8.03
C PHE C 376 34.98 4.61 8.80
N TYR C 377 34.88 5.87 9.23
CA TYR C 377 35.92 6.51 10.05
C TYR C 377 36.01 6.03 11.51
N GLU C 378 34.90 5.60 12.12
CA GLU C 378 34.96 5.04 13.45
C GLU C 378 34.46 3.60 13.45
N PRO C 379 35.44 2.70 13.20
CA PRO C 379 34.71 1.47 12.89
C PRO C 379 34.25 0.69 14.13
N LEU C 380 34.66 1.15 15.31
CA LEU C 380 34.33 0.47 16.55
C LEU C 380 32.84 0.62 16.93
N LYS C 381 32.20 1.68 16.46
CA LYS C 381 30.72 1.86 16.59
C LYS C 381 29.95 1.02 15.54
N LYS C 382 30.66 0.18 14.80
CA LYS C 382 30.11 -0.47 13.61
C LYS C 382 29.03 -1.47 13.97
N HIS C 383 29.21 -2.16 15.11
CA HIS C 383 28.37 -3.26 15.55
C HIS C 383 27.02 -2.75 16.04
N ILE C 384 26.98 -1.56 16.61
CA ILE C 384 25.71 -1.05 17.11
C ILE C 384 24.67 -1.08 15.97
N TYR C 385 25.13 -0.75 14.76
CA TYR C 385 24.27 -0.57 13.59
C TYR C 385 24.29 -1.66 12.54
N GLU C 386 24.84 -2.82 12.90
CA GLU C 386 25.00 -3.91 11.97
C GLU C 386 23.74 -4.24 11.25
N GLU C 387 22.64 -4.21 11.99
CA GLU C 387 21.40 -4.70 11.42
C GLU C 387 20.62 -3.53 10.79
N ILE C 388 20.82 -2.33 11.29
CA ILE C 388 20.44 -1.19 10.41
C ILE C 388 21.15 -1.26 9.05
N CYS C 389 22.48 -1.41 9.07
CA CYS C 389 23.28 -1.33 7.84
C CYS C 389 22.89 -2.36 6.81
N SER C 390 22.66 -3.58 7.27
CA SER C 390 22.40 -4.69 6.39
C SER C 390 21.02 -4.58 5.76
N GLN C 391 20.02 -4.09 6.52
CA GLN C 391 18.72 -3.72 5.84
C GLN C 391 18.91 -2.61 4.82
N LEU C 392 19.80 -1.69 5.13
CA LEU C 392 20.01 -0.56 4.21
C LEU C 392 20.67 -0.99 2.89
N ARG C 393 21.49 -2.04 2.95
CA ARG C 393 22.11 -2.56 1.73
C ARG C 393 21.01 -2.91 0.78
N LEU C 394 20.02 -3.62 1.31
CA LEU C 394 18.85 -4.03 0.53
C LEU C 394 18.08 -2.83 0.00
N VAL C 395 17.77 -1.88 0.85
CA VAL C 395 17.07 -0.66 0.38
C VAL C 395 17.87 0.03 -0.78
N ILE C 396 19.15 0.27 -0.57
CA ILE C 396 19.95 0.95 -1.60
C ILE C 396 20.10 0.14 -2.87
N ILE C 397 20.42 -1.13 -2.71
CA ILE C 397 20.54 -1.98 -3.89
C ILE C 397 19.24 -1.91 -4.73
N GLU C 398 18.10 -2.05 -4.07
CA GLU C 398 16.77 -2.17 -4.75
C GLU C 398 16.32 -0.87 -5.36
N ASN C 399 16.81 0.24 -4.85
CA ASN C 399 16.43 1.56 -5.40
C ASN C 399 17.51 2.34 -6.20
N MET C 400 18.48 1.64 -6.77
CA MET C 400 19.46 2.39 -7.61
C MET C 400 18.81 2.99 -8.80
N VAL C 401 19.15 4.22 -9.12
CA VAL C 401 18.60 4.83 -10.33
C VAL C 401 19.66 4.76 -11.44
N ARG C 402 19.28 5.13 -12.67
CA ARG C 402 20.07 4.93 -13.84
C ARG C 402 21.30 5.84 -13.86
N PRO C 403 22.49 5.25 -13.97
CA PRO C 403 23.78 5.90 -14.16
C PRO C 403 23.73 6.67 -15.47
N GLU C 404 24.42 7.79 -15.53
CA GLU C 404 24.51 8.52 -16.79
C GLU C 404 25.06 7.65 -17.95
N GLU C 405 25.80 6.60 -17.69
CA GLU C 405 26.29 5.91 -18.83
C GLU C 405 25.33 4.94 -19.53
N VAL C 406 24.21 4.65 -18.89
CA VAL C 406 23.23 3.73 -19.43
C VAL C 406 22.27 4.49 -20.32
N LEU C 407 22.15 4.09 -21.59
CA LEU C 407 21.43 4.98 -22.54
C LEU C 407 20.17 4.36 -23.03
N VAL C 408 19.91 3.16 -22.55
CA VAL C 408 18.73 2.39 -22.86
C VAL C 408 17.78 2.61 -21.67
N VAL C 409 16.49 2.80 -21.95
CA VAL C 409 15.46 3.18 -20.96
C VAL C 409 14.07 2.71 -21.44
N GLU C 410 13.07 2.61 -20.54
CA GLU C 410 11.68 2.34 -21.02
C GLU C 410 10.71 3.52 -21.24
N ASN C 411 10.27 3.66 -22.49
CA ASN C 411 9.21 4.60 -22.90
C ASN C 411 7.83 4.20 -22.34
N ASP C 412 6.79 4.85 -22.87
CA ASP C 412 5.45 4.75 -22.32
C ASP C 412 4.63 3.56 -22.83
N GLU C 413 4.98 3.05 -24.02
CA GLU C 413 4.28 1.89 -24.60
C GLU C 413 4.95 0.53 -24.28
N GLY C 414 5.74 0.50 -23.19
CA GLY C 414 6.38 -0.71 -22.70
C GLY C 414 7.62 -1.12 -23.48
N GLU C 415 8.16 -0.17 -24.23
CA GLU C 415 9.32 -0.40 -25.09
C GLU C 415 10.62 0.12 -24.48
N ILE C 416 11.71 -0.44 -24.96
CA ILE C 416 13.04 -0.07 -24.53
C ILE C 416 13.65 0.85 -25.58
N VAL C 417 13.89 2.10 -25.18
CA VAL C 417 14.28 3.15 -26.11
C VAL C 417 15.65 3.73 -25.78
N ARG C 418 16.24 4.43 -26.76
CA ARG C 418 17.42 5.24 -26.54
C ARG C 418 16.96 6.39 -25.67
N GLU C 419 17.73 6.77 -24.64
CA GLU C 419 17.32 7.88 -23.78
C GLU C 419 17.14 9.19 -24.55
N PHE C 420 16.06 9.92 -24.26
CA PHE C 420 15.74 11.13 -25.03
C PHE C 420 16.58 12.31 -24.56
N VAL C 421 16.77 12.41 -23.25
CA VAL C 421 17.47 13.54 -22.67
C VAL C 421 18.31 13.05 -21.52
N LYS C 422 19.45 13.69 -21.33
CA LYS C 422 20.18 13.53 -20.11
C LYS C 422 19.30 14.01 -18.93
N GLU C 423 19.40 13.29 -17.82
CA GLU C 423 18.63 13.61 -16.61
C GLU C 423 19.54 13.85 -15.45
N SER C 424 19.73 15.14 -15.19
CA SER C 424 20.70 15.61 -14.20
C SER C 424 20.33 15.25 -12.80
N ASP C 425 19.04 15.29 -12.48
CA ASP C 425 18.58 14.81 -11.18
C ASP C 425 18.96 13.33 -11.04
N THR C 426 18.59 12.49 -12.02
CA THR C 426 18.83 11.06 -11.90
C THR C 426 20.33 10.80 -11.73
N ILE C 427 21.13 11.44 -12.56
CA ILE C 427 22.60 11.34 -12.44
C ILE C 427 23.09 11.68 -11.06
N GLN C 428 22.71 12.84 -10.49
CA GLN C 428 23.16 13.14 -9.11
C GLN C 428 22.73 12.11 -8.04
N LEU C 429 21.48 11.65 -8.05
CA LEU C 429 21.01 10.61 -7.15
C LEU C 429 21.86 9.32 -7.23
N TYR C 430 22.13 8.85 -8.45
CA TYR C 430 22.92 7.63 -8.68
C TYR C 430 24.21 7.78 -7.96
N LYS C 431 24.80 8.97 -8.09
CA LYS C 431 26.10 9.24 -7.50
C LYS C 431 26.02 9.27 -6.00
N SER C 432 24.94 9.84 -5.47
CA SER C 432 24.76 9.79 -4.00
C SER C 432 24.52 8.35 -3.54
N GLU C 433 23.77 7.60 -4.29
CA GLU C 433 23.53 6.20 -3.93
C GLU C 433 24.82 5.39 -3.94
N ARG C 434 25.63 5.54 -5.00
CA ARG C 434 26.95 4.90 -5.10
C ARG C 434 27.83 5.12 -3.89
N GLU C 435 28.02 6.37 -3.46
CA GLU C 435 28.83 6.65 -2.25
C GLU C 435 28.33 5.95 -0.99
N VAL C 436 27.02 5.96 -0.78
CA VAL C 436 26.50 5.30 0.36
C VAL C 436 26.82 3.82 0.25
N LEU C 437 26.56 3.23 -0.91
CA LEU C 437 26.75 1.82 -1.09
C LEU C 437 28.26 1.46 -0.93
N VAL C 438 29.16 2.30 -1.46
CA VAL C 438 30.62 2.05 -1.38
C VAL C 438 30.98 1.98 0.09
N TYR C 439 30.49 2.98 0.83
CA TYR C 439 30.58 2.91 2.28
C TYR C 439 30.02 1.62 2.90
N LEU C 440 28.73 1.31 2.70
CA LEU C 440 28.17 0.03 3.24
C LEU C 440 29.00 -1.16 2.91
N THR C 441 29.58 -1.16 1.71
CA THR C 441 30.36 -2.33 1.31
C THR C 441 31.62 -2.48 2.14
N HIS C 442 32.31 -1.36 2.33
CA HIS C 442 33.49 -1.39 3.16
C HIS C 442 33.17 -1.87 4.59
N LEU C 443 32.09 -1.38 5.20
CA LEU C 443 31.51 -1.90 6.45
C LEU C 443 31.36 -3.41 6.48
N ASN C 444 30.92 -4.02 5.39
CA ASN C 444 30.88 -5.50 5.25
C ASN C 444 30.88 -6.01 3.80
N VAL C 445 32.08 -6.27 3.26
CA VAL C 445 32.27 -6.68 1.87
C VAL C 445 31.63 -8.01 1.62
N ILE C 446 31.79 -8.94 2.56
CA ILE C 446 31.23 -10.29 2.41
C ILE C 446 29.67 -10.31 2.38
N ASP C 447 29.00 -9.56 3.25
CA ASP C 447 27.50 -9.48 3.21
C ASP C 447 26.98 -8.85 1.90
N THR C 448 27.71 -7.85 1.36
CA THR C 448 27.28 -7.16 0.16
C THR C 448 27.40 -8.12 -1.00
N GLU C 449 28.51 -8.85 -1.08
CA GLU C 449 28.72 -9.77 -2.15
C GLU C 449 27.60 -10.80 -2.10
N GLU C 450 27.38 -11.33 -0.91
CA GLU C 450 26.40 -12.37 -0.72
C GLU C 450 25.01 -11.91 -1.11
N ILE C 451 24.63 -10.74 -0.65
CA ILE C 451 23.33 -10.25 -1.10
C ILE C 451 23.17 -10.10 -2.64
N MET C 452 24.25 -9.65 -3.31
CA MET C 452 24.21 -9.35 -4.74
C MET C 452 24.21 -10.65 -5.54
N ILE C 453 25.06 -11.62 -5.13
CA ILE C 453 25.07 -12.96 -5.77
C ILE C 453 23.68 -13.62 -5.59
N SER C 454 23.06 -13.45 -4.42
CA SER C 454 21.71 -14.03 -4.19
C SER C 454 20.67 -13.40 -5.05
N LYS C 455 20.75 -12.09 -5.21
CA LYS C 455 19.73 -11.41 -5.97
C LYS C 455 19.79 -11.80 -7.42
N LEU C 456 21.01 -11.96 -7.89
CA LEU C 456 21.22 -12.39 -9.24
C LEU C 456 20.75 -13.82 -9.50
N ALA C 457 20.94 -14.72 -8.52
CA ALA C 457 20.38 -16.10 -8.67
C ALA C 457 18.83 -16.03 -8.86
N ARG C 458 18.21 -15.00 -8.26
CA ARG C 458 16.75 -14.87 -8.38
C ARG C 458 16.43 -14.20 -9.71
N GLN C 459 17.43 -13.59 -10.37
CA GLN C 459 17.22 -13.09 -11.71
C GLN C 459 17.23 -14.26 -12.70
N ILE C 460 18.23 -15.15 -12.61
CA ILE C 460 18.33 -16.37 -13.43
C ILE C 460 17.16 -17.35 -13.22
N ASP C 461 16.81 -17.66 -11.98
CA ASP C 461 15.68 -18.62 -11.78
C ASP C 461 14.31 -18.05 -12.13
N GLY C 462 14.29 -16.82 -12.60
CA GLY C 462 13.10 -16.05 -12.86
C GLY C 462 12.20 -15.65 -11.68
N SER C 463 12.52 -16.09 -10.47
CA SER C 463 11.72 -15.73 -9.32
C SER C 463 11.54 -14.20 -9.13
N GLU C 464 12.55 -13.40 -9.52
CA GLU C 464 12.47 -11.94 -9.36
C GLU C 464 12.75 -11.18 -10.65
N TRP C 465 12.89 -11.92 -11.77
CA TRP C 465 13.16 -11.34 -13.06
C TRP C 465 12.20 -10.21 -13.40
N SER C 466 12.79 -9.04 -13.66
CA SER C 466 12.14 -8.02 -14.45
C SER C 466 13.24 -7.07 -14.93
N TRP C 467 12.95 -6.24 -15.93
CA TRP C 467 13.89 -5.22 -16.38
C TRP C 467 14.33 -4.38 -15.24
N HIS C 468 13.36 -3.93 -14.45
CA HIS C 468 13.67 -3.06 -13.37
C HIS C 468 14.59 -3.72 -12.36
N ASN C 469 14.45 -5.02 -12.09
CA ASN C 469 15.26 -5.65 -11.02
C ASN C 469 16.65 -6.05 -11.49
N ILE C 470 16.77 -6.38 -12.76
CA ILE C 470 18.08 -6.75 -13.28
C ILE C 470 18.90 -5.48 -13.43
N ASN C 471 18.23 -4.41 -13.84
CA ASN C 471 18.86 -3.09 -13.98
C ASN C 471 19.36 -2.55 -12.66
N THR C 472 18.50 -2.43 -11.66
CA THR C 472 19.03 -1.85 -10.37
C THR C 472 20.14 -2.73 -9.78
N LEU C 473 20.04 -4.03 -9.91
CA LEU C 473 21.11 -4.90 -9.44
C LEU C 473 22.45 -4.71 -10.20
N SER C 474 22.39 -4.67 -11.53
CA SER C 474 23.53 -4.35 -12.39
C SER C 474 24.16 -3.01 -12.06
N TRP C 475 23.34 -1.97 -11.81
CA TRP C 475 23.84 -0.64 -11.50
C TRP C 475 24.56 -0.66 -10.14
N ALA C 476 23.94 -1.35 -9.20
CA ALA C 476 24.52 -1.55 -7.86
C ALA C 476 25.84 -2.27 -7.94
N ILE C 477 25.94 -3.30 -8.80
CA ILE C 477 27.17 -4.08 -8.97
C ILE C 477 28.26 -3.20 -9.63
N GLY C 478 27.94 -2.53 -10.75
CA GLY C 478 28.89 -1.60 -11.32
C GLY C 478 29.33 -0.55 -10.30
N SER C 479 28.41 -0.12 -9.43
CA SER C 479 28.70 0.99 -8.50
C SER C 479 29.72 0.75 -7.44
N ILE C 480 29.85 -0.48 -6.99
CA ILE C 480 30.85 -0.80 -5.98
C ILE C 480 32.25 -1.17 -6.53
N SER C 481 32.51 -1.03 -7.82
CA SER C 481 33.89 -1.28 -8.32
C SER C 481 34.94 -0.60 -7.45
N GLY C 482 35.80 -1.36 -6.82
CA GLY C 482 36.88 -0.71 -6.09
C GLY C 482 36.82 -1.07 -4.65
N THR C 483 35.69 -1.63 -4.22
CA THR C 483 35.52 -1.98 -2.82
C THR C 483 36.19 -3.28 -2.45
N MET C 484 36.35 -4.19 -3.40
CA MET C 484 36.94 -5.50 -3.09
C MET C 484 38.44 -5.57 -3.35
N SER C 485 39.08 -6.60 -2.79
CA SER C 485 40.47 -6.88 -3.10
C SER C 485 40.45 -7.39 -4.52
N GLU C 486 41.58 -7.36 -5.19
CA GLU C 486 41.60 -7.77 -6.57
C GLU C 486 41.15 -9.21 -6.72
N ASP C 487 41.48 -10.03 -5.72
CA ASP C 487 41.18 -11.45 -5.74
C ASP C 487 39.68 -11.78 -5.52
N THR C 488 39.09 -11.21 -4.49
CA THR C 488 37.64 -11.29 -4.37
C THR C 488 36.96 -10.81 -5.66
N GLU C 489 37.35 -9.61 -6.13
CA GLU C 489 36.71 -8.96 -7.31
C GLU C 489 36.69 -9.88 -8.52
N LYS C 490 37.81 -10.54 -8.72
CA LYS C 490 37.98 -11.48 -9.84
C LYS C 490 36.92 -12.56 -9.86
N ARG C 491 36.68 -13.15 -8.68
CA ARG C 491 35.67 -14.21 -8.57
C ARG C 491 34.28 -13.64 -8.74
N PHE C 492 34.01 -12.51 -8.08
CA PHE C 492 32.76 -11.77 -8.20
C PHE C 492 32.41 -11.44 -9.63
N VAL C 493 33.37 -10.87 -10.36
CA VAL C 493 33.13 -10.32 -11.70
C VAL C 493 32.80 -11.42 -12.69
N VAL C 494 33.48 -12.55 -12.51
CA VAL C 494 33.29 -13.77 -13.33
C VAL C 494 31.91 -14.41 -13.20
N THR C 495 31.49 -14.61 -11.95
CA THR C 495 30.10 -14.91 -11.64
C THR C 495 29.14 -13.91 -12.26
N VAL C 496 29.36 -12.60 -12.13
CA VAL C 496 28.36 -11.65 -12.65
C VAL C 496 28.24 -11.81 -14.14
N ILE C 497 29.39 -11.83 -14.81
CA ILE C 497 29.43 -11.84 -16.25
C ILE C 497 28.78 -13.10 -16.81
N LYS C 498 29.18 -14.25 -16.29
CA LYS C 498 28.57 -15.50 -16.64
C LYS C 498 27.05 -15.50 -16.40
N ASP C 499 26.58 -14.94 -15.28
CA ASP C 499 25.11 -14.85 -15.06
C ASP C 499 24.46 -13.93 -16.08
N LEU C 500 25.13 -12.84 -16.44
CA LEU C 500 24.53 -11.91 -17.39
C LEU C 500 24.42 -12.51 -18.78
N LEU C 501 25.46 -13.24 -19.20
CA LEU C 501 25.43 -13.93 -20.50
C LEU C 501 24.47 -15.10 -20.45
N ASP C 502 24.30 -15.67 -19.27
CA ASP C 502 23.25 -16.66 -19.09
C ASP C 502 21.85 -16.06 -19.37
N LEU C 503 21.59 -14.89 -18.81
CA LEU C 503 20.37 -14.13 -19.12
C LEU C 503 20.28 -13.70 -20.58
N THR C 504 21.41 -13.39 -21.20
CA THR C 504 21.45 -13.02 -22.60
C THR C 504 20.83 -14.10 -23.51
N VAL C 505 21.14 -15.37 -23.24
CA VAL C 505 20.58 -16.51 -23.99
C VAL C 505 19.09 -16.72 -23.72
N LYS C 506 18.69 -16.80 -22.46
CA LYS C 506 17.30 -17.15 -22.15
C LYS C 506 16.30 -16.10 -22.50
N LYS C 507 16.70 -14.82 -22.39
CA LYS C 507 15.76 -13.73 -22.52
C LYS C 507 15.87 -13.11 -23.88
N ARG C 508 15.00 -13.51 -24.80
CA ARG C 508 15.16 -13.02 -26.17
C ARG C 508 14.17 -11.91 -26.63
N GLY C 509 14.35 -11.48 -27.88
CA GLY C 509 13.60 -10.38 -28.45
C GLY C 509 14.31 -9.07 -28.20
N LYS C 510 14.04 -8.07 -29.04
CA LYS C 510 14.76 -6.80 -29.04
C LYS C 510 14.82 -6.10 -27.65
N ASP C 511 13.69 -6.01 -26.96
CA ASP C 511 13.60 -5.32 -25.67
C ASP C 511 14.45 -5.97 -24.56
N ASN C 512 14.33 -7.29 -24.37
CA ASN C 512 15.16 -8.03 -23.43
C ASN C 512 16.65 -7.98 -23.78
N LYS C 513 16.98 -8.09 -25.07
CA LYS C 513 18.39 -7.99 -25.51
C LYS C 513 19.02 -6.68 -25.15
N ALA C 514 18.33 -5.59 -25.46
CA ALA C 514 18.85 -4.26 -25.20
C ALA C 514 18.99 -3.96 -23.72
N VAL C 515 18.03 -4.44 -22.95
CA VAL C 515 18.15 -4.32 -21.51
C VAL C 515 19.40 -5.03 -20.99
N VAL C 516 19.61 -6.28 -21.39
CA VAL C 516 20.69 -7.05 -20.76
C VAL C 516 22.05 -6.57 -21.32
N ALA C 517 22.10 -6.35 -22.63
CA ALA C 517 23.26 -5.70 -23.28
C ALA C 517 23.72 -4.45 -22.56
N SER C 518 22.78 -3.56 -22.19
CA SER C 518 23.13 -2.37 -21.39
C SER C 518 23.67 -2.65 -20.01
N ASP C 519 23.20 -3.73 -19.40
CA ASP C 519 23.68 -4.09 -18.06
C ASP C 519 25.11 -4.67 -18.14
N ILE C 520 25.37 -5.51 -19.12
CA ILE C 520 26.71 -6.07 -19.32
C ILE C 520 27.70 -4.97 -19.64
N MET C 521 27.31 -4.06 -20.54
CA MET C 521 28.13 -2.93 -20.86
C MET C 521 28.50 -2.11 -19.66
N TYR C 522 27.51 -1.83 -18.83
CA TYR C 522 27.71 -0.97 -17.69
C TYR C 522 28.68 -1.57 -16.70
N VAL C 523 28.51 -2.87 -16.47
CA VAL C 523 29.39 -3.64 -15.55
C VAL C 523 30.84 -3.74 -16.05
N VAL C 524 31.00 -4.13 -17.30
CA VAL C 524 32.39 -4.31 -17.81
C VAL C 524 33.19 -3.03 -17.82
N GLY C 525 32.56 -1.93 -18.23
CA GLY C 525 33.14 -0.59 -18.20
C GLY C 525 33.50 -0.03 -16.83
N GLN C 526 32.86 -0.58 -15.80
CA GLN C 526 33.16 -0.18 -14.40
C GLN C 526 34.28 -1.03 -13.80
N TYR C 527 34.65 -2.13 -14.44
CA TYR C 527 35.67 -2.95 -13.84
C TYR C 527 37.03 -2.97 -14.61
N PRO C 528 37.60 -1.80 -14.84
CA PRO C 528 38.81 -1.87 -15.68
C PRO C 528 39.95 -2.68 -15.06
N ARG C 529 40.16 -2.58 -13.74
CA ARG C 529 41.20 -3.33 -13.05
C ARG C 529 41.23 -4.79 -13.41
N PHE C 530 40.06 -5.37 -13.50
CA PHE C 530 39.91 -6.74 -13.86
C PHE C 530 40.18 -6.97 -15.36
N LEU C 531 39.68 -6.07 -16.20
CA LEU C 531 39.91 -6.23 -17.63
C LEU C 531 41.45 -6.11 -17.85
N LYS C 532 42.15 -5.30 -17.08
CA LYS C 532 43.61 -5.15 -17.32
C LYS C 532 44.44 -6.38 -16.94
N ALA C 533 43.89 -7.26 -16.11
CA ALA C 533 44.63 -8.47 -15.75
C ALA C 533 44.30 -9.69 -16.57
N HIS C 534 43.35 -9.55 -17.51
CA HIS C 534 42.79 -10.69 -18.20
C HIS C 534 42.57 -10.31 -19.65
N TRP C 535 43.67 -10.31 -20.39
CA TRP C 535 43.70 -9.87 -21.75
C TRP C 535 42.68 -10.52 -22.64
N ASN C 536 42.55 -11.84 -22.56
CA ASN C 536 41.58 -12.60 -23.39
C ASN C 536 40.13 -12.26 -23.08
N PHE C 537 39.88 -11.97 -21.82
CA PHE C 537 38.61 -11.34 -21.45
C PHE C 537 38.48 -9.87 -22.02
N LEU C 538 39.39 -8.96 -21.69
CA LEU C 538 39.35 -7.63 -22.30
C LEU C 538 39.04 -7.72 -23.81
N ARG C 539 39.96 -8.36 -24.52
CA ARG C 539 39.80 -8.64 -25.93
C ARG C 539 38.40 -9.11 -26.32
N THR C 540 37.88 -10.12 -25.62
CA THR C 540 36.49 -10.60 -25.80
C THR C 540 35.39 -9.59 -25.52
N VAL C 541 35.62 -8.72 -24.56
CA VAL C 541 34.68 -7.65 -24.25
C VAL C 541 34.57 -6.66 -25.37
N ILE C 542 35.73 -6.26 -25.89
CA ILE C 542 35.82 -5.35 -27.02
C ILE C 542 35.12 -5.92 -28.26
N LEU C 543 35.36 -7.20 -28.53
CA LEU C 543 34.68 -7.85 -29.63
C LEU C 543 33.15 -7.94 -29.39
N LYS C 544 32.73 -8.09 -28.13
CA LYS C 544 31.29 -8.07 -27.86
C LYS C 544 30.78 -6.65 -28.12
N LEU C 545 31.56 -5.63 -27.75
CA LEU C 545 31.11 -4.28 -28.04
C LEU C 545 30.94 -4.05 -29.55
N PHE C 546 31.85 -4.60 -30.34
CA PHE C 546 31.81 -4.48 -31.80
C PHE C 546 30.53 -5.08 -32.35
N GLU C 547 30.16 -6.25 -31.86
CA GLU C 547 28.83 -6.84 -32.11
C GLU C 547 27.66 -5.95 -31.77
N PHE C 548 27.65 -5.41 -30.55
CA PHE C 548 26.64 -4.47 -30.15
C PHE C 548 26.50 -3.25 -31.08
N MET C 549 27.61 -2.87 -31.74
CA MET C 549 27.63 -1.73 -32.67
C MET C 549 26.89 -2.08 -33.95
N HIS C 550 26.58 -3.36 -34.14
CA HIS C 550 25.71 -3.80 -35.23
C HIS C 550 24.25 -4.00 -34.84
N GLU C 551 23.94 -4.02 -33.55
CA GLU C 551 22.53 -4.11 -33.13
C GLU C 551 21.67 -3.02 -33.79
N THR C 552 20.41 -3.32 -34.08
CA THR C 552 19.57 -2.27 -34.66
C THR C 552 19.12 -1.30 -33.61
N HIS C 553 19.07 -1.74 -32.36
CA HIS C 553 18.82 -0.78 -31.29
C HIS C 553 19.93 0.27 -31.21
N GLU C 554 19.51 1.52 -31.33
CA GLU C 554 20.37 2.65 -31.43
C GLU C 554 20.98 3.01 -30.10
N GLY C 555 20.26 2.72 -29.01
CA GLY C 555 20.74 2.95 -27.66
C GLY C 555 21.83 1.96 -27.32
N VAL C 556 21.72 0.75 -27.84
CA VAL C 556 22.74 -0.25 -27.62
C VAL C 556 24.05 0.15 -28.38
N GLN C 557 23.91 0.63 -29.62
CA GLN C 557 25.05 1.14 -30.40
C GLN C 557 25.74 2.29 -29.73
N ASP C 558 24.94 3.24 -29.26
CA ASP C 558 25.49 4.47 -28.67
C ASP C 558 26.27 4.12 -27.43
N MET C 559 25.67 3.28 -26.61
CA MET C 559 26.31 2.82 -25.40
C MET C 559 27.59 1.99 -25.67
N ALA C 560 27.61 1.22 -26.74
CA ALA C 560 28.78 0.35 -27.05
C ALA C 560 29.96 1.27 -27.44
N CYS C 561 29.73 2.28 -28.30
CA CYS C 561 30.75 3.34 -28.52
C CYS C 561 31.24 4.00 -27.25
N ASP C 562 30.34 4.37 -26.35
CA ASP C 562 30.76 5.10 -25.16
C ASP C 562 31.44 4.18 -24.14
N THR C 563 31.11 2.90 -24.17
CA THR C 563 31.73 1.90 -23.27
C THR C 563 33.15 1.64 -23.72
N PHE C 564 33.32 1.58 -25.03
CA PHE C 564 34.63 1.49 -25.70
C PHE C 564 35.63 2.58 -25.26
N ILE C 565 35.20 3.83 -25.39
CA ILE C 565 35.90 4.94 -24.86
C ILE C 565 36.19 4.76 -23.38
N LYS C 566 35.18 4.38 -22.59
CA LYS C 566 35.37 4.34 -21.14
C LYS C 566 36.43 3.27 -20.82
N ILE C 567 36.41 2.17 -21.54
CA ILE C 567 37.33 1.09 -21.24
C ILE C 567 38.73 1.51 -21.73
N VAL C 568 38.83 2.06 -22.94
CA VAL C 568 40.20 2.36 -23.44
C VAL C 568 40.88 3.49 -22.68
N GLN C 569 40.05 4.30 -22.01
CA GLN C 569 40.56 5.49 -21.33
C GLN C 569 41.39 4.95 -20.16
N LYS C 570 40.96 3.82 -19.63
CA LYS C 570 41.72 3.12 -18.60
C LYS C 570 42.63 2.04 -19.11
N CYS C 571 42.34 1.40 -20.23
CA CYS C 571 43.03 0.13 -20.55
C CYS C 571 43.96 0.23 -21.78
N LYS C 572 44.17 1.47 -22.25
CA LYS C 572 44.85 1.69 -23.52
C LYS C 572 46.25 1.01 -23.62
N TYR C 573 47.02 1.01 -22.52
CA TYR C 573 48.30 0.23 -22.47
C TYR C 573 48.16 -1.12 -23.20
N HIS C 574 47.03 -1.77 -22.91
CA HIS C 574 46.78 -3.12 -23.35
C HIS C 574 46.43 -3.24 -24.82
N PHE C 575 46.21 -2.12 -25.51
CA PHE C 575 45.98 -2.20 -26.94
C PHE C 575 47.26 -1.76 -27.72
N VAL C 576 48.21 -1.12 -27.05
CA VAL C 576 49.37 -0.73 -27.82
C VAL C 576 50.53 -1.70 -27.82
N ILE C 577 50.67 -2.50 -26.75
CA ILE C 577 51.63 -3.60 -26.69
C ILE C 577 51.16 -4.79 -27.50
N GLN C 578 52.10 -5.66 -27.85
CA GLN C 578 51.74 -6.95 -28.42
C GLN C 578 51.52 -7.92 -27.27
N GLN C 579 50.29 -8.41 -27.13
CA GLN C 579 49.97 -9.36 -26.03
C GLN C 579 50.57 -10.73 -26.36
N PRO C 580 50.76 -11.61 -25.35
CA PRO C 580 51.31 -12.94 -25.69
C PRO C 580 50.28 -13.67 -26.53
N ARG C 581 50.74 -14.37 -27.57
CA ARG C 581 49.82 -15.17 -28.40
C ARG C 581 49.08 -14.36 -29.45
N GLU C 582 49.50 -13.11 -29.63
CA GLU C 582 48.99 -12.29 -30.71
C GLU C 582 50.17 -11.89 -31.61
N SER C 583 49.85 -11.64 -32.88
CA SER C 583 50.84 -11.22 -33.83
C SER C 583 51.04 -9.71 -33.93
N GLU C 584 50.14 -8.92 -33.32
CA GLU C 584 50.21 -7.46 -33.44
C GLU C 584 49.58 -6.72 -32.27
N PRO C 585 49.94 -5.44 -32.06
CA PRO C 585 49.08 -4.66 -31.15
C PRO C 585 47.64 -4.71 -31.65
N PHE C 586 46.69 -4.81 -30.75
CA PHE C 586 45.25 -4.85 -31.09
C PHE C 586 44.78 -3.53 -31.75
N ILE C 587 45.44 -2.42 -31.41
CA ILE C 587 45.12 -1.17 -32.14
C ILE C 587 45.25 -1.37 -33.67
N GLN C 588 46.22 -2.17 -34.12
CA GLN C 588 46.39 -2.26 -35.57
C GLN C 588 45.25 -3.08 -36.11
N THR C 589 44.83 -4.06 -35.33
CA THR C 589 43.72 -4.89 -35.74
C THR C 589 42.43 -4.05 -35.75
N ILE C 590 42.26 -3.19 -34.76
CA ILE C 590 41.09 -2.31 -34.73
C ILE C 590 41.04 -1.37 -35.94
N ILE C 591 42.19 -0.76 -36.24
CA ILE C 591 42.29 0.20 -37.30
C ILE C 591 42.03 -0.51 -38.62
N ARG C 592 42.61 -1.70 -38.80
CA ARG C 592 42.39 -2.41 -40.05
C ARG C 592 40.90 -2.67 -40.35
N ASP C 593 40.14 -3.09 -39.32
CA ASP C 593 38.70 -3.45 -39.46
C ASP C 593 37.71 -2.30 -39.41
N ILE C 594 38.21 -1.08 -39.29
CA ILE C 594 37.34 0.06 -39.03
C ILE C 594 36.08 0.16 -39.94
N GLN C 595 36.24 -0.10 -41.23
CA GLN C 595 35.15 0.08 -42.19
C GLN C 595 33.98 -0.88 -41.84
N LYS C 596 34.36 -2.10 -41.53
CA LYS C 596 33.43 -3.14 -41.18
C LYS C 596 32.81 -2.89 -39.76
N THR C 597 33.65 -2.64 -38.75
CA THR C 597 33.15 -2.44 -37.41
C THR C 597 32.15 -1.31 -37.33
N THR C 598 32.39 -0.25 -38.07
CA THR C 598 31.53 0.92 -37.93
C THR C 598 30.48 1.05 -39.01
N ALA C 599 30.39 0.06 -39.90
CA ALA C 599 29.43 0.12 -41.04
C ALA C 599 27.98 0.45 -40.67
N ASP C 600 27.53 0.09 -39.47
CA ASP C 600 26.10 0.35 -39.09
C ASP C 600 25.96 1.51 -38.17
N LEU C 601 27.08 2.20 -37.89
CA LEU C 601 27.05 3.36 -37.00
C LEU C 601 26.60 4.60 -37.73
N GLN C 602 26.07 5.58 -37.00
CA GLN C 602 25.76 6.88 -37.54
C GLN C 602 27.04 7.72 -37.38
N PRO C 603 27.18 8.77 -38.21
CA PRO C 603 28.32 9.70 -38.15
C PRO C 603 28.80 10.02 -36.72
N GLN C 604 27.96 10.66 -35.94
CA GLN C 604 28.24 10.93 -34.55
C GLN C 604 28.88 9.71 -33.80
N GLN C 605 28.42 8.47 -34.09
CA GLN C 605 28.97 7.27 -33.40
C GLN C 605 30.27 6.81 -34.01
N VAL C 606 30.39 6.91 -35.34
CA VAL C 606 31.64 6.71 -36.05
C VAL C 606 32.73 7.62 -35.46
N HIS C 607 32.36 8.83 -35.08
CA HIS C 607 33.29 9.81 -34.55
C HIS C 607 33.81 9.43 -33.20
N THR C 608 32.90 9.02 -32.35
CA THR C 608 33.26 8.54 -31.06
C THR C 608 34.20 7.34 -31.19
N PHE C 609 34.02 6.45 -32.17
CA PHE C 609 34.93 5.30 -32.38
C PHE C 609 36.33 5.80 -32.75
N TYR C 610 36.43 6.80 -33.68
CA TYR C 610 37.77 7.32 -34.06
C TYR C 610 38.45 7.94 -32.85
N LYS C 611 37.63 8.51 -31.97
CA LYS C 611 38.14 9.24 -30.79
C LYS C 611 38.74 8.23 -29.84
N ALA C 612 38.08 7.08 -29.71
CA ALA C 612 38.62 6.03 -28.86
C ALA C 612 39.91 5.45 -29.34
N CYS C 613 40.00 5.28 -30.65
CA CYS C 613 41.23 4.86 -31.31
C CYS C 613 42.35 5.89 -31.09
N GLY C 614 42.01 7.19 -31.23
CA GLY C 614 42.87 8.31 -30.81
C GLY C 614 43.42 8.24 -29.36
N ILE C 615 42.58 7.94 -28.37
CA ILE C 615 43.04 7.68 -26.98
C ILE C 615 44.10 6.57 -26.89
N ILE C 616 43.91 5.50 -27.66
CA ILE C 616 44.86 4.36 -27.66
C ILE C 616 46.22 4.77 -28.25
N ILE C 617 46.18 5.30 -29.47
CA ILE C 617 47.37 5.82 -30.15
C ILE C 617 48.25 6.74 -29.32
N SER C 618 47.68 7.74 -28.67
CA SER C 618 48.48 8.56 -27.82
C SER C 618 49.15 7.76 -26.69
N GLU C 619 48.84 6.49 -26.55
CA GLU C 619 49.55 5.68 -25.55
C GLU C 619 50.93 5.21 -26.13
N GLU C 620 51.06 5.13 -27.45
CA GLU C 620 52.31 4.73 -28.09
C GLU C 620 53.35 5.86 -27.96
N ARG C 621 54.44 5.63 -27.24
CA ARG C 621 55.25 6.78 -26.84
C ARG C 621 56.46 7.07 -27.82
N SER C 622 56.75 6.12 -28.71
CA SER C 622 57.59 6.29 -29.91
C SER C 622 56.86 7.16 -30.99
N VAL C 623 57.46 8.31 -31.30
CA VAL C 623 56.83 9.34 -32.13
C VAL C 623 56.47 8.80 -33.52
N ALA C 624 57.44 8.10 -34.10
CA ALA C 624 57.37 7.56 -35.44
C ALA C 624 56.31 6.47 -35.55
N GLU C 625 56.22 5.61 -34.54
CA GLU C 625 55.24 4.55 -34.57
C GLU C 625 53.87 5.22 -34.29
N ARG C 626 53.82 6.15 -33.35
CA ARG C 626 52.61 6.94 -33.13
C ARG C 626 52.07 7.67 -34.36
N ASN C 627 52.95 8.31 -35.15
CA ASN C 627 52.53 9.07 -36.34
C ASN C 627 52.08 8.15 -37.48
N ARG C 628 52.65 6.96 -37.49
CA ARG C 628 52.25 5.92 -38.38
C ARG C 628 50.87 5.28 -38.03
N LEU C 629 50.61 5.06 -36.75
CA LEU C 629 49.25 4.62 -36.28
C LEU C 629 48.18 5.66 -36.64
N LEU C 630 48.50 6.93 -36.46
CA LEU C 630 47.55 8.02 -36.78
C LEU C 630 47.22 8.09 -38.27
N SER C 631 48.27 8.10 -39.05
CA SER C 631 48.19 8.02 -40.49
C SER C 631 47.25 6.91 -40.92
N ASP C 632 47.53 5.74 -40.37
CA ASP C 632 46.76 4.55 -40.61
C ASP C 632 45.28 4.68 -40.16
N LEU C 633 45.05 5.23 -38.97
CA LEU C 633 43.66 5.52 -38.47
C LEU C 633 42.86 6.47 -39.36
N MET C 634 43.57 7.49 -39.82
CA MET C 634 43.03 8.54 -40.68
C MET C 634 42.96 8.17 -42.17
N GLN C 635 43.29 6.94 -42.52
CA GLN C 635 43.26 6.45 -43.91
C GLN C 635 41.93 6.69 -44.67
N LEU C 636 40.80 6.30 -44.09
CA LEU C 636 39.48 6.54 -44.74
C LEU C 636 39.01 7.97 -44.82
N PRO C 637 39.06 8.73 -43.70
CA PRO C 637 38.81 10.17 -43.93
C PRO C 637 39.87 10.86 -44.83
N ASN C 638 41.15 10.52 -44.72
CA ASN C 638 42.08 11.20 -45.66
C ASN C 638 41.77 10.80 -47.11
N MET C 639 41.52 9.52 -47.35
CA MET C 639 41.09 9.06 -48.67
C MET C 639 39.92 9.92 -49.19
N ALA C 640 38.82 9.98 -48.42
CA ALA C 640 37.66 10.78 -48.78
C ALA C 640 38.03 12.27 -48.93
N TRP C 641 38.99 12.72 -48.14
CA TRP C 641 39.31 14.13 -48.17
C TRP C 641 40.09 14.46 -49.42
N ASP C 642 41.02 13.60 -49.83
CA ASP C 642 41.83 13.92 -51.02
C ASP C 642 40.95 13.98 -52.27
N THR C 643 40.05 13.01 -52.38
CA THR C 643 39.08 12.91 -53.47
C THR C 643 38.21 14.15 -53.57
N ILE C 644 37.63 14.54 -52.45
CA ILE C 644 36.70 15.65 -52.45
C ILE C 644 37.43 17.00 -52.66
N VAL C 645 38.70 17.07 -52.31
CA VAL C 645 39.46 18.31 -52.55
C VAL C 645 39.81 18.40 -54.05
N GLU C 646 40.32 17.31 -54.61
CA GLU C 646 40.58 17.22 -56.03
C GLU C 646 39.37 17.63 -56.83
N GLN C 647 38.22 17.05 -56.47
CA GLN C 647 36.99 17.20 -57.23
C GLN C 647 36.43 18.59 -57.11
N SER C 648 36.37 19.13 -55.89
CA SER C 648 35.72 20.43 -55.69
C SER C 648 36.60 21.60 -56.14
N THR C 649 37.91 21.39 -56.15
CA THR C 649 38.87 22.35 -56.71
C THR C 649 38.60 22.46 -58.25
N ALA C 650 38.59 21.33 -58.95
CA ALA C 650 38.20 21.23 -60.37
C ALA C 650 36.80 21.80 -60.66
N ASN C 651 35.91 21.66 -59.68
CA ASN C 651 34.54 22.02 -59.89
C ASN C 651 33.91 22.61 -58.64
N PRO C 652 34.15 23.91 -58.41
CA PRO C 652 33.74 24.50 -57.14
C PRO C 652 32.24 24.36 -56.87
N THR C 653 31.47 23.97 -57.88
CA THR C 653 29.98 23.96 -57.72
C THR C 653 29.52 22.76 -56.91
N LEU C 654 30.34 21.72 -56.83
CA LEU C 654 30.12 20.63 -55.90
C LEU C 654 29.89 21.08 -54.48
N LEU C 655 30.36 22.27 -54.11
CA LEU C 655 30.31 22.74 -52.71
C LEU C 655 28.89 23.18 -52.41
N LEU C 656 28.08 23.18 -53.46
CA LEU C 656 26.68 23.55 -53.37
C LEU C 656 25.77 22.30 -53.17
N ASP C 657 26.26 21.11 -53.55
CA ASP C 657 25.51 19.88 -53.38
C ASP C 657 25.60 19.46 -51.91
N SER C 658 24.45 19.50 -51.24
CA SER C 658 24.29 19.17 -49.81
C SER C 658 24.95 17.86 -49.36
N GLU C 659 25.09 16.94 -50.30
CA GLU C 659 25.76 15.65 -50.14
C GLU C 659 27.28 15.81 -50.12
N THR C 660 27.77 16.84 -50.80
CA THR C 660 29.17 17.18 -50.72
C THR C 660 29.45 17.84 -49.37
N VAL C 661 28.53 18.69 -48.93
CA VAL C 661 28.63 19.35 -47.62
C VAL C 661 28.59 18.40 -46.42
N LYS C 662 27.89 17.27 -46.58
CA LYS C 662 27.79 16.33 -45.48
C LYS C 662 29.09 15.57 -45.42
N ILE C 663 29.59 15.17 -46.58
CA ILE C 663 30.87 14.45 -46.71
C ILE C 663 31.97 15.21 -45.99
N ILE C 664 32.07 16.52 -46.28
CA ILE C 664 33.11 17.38 -45.77
C ILE C 664 32.97 17.63 -44.30
N ALA C 665 31.75 17.96 -43.83
CA ALA C 665 31.54 18.20 -42.41
C ALA C 665 31.96 17.03 -41.56
N ASN C 666 31.67 15.81 -42.00
CA ASN C 666 31.92 14.60 -41.24
C ASN C 666 33.41 14.13 -41.26
N ILE C 667 34.08 14.29 -42.41
CA ILE C 667 35.55 14.24 -42.48
C ILE C 667 36.13 15.19 -41.46
N ILE C 668 35.66 16.42 -41.44
CA ILE C 668 36.28 17.37 -40.55
C ILE C 668 36.01 17.05 -39.07
N LYS C 669 34.78 16.62 -38.76
CA LYS C 669 34.40 16.23 -37.40
C LYS C 669 35.06 14.91 -36.96
N THR C 670 35.39 14.04 -37.90
CA THR C 670 36.24 12.87 -37.57
C THR C 670 37.62 13.35 -37.11
N ASN C 671 38.13 14.35 -37.82
CA ASN C 671 39.42 14.95 -37.44
C ASN C 671 39.33 15.59 -36.09
N VAL C 672 38.22 16.30 -35.82
CA VAL C 672 37.93 16.92 -34.50
C VAL C 672 37.86 15.90 -33.35
N ALA C 673 37.29 14.76 -33.63
CA ALA C 673 37.20 13.71 -32.61
C ALA C 673 38.57 13.16 -32.23
N VAL C 674 39.34 12.78 -33.25
CA VAL C 674 40.71 12.28 -33.00
C VAL C 674 41.58 13.35 -32.33
N CYS C 675 41.47 14.60 -32.80
CA CYS C 675 42.21 15.68 -32.19
C CYS C 675 41.88 15.90 -30.71
N THR C 676 40.62 15.65 -30.37
CA THR C 676 40.14 15.81 -29.01
C THR C 676 40.80 14.85 -28.04
N SER C 677 41.02 13.58 -28.42
CA SER C 677 41.77 12.75 -27.47
C SER C 677 43.27 12.86 -27.72
N MET C 678 43.69 13.09 -28.97
CA MET C 678 45.14 13.21 -29.22
C MET C 678 45.82 14.50 -28.84
N GLY C 679 45.13 15.64 -28.97
CA GLY C 679 45.70 16.93 -28.53
C GLY C 679 46.99 17.21 -29.31
N ALA C 680 48.05 17.53 -28.58
CA ALA C 680 49.40 17.80 -29.10
C ALA C 680 49.90 16.76 -30.09
N ASP C 681 49.59 15.48 -29.89
CA ASP C 681 50.06 14.53 -30.83
C ASP C 681 49.24 14.53 -32.12
N PHE C 682 48.09 15.21 -32.18
CA PHE C 682 47.36 15.36 -33.48
C PHE C 682 48.10 16.14 -34.59
N TYR C 683 48.98 17.06 -34.21
CA TYR C 683 49.72 17.88 -35.23
C TYR C 683 50.10 17.27 -36.60
N PRO C 684 50.72 16.06 -36.66
CA PRO C 684 51.04 15.50 -38.00
C PRO C 684 49.84 15.41 -38.97
N GLN C 685 48.68 14.97 -38.44
CA GLN C 685 47.45 14.86 -39.21
C GLN C 685 46.87 16.23 -39.47
N LEU C 686 47.02 17.15 -38.54
CA LEU C 686 46.58 18.50 -38.85
C LEU C 686 47.41 19.06 -40.00
N GLY C 687 48.75 18.83 -39.98
CA GLY C 687 49.62 19.38 -41.01
C GLY C 687 49.30 18.76 -42.36
N HIS C 688 48.86 17.51 -42.29
CA HIS C 688 48.61 16.76 -43.49
C HIS C 688 47.45 17.35 -44.28
N ILE C 689 46.52 18.03 -43.61
CA ILE C 689 45.37 18.50 -44.30
C ILE C 689 45.33 20.02 -44.34
N TYR C 690 46.31 20.68 -43.69
CA TYR C 690 46.14 22.08 -43.30
C TYR C 690 46.09 23.00 -44.44
N TYR C 691 47.01 22.81 -45.37
CA TYR C 691 46.99 23.65 -46.54
C TYR C 691 45.70 23.52 -47.38
N ASN C 692 45.33 22.32 -47.79
CA ASN C 692 44.07 22.20 -48.60
C ASN C 692 42.82 22.61 -47.79
N MET C 693 42.88 22.52 -46.46
CA MET C 693 41.74 22.92 -45.64
C MET C 693 41.50 24.40 -45.63
N LEU C 694 42.58 25.17 -45.65
CA LEU C 694 42.36 26.59 -45.62
C LEU C 694 42.02 27.16 -46.99
N GLN C 695 42.36 26.44 -48.06
CA GLN C 695 42.00 26.77 -49.41
C GLN C 695 40.50 26.52 -49.53
N LEU C 696 40.06 25.38 -48.99
CA LEU C 696 38.68 25.01 -48.90
C LEU C 696 37.92 26.11 -48.19
N TYR C 697 38.43 26.58 -47.05
CA TYR C 697 37.85 27.70 -46.38
C TYR C 697 37.73 28.90 -47.34
N ARG C 698 38.80 29.21 -48.08
CA ARG C 698 38.80 30.39 -48.96
C ARG C 698 37.80 30.15 -50.11
N ALA C 699 37.81 28.93 -50.68
CA ALA C 699 36.91 28.66 -51.80
C ALA C 699 35.43 28.79 -51.33
N VAL C 700 35.12 28.18 -50.18
CA VAL C 700 33.76 28.21 -49.65
C VAL C 700 33.31 29.62 -49.45
N SER C 701 34.24 30.43 -48.94
CA SER C 701 33.98 31.84 -48.68
C SER C 701 33.52 32.64 -49.92
N SER C 702 34.01 32.26 -51.09
CA SER C 702 33.67 33.01 -52.30
C SER C 702 32.47 32.35 -52.98
N MET C 703 32.29 31.04 -52.81
CA MET C 703 30.99 30.45 -53.11
C MET C 703 29.93 31.31 -52.42
N ILE C 704 30.04 31.47 -51.10
CA ILE C 704 29.11 32.34 -50.35
C ILE C 704 28.93 33.70 -50.95
N SER C 705 30.04 34.24 -51.44
CA SER C 705 30.07 35.59 -52.00
C SER C 705 29.42 35.66 -53.39
N ALA C 706 29.37 34.51 -54.08
CA ALA C 706 28.69 34.38 -55.37
C ALA C 706 27.16 34.31 -55.20
N GLN C 707 26.72 33.64 -54.13
CA GLN C 707 25.30 33.56 -53.80
C GLN C 707 24.79 34.84 -53.13
N VAL C 708 25.68 35.66 -52.58
CA VAL C 708 25.23 36.91 -51.92
C VAL C 708 25.02 38.01 -52.93
N ALA C 709 25.83 37.99 -53.99
CA ALA C 709 25.72 38.96 -55.08
C ALA C 709 24.46 38.68 -55.90
N ALA C 710 24.30 37.42 -56.29
CA ALA C 710 23.19 36.93 -57.13
C ALA C 710 21.79 36.96 -56.47
N GLU C 711 21.74 37.04 -55.13
CA GLU C 711 20.47 36.93 -54.43
C GLU C 711 20.23 37.86 -53.24
N GLY C 712 21.18 38.77 -52.95
CA GLY C 712 21.07 39.73 -51.82
C GLY C 712 21.06 39.10 -50.42
N LEU C 713 20.68 39.88 -49.40
CA LEU C 713 20.72 39.42 -47.99
C LEU C 713 20.07 38.07 -47.76
N ILE C 714 18.85 37.89 -48.28
CA ILE C 714 18.11 36.62 -48.06
C ILE C 714 18.90 35.39 -48.48
N ALA C 715 19.97 35.62 -49.25
CA ALA C 715 20.91 34.52 -49.58
C ALA C 715 21.35 33.71 -48.34
N THR C 716 21.57 34.42 -47.23
CA THR C 716 22.06 33.84 -45.99
C THR C 716 21.12 32.79 -45.41
N LYS C 717 19.87 32.78 -45.89
CA LYS C 717 18.82 31.93 -45.30
C LYS C 717 18.60 30.61 -46.02
N THR C 718 19.22 30.50 -47.19
CA THR C 718 19.05 29.35 -48.08
C THR C 718 19.95 28.18 -47.66
N PRO C 719 19.49 26.91 -47.86
CA PRO C 719 20.25 25.73 -47.44
C PRO C 719 21.58 25.54 -48.16
N LYS C 720 21.81 26.29 -49.23
CA LYS C 720 23.07 26.28 -49.99
C LYS C 720 24.15 26.97 -49.15
N VAL C 721 23.87 28.22 -48.79
CA VAL C 721 24.74 29.02 -47.98
C VAL C 721 24.93 28.48 -46.56
N ARG C 722 23.85 28.02 -45.94
CA ARG C 722 23.95 27.42 -44.63
C ARG C 722 24.85 26.19 -44.67
N GLY C 723 24.82 25.45 -45.78
CA GLY C 723 25.76 24.34 -46.00
C GLY C 723 27.22 24.80 -46.12
N LEU C 724 27.42 25.87 -46.88
CA LEU C 724 28.71 26.50 -47.03
C LEU C 724 29.24 27.00 -45.68
N ARG C 725 28.40 27.67 -44.89
CA ARG C 725 28.85 28.21 -43.60
C ARG C 725 29.23 27.16 -42.56
N THR C 726 28.65 25.97 -42.70
CA THR C 726 28.97 24.79 -41.90
C THR C 726 30.37 24.25 -42.15
N ILE C 727 30.81 24.18 -43.41
CA ILE C 727 32.20 23.86 -43.69
C ILE C 727 33.11 24.82 -42.96
N LYS C 728 32.80 26.12 -43.01
CA LYS C 728 33.62 27.10 -42.35
C LYS C 728 33.63 27.01 -40.82
N LYS C 729 32.46 26.79 -40.19
CA LYS C 729 32.40 26.61 -38.74
C LYS C 729 33.14 25.35 -38.31
N GLU C 730 33.02 24.28 -39.08
CA GLU C 730 33.65 23.01 -38.72
C GLU C 730 35.19 23.11 -38.83
N ILE C 731 35.68 23.82 -39.86
CA ILE C 731 37.13 24.04 -40.03
C ILE C 731 37.64 24.81 -38.84
N LEU C 732 36.92 25.86 -38.46
CA LEU C 732 37.30 26.68 -37.30
C LEU C 732 37.31 25.93 -35.95
N LYS C 733 36.36 25.00 -35.76
CA LYS C 733 36.37 24.14 -34.56
C LYS C 733 37.59 23.25 -34.57
N LEU C 734 37.94 22.72 -35.72
CA LEU C 734 39.12 21.83 -35.80
C LEU C 734 40.35 22.62 -35.37
N VAL C 735 40.49 23.84 -35.91
CA VAL C 735 41.61 24.70 -35.60
C VAL C 735 41.64 25.15 -34.10
N GLU C 736 40.51 25.56 -33.54
CA GLU C 736 40.36 25.81 -32.12
C GLU C 736 40.73 24.59 -31.23
N THR C 737 40.24 23.41 -31.58
CA THR C 737 40.50 22.18 -30.79
C THR C 737 42.00 21.95 -30.73
N TYR C 738 42.67 21.99 -31.87
CA TYR C 738 44.13 21.79 -31.89
C TYR C 738 44.92 22.83 -31.11
N ILE C 739 44.69 24.11 -31.37
CA ILE C 739 45.44 25.15 -30.77
C ILE C 739 45.27 25.18 -29.26
N SER C 740 44.05 24.91 -28.80
CA SER C 740 43.74 24.83 -27.41
C SER C 740 44.49 23.70 -26.70
N LYS C 741 44.87 22.66 -27.40
CA LYS C 741 45.61 21.59 -26.71
C LYS C 741 47.08 21.53 -27.12
N ALA C 742 47.52 22.42 -28.00
CA ALA C 742 48.92 22.37 -28.50
C ALA C 742 49.98 22.51 -27.38
N ARG C 743 51.14 21.87 -27.58
CA ARG C 743 52.26 22.01 -26.67
C ARG C 743 53.40 22.72 -27.36
N ASN C 744 53.57 22.46 -28.65
CA ASN C 744 54.61 23.13 -29.43
C ASN C 744 54.08 24.44 -30.01
N LEU C 745 54.31 25.55 -29.32
CA LEU C 745 53.70 26.84 -29.67
C LEU C 745 54.47 27.62 -30.69
N ASP C 746 55.76 27.34 -30.79
CA ASP C 746 56.52 27.86 -31.91
C ASP C 746 55.89 27.45 -33.21
N ASP C 747 55.47 26.17 -33.31
CA ASP C 747 54.83 25.68 -34.55
C ASP C 747 53.49 26.33 -34.83
N VAL C 748 52.78 26.67 -33.76
CA VAL C 748 51.52 27.30 -33.90
C VAL C 748 51.75 28.69 -34.50
N VAL C 749 52.67 29.45 -33.89
CA VAL C 749 53.00 30.81 -34.26
C VAL C 749 53.68 30.82 -35.66
N LYS C 750 54.65 29.94 -35.93
CA LYS C 750 55.44 30.06 -37.19
C LYS C 750 54.85 29.34 -38.40
N VAL C 751 53.98 28.35 -38.16
CA VAL C 751 53.40 27.54 -39.25
C VAL C 751 51.90 27.81 -39.42
N LEU C 752 51.15 27.89 -38.30
CA LEU C 752 49.68 27.82 -38.36
C LEU C 752 48.97 29.15 -38.42
N VAL C 753 49.49 30.09 -37.66
CA VAL C 753 48.74 31.27 -37.35
C VAL C 753 48.49 32.22 -38.53
N GLU C 754 49.53 32.51 -39.29
CA GLU C 754 49.43 33.52 -40.34
C GLU C 754 48.51 33.06 -41.47
N PRO C 755 48.70 31.82 -41.94
CA PRO C 755 47.74 31.38 -42.94
C PRO C 755 46.31 31.37 -42.40
N LEU C 756 46.14 31.11 -41.10
CA LEU C 756 44.83 31.15 -40.51
C LEU C 756 44.25 32.54 -40.61
N LEU C 757 44.87 33.52 -39.95
CA LEU C 757 44.43 34.92 -39.95
C LEU C 757 44.15 35.39 -41.35
N ASN C 758 45.06 35.04 -42.24
CA ASN C 758 44.94 35.32 -43.66
C ASN C 758 43.68 34.82 -44.33
N ALA C 759 43.35 33.56 -44.05
CA ALA C 759 42.17 32.96 -44.60
C ALA C 759 40.88 33.48 -43.90
N VAL C 760 41.00 34.02 -42.70
CA VAL C 760 39.79 34.26 -41.85
C VAL C 760 39.32 35.69 -41.61
N LEU C 761 40.26 36.61 -41.45
CA LEU C 761 39.99 37.95 -40.90
C LEU C 761 39.36 38.96 -41.83
N GLU C 762 39.79 38.98 -43.10
CA GLU C 762 39.26 39.92 -44.04
C GLU C 762 37.92 39.40 -44.48
N ASP C 763 37.84 38.08 -44.65
CA ASP C 763 36.57 37.47 -45.00
C ASP C 763 35.47 37.86 -44.01
N TYR C 764 35.80 37.91 -42.73
CA TYR C 764 34.80 38.24 -41.72
C TYR C 764 34.55 39.76 -41.70
N MET C 765 35.62 40.55 -41.69
CA MET C 765 35.49 42.02 -41.72
C MET C 765 34.66 42.57 -42.89
N ASN C 766 34.79 41.94 -44.06
CA ASN C 766 34.19 42.46 -45.31
C ASN C 766 32.88 41.82 -45.71
N ASN C 767 32.56 40.70 -45.11
CA ASN C 767 31.27 40.09 -45.31
C ASN C 767 30.16 41.00 -44.83
N VAL C 768 28.96 40.72 -45.30
CA VAL C 768 27.75 41.37 -44.77
C VAL C 768 27.49 40.86 -43.35
N PRO C 769 27.04 41.75 -42.44
CA PRO C 769 26.71 41.35 -41.08
C PRO C 769 26.17 39.93 -40.96
N ASP C 770 25.20 39.58 -41.80
CA ASP C 770 24.44 38.33 -41.67
C ASP C 770 25.17 37.11 -42.11
N ALA C 771 26.36 37.29 -42.67
CA ALA C 771 27.17 36.15 -43.13
C ALA C 771 28.48 36.00 -42.33
N ARG C 772 28.66 36.84 -41.32
CA ARG C 772 29.77 36.67 -40.41
C ARG C 772 29.49 35.58 -39.38
N ASP C 773 30.42 34.64 -39.26
CA ASP C 773 30.24 33.55 -38.28
C ASP C 773 30.86 33.91 -36.94
N ALA C 774 30.04 33.90 -35.91
CA ALA C 774 30.47 34.03 -34.52
C ALA C 774 31.64 33.09 -34.16
N GLU C 775 31.76 31.94 -34.82
CA GLU C 775 32.90 31.01 -34.58
C GLU C 775 34.29 31.60 -34.91
N VAL C 776 34.34 32.57 -35.80
CA VAL C 776 35.57 33.30 -36.05
C VAL C 776 36.07 33.95 -34.77
N LEU C 777 35.16 34.59 -34.05
CA LEU C 777 35.47 35.23 -32.75
C LEU C 777 35.91 34.25 -31.71
N ASN C 778 35.16 33.16 -31.62
CA ASN C 778 35.53 32.08 -30.73
C ASN C 778 36.93 31.53 -31.05
N CYS C 779 37.25 31.32 -32.32
CA CYS C 779 38.57 30.77 -32.73
C CYS C 779 39.71 31.73 -32.36
N MET C 780 39.53 33.00 -32.67
CA MET C 780 40.44 34.05 -32.27
C MET C 780 40.69 34.14 -30.79
N THR C 781 39.62 34.00 -30.01
CA THR C 781 39.75 33.91 -28.58
C THR C 781 40.74 32.84 -28.15
N THR C 782 40.69 31.66 -28.76
CA THR C 782 41.60 30.56 -28.41
C THR C 782 43.01 30.91 -28.88
N VAL C 783 43.11 31.57 -30.02
CA VAL C 783 44.42 31.96 -30.55
C VAL C 783 45.12 32.91 -29.53
N VAL C 784 44.30 33.77 -28.96
CA VAL C 784 44.82 34.78 -28.07
C VAL C 784 45.16 34.20 -26.71
N GLU C 785 44.25 33.40 -26.16
CA GLU C 785 44.48 32.71 -24.89
C GLU C 785 45.79 31.92 -25.02
N LYS C 786 45.98 31.21 -26.13
CA LYS C 786 47.09 30.27 -26.23
C LYS C 786 48.44 30.89 -26.62
N VAL C 787 48.48 31.80 -27.56
CA VAL C 787 49.77 32.21 -28.09
C VAL C 787 49.87 33.71 -28.18
N GLY C 788 48.88 34.42 -27.64
CA GLY C 788 48.82 35.88 -27.85
C GLY C 788 50.11 36.63 -27.48
N HIS C 789 50.74 36.23 -26.36
CA HIS C 789 52.00 36.79 -25.85
C HIS C 789 53.06 36.79 -26.93
N MET C 790 53.11 35.70 -27.69
CA MET C 790 54.09 35.50 -28.72
C MET C 790 53.80 36.28 -30.00
N ILE C 791 52.62 36.89 -30.13
CA ILE C 791 52.26 37.62 -31.37
C ILE C 791 51.56 38.98 -31.21
N PRO C 792 52.22 39.94 -30.52
CA PRO C 792 51.67 41.28 -30.30
C PRO C 792 50.91 41.82 -31.51
N GLN C 793 51.50 41.66 -32.67
CA GLN C 793 51.07 42.33 -33.87
C GLN C 793 49.96 41.58 -34.50
N GLY C 794 49.95 40.26 -34.31
CA GLY C 794 48.82 39.42 -34.71
C GLY C 794 47.55 39.80 -33.95
N VAL C 795 47.68 40.06 -32.65
CA VAL C 795 46.53 40.47 -31.83
C VAL C 795 46.04 41.81 -32.31
N ILE C 796 46.97 42.69 -32.70
CA ILE C 796 46.52 44.02 -33.11
C ILE C 796 45.64 43.87 -34.34
N LEU C 797 46.08 42.99 -35.24
CA LEU C 797 45.41 42.68 -36.47
C LEU C 797 44.04 42.06 -36.24
N ILE C 798 43.94 41.18 -35.23
CA ILE C 798 42.63 40.58 -34.89
C ILE C 798 41.70 41.66 -34.38
N LEU C 799 42.16 42.40 -33.37
CA LEU C 799 41.39 43.52 -32.78
C LEU C 799 40.84 44.42 -33.90
N GLN C 800 41.75 44.87 -34.77
CA GLN C 800 41.37 45.70 -35.91
C GLN C 800 40.40 45.06 -36.85
N SER C 801 40.46 43.75 -37.04
CA SER C 801 39.62 43.16 -38.07
C SER C 801 38.18 42.86 -37.63
N VAL C 802 37.95 42.82 -36.32
CA VAL C 802 36.68 42.35 -35.81
C VAL C 802 35.99 43.36 -34.93
N PHE C 803 36.77 44.27 -34.35
CA PHE C 803 36.28 45.12 -33.29
C PHE C 803 35.12 45.98 -33.78
N GLU C 804 35.40 46.93 -34.67
CA GLU C 804 34.39 47.95 -34.95
C GLU C 804 33.22 47.37 -35.70
N CYS C 805 33.50 46.40 -36.56
CA CYS C 805 32.47 45.85 -37.42
C CYS C 805 31.52 44.92 -36.62
N THR C 806 32.08 44.18 -35.65
CA THR C 806 31.25 43.38 -34.74
C THR C 806 30.49 44.26 -33.78
N LEU C 807 31.14 45.33 -33.33
CA LEU C 807 30.50 46.26 -32.42
C LEU C 807 29.28 46.90 -33.09
N ASP C 808 29.31 46.99 -34.41
CA ASP C 808 28.25 47.65 -35.18
C ASP C 808 27.00 46.78 -35.31
N MET C 809 27.21 45.46 -35.26
CA MET C 809 26.12 44.51 -35.18
C MET C 809 25.39 44.48 -33.84
N ILE C 810 26.01 44.97 -32.77
CA ILE C 810 25.52 44.68 -31.41
C ILE C 810 25.24 45.91 -30.52
N ASN C 811 25.41 47.09 -31.07
CA ASN C 811 25.24 48.33 -30.34
C ASN C 811 23.92 49.04 -30.61
N LYS C 812 22.98 48.37 -31.27
CA LYS C 812 21.69 48.99 -31.61
C LYS C 812 20.63 48.63 -30.59
N ASP C 813 20.75 47.42 -30.08
CA ASP C 813 19.82 46.84 -29.13
C ASP C 813 20.59 45.71 -28.42
N PHE C 814 19.85 44.93 -27.63
CA PHE C 814 20.43 43.93 -26.75
C PHE C 814 20.21 42.48 -27.23
N THR C 815 19.60 42.30 -28.40
CA THR C 815 19.09 40.98 -28.79
C THR C 815 19.54 40.55 -30.18
N GLU C 816 19.88 41.50 -31.02
CA GLU C 816 20.40 41.12 -32.30
C GLU C 816 21.77 40.45 -32.16
N TYR C 817 21.98 39.43 -33.00
CA TYR C 817 23.22 38.64 -33.08
C TYR C 817 23.73 38.19 -31.73
N PRO C 818 22.88 37.48 -30.96
CA PRO C 818 23.26 37.11 -29.61
C PRO C 818 24.52 36.22 -29.53
N GLU C 819 24.80 35.43 -30.55
CA GLU C 819 26.01 34.57 -30.47
C GLU C 819 27.23 35.45 -30.66
N HIS C 820 27.16 36.35 -31.64
CA HIS C 820 28.24 37.31 -31.93
C HIS C 820 28.59 38.11 -30.71
N ARG C 821 27.53 38.58 -30.03
CA ARG C 821 27.60 39.41 -28.83
C ARG C 821 28.39 38.76 -27.68
N VAL C 822 28.06 37.50 -27.41
CA VAL C 822 28.68 36.70 -26.39
C VAL C 822 30.17 36.44 -26.69
N GLU C 823 30.45 36.08 -27.94
CA GLU C 823 31.80 35.79 -28.41
C GLU C 823 32.70 37.02 -28.42
N PHE C 824 32.11 38.16 -28.73
CA PHE C 824 32.78 39.43 -28.83
C PHE C 824 33.38 39.83 -27.50
N TYR C 825 32.55 39.82 -26.48
CA TYR C 825 33.00 40.18 -25.14
C TYR C 825 33.93 39.14 -24.53
N LYS C 826 33.83 37.89 -24.95
CA LYS C 826 34.82 36.90 -24.48
C LYS C 826 36.16 37.21 -25.14
N LEU C 827 36.12 37.54 -26.42
CA LEU C 827 37.31 37.95 -27.10
C LEU C 827 37.92 39.23 -26.49
N LEU C 828 37.07 40.20 -26.14
CA LEU C 828 37.61 41.44 -25.61
C LEU C 828 38.26 41.11 -24.29
N LYS C 829 37.60 40.25 -23.52
CA LYS C 829 38.07 39.89 -22.19
C LYS C 829 39.46 39.28 -22.23
N VAL C 830 39.70 38.34 -23.16
CA VAL C 830 41.03 37.69 -23.27
C VAL C 830 42.15 38.63 -23.79
N ILE C 831 41.82 39.49 -24.74
CA ILE C 831 42.81 40.44 -25.27
C ILE C 831 43.19 41.37 -24.14
N ASN C 832 42.18 41.82 -23.40
CA ASN C 832 42.43 42.73 -22.31
C ASN C 832 43.31 42.09 -21.22
N GLU C 833 43.27 40.78 -21.14
CA GLU C 833 44.05 40.04 -20.13
C GLU C 833 45.46 39.67 -20.58
N LYS C 834 45.61 39.24 -21.83
CA LYS C 834 46.84 38.61 -22.32
C LYS C 834 47.68 39.53 -23.17
N SER C 835 47.06 40.60 -23.62
CA SER C 835 47.73 41.48 -24.53
C SER C 835 47.13 42.88 -24.47
N PHE C 836 47.14 43.50 -23.28
CA PHE C 836 46.58 44.84 -23.08
C PHE C 836 47.16 45.86 -24.05
N ALA C 837 48.41 45.64 -24.45
CA ALA C 837 49.09 46.58 -25.34
C ALA C 837 48.32 46.83 -26.64
N ALA C 838 47.45 45.91 -27.03
CA ALA C 838 46.67 46.11 -28.25
C ALA C 838 45.66 47.24 -28.08
N PHE C 839 45.15 47.43 -26.87
CA PHE C 839 44.25 48.57 -26.64
C PHE C 839 45.03 49.87 -26.52
N LEU C 840 46.24 49.78 -25.98
CA LEU C 840 47.12 50.95 -25.89
C LEU C 840 47.47 51.51 -27.26
N GLU C 841 47.35 50.68 -28.29
CA GLU C 841 47.69 51.09 -29.64
C GLU C 841 46.49 51.54 -30.45
N LEU C 842 45.29 51.42 -29.91
CA LEU C 842 44.12 51.94 -30.62
C LEU C 842 44.24 53.46 -30.72
N PRO C 843 43.88 54.04 -31.87
CA PRO C 843 43.78 55.52 -31.80
C PRO C 843 42.78 55.89 -30.70
N PRO C 844 42.80 57.15 -30.21
CA PRO C 844 41.91 57.47 -29.08
C PRO C 844 40.40 57.37 -29.38
N ALA C 845 40.01 57.52 -30.65
CA ALA C 845 38.59 57.40 -31.00
C ALA C 845 38.11 55.96 -30.77
N ALA C 846 38.99 55.01 -31.06
CA ALA C 846 38.63 53.59 -30.94
C ALA C 846 38.76 53.13 -29.48
N PHE C 847 39.73 53.66 -28.73
CA PHE C 847 39.78 53.33 -27.32
C PHE C 847 38.50 53.74 -26.59
N LYS C 848 37.86 54.82 -27.07
CA LYS C 848 36.59 55.28 -26.53
C LYS C 848 35.48 54.33 -26.95
N LEU C 849 35.49 53.88 -28.19
CA LEU C 849 34.63 52.78 -28.56
C LEU C 849 34.76 51.58 -27.58
N PHE C 850 36.00 51.25 -27.16
CA PHE C 850 36.27 50.16 -26.19
C PHE C 850 35.52 50.37 -24.87
N VAL C 851 35.62 51.57 -24.29
CA VAL C 851 34.96 51.92 -23.02
C VAL C 851 33.44 51.81 -23.17
N ASP C 852 32.93 52.35 -24.28
CA ASP C 852 31.50 52.39 -24.54
C ASP C 852 30.92 50.99 -24.65
N ALA C 853 31.66 50.11 -25.34
CA ALA C 853 31.28 48.69 -25.47
C ALA C 853 31.21 48.00 -24.12
N ILE C 854 32.17 48.31 -23.26
CA ILE C 854 32.12 47.88 -21.87
C ILE C 854 30.88 48.36 -21.11
N CYS C 855 30.52 49.65 -21.22
CA CYS C 855 29.44 50.18 -20.37
C CYS C 855 28.10 49.66 -20.89
N TRP C 856 28.03 49.47 -22.21
CA TRP C 856 26.96 48.75 -22.91
C TRP C 856 26.82 47.30 -22.40
N ALA C 857 27.96 46.60 -22.26
CA ALA C 857 27.96 45.27 -21.64
C ALA C 857 27.31 45.30 -20.26
N PHE C 858 27.60 46.31 -19.42
CA PHE C 858 26.91 46.25 -18.14
C PHE C 858 25.46 46.65 -18.07
N LYS C 859 24.93 47.21 -19.14
CA LYS C 859 23.52 47.50 -19.15
C LYS C 859 22.62 46.37 -19.72
N HIS C 860 23.26 45.32 -20.24
CA HIS C 860 22.54 44.11 -20.69
C HIS C 860 21.80 43.44 -19.52
N ASN C 861 20.74 42.70 -19.83
CA ASN C 861 20.14 41.77 -18.85
C ASN C 861 20.62 40.32 -19.02
N ASN C 862 21.04 39.98 -20.24
CA ASN C 862 21.88 38.82 -20.52
C ASN C 862 22.99 38.73 -19.48
N ARG C 863 23.01 37.70 -18.66
CA ARG C 863 24.05 37.61 -17.64
C ARG C 863 25.40 37.15 -18.24
N ASP C 864 25.35 36.35 -19.30
CA ASP C 864 26.60 35.96 -19.99
C ASP C 864 27.42 37.20 -20.40
N VAL C 865 26.81 38.08 -21.19
CA VAL C 865 27.41 39.38 -21.53
C VAL C 865 27.68 40.25 -20.31
N GLU C 866 26.72 40.34 -19.39
CA GLU C 866 26.87 41.28 -18.28
C GLU C 866 28.10 40.99 -17.47
N VAL C 867 28.28 39.71 -17.18
CA VAL C 867 29.29 39.23 -16.29
C VAL C 867 30.68 39.59 -16.82
N ASN C 868 30.86 39.44 -18.13
CA ASN C 868 32.12 39.73 -18.80
C ASN C 868 32.42 41.23 -18.89
N GLY C 869 31.37 42.04 -19.13
CA GLY C 869 31.47 43.50 -19.05
C GLY C 869 32.11 43.94 -17.75
N LEU C 870 31.44 43.66 -16.62
CA LEU C 870 32.04 44.01 -15.32
C LEU C 870 33.45 43.44 -15.12
N GLN C 871 33.72 42.25 -15.66
CA GLN C 871 35.06 41.66 -15.48
C GLN C 871 36.07 42.44 -16.30
N ILE C 872 35.70 42.75 -17.51
CA ILE C 872 36.54 43.59 -18.34
C ILE C 872 36.83 44.96 -17.66
N ALA C 873 35.82 45.58 -17.05
CA ALA C 873 36.02 46.90 -16.46
C ALA C 873 37.08 46.81 -15.36
N LEU C 874 36.94 45.80 -14.51
CA LEU C 874 37.85 45.49 -13.41
C LEU C 874 39.30 45.22 -13.88
N ASP C 875 39.45 44.42 -14.92
CA ASP C 875 40.75 44.08 -15.52
C ASP C 875 41.42 45.32 -16.20
N LEU C 876 40.64 46.09 -16.95
CA LEU C 876 41.07 47.41 -17.46
C LEU C 876 41.53 48.30 -16.33
N VAL C 877 40.67 48.49 -15.36
CA VAL C 877 41.09 49.30 -14.22
C VAL C 877 42.41 48.80 -13.63
N LYS C 878 42.53 47.48 -13.42
CA LYS C 878 43.74 46.90 -12.85
C LYS C 878 44.92 47.14 -13.77
N ASN C 879 44.69 47.03 -15.07
CA ASN C 879 45.72 47.23 -16.10
C ASN C 879 46.23 48.65 -16.21
N ILE C 880 45.30 49.58 -16.01
CA ILE C 880 45.62 50.99 -15.91
C ILE C 880 46.44 51.23 -14.65
N GLU C 881 45.94 50.80 -13.49
CA GLU C 881 46.71 50.92 -12.23
C GLU C 881 48.14 50.34 -12.34
N ARG C 882 48.30 49.25 -13.10
CA ARG C 882 49.61 48.56 -13.28
C ARG C 882 50.65 49.42 -13.96
N MET C 883 50.18 50.33 -14.80
CA MET C 883 51.06 51.19 -15.58
C MET C 883 51.77 52.28 -14.77
N GLY C 884 51.26 52.57 -13.57
CA GLY C 884 51.82 53.62 -12.69
C GLY C 884 51.58 55.04 -13.21
N ASN C 885 52.27 56.01 -12.60
CA ASN C 885 52.21 57.43 -13.03
C ASN C 885 52.84 57.64 -14.41
N VAL C 886 51.98 57.74 -15.43
CA VAL C 886 52.35 57.63 -16.83
C VAL C 886 51.26 58.31 -17.67
N PRO C 887 51.64 59.00 -18.76
CA PRO C 887 50.65 59.82 -19.52
C PRO C 887 49.34 59.11 -19.93
N PHE C 888 49.42 57.85 -20.36
CA PHE C 888 48.20 57.13 -20.79
C PHE C 888 47.29 56.86 -19.60
N ALA C 889 47.91 56.46 -18.48
CA ALA C 889 47.21 56.13 -17.27
C ALA C 889 46.50 57.35 -16.72
N ASN C 890 47.20 58.49 -16.76
CA ASN C 890 46.67 59.73 -16.23
C ASN C 890 45.53 60.23 -17.11
N GLU C 891 45.74 60.21 -18.43
CA GLU C 891 44.65 60.57 -19.33
C GLU C 891 43.43 59.64 -19.12
N PHE C 892 43.68 58.34 -18.97
CA PHE C 892 42.59 57.41 -18.81
C PHE C 892 41.76 57.81 -17.60
N HIS C 893 42.41 58.14 -16.48
CA HIS C 893 41.71 58.53 -15.28
C HIS C 893 40.99 59.85 -15.45
N LYS C 894 41.64 60.82 -16.09
CA LYS C 894 40.93 62.07 -16.35
C LYS C 894 39.79 61.84 -17.31
N ASN C 895 39.95 60.94 -18.28
CA ASN C 895 38.85 60.69 -19.23
C ASN C 895 37.71 59.78 -18.73
N TYR C 896 38.02 58.78 -17.91
CA TYR C 896 37.13 57.63 -17.74
C TYR C 896 36.75 57.24 -16.34
N PHE C 897 37.50 57.71 -15.33
CA PHE C 897 37.33 57.25 -13.98
C PHE C 897 35.88 57.38 -13.58
N PHE C 898 35.38 58.61 -13.64
CA PHE C 898 34.01 58.95 -13.25
C PHE C 898 32.92 58.35 -14.12
N ILE C 899 33.24 58.10 -15.37
CA ILE C 899 32.32 57.32 -16.17
C ILE C 899 32.17 55.91 -15.62
N PHE C 900 33.27 55.26 -15.27
CA PHE C 900 33.12 53.92 -14.63
C PHE C 900 32.38 53.99 -13.30
N VAL C 901 32.68 54.98 -12.48
CA VAL C 901 32.03 55.13 -11.19
C VAL C 901 30.52 55.26 -11.36
N SER C 902 30.09 56.10 -12.28
CA SER C 902 28.70 56.44 -12.29
C SER C 902 27.87 55.44 -13.09
N GLU C 903 28.51 54.80 -14.09
CA GLU C 903 27.91 53.64 -14.74
C GLU C 903 27.68 52.43 -13.79
N THR C 904 28.64 52.19 -12.91
CA THR C 904 28.58 51.09 -11.91
C THR C 904 27.46 51.41 -10.93
N PHE C 905 27.46 52.63 -10.40
CA PHE C 905 26.42 53.10 -9.51
C PHE C 905 25.04 53.02 -10.14
N PHE C 906 24.94 53.34 -11.44
CA PHE C 906 23.65 53.23 -12.11
C PHE C 906 23.08 51.82 -12.12
N VAL C 907 23.83 50.81 -12.59
CA VAL C 907 23.32 49.43 -12.59
C VAL C 907 23.15 48.87 -11.16
N LEU C 908 24.01 49.29 -10.26
CA LEU C 908 23.96 48.88 -8.87
C LEU C 908 22.60 49.26 -8.23
N THR C 909 22.05 50.35 -8.73
CA THR C 909 21.10 51.12 -8.05
C THR C 909 19.75 51.12 -8.76
N ASP C 910 19.72 50.86 -10.05
CA ASP C 910 18.42 50.74 -10.71
C ASP C 910 18.02 49.30 -10.51
N SER C 911 16.74 49.00 -10.40
CA SER C 911 16.43 47.67 -9.90
C SER C 911 16.45 46.55 -10.96
N ASP C 912 17.25 46.75 -12.01
CA ASP C 912 17.28 45.85 -13.19
C ASP C 912 18.53 44.96 -13.34
N HIS C 913 19.54 45.14 -12.47
CA HIS C 913 20.79 44.35 -12.61
C HIS C 913 21.23 43.69 -11.30
N LYS C 914 20.26 43.12 -10.58
CA LYS C 914 20.50 42.59 -9.24
C LYS C 914 21.41 41.36 -9.21
N SER C 915 21.46 40.59 -10.29
CA SER C 915 22.45 39.50 -10.29
C SER C 915 23.93 39.98 -10.31
N GLY C 916 24.17 41.22 -10.73
CA GLY C 916 25.53 41.72 -10.90
C GLY C 916 26.11 42.25 -9.60
N PHE C 917 25.28 42.28 -8.58
CA PHE C 917 25.60 42.99 -7.38
C PHE C 917 27.07 42.81 -6.87
N SER C 918 27.53 41.57 -6.73
CA SER C 918 28.83 41.36 -6.08
C SER C 918 30.01 41.90 -6.89
N LYS C 919 29.94 41.75 -8.21
CA LYS C 919 31.01 42.21 -9.10
C LYS C 919 30.98 43.73 -9.28
N GLN C 920 29.78 44.33 -9.16
CA GLN C 920 29.67 45.81 -9.15
C GLN C 920 30.35 46.33 -7.91
N ALA C 921 30.06 45.69 -6.80
CA ALA C 921 30.67 46.05 -5.52
C ALA C 921 32.20 45.95 -5.60
N LEU C 922 32.75 44.86 -6.14
CA LEU C 922 34.20 44.76 -6.30
C LEU C 922 34.72 45.95 -7.12
N LEU C 923 34.06 46.26 -8.23
CA LEU C 923 34.43 47.38 -9.12
C LEU C 923 34.37 48.74 -8.42
N LEU C 924 33.27 49.02 -7.76
CA LEU C 924 33.16 50.23 -6.97
C LEU C 924 34.28 50.36 -5.92
N MET C 925 34.61 49.24 -5.29
CA MET C 925 35.60 49.20 -4.23
C MET C 925 36.99 49.51 -4.78
N LYS C 926 37.35 48.87 -5.90
CA LYS C 926 38.61 49.18 -6.59
C LYS C 926 38.71 50.66 -7.04
N LEU C 927 37.69 51.18 -7.72
CA LEU C 927 37.72 52.61 -8.12
C LEU C 927 37.93 53.48 -6.89
N ILE C 928 37.15 53.22 -5.83
CA ILE C 928 37.31 53.97 -4.59
C ILE C 928 38.76 53.94 -4.08
N SER C 929 39.40 52.76 -4.10
CA SER C 929 40.73 52.57 -3.58
C SER C 929 41.74 53.31 -4.41
N LEU C 930 41.53 53.39 -5.72
CA LEU C 930 42.37 54.22 -6.57
C LEU C 930 42.55 55.64 -6.04
N VAL C 931 41.48 56.22 -5.50
CA VAL C 931 41.55 57.53 -4.87
C VAL C 931 42.06 57.46 -3.43
N TYR C 932 41.33 56.75 -2.56
CA TYR C 932 41.67 56.73 -1.12
C TYR C 932 43.01 56.04 -0.77
N ASP C 933 43.58 55.31 -1.71
CA ASP C 933 44.92 54.78 -1.56
C ASP C 933 45.94 55.65 -2.29
N ASN C 934 45.51 56.81 -2.76
CA ASN C 934 46.39 57.76 -3.47
C ASN C 934 47.10 57.10 -4.66
N LYS C 935 46.36 56.33 -5.44
CA LYS C 935 46.91 55.64 -6.60
C LYS C 935 46.79 56.40 -7.94
N ILE C 936 46.01 57.47 -7.95
CA ILE C 936 45.90 58.33 -9.10
C ILE C 936 46.78 59.56 -8.88
N SER C 937 47.74 59.80 -9.78
CA SER C 937 48.81 60.81 -9.59
C SER C 937 48.43 62.28 -9.87
N VAL C 938 47.23 62.47 -10.40
CA VAL C 938 46.86 63.64 -11.18
C VAL C 938 45.49 64.03 -10.66
N PRO C 939 45.08 65.32 -10.80
CA PRO C 939 43.73 65.67 -10.34
C PRO C 939 42.70 65.05 -11.26
N LEU C 940 41.59 64.60 -10.68
CA LEU C 940 40.48 64.06 -11.47
C LEU C 940 39.66 65.21 -12.08
N TYR C 941 39.69 66.38 -11.44
CA TYR C 941 38.94 67.58 -11.92
C TYR C 941 39.77 68.47 -12.83
N GLN C 942 39.07 69.33 -13.58
CA GLN C 942 39.73 70.37 -14.33
C GLN C 942 39.79 71.59 -13.46
N GLU C 943 40.79 72.43 -13.70
CA GLU C 943 41.02 73.57 -12.82
C GLU C 943 39.73 74.39 -12.55
N ALA C 944 38.84 74.40 -13.55
CA ALA C 944 37.60 75.17 -13.49
C ALA C 944 36.61 74.77 -12.41
N GLU C 945 36.88 73.63 -11.79
CA GLU C 945 35.78 72.87 -11.21
C GLU C 945 35.74 73.03 -9.72
N VAL C 946 36.89 73.34 -9.14
CA VAL C 946 37.09 73.20 -7.71
C VAL C 946 38.11 74.24 -7.18
N PRO C 947 38.11 74.51 -5.86
CA PRO C 947 39.22 75.30 -5.31
C PRO C 947 40.60 74.68 -5.59
N GLN C 948 41.52 75.56 -5.97
CA GLN C 948 42.94 75.26 -6.11
C GLN C 948 43.38 74.37 -4.94
N GLY C 949 44.03 73.26 -5.24
CA GLY C 949 44.47 72.35 -4.18
C GLY C 949 43.42 71.45 -3.51
N THR C 950 42.22 71.34 -4.08
CA THR C 950 41.30 70.34 -3.57
C THR C 950 41.89 68.95 -3.80
N SER C 951 41.74 68.06 -2.83
CA SER C 951 42.24 66.67 -3.00
C SER C 951 41.25 65.83 -3.82
N ASN C 952 41.75 64.76 -4.41
CA ASN C 952 40.89 63.80 -5.11
C ASN C 952 39.80 63.17 -4.26
N GLN C 953 40.08 62.93 -2.97
CA GLN C 953 39.13 62.38 -2.00
C GLN C 953 37.93 63.29 -1.87
N VAL C 954 38.19 64.56 -1.54
CA VAL C 954 37.14 65.57 -1.45
C VAL C 954 36.36 65.68 -2.76
N TYR C 955 37.05 65.70 -3.89
CA TYR C 955 36.39 65.79 -5.20
C TYR C 955 35.49 64.58 -5.46
N LEU C 956 36.01 63.39 -5.09
CA LEU C 956 35.29 62.13 -5.24
C LEU C 956 33.95 62.15 -4.46
N SER C 957 33.97 62.54 -3.19
CA SER C 957 32.73 62.62 -2.39
C SER C 957 31.76 63.71 -2.81
N GLN C 958 32.29 64.85 -3.24
CA GLN C 958 31.37 65.87 -3.75
C GLN C 958 30.75 65.40 -5.06
N TYR C 959 31.61 64.88 -5.93
CA TYR C 959 31.09 64.34 -7.19
C TYR C 959 29.98 63.33 -6.95
N LEU C 960 30.17 62.41 -5.98
CA LEU C 960 29.20 61.34 -5.76
C LEU C 960 27.97 61.85 -5.01
N ALA C 961 28.15 62.77 -4.06
CA ALA C 961 26.99 63.30 -3.30
C ALA C 961 26.01 63.97 -4.22
N ASN C 962 26.55 64.71 -5.18
CA ASN C 962 25.78 65.49 -6.10
C ASN C 962 25.14 64.59 -7.14
N MET C 963 25.90 63.63 -7.68
CA MET C 963 25.36 62.62 -8.59
C MET C 963 24.19 61.90 -7.93
N LEU C 964 24.35 61.56 -6.65
CA LEU C 964 23.35 60.83 -5.87
C LEU C 964 22.17 61.69 -5.51
N SER C 965 22.45 62.92 -5.07
CA SER C 965 21.43 63.97 -4.97
C SER C 965 20.56 64.09 -6.24
N ASN C 966 21.17 64.26 -7.40
CA ASN C 966 20.33 64.24 -8.61
C ASN C 966 19.55 62.97 -8.85
N ALA C 967 20.10 61.79 -8.58
CA ALA C 967 19.34 60.57 -8.89
C ALA C 967 18.17 60.29 -7.95
N PHE C 968 18.33 60.62 -6.67
CA PHE C 968 17.37 60.27 -5.64
C PHE C 968 17.05 61.50 -4.80
N PRO C 969 16.31 62.48 -5.39
CA PRO C 969 16.17 63.75 -4.66
C PRO C 969 15.37 63.63 -3.32
N HIS C 970 14.75 62.48 -3.07
CA HIS C 970 14.04 62.25 -1.81
C HIS C 970 15.03 62.03 -0.66
N LEU C 971 16.29 61.77 -0.97
CA LEU C 971 17.28 61.64 0.13
C LEU C 971 17.67 63.01 0.74
N THR C 972 17.80 63.07 2.05
CA THR C 972 18.45 64.22 2.69
C THR C 972 19.96 64.16 2.47
N SER C 973 20.62 65.32 2.59
CA SER C 973 22.05 65.42 2.36
C SER C 973 22.83 64.71 3.44
N GLU C 974 22.20 64.48 4.58
CA GLU C 974 22.88 63.81 5.70
C GLU C 974 22.94 62.31 5.42
N GLN C 975 21.92 61.79 4.76
CA GLN C 975 21.93 60.39 4.37
C GLN C 975 23.03 60.14 3.37
N ILE C 976 23.26 61.11 2.50
CA ILE C 976 24.13 60.90 1.37
C ILE C 976 25.54 61.02 1.90
N ALA C 977 25.78 62.09 2.68
CA ALA C 977 27.02 62.27 3.44
C ALA C 977 27.41 61.06 4.30
N SER C 978 26.48 60.50 5.05
CA SER C 978 26.80 59.33 5.90
C SER C 978 27.06 58.05 5.08
N PHE C 979 26.36 57.88 3.96
CA PHE C 979 26.56 56.71 3.09
C PHE C 979 28.00 56.72 2.56
N LEU C 980 28.40 57.87 2.05
CA LEU C 980 29.70 58.01 1.39
C LEU C 980 30.81 58.02 2.42
N SER C 981 30.50 58.57 3.59
CA SER C 981 31.41 58.46 4.71
C SER C 981 31.67 56.98 5.05
N ALA C 982 30.61 56.20 5.22
CA ALA C 982 30.74 54.74 5.38
C ALA C 982 31.50 54.07 4.20
N LEU C 983 31.06 54.27 2.96
CA LEU C 983 31.78 53.66 1.80
C LEU C 983 33.26 53.94 1.73
N THR C 984 33.65 55.20 1.91
CA THR C 984 35.06 55.55 1.75
C THR C 984 35.94 55.04 2.92
N LYS C 985 35.30 54.48 3.95
CA LYS C 985 35.99 53.88 5.09
C LYS C 985 35.97 52.35 5.04
N GLN C 986 35.15 51.81 4.14
CA GLN C 986 34.86 50.37 4.09
C GLN C 986 35.42 49.68 2.84
N TYR C 987 36.21 50.41 2.07
CA TYR C 987 36.57 49.95 0.73
C TYR C 987 37.57 48.80 0.68
N LYS C 988 38.11 48.45 1.84
CA LYS C 988 39.06 47.33 1.98
C LYS C 988 38.39 46.04 2.53
N ASP C 989 37.09 46.13 2.84
CA ASP C 989 36.32 45.06 3.49
C ASP C 989 35.07 44.67 2.70
N LEU C 990 35.19 43.67 1.81
CA LEU C 990 34.14 43.32 0.88
C LEU C 990 32.80 43.11 1.56
N VAL C 991 32.76 42.38 2.68
CA VAL C 991 31.49 42.05 3.36
C VAL C 991 30.86 43.28 3.96
N VAL C 992 31.67 44.14 4.54
CA VAL C 992 31.13 45.29 5.23
C VAL C 992 30.62 46.33 4.24
N PHE C 993 31.43 46.59 3.23
CA PHE C 993 31.08 47.41 2.06
C PHE C 993 29.77 47.00 1.36
N LYS C 994 29.61 45.71 1.05
CA LYS C 994 28.35 45.20 0.49
C LYS C 994 27.07 45.45 1.35
N GLY C 995 27.17 45.20 2.66
CA GLY C 995 26.09 45.53 3.60
C GLY C 995 25.63 46.97 3.48
N THR C 996 26.59 47.87 3.27
CA THR C 996 26.32 49.32 3.21
C THR C 996 25.68 49.61 1.88
N LEU C 997 26.11 48.87 0.84
CA LEU C 997 25.46 49.01 -0.46
C LEU C 997 24.03 48.55 -0.30
N ARG C 998 23.84 47.41 0.37
CA ARG C 998 22.50 46.85 0.62
C ARG C 998 21.68 47.85 1.38
N ASP C 999 22.25 48.41 2.44
CA ASP C 999 21.57 49.44 3.26
C ASP C 999 21.06 50.61 2.41
N PHE C 1000 21.95 51.16 1.59
CA PHE C 1000 21.62 52.26 0.67
C PHE C 1000 20.47 51.86 -0.26
N LEU C 1001 20.54 50.62 -0.76
CA LEU C 1001 19.53 50.17 -1.71
C LEU C 1001 18.14 50.10 -1.05
N VAL C 1002 18.08 49.82 0.25
CA VAL C 1002 16.80 49.90 1.00
C VAL C 1002 16.36 51.37 1.07
N GLN C 1003 17.28 52.25 1.42
CA GLN C 1003 16.93 53.62 1.74
C GLN C 1003 16.54 54.47 0.56
N ILE C 1004 17.10 54.20 -0.60
CA ILE C 1004 16.59 54.87 -1.80
C ILE C 1004 15.14 54.52 -2.12
N LYS C 1005 14.56 53.50 -1.48
CA LYS C 1005 13.14 53.13 -1.77
C LYS C 1005 12.07 53.77 -0.89
N GLU C 1006 12.52 54.51 0.10
CA GLU C 1006 11.61 54.93 1.13
C GLU C 1006 11.90 56.40 1.37
N VAL C 1007 10.97 57.09 2.01
CA VAL C 1007 11.28 58.47 2.40
C VAL C 1007 11.67 58.46 3.87
N GLY C 1008 12.76 59.14 4.18
CA GLY C 1008 13.16 59.41 5.58
C GLY C 1008 13.95 58.35 6.31
N GLY C 1009 14.92 57.71 5.65
CA GLY C 1009 15.79 56.74 6.33
C GLY C 1009 16.65 57.43 7.37
N ASP C 1010 17.06 56.70 8.39
CA ASP C 1010 17.99 57.20 9.39
C ASP C 1010 19.45 57.27 8.83
N PRO C 1011 20.00 58.49 8.68
CA PRO C 1011 21.39 58.63 8.21
C PRO C 1011 22.42 57.96 9.15
N THR C 1012 22.06 57.71 10.40
CA THR C 1012 22.95 56.93 11.26
C THR C 1012 22.98 55.41 10.97
N ASP C 1013 22.03 54.90 10.18
CA ASP C 1013 22.11 53.48 9.80
C ASP C 1013 23.49 53.08 9.24
N TYR C 1014 24.18 54.01 8.57
CA TYR C 1014 25.48 53.70 7.93
C TYR C 1014 26.66 53.57 8.92
N LEU C 1015 26.41 53.90 10.19
CA LEU C 1015 27.36 53.59 11.24
C LEU C 1015 27.14 52.20 11.88
N PHE C 1016 26.41 51.31 11.21
CA PHE C 1016 26.20 49.95 11.74
C PHE C 1016 27.51 49.26 12.06
N ALA C 1017 28.37 49.12 11.08
CA ALA C 1017 29.62 48.35 11.25
C ALA C 1017 30.49 48.93 12.36
N GLU C 1018 30.61 50.26 12.35
CA GLU C 1018 31.34 51.00 13.39
C GLU C 1018 30.74 50.78 14.77
N ASP C 1019 29.43 51.00 14.93
CA ASP C 1019 28.70 50.67 16.16
C ASP C 1019 28.94 49.22 16.62
N LYS C 1020 28.76 48.28 15.70
CA LYS C 1020 29.00 46.87 15.97
C LYS C 1020 30.39 46.62 16.57
N GLU C 1021 31.44 47.20 15.98
CA GLU C 1021 32.81 46.96 16.49
C GLU C 1021 32.99 47.51 17.92
N ASN C 1022 32.36 48.66 18.20
CA ASN C 1022 32.38 49.26 19.55
C ASN C 1022 31.53 48.52 20.59
N ALA C 1023 30.45 47.90 20.14
CA ALA C 1023 29.58 47.15 21.03
C ALA C 1023 30.28 45.84 21.38
N LEU C 1024 31.13 45.38 20.47
CA LEU C 1024 31.85 44.14 20.67
C LEU C 1024 33.00 44.31 21.67
N MET C 1025 33.62 45.49 21.67
CA MET C 1025 34.72 45.76 22.60
C MET C 1025 34.27 46.06 24.03
N GLU C 1026 33.05 46.55 24.18
CA GLU C 1026 32.40 46.63 25.48
C GLU C 1026 32.04 45.22 25.99
N GLN C 1027 31.55 44.34 25.12
CA GLN C 1027 31.28 42.93 25.49
C GLN C 1027 32.55 42.17 25.95
N ASN C 1028 33.67 42.42 25.28
CA ASN C 1028 34.93 41.74 25.61
C ASN C 1028 35.53 42.29 26.92
N ARG C 1029 35.40 43.59 27.13
CA ARG C 1029 35.79 44.23 28.39
C ARG C 1029 34.89 43.76 29.57
N LEU C 1030 33.58 43.60 29.35
CA LEU C 1030 32.69 43.03 30.37
C LEU C 1030 32.94 41.52 30.60
N GLU C 1031 33.22 40.76 29.54
CA GLU C 1031 33.67 39.37 29.70
C GLU C 1031 34.96 39.26 30.55
N ARG C 1032 35.95 40.13 30.27
CA ARG C 1032 37.23 40.20 31.00
C ARG C 1032 37.07 40.49 32.51
N GLU C 1033 36.14 41.39 32.83
CA GLU C 1033 35.87 41.78 34.22
C GLU C 1033 35.16 40.68 34.99
N LYS C 1034 34.19 40.03 34.35
CA LYS C 1034 33.55 38.84 34.92
C LYS C 1034 34.63 37.83 35.35
N ALA C 1035 35.53 37.50 34.41
CA ALA C 1035 36.62 36.54 34.64
C ALA C 1035 37.62 36.94 35.75
N ALA C 1036 37.88 38.25 35.87
CA ALA C 1036 38.63 38.82 37.00
C ALA C 1036 37.89 38.54 38.32
N LYS C 1037 36.66 39.07 38.44
CA LYS C 1037 35.75 38.74 39.55
C LYS C 1037 35.72 37.24 39.87
N ILE C 1038 35.43 36.40 38.86
CA ILE C 1038 35.33 34.96 39.10
C ILE C 1038 36.51 34.33 39.89
N GLY C 1039 37.71 34.93 39.81
CA GLY C 1039 38.85 34.40 40.55
C GLY C 1039 39.75 35.35 41.33
N GLY C 1040 39.15 36.21 42.16
CA GLY C 1040 39.88 37.33 42.78
C GLY C 1040 39.65 38.62 42.02
N VAL D 10 -24.37 8.29 16.68
CA VAL D 10 -23.66 7.05 16.21
C VAL D 10 -24.61 6.04 15.63
N PRO D 11 -24.23 5.44 14.49
CA PRO D 11 -25.13 4.50 13.83
C PRO D 11 -25.28 3.16 14.56
N THR D 12 -26.41 2.50 14.33
CA THR D 12 -26.64 1.17 14.81
C THR D 12 -26.82 0.31 13.58
N PHE D 13 -26.31 -0.91 13.65
CA PHE D 13 -26.30 -1.87 12.57
C PHE D 13 -26.99 -3.10 13.06
N LYS D 14 -27.99 -3.56 12.29
CA LYS D 14 -28.71 -4.76 12.57
C LYS D 14 -27.90 -5.96 12.06
N LEU D 15 -27.74 -6.96 12.91
CA LEU D 15 -26.88 -8.07 12.56
C LEU D 15 -27.77 -9.24 12.80
N VAL D 16 -28.13 -10.00 11.75
CA VAL D 16 -28.87 -11.22 11.97
C VAL D 16 -27.97 -12.42 12.16
N LEU D 17 -28.44 -13.34 12.98
CA LEU D 17 -27.68 -14.56 13.14
C LEU D 17 -28.54 -15.74 12.80
N VAL D 18 -28.10 -16.59 11.88
CA VAL D 18 -28.95 -17.72 11.47
C VAL D 18 -28.12 -18.97 11.45
N GLY D 19 -28.79 -20.12 11.38
CA GLY D 19 -28.08 -21.40 11.54
C GLY D 19 -28.96 -22.45 12.21
N ASP D 20 -28.66 -23.73 11.94
CA ASP D 20 -29.37 -24.84 12.51
C ASP D 20 -29.44 -24.72 14.03
N GLY D 21 -30.43 -25.40 14.63
CA GLY D 21 -30.57 -25.39 16.05
C GLY D 21 -29.41 -26.10 16.71
N GLY D 22 -28.92 -25.55 17.82
CA GLY D 22 -27.79 -26.21 18.50
C GLY D 22 -26.36 -25.94 17.98
N THR D 23 -26.21 -24.93 17.11
CA THR D 23 -24.89 -24.64 16.47
C THR D 23 -24.00 -23.72 17.29
N GLY D 24 -24.64 -22.95 18.18
CA GLY D 24 -23.91 -22.20 19.22
C GLY D 24 -24.23 -20.73 19.07
N LYS D 25 -25.23 -20.41 18.26
CA LYS D 25 -25.57 -19.03 18.00
C LYS D 25 -25.78 -18.23 19.29
N THR D 26 -26.65 -18.72 20.16
CA THR D 26 -26.98 -17.99 21.42
C THR D 26 -25.77 -18.08 22.39
N THR D 27 -25.14 -19.25 22.48
CA THR D 27 -23.93 -19.36 23.32
C THR D 27 -22.88 -18.33 22.86
N PHE D 28 -22.70 -18.19 21.55
CA PHE D 28 -21.78 -17.14 21.01
C PHE D 28 -22.16 -15.71 21.39
N VAL D 29 -23.44 -15.36 21.31
CA VAL D 29 -23.90 -14.02 21.68
C VAL D 29 -23.68 -13.72 23.20
N LYS D 30 -23.98 -14.70 24.04
CA LYS D 30 -24.01 -14.54 25.47
C LYS D 30 -22.59 -14.47 25.95
N ARG D 31 -21.69 -15.29 25.38
CA ARG D 31 -20.24 -15.17 25.61
C ARG D 31 -19.78 -13.74 25.43
N HIS D 32 -20.20 -13.11 24.33
CA HIS D 32 -19.90 -11.70 24.11
C HIS D 32 -20.52 -10.71 25.10
N LEU D 33 -21.81 -10.87 25.42
CA LEU D 33 -22.50 -9.96 26.34
C LEU D 33 -22.02 -10.07 27.80
N THR D 34 -21.82 -11.27 28.33
CA THR D 34 -21.61 -11.38 29.76
C THR D 34 -20.28 -12.02 30.09
N GLY D 35 -19.75 -12.79 29.14
CA GLY D 35 -18.51 -13.48 29.36
C GLY D 35 -18.72 -14.91 29.72
N GLU D 36 -19.96 -15.28 30.01
CA GLU D 36 -20.21 -16.68 30.36
C GLU D 36 -20.21 -17.60 29.17
N PHE D 37 -19.89 -18.86 29.41
CA PHE D 37 -20.17 -19.95 28.49
C PHE D 37 -21.33 -20.77 29.00
N GLU D 38 -22.43 -20.74 28.27
CA GLU D 38 -23.65 -21.45 28.63
C GLU D 38 -23.54 -22.89 28.17
N LYS D 39 -23.56 -23.82 29.12
CA LYS D 39 -23.40 -25.24 28.82
C LYS D 39 -24.67 -25.95 28.35
N LYS D 40 -25.84 -25.50 28.81
CA LYS D 40 -27.11 -26.16 28.47
C LYS D 40 -27.55 -25.73 27.07
N TYR D 41 -28.34 -26.56 26.42
CA TYR D 41 -28.97 -26.14 25.18
C TYR D 41 -30.39 -25.70 25.49
N ILE D 42 -30.68 -24.40 25.41
CA ILE D 42 -32.06 -23.95 25.54
C ILE D 42 -32.49 -23.29 24.23
N ALA D 43 -33.16 -24.06 23.39
CA ALA D 43 -33.50 -23.56 22.04
C ALA D 43 -34.17 -22.19 22.06
N THR D 44 -33.75 -21.31 21.15
CA THR D 44 -34.29 -19.95 21.10
C THR D 44 -35.66 -20.06 20.45
N ILE D 45 -36.60 -19.19 20.82
CA ILE D 45 -37.95 -19.29 20.29
C ILE D 45 -38.25 -18.02 19.51
N GLY D 46 -38.38 -18.16 18.21
CA GLY D 46 -38.31 -17.01 17.32
C GLY D 46 -36.95 -16.34 17.20
N VAL D 47 -36.83 -15.25 17.95
CA VAL D 47 -35.68 -14.39 17.91
C VAL D 47 -35.48 -13.79 19.29
N GLU D 48 -34.22 -13.49 19.61
CA GLU D 48 -33.84 -12.80 20.83
C GLU D 48 -32.91 -11.69 20.40
N VAL D 49 -33.29 -10.46 20.77
CA VAL D 49 -32.64 -9.30 20.27
C VAL D 49 -31.77 -8.68 21.38
N HIS D 50 -30.53 -8.35 21.06
CA HIS D 50 -29.64 -7.75 22.04
C HIS D 50 -28.77 -6.66 21.47
N PRO D 51 -28.69 -5.51 22.18
CA PRO D 51 -27.62 -4.54 21.91
C PRO D 51 -26.24 -5.15 22.16
N LEU D 52 -25.29 -4.91 21.26
CA LEU D 52 -23.89 -5.30 21.48
C LEU D 52 -23.04 -4.21 20.86
N SER D 53 -22.06 -3.73 21.61
CA SER D 53 -21.25 -2.64 21.14
C SER D 53 -19.79 -2.82 21.51
N PHE D 54 -18.90 -2.09 20.84
CA PHE D 54 -17.49 -2.06 21.21
C PHE D 54 -16.91 -0.84 20.48
N TYR D 55 -15.69 -0.42 20.82
CA TYR D 55 -15.11 0.77 20.20
C TYR D 55 -14.00 0.37 19.24
N THR D 56 -13.74 1.23 18.26
CA THR D 56 -12.71 1.02 17.23
C THR D 56 -12.12 2.40 16.93
N ASN D 57 -11.02 2.43 16.18
CA ASN D 57 -10.43 3.70 15.72
C ASN D 57 -11.39 4.51 14.81
N PHE D 58 -12.61 3.99 14.65
CA PHE D 58 -13.68 4.67 13.93
C PHE D 58 -14.83 4.99 14.88
N GLY D 59 -14.53 5.00 16.19
CA GLY D 59 -15.54 5.21 17.21
C GLY D 59 -16.30 3.93 17.58
N GLU D 60 -17.44 4.14 18.25
CA GLU D 60 -18.24 3.05 18.76
C GLU D 60 -18.90 2.31 17.60
N ILE D 61 -18.80 0.99 17.60
CA ILE D 61 -19.64 0.17 16.72
C ILE D 61 -20.81 -0.42 17.53
N LYS D 62 -22.03 -0.03 17.15
CA LYS D 62 -23.26 -0.56 17.76
C LYS D 62 -23.92 -1.57 16.83
N PHE D 63 -24.07 -2.79 17.31
CA PHE D 63 -24.88 -3.76 16.62
C PHE D 63 -26.21 -3.98 17.37
N ASP D 64 -27.22 -4.38 16.61
CA ASP D 64 -28.47 -4.84 17.17
C ASP D 64 -28.53 -6.30 16.77
N VAL D 65 -28.28 -7.19 17.73
CA VAL D 65 -28.11 -8.60 17.39
C VAL D 65 -29.41 -9.38 17.53
N TRP D 66 -29.87 -9.89 16.38
CA TRP D 66 -31.08 -10.66 16.25
C TRP D 66 -30.64 -12.07 16.14
N ASP D 67 -30.74 -12.76 17.28
CA ASP D 67 -30.35 -14.12 17.41
C ASP D 67 -31.56 -15.03 17.13
N THR D 68 -31.67 -15.51 15.88
CA THR D 68 -32.81 -16.29 15.46
C THR D 68 -32.73 -17.73 15.90
N ALA D 69 -33.90 -18.37 15.94
CA ALA D 69 -34.08 -19.77 16.20
C ALA D 69 -33.74 -20.58 14.95
N GLY D 70 -32.91 -21.61 15.10
CA GLY D 70 -32.66 -22.54 14.02
C GLY D 70 -33.52 -23.78 13.95
N LEU D 71 -34.26 -24.12 15.02
CA LEU D 71 -35.17 -25.27 14.91
C LEU D 71 -36.43 -24.84 14.17
N GLU D 72 -36.87 -25.69 13.24
CA GLU D 72 -37.99 -25.42 12.39
C GLU D 72 -39.26 -25.06 13.15
N LYS D 73 -39.62 -25.86 14.15
CA LYS D 73 -40.82 -25.61 14.95
C LYS D 73 -40.82 -24.32 15.79
N PHE D 74 -39.65 -23.72 16.03
CA PHE D 74 -39.52 -22.47 16.80
C PHE D 74 -39.13 -21.28 15.94
N GLY D 75 -39.29 -21.47 14.64
CA GLY D 75 -38.76 -20.60 13.59
C GLY D 75 -39.43 -19.24 13.59
N GLY D 76 -40.69 -19.18 14.05
CA GLY D 76 -41.33 -17.91 14.25
C GLY D 76 -41.61 -17.25 12.94
N LEU D 77 -41.26 -15.97 12.86
CA LEU D 77 -41.44 -15.12 11.68
C LEU D 77 -40.45 -15.47 10.57
N ARG D 78 -39.45 -16.28 10.93
CA ARG D 78 -38.45 -16.76 9.97
C ARG D 78 -37.72 -15.65 9.19
N ASP D 79 -37.86 -15.59 7.84
CA ASP D 79 -37.19 -14.55 7.04
C ASP D 79 -37.65 -13.14 7.34
N GLY D 80 -38.84 -13.03 7.95
CA GLY D 80 -39.28 -11.73 8.43
C GLY D 80 -38.34 -11.17 9.51
N TYR D 81 -37.56 -12.01 10.17
CA TYR D 81 -36.51 -11.43 11.05
C TYR D 81 -35.38 -10.73 10.31
N TYR D 82 -35.25 -10.97 9.00
CA TYR D 82 -34.07 -10.44 8.28
C TYR D 82 -34.35 -9.10 7.68
N ILE D 83 -35.60 -8.60 7.74
CA ILE D 83 -35.88 -7.28 7.13
C ILE D 83 -34.92 -6.18 7.65
N ASN D 84 -34.29 -5.52 6.67
CA ASN D 84 -33.31 -4.45 6.90
C ASN D 84 -32.10 -4.85 7.73
N ALA D 85 -31.74 -6.12 7.76
CA ALA D 85 -30.45 -6.47 8.38
C ALA D 85 -29.37 -5.75 7.60
N GLN D 86 -28.29 -5.37 8.25
CA GLN D 86 -27.20 -4.72 7.53
C GLN D 86 -26.02 -5.66 7.47
N CYS D 87 -26.08 -6.74 8.23
CA CYS D 87 -25.00 -7.73 8.21
C CYS D 87 -25.49 -9.00 8.85
N ALA D 88 -24.69 -10.07 8.72
CA ALA D 88 -25.12 -11.36 9.18
C ALA D 88 -23.97 -12.27 9.51
N ILE D 89 -24.28 -13.23 10.35
CA ILE D 89 -23.44 -14.35 10.55
C ILE D 89 -24.33 -15.56 10.27
N ILE D 90 -23.79 -16.50 9.53
CA ILE D 90 -24.41 -17.80 9.36
C ILE D 90 -23.53 -18.76 10.10
N MET D 91 -24.16 -19.56 10.96
CA MET D 91 -23.43 -20.47 11.83
C MET D 91 -23.70 -21.93 11.57
N PHE D 92 -22.68 -22.79 11.65
CA PHE D 92 -22.83 -24.25 11.57
C PHE D 92 -21.91 -24.86 12.63
N ASP D 93 -21.89 -26.18 12.76
CA ASP D 93 -21.19 -26.86 13.84
C ASP D 93 -20.26 -27.86 13.17
N VAL D 94 -18.93 -27.70 13.30
CA VAL D 94 -17.96 -28.63 12.68
C VAL D 94 -18.05 -30.05 13.24
N THR D 95 -18.85 -30.24 14.30
CA THR D 95 -19.16 -31.60 14.81
C THR D 95 -20.40 -32.21 14.19
N SER D 96 -21.07 -31.46 13.33
CA SER D 96 -22.36 -31.92 12.81
C SER D 96 -22.49 -31.61 11.34
N ARG D 97 -22.33 -32.65 10.53
CA ARG D 97 -22.39 -32.47 9.10
C ARG D 97 -23.67 -31.88 8.53
N ILE D 98 -24.83 -32.30 9.04
CA ILE D 98 -26.11 -31.81 8.50
C ILE D 98 -26.18 -30.30 8.61
N THR D 99 -25.59 -29.75 9.68
CA THR D 99 -25.56 -28.27 9.87
C THR D 99 -24.80 -27.54 8.80
N TYR D 100 -23.77 -28.17 8.23
CA TYR D 100 -23.04 -27.55 7.13
C TYR D 100 -23.83 -27.73 5.82
N LYS D 101 -24.36 -28.93 5.65
CA LYS D 101 -25.29 -29.17 4.56
C LYS D 101 -26.41 -28.11 4.48
N ASN D 102 -26.86 -27.56 5.62
CA ASN D 102 -27.95 -26.57 5.61
C ASN D 102 -27.54 -25.14 5.37
N VAL D 103 -26.23 -24.95 5.24
CA VAL D 103 -25.69 -23.60 5.06
C VAL D 103 -26.18 -22.91 3.78
N PRO D 104 -26.12 -23.61 2.59
CA PRO D 104 -26.75 -22.99 1.45
C PRO D 104 -28.21 -22.60 1.70
N ASN D 105 -28.97 -23.36 2.48
CA ASN D 105 -30.40 -23.01 2.72
C ASN D 105 -30.58 -21.77 3.51
N TRP D 106 -29.83 -21.64 4.64
CA TRP D 106 -29.85 -20.40 5.38
C TRP D 106 -29.32 -19.22 4.56
N HIS D 107 -28.27 -19.46 3.79
CA HIS D 107 -27.73 -18.33 2.99
C HIS D 107 -28.69 -17.93 1.87
N ARG D 108 -29.38 -18.87 1.26
CA ARG D 108 -30.38 -18.49 0.25
C ARG D 108 -31.54 -17.63 0.84
N ASP D 109 -32.05 -18.03 1.99
CA ASP D 109 -33.25 -17.38 2.60
C ASP D 109 -32.91 -16.02 3.06
N LEU D 110 -31.65 -15.87 3.44
CA LEU D 110 -31.18 -14.63 3.95
C LEU D 110 -30.95 -13.66 2.84
N VAL D 111 -30.21 -14.10 1.82
CA VAL D 111 -29.80 -13.17 0.80
C VAL D 111 -31.00 -12.74 -0.06
N ARG D 112 -32.07 -13.54 0.01
CA ARG D 112 -33.29 -13.18 -0.68
C ARG D 112 -33.96 -11.99 -0.05
N VAL D 113 -33.71 -11.75 1.24
CA VAL D 113 -34.26 -10.56 1.90
C VAL D 113 -33.21 -9.44 1.99
N CYS D 114 -31.92 -9.80 2.03
CA CYS D 114 -30.89 -8.79 2.21
C CYS D 114 -29.84 -8.89 1.10
N GLU D 115 -30.06 -8.13 0.05
CA GLU D 115 -29.37 -8.32 -1.24
C GLU D 115 -27.86 -8.32 -1.17
N ASN D 116 -27.30 -7.26 -0.60
CA ASN D 116 -25.87 -7.02 -0.68
C ASN D 116 -25.39 -6.63 0.71
N ILE D 117 -25.14 -7.62 1.54
CA ILE D 117 -24.71 -7.33 2.89
C ILE D 117 -23.49 -8.11 3.20
N PRO D 118 -22.60 -7.53 4.01
CA PRO D 118 -21.52 -8.40 4.54
C PRO D 118 -22.05 -9.55 5.40
N ILE D 119 -21.49 -10.72 5.17
CA ILE D 119 -21.94 -11.93 5.79
C ILE D 119 -20.71 -12.74 6.10
N VAL D 120 -20.61 -13.17 7.34
CA VAL D 120 -19.56 -14.08 7.69
C VAL D 120 -20.11 -15.47 7.92
N LEU D 121 -19.38 -16.45 7.41
CA LEU D 121 -19.69 -17.82 7.73
C LEU D 121 -18.80 -18.31 8.88
N CYS D 122 -19.40 -18.88 9.93
CA CYS D 122 -18.62 -19.43 11.01
C CYS D 122 -18.86 -20.89 11.26
N GLY D 123 -17.76 -21.65 11.32
CA GLY D 123 -17.78 -23.08 11.75
C GLY D 123 -17.45 -23.11 13.25
N ASN D 124 -18.46 -23.45 14.04
CA ASN D 124 -18.40 -23.34 15.48
C ASN D 124 -17.91 -24.63 16.08
N LYS D 125 -17.43 -24.55 17.32
CA LYS D 125 -17.01 -25.72 18.10
C LYS D 125 -15.74 -26.43 17.56
N VAL D 126 -14.78 -25.65 17.12
CA VAL D 126 -13.47 -26.20 16.69
C VAL D 126 -12.62 -26.81 17.85
N ASP D 127 -13.08 -26.61 19.08
CA ASP D 127 -12.43 -27.06 20.30
C ASP D 127 -12.69 -28.53 20.52
N VAL D 128 -13.74 -29.05 19.90
CA VAL D 128 -14.05 -30.45 20.07
C VAL D 128 -13.05 -31.32 19.29
N LYS D 129 -12.65 -32.43 19.91
CA LYS D 129 -11.62 -33.31 19.38
C LYS D 129 -12.09 -33.96 18.09
N GLU D 130 -13.26 -34.59 18.14
CA GLU D 130 -13.84 -35.36 17.04
C GLU D 130 -14.62 -34.48 16.04
N ARG D 131 -13.83 -33.79 15.22
CA ARG D 131 -14.34 -32.89 14.20
C ARG D 131 -14.94 -33.69 13.03
N LYS D 132 -16.04 -33.20 12.49
CA LYS D 132 -16.76 -33.96 11.48
C LYS D 132 -16.81 -33.23 10.13
N VAL D 133 -17.01 -31.91 10.15
CA VAL D 133 -16.88 -31.13 8.90
C VAL D 133 -15.41 -30.70 8.72
N LYS D 134 -14.73 -31.36 7.80
CA LYS D 134 -13.28 -31.13 7.61
C LYS D 134 -13.00 -29.90 6.79
N ALA D 135 -11.94 -29.21 7.16
CA ALA D 135 -11.39 -28.09 6.35
C ALA D 135 -11.66 -28.22 4.85
N LYS D 136 -11.39 -29.41 4.29
CA LYS D 136 -11.51 -29.66 2.83
C LYS D 136 -12.90 -29.37 2.35
N THR D 137 -13.87 -29.72 3.18
CA THR D 137 -15.28 -29.69 2.85
C THR D 137 -15.82 -28.28 2.81
N ILE D 138 -15.26 -27.39 3.63
CA ILE D 138 -15.81 -26.06 3.82
C ILE D 138 -15.42 -25.09 2.71
N THR D 139 -16.19 -25.05 1.63
CA THR D 139 -15.85 -24.21 0.46
C THR D 139 -16.96 -23.25 0.00
N PHE D 140 -18.11 -23.34 0.66
CA PHE D 140 -19.32 -22.68 0.18
C PHE D 140 -19.15 -21.18 0.07
N HIS D 141 -18.37 -20.61 0.99
CA HIS D 141 -18.18 -19.19 1.06
C HIS D 141 -17.50 -18.59 -0.16
N ARG D 142 -16.78 -19.41 -0.92
CA ARG D 142 -15.89 -18.88 -1.95
C ARG D 142 -16.69 -18.26 -3.05
N LYS D 143 -17.54 -19.02 -3.71
CA LYS D 143 -18.34 -18.37 -4.76
C LYS D 143 -19.27 -17.25 -4.26
N LYS D 144 -19.59 -17.22 -2.96
CA LYS D 144 -20.62 -16.27 -2.43
C LYS D 144 -20.02 -15.06 -1.79
N ASN D 145 -18.68 -15.02 -1.70
CA ASN D 145 -18.00 -13.89 -1.10
C ASN D 145 -18.34 -13.73 0.41
N LEU D 146 -18.41 -14.83 1.13
CA LEU D 146 -18.56 -14.73 2.56
C LEU D 146 -17.18 -14.85 3.16
N GLN D 147 -16.89 -14.12 4.26
CA GLN D 147 -15.71 -14.37 5.06
C GLN D 147 -15.96 -15.71 5.72
N TYR D 148 -14.91 -16.50 5.91
CA TYR D 148 -15.07 -17.69 6.69
C TYR D 148 -14.12 -17.70 7.91
N TYR D 149 -14.64 -18.15 9.06
CA TYR D 149 -13.77 -18.45 10.22
C TYR D 149 -14.13 -19.73 10.96
N ASP D 150 -13.12 -20.53 11.30
CA ASP D 150 -13.26 -21.53 12.35
C ASP D 150 -13.37 -20.75 13.68
N ILE D 151 -14.35 -21.10 14.52
CA ILE D 151 -14.48 -20.42 15.82
C ILE D 151 -14.82 -21.42 16.92
N SER D 152 -14.73 -20.97 18.16
CA SER D 152 -15.21 -21.78 19.28
C SER D 152 -15.72 -20.80 20.30
N ALA D 153 -17.00 -20.90 20.69
CA ALA D 153 -17.44 -20.05 21.81
C ALA D 153 -16.92 -20.56 23.16
N LYS D 154 -16.58 -21.85 23.27
CA LYS D 154 -15.99 -22.44 24.50
C LYS D 154 -14.54 -21.94 24.73
N SER D 155 -13.70 -22.04 23.70
CA SER D 155 -12.28 -21.71 23.85
C SER D 155 -12.03 -20.29 23.45
N ASN D 156 -12.97 -19.67 22.75
CA ASN D 156 -12.81 -18.28 22.32
C ASN D 156 -11.93 -18.19 21.06
N TYR D 157 -11.59 -19.31 20.46
CA TYR D 157 -10.75 -19.25 19.29
C TYR D 157 -11.44 -18.37 18.23
N ASN D 158 -10.75 -17.33 17.76
CA ASN D 158 -11.25 -16.45 16.67
C ASN D 158 -12.55 -15.74 17.02
N PHE D 159 -13.02 -15.80 18.28
CA PHE D 159 -14.42 -15.34 18.59
C PHE D 159 -14.69 -13.87 18.34
N GLU D 160 -13.63 -13.06 18.23
CA GLU D 160 -13.76 -11.64 17.90
C GLU D 160 -13.74 -11.30 16.37
N LYS D 161 -13.47 -12.29 15.54
CA LYS D 161 -13.13 -12.02 14.16
C LYS D 161 -14.34 -11.74 13.31
N PRO D 162 -15.48 -12.38 13.64
CA PRO D 162 -16.68 -12.02 12.91
C PRO D 162 -16.98 -10.56 13.04
N PHE D 163 -16.84 -9.97 14.22
CA PHE D 163 -17.22 -8.57 14.41
C PHE D 163 -16.18 -7.65 13.82
N LEU D 164 -14.91 -8.03 13.95
CA LEU D 164 -13.85 -7.25 13.34
C LEU D 164 -14.05 -7.18 11.83
N TRP D 165 -14.32 -8.32 11.18
CA TRP D 165 -14.53 -8.28 9.71
C TRP D 165 -15.75 -7.48 9.32
N LEU D 166 -16.87 -7.78 9.98
CA LEU D 166 -18.11 -7.04 9.68
C LEU D 166 -17.96 -5.57 9.92
N ALA D 167 -17.26 -5.20 11.00
CA ALA D 167 -17.09 -3.76 11.31
C ALA D 167 -16.30 -3.07 10.19
N ARG D 168 -15.20 -3.71 9.77
CA ARG D 168 -14.41 -3.25 8.64
C ARG D 168 -15.26 -3.10 7.37
N LYS D 169 -16.10 -4.08 7.10
CA LYS D 169 -17.03 -3.98 5.96
C LYS D 169 -17.99 -2.81 6.10
N LEU D 170 -18.59 -2.65 7.27
CA LEU D 170 -19.56 -1.60 7.47
C LEU D 170 -18.94 -0.21 7.48
N ALA D 171 -17.71 -0.07 7.98
CA ALA D 171 -17.01 1.23 7.87
C ALA D 171 -16.37 1.37 6.49
N GLY D 172 -16.31 0.27 5.75
CA GLY D 172 -15.66 0.30 4.45
C GLY D 172 -14.24 0.79 4.51
N ASN D 173 -13.61 0.64 5.68
CA ASN D 173 -12.18 0.83 5.83
C ASN D 173 -11.54 -0.40 6.46
N PRO D 174 -10.65 -1.10 5.71
CA PRO D 174 -10.04 -2.38 6.11
C PRO D 174 -8.91 -2.21 7.12
N GLN D 175 -8.68 -0.95 7.49
CA GLN D 175 -7.64 -0.54 8.44
C GLN D 175 -8.09 -0.79 9.87
N LEU D 176 -9.41 -0.66 10.05
CA LEU D 176 -10.09 -0.63 11.33
C LEU D 176 -9.63 -1.72 12.31
N GLU D 177 -9.44 -1.29 13.56
CA GLU D 177 -8.96 -2.15 14.64
C GLU D 177 -9.78 -1.82 15.87
N PHE D 178 -10.00 -2.84 16.70
CA PHE D 178 -10.59 -2.67 18.02
C PHE D 178 -9.71 -1.71 18.82
N VAL D 179 -10.30 -0.70 19.47
CA VAL D 179 -9.61 0.11 20.48
C VAL D 179 -10.26 -0.03 21.84
N ALA D 180 -9.50 0.29 22.89
CA ALA D 180 -9.96 0.29 24.25
C ALA D 180 -11.28 1.06 24.43
N SER D 181 -12.31 0.39 24.96
CA SER D 181 -13.54 1.08 25.33
C SER D 181 -13.29 1.96 26.55
N PRO D 182 -13.76 3.20 26.49
CA PRO D 182 -13.40 4.11 27.57
C PRO D 182 -13.91 3.64 28.92
N ALA D 183 -13.12 3.91 29.96
CA ALA D 183 -13.54 3.67 31.32
C ALA D 183 -13.79 5.02 31.96
N LEU D 184 -15.07 5.40 32.06
CA LEU D 184 -15.46 6.62 32.75
C LEU D 184 -15.38 6.44 34.27
N ALA D 185 -15.69 7.49 35.02
CA ALA D 185 -15.64 7.46 36.49
C ALA D 185 -16.77 6.58 37.05
N PRO D 186 -16.42 5.54 37.84
CA PRO D 186 -17.33 4.53 38.41
C PRO D 186 -18.67 5.04 38.97
N ALA D 206 -19.39 -18.20 50.22
CA ALA D 206 -19.77 -18.79 48.94
C ALA D 206 -18.54 -19.34 48.18
N THR D 207 -17.50 -19.64 48.94
CA THR D 207 -16.22 -20.09 48.40
C THR D 207 -16.19 -21.62 48.10
N ALA D 208 -17.18 -22.33 48.66
CA ALA D 208 -17.34 -23.78 48.48
C ALA D 208 -17.96 -24.10 47.11
N LEU D 209 -19.04 -23.38 46.78
CA LEU D 209 -19.70 -23.41 45.46
C LEU D 209 -18.67 -23.31 44.35
N PRO D 210 -18.78 -24.18 43.34
CA PRO D 210 -17.68 -24.29 42.40
C PRO D 210 -17.75 -23.28 41.26
N LEU D 211 -16.64 -23.17 40.54
CA LEU D 211 -16.54 -22.34 39.38
C LEU D 211 -16.92 -23.16 38.15
N PRO D 212 -17.56 -22.51 37.16
CA PRO D 212 -18.12 -23.28 36.03
C PRO D 212 -17.08 -23.98 35.13
N ASP D 213 -15.81 -23.62 35.23
CA ASP D 213 -14.79 -24.32 34.45
C ASP D 213 -13.88 -25.21 35.33
N LYS E 8 -42.77 -34.09 25.78
CA LYS E 8 -41.87 -34.84 26.71
C LYS E 8 -41.69 -36.29 26.24
N PHE E 9 -40.85 -37.04 26.96
CA PHE E 9 -40.56 -38.43 26.62
C PHE E 9 -40.49 -39.30 27.87
N VAL E 10 -41.32 -40.34 27.94
CA VAL E 10 -41.30 -41.22 29.10
C VAL E 10 -40.62 -42.54 28.74
N PHE E 11 -39.62 -42.89 29.56
CA PHE E 11 -38.72 -44.02 29.30
C PHE E 11 -39.42 -45.34 29.03
N GLY E 12 -40.59 -45.55 29.62
CA GLY E 12 -41.21 -46.87 29.55
C GLY E 12 -42.23 -47.08 28.44
N ALA E 13 -43.16 -46.14 28.34
CA ALA E 13 -44.31 -46.27 27.45
C ALA E 13 -43.87 -46.32 26.00
N ALA E 14 -44.72 -46.92 25.14
CA ALA E 14 -44.50 -46.93 23.70
C ALA E 14 -44.74 -45.53 23.16
N SER E 15 -44.14 -45.23 22.01
CA SER E 15 -44.33 -43.95 21.33
C SER E 15 -45.82 -43.71 21.07
N LYS E 16 -46.26 -42.52 21.46
CA LYS E 16 -47.62 -42.06 21.16
C LYS E 16 -47.76 -41.79 19.66
N PHE E 17 -46.94 -42.50 18.89
CA PHE E 17 -46.78 -42.27 17.46
C PHE E 17 -48.04 -42.65 16.66
N GLY E 18 -48.26 -43.94 16.44
CA GLY E 18 -49.46 -44.38 15.74
C GLY E 18 -50.54 -44.93 16.66
N THR E 19 -50.86 -44.17 17.72
CA THR E 19 -51.71 -44.62 18.85
C THR E 19 -53.17 -44.94 18.52
N GLY E 20 -53.92 -43.96 18.05
CA GLY E 20 -55.36 -44.12 17.85
C GLY E 20 -56.16 -43.69 19.08
N PHE E 21 -57.38 -44.24 19.20
CA PHE E 21 -58.37 -43.83 20.21
C PHE E 21 -59.04 -42.48 19.89
N ALA E 52 -64.38 -14.74 -1.23
CA ALA E 52 -63.57 -14.62 -2.44
C ALA E 52 -62.34 -13.71 -2.25
N PHE E 53 -61.16 -14.33 -2.03
CA PHE E 53 -59.90 -13.63 -1.79
C PHE E 53 -59.54 -12.55 -2.82
N GLY E 54 -59.34 -11.32 -2.34
CA GLY E 54 -59.09 -10.16 -3.18
C GLY E 54 -60.14 -9.77 -4.24
N SER E 55 -61.36 -10.33 -4.16
CA SER E 55 -62.41 -10.09 -5.19
C SER E 55 -62.79 -8.63 -5.41
N GLY E 56 -62.87 -7.86 -4.33
CA GLY E 56 -63.20 -6.45 -4.45
C GLY E 56 -62.06 -5.53 -4.88
N LEU E 57 -60.82 -5.99 -4.72
CA LEU E 57 -59.69 -5.05 -4.55
C LEU E 57 -58.86 -4.73 -5.79
N SER E 58 -58.15 -3.61 -5.74
CA SER E 58 -57.49 -3.05 -6.93
C SER E 58 -56.46 -3.99 -7.59
N PHE E 59 -55.57 -4.63 -6.83
CA PHE E 59 -54.59 -5.45 -7.56
C PHE E 59 -54.66 -6.97 -7.54
N GLY E 60 -55.72 -7.58 -7.04
CA GLY E 60 -57.06 -7.23 -7.38
C GLY E 60 -57.19 -8.19 -8.55
N SER E 61 -56.89 -7.70 -9.73
CA SER E 61 -56.72 -8.57 -10.88
C SER E 61 -56.35 -7.69 -12.03
N GLY E 62 -55.25 -8.02 -12.72
CA GLY E 62 -54.22 -8.98 -12.25
C GLY E 62 -53.06 -8.76 -13.20
N PHE E 63 -52.84 -9.69 -14.12
CA PHE E 63 -52.17 -9.30 -15.35
C PHE E 63 -52.89 -8.09 -16.04
N ASN E 64 -54.22 -8.05 -15.92
CA ASN E 64 -55.06 -6.93 -16.40
C ASN E 64 -54.61 -5.54 -16.00
N ILE E 65 -53.84 -5.44 -14.93
CA ILE E 65 -53.32 -4.16 -14.43
C ILE E 65 -52.39 -3.44 -15.45
N LEU E 66 -52.09 -4.08 -16.57
CA LEU E 66 -51.45 -3.44 -17.73
C LEU E 66 -52.48 -3.03 -18.80
N LEU E 111 -22.52 8.46 9.60
CA LEU E 111 -21.26 8.07 8.97
C LEU E 111 -20.13 7.91 9.98
N GLN E 112 -19.37 6.82 9.81
CA GLN E 112 -18.21 6.59 10.66
C GLN E 112 -16.92 6.85 9.90
N LYS E 113 -16.07 7.64 10.53
CA LYS E 113 -14.80 8.10 9.96
C LYS E 113 -13.75 7.98 11.05
N GLN E 114 -12.48 8.11 10.67
CA GLN E 114 -11.39 8.07 11.63
C GLN E 114 -11.61 9.03 12.80
N GLU E 115 -11.17 8.64 14.00
CA GLU E 115 -11.28 9.50 15.18
C GLU E 115 -10.57 8.90 16.40
N VAL E 116 -10.31 9.75 17.40
CA VAL E 116 -9.65 9.34 18.62
C VAL E 116 -10.68 8.96 19.69
N LYS E 117 -10.38 7.86 20.38
CA LYS E 117 -11.23 7.38 21.44
C LYS E 117 -10.56 7.67 22.76
N SER E 118 -11.30 8.34 23.63
CA SER E 118 -10.84 8.72 24.96
C SER E 118 -10.54 7.49 25.79
N GLY E 119 -9.27 7.28 26.11
CA GLY E 119 -8.86 6.18 26.99
C GLY E 119 -9.61 6.31 28.29
N GLU E 120 -9.97 7.57 28.60
CA GLU E 120 -10.58 7.99 29.85
C GLU E 120 -9.69 7.63 31.04
N GLU E 121 -8.39 7.72 30.82
CA GLU E 121 -7.41 7.29 31.77
C GLU E 121 -6.26 8.30 31.88
N SER E 122 -6.57 9.45 32.51
CA SER E 122 -5.58 10.46 32.92
C SER E 122 -4.97 10.09 34.30
N GLU E 123 -4.41 8.89 34.35
CA GLU E 123 -3.84 8.29 35.55
C GLU E 123 -2.59 7.53 35.13
N GLU E 124 -1.92 6.89 36.08
CA GLU E 124 -0.80 6.02 35.73
C GLU E 124 -1.07 4.60 36.20
N CYS E 125 -0.77 3.65 35.33
CA CYS E 125 -0.92 2.23 35.64
C CYS E 125 0.26 1.75 36.48
N ILE E 126 0.01 1.46 37.75
CA ILE E 126 1.03 0.93 38.65
C ILE E 126 1.18 -0.58 38.53
N TYR E 127 0.05 -1.29 38.58
CA TYR E 127 0.06 -2.74 38.42
C TYR E 127 -0.88 -3.24 37.33
N GLN E 128 -0.39 -4.20 36.55
CA GLN E 128 -1.20 -4.85 35.54
C GLN E 128 -0.87 -6.33 35.38
N VAL E 129 -1.92 -7.15 35.27
CA VAL E 129 -1.76 -8.55 34.90
C VAL E 129 -2.85 -9.06 33.98
N ASN E 130 -2.52 -10.16 33.31
CA ASN E 130 -3.48 -11.03 32.66
C ASN E 130 -4.29 -11.67 33.77
N ALA E 131 -5.61 -11.66 33.63
CA ALA E 131 -6.46 -12.26 34.65
C ALA E 131 -7.76 -12.83 34.11
N LYS E 132 -8.30 -13.77 34.86
CA LYS E 132 -9.64 -14.24 34.59
C LYS E 132 -10.59 -13.69 35.66
N LEU E 133 -11.72 -13.17 35.20
CA LEU E 133 -12.71 -12.59 36.08
C LEU E 133 -13.91 -13.48 36.20
N TYR E 134 -14.39 -13.67 37.43
CA TYR E 134 -15.62 -14.38 37.67
C TYR E 134 -16.47 -13.52 38.54
N GLN E 135 -17.78 -13.75 38.51
CA GLN E 135 -18.71 -12.94 39.29
C GLN E 135 -19.95 -13.70 39.78
N LEU E 136 -20.29 -13.54 41.05
CA LEU E 136 -21.45 -14.17 41.67
C LEU E 136 -22.53 -13.13 41.93
N SER E 137 -23.73 -13.37 41.42
CA SER E 137 -24.86 -12.48 41.69
C SER E 137 -25.79 -13.02 42.77
N ASN E 138 -25.98 -14.35 42.79
CA ASN E 138 -26.73 -15.02 43.86
C ASN E 138 -26.23 -16.43 44.17
N GLU E 141 -27.19 -19.30 43.51
CA GLU E 141 -26.50 -19.93 42.37
C GLU E 141 -26.51 -19.01 41.13
N GLY E 142 -25.35 -18.77 40.53
CA GLY E 142 -24.03 -19.26 40.97
C GLY E 142 -22.90 -18.39 40.40
N TRP E 143 -21.66 -18.89 40.46
CA TRP E 143 -20.51 -18.18 39.88
C TRP E 143 -20.55 -18.23 38.36
N LYS E 144 -20.37 -17.07 37.73
CA LYS E 144 -20.36 -16.98 36.26
C LYS E 144 -19.05 -16.36 35.72
N GLU E 145 -18.45 -17.03 34.72
CA GLU E 145 -17.28 -16.51 33.93
C GLU E 145 -17.69 -15.12 33.41
N ARG E 146 -16.75 -14.19 33.46
CA ARG E 146 -17.07 -12.83 33.13
C ARG E 146 -16.08 -12.27 32.09
N GLY E 147 -14.94 -12.91 31.95
CA GLY E 147 -13.96 -12.39 31.05
C GLY E 147 -12.54 -12.75 31.42
N VAL E 148 -11.67 -12.49 30.43
CA VAL E 148 -10.27 -12.80 30.44
C VAL E 148 -9.63 -11.52 29.83
N GLY E 149 -8.64 -10.97 30.51
CA GLY E 149 -7.99 -9.77 30.01
C GLY E 149 -6.97 -9.20 30.95
N ILE E 150 -6.59 -7.96 30.69
CA ILE E 150 -5.60 -7.28 31.50
C ILE E 150 -6.31 -6.48 32.58
N ILE E 151 -5.93 -6.73 33.83
CA ILE E 151 -6.46 -5.95 34.95
C ILE E 151 -5.44 -4.90 35.39
N LYS E 152 -5.92 -3.67 35.50
CA LYS E 152 -5.08 -2.50 35.82
C LYS E 152 -5.45 -1.93 37.19
N ILE E 153 -4.42 -1.61 37.97
CA ILE E 153 -4.62 -0.79 39.16
C ILE E 153 -4.18 0.60 38.75
N ASN E 154 -5.11 1.54 38.84
CA ASN E 154 -4.88 2.88 38.36
C ASN E 154 -4.82 3.92 39.44
N LYS E 155 -3.68 4.61 39.51
CA LYS E 155 -3.50 5.73 40.41
C LYS E 155 -3.61 7.03 39.63
N SER E 156 -4.52 7.88 40.10
CA SER E 156 -4.67 9.23 39.54
C SER E 156 -3.35 9.99 39.43
N LYS E 157 -3.27 10.92 38.49
CA LYS E 157 -2.04 11.72 38.32
C LYS E 157 -1.95 12.86 39.35
N ASP E 158 -2.93 12.93 40.27
CA ASP E 158 -2.92 13.81 41.45
C ASP E 158 -4.20 13.66 42.28
N LYS E 162 -6.58 9.33 44.46
CA LYS E 162 -7.69 8.43 44.08
C LYS E 162 -7.20 7.21 43.28
N THR E 163 -7.83 6.06 43.55
CA THR E 163 -7.37 4.76 43.04
C THR E 163 -8.53 3.84 42.58
N ARG E 164 -8.33 3.15 41.44
CA ARG E 164 -9.35 2.21 40.90
C ARG E 164 -8.81 1.00 40.17
N ILE E 165 -9.68 0.00 40.04
CA ILE E 165 -9.43 -1.22 39.25
C ILE E 165 -10.22 -1.17 37.94
N VAL E 166 -9.49 -1.31 36.82
CA VAL E 166 -10.04 -1.37 35.46
C VAL E 166 -9.55 -2.62 34.73
N MET E 167 -10.51 -3.42 34.24
CA MET E 167 -10.21 -4.59 33.44
C MET E 167 -11.01 -4.54 32.15
N ARG E 168 -10.33 -4.84 31.05
CA ARG E 168 -10.99 -5.05 29.75
C ARG E 168 -10.92 -6.48 29.26
N SER E 169 -11.89 -6.91 28.44
CA SER E 169 -11.82 -8.22 27.76
C SER E 169 -10.82 -8.12 26.63
N ARG E 170 -9.99 -9.14 26.51
CA ARG E 170 -9.01 -9.30 25.44
C ARG E 170 -9.67 -9.37 24.05
N GLY E 171 -9.03 -8.75 23.05
CA GLY E 171 -9.57 -8.71 21.67
C GLY E 171 -10.55 -7.57 21.45
N ILE E 172 -11.79 -7.74 21.92
CA ILE E 172 -12.83 -6.71 21.86
C ILE E 172 -12.62 -5.44 22.74
N LEU E 173 -11.89 -5.58 23.84
CA LEU E 173 -11.50 -4.45 24.69
C LEU E 173 -12.70 -3.70 25.34
N LYS E 174 -13.72 -4.46 25.70
CA LYS E 174 -14.81 -4.00 26.55
C LYS E 174 -14.36 -3.83 27.99
N VAL E 175 -14.90 -2.82 28.66
CA VAL E 175 -14.68 -2.63 30.08
C VAL E 175 -15.56 -3.66 30.81
N ILE E 176 -14.92 -4.63 31.47
CA ILE E 176 -15.66 -5.64 32.25
C ILE E 176 -15.59 -5.44 33.77
N LEU E 177 -14.63 -4.62 34.23
CA LEU E 177 -14.57 -4.22 35.64
C LEU E 177 -14.15 -2.76 35.77
N ASN E 178 -14.87 -2.00 36.58
CA ASN E 178 -14.55 -0.60 36.80
C ASN E 178 -15.03 -0.17 38.16
N ILE E 179 -14.14 -0.20 39.14
CA ILE E 179 -14.48 0.07 40.55
C ILE E 179 -13.47 0.99 41.24
N GLN E 180 -14.00 2.01 41.92
CA GLN E 180 -13.22 2.88 42.81
C GLN E 180 -12.86 2.18 44.12
N LEU E 181 -11.61 2.33 44.54
CA LEU E 181 -11.22 1.87 45.89
C LEU E 181 -11.41 2.98 46.95
N VAL E 182 -12.26 2.66 47.94
CA VAL E 182 -12.55 3.53 49.08
C VAL E 182 -12.23 2.82 50.41
N THR E 186 -13.35 -4.42 50.78
CA THR E 186 -13.33 -5.88 50.95
C THR E 186 -12.52 -6.63 49.87
N VAL E 187 -11.36 -7.16 50.28
CA VAL E 187 -10.48 -7.97 49.42
C VAL E 187 -9.98 -9.19 50.19
N GLN E 188 -10.34 -10.40 49.75
CA GLN E 188 -9.84 -11.65 50.38
C GLN E 188 -9.01 -12.56 49.45
N LYS E 189 -8.43 -13.61 50.04
CA LYS E 189 -7.75 -14.69 49.31
C LYS E 189 -8.40 -16.02 49.73
N GLY E 190 -8.21 -17.10 48.98
CA GLY E 190 -8.05 -17.09 47.55
C GLY E 190 -9.43 -17.58 47.23
N PHE E 191 -9.51 -18.86 46.92
CA PHE E 191 -10.78 -19.56 46.81
C PHE E 191 -10.43 -20.78 47.64
N THR E 192 -11.40 -21.59 48.08
CA THR E 192 -11.05 -22.85 48.79
C THR E 192 -11.58 -24.06 48.05
N GLY E 193 -12.78 -23.94 47.48
CA GLY E 193 -13.30 -24.96 46.58
C GLY E 193 -12.81 -24.70 45.16
N SER E 194 -11.50 -24.84 44.93
CA SER E 194 -10.93 -24.58 43.61
C SER E 194 -9.78 -25.48 43.15
N LEU E 195 -8.82 -25.74 44.03
CA LEU E 195 -7.69 -26.65 43.71
C LEU E 195 -6.56 -25.91 42.98
N GLN E 196 -6.92 -24.87 42.23
CA GLN E 196 -5.96 -23.87 41.77
C GLN E 196 -6.20 -22.57 42.56
N SER E 197 -6.71 -22.75 43.77
CA SER E 197 -7.20 -21.68 44.63
C SER E 197 -6.22 -20.58 45.11
N GLU E 198 -4.92 -20.87 45.12
CA GLU E 198 -3.95 -19.86 45.55
C GLU E 198 -3.63 -18.87 44.43
N LYS E 199 -4.21 -19.13 43.26
CA LYS E 199 -4.18 -18.20 42.14
C LYS E 199 -5.33 -17.20 42.23
N PHE E 200 -6.15 -17.33 43.27
CA PHE E 200 -7.35 -16.54 43.43
C PHE E 200 -7.34 -15.41 44.47
N ILE E 201 -8.18 -14.41 44.18
CA ILE E 201 -8.50 -13.25 45.00
C ILE E 201 -10.03 -13.20 44.92
N ARG E 202 -10.67 -12.64 45.92
CA ARG E 202 -12.10 -12.34 45.86
C ARG E 202 -12.27 -10.94 46.37
N LEU E 203 -13.25 -10.22 45.84
CA LEU E 203 -13.64 -8.94 46.44
C LEU E 203 -15.13 -8.61 46.32
N LEU E 204 -15.58 -7.73 47.22
CA LEU E 204 -16.97 -7.28 47.26
C LEU E 204 -17.03 -5.87 46.73
N ALA E 205 -17.82 -5.66 45.68
CA ALA E 205 -18.07 -4.33 45.13
C ALA E 205 -19.47 -4.23 44.54
N VAL E 206 -19.97 -3.00 44.36
CA VAL E 206 -21.32 -2.77 43.78
C VAL E 206 -21.44 -3.09 42.28
N ASP E 207 -22.66 -3.41 41.85
CA ASP E 207 -22.92 -3.96 40.52
C ASP E 207 -22.76 -2.93 39.38
N ASP E 208 -22.67 -3.44 38.15
CA ASP E 208 -22.54 -2.62 36.92
C ASP E 208 -23.68 -1.63 36.74
N ALA E 213 -22.34 -7.11 44.65
CA ALA E 213 -21.91 -8.35 44.01
C ALA E 213 -20.45 -8.77 44.29
N GLN E 214 -20.18 -10.06 44.14
CA GLN E 214 -18.87 -10.67 44.45
C GLN E 214 -18.11 -11.04 43.17
N TYR E 215 -16.80 -10.80 43.19
CA TYR E 215 -15.93 -11.14 42.06
C TYR E 215 -14.79 -12.02 42.51
N ALA E 216 -14.37 -12.90 41.60
CA ALA E 216 -13.22 -13.72 41.81
C ALA E 216 -12.23 -13.51 40.67
N ILE E 217 -10.96 -13.36 41.03
CA ILE E 217 -9.92 -13.03 40.08
C ILE E 217 -8.78 -14.05 40.19
N LYS E 218 -8.47 -14.68 39.06
CA LYS E 218 -7.44 -15.66 38.98
C LYS E 218 -6.30 -15.10 38.12
N THR E 219 -5.07 -15.38 38.52
CA THR E 219 -3.90 -15.07 37.73
C THR E 219 -3.18 -16.37 37.28
N GLY E 220 -2.12 -16.22 36.47
CA GLY E 220 -1.29 -17.34 36.06
C GLY E 220 -0.47 -18.05 37.13
N LYS E 221 -0.15 -17.36 38.21
CA LYS E 221 0.67 -17.95 39.30
C LYS E 221 0.47 -17.25 40.64
N LYS E 222 0.81 -17.94 41.74
CA LYS E 222 0.76 -17.39 43.11
C LYS E 222 1.45 -16.05 43.18
N GLU E 223 2.59 -15.95 42.51
CA GLU E 223 3.42 -14.74 42.44
C GLU E 223 2.54 -13.53 42.19
N THR E 224 2.12 -13.37 40.94
CA THR E 224 1.23 -12.31 40.48
C THR E 224 0.01 -12.06 41.38
N THR E 225 -0.75 -13.11 41.68
CA THR E 225 -1.94 -13.00 42.52
C THR E 225 -1.63 -12.31 43.86
N ASP E 226 -0.60 -12.78 44.56
CA ASP E 226 -0.16 -12.09 45.79
C ASP E 226 0.19 -10.62 45.54
N GLU E 227 0.94 -10.33 44.48
CA GLU E 227 1.21 -8.94 44.11
C GLU E 227 -0.11 -8.18 43.89
N LEU E 228 -1.02 -8.75 43.09
CA LEU E 228 -2.29 -8.09 42.80
C LEU E 228 -3.01 -7.70 44.09
N TYR E 229 -3.08 -8.66 45.02
CA TYR E 229 -3.59 -8.46 46.38
C TYR E 229 -2.94 -7.29 47.09
N ASN E 230 -1.61 -7.34 47.19
CA ASN E 230 -0.89 -6.36 47.99
C ASN E 230 -1.07 -4.93 47.48
N ILE E 231 -1.06 -4.76 46.16
CA ILE E 231 -1.19 -3.41 45.59
C ILE E 231 -2.62 -2.94 45.66
N ILE E 232 -3.56 -3.87 45.67
CA ILE E 232 -4.95 -3.48 45.85
C ILE E 232 -5.06 -2.96 47.28
N VAL E 233 -4.90 -3.86 48.24
CA VAL E 233 -5.06 -3.56 49.66
C VAL E 233 -4.25 -2.32 50.06
N LYS E 234 -3.03 -2.18 49.53
CA LYS E 234 -2.22 -0.98 49.72
C LYS E 234 -3.06 0.30 49.53
N SER E 235 -4.21 0.15 48.87
CA SER E 235 -5.25 1.19 48.78
C SER E 235 -6.62 0.58 49.13
N GLY F 1 -51.78 -6.93 27.79
CA GLY F 1 -51.69 -5.53 27.21
C GLY F 1 -52.71 -5.31 26.10
N ALA F 2 -52.33 -4.49 25.13
CA ALA F 2 -53.21 -4.03 24.05
C ALA F 2 -52.78 -4.66 22.72
N MET F 3 -51.49 -5.00 22.60
CA MET F 3 -50.95 -5.46 21.34
C MET F 3 -51.60 -6.77 20.97
N GLU F 4 -52.08 -7.48 21.99
CA GLU F 4 -52.69 -8.79 21.79
C GLU F 4 -54.05 -8.78 21.10
N GLY F 5 -54.62 -7.60 20.83
CA GLY F 5 -55.97 -7.51 20.24
C GLY F 5 -56.07 -8.05 18.81
N ILE F 6 -54.98 -7.99 18.04
CA ILE F 6 -54.92 -8.56 16.68
C ILE F 6 -55.11 -10.05 16.70
N LEU F 7 -54.86 -10.67 17.86
CA LEU F 7 -55.02 -12.12 18.00
C LEU F 7 -56.48 -12.54 18.10
N ASP F 8 -57.37 -11.62 18.46
CA ASP F 8 -58.79 -11.96 18.54
C ASP F 8 -59.44 -11.82 17.16
N PHE F 9 -59.95 -12.95 16.68
CA PHE F 9 -60.47 -13.13 15.31
C PHE F 9 -62.00 -13.09 15.27
N SER F 10 -62.63 -12.94 16.43
CA SER F 10 -64.08 -12.75 16.51
C SER F 10 -64.46 -11.33 16.01
N ASN F 11 -63.45 -10.59 15.56
CA ASN F 11 -63.60 -9.20 15.14
C ASN F 11 -62.88 -8.88 13.82
N ASP F 12 -63.37 -7.88 13.11
CA ASP F 12 -62.78 -7.44 11.85
C ASP F 12 -61.36 -7.00 12.16
N LEU F 13 -60.40 -7.52 11.40
CA LEU F 13 -59.00 -7.16 11.59
C LEU F 13 -58.84 -5.65 11.49
N ASP F 14 -58.23 -5.09 12.52
CA ASP F 14 -57.83 -3.71 12.55
C ASP F 14 -56.40 -3.57 12.05
N ILE F 15 -56.25 -2.99 10.86
CA ILE F 15 -54.95 -2.84 10.19
C ILE F 15 -53.98 -1.94 10.95
N ALA F 16 -54.47 -0.77 11.38
CA ALA F 16 -53.69 0.17 12.17
C ALA F 16 -53.16 -0.41 13.48
N LEU F 17 -53.96 -1.23 14.16
CA LEU F 17 -53.40 -1.91 15.33
C LEU F 17 -52.20 -2.81 14.90
N LEU F 18 -52.39 -3.55 13.80
CA LEU F 18 -51.40 -4.49 13.28
C LEU F 18 -50.10 -3.78 12.97
N ASP F 19 -50.24 -2.64 12.28
CA ASP F 19 -49.10 -1.87 11.84
C ASP F 19 -48.33 -1.34 13.04
N GLN F 20 -49.05 -1.06 14.13
CA GLN F 20 -48.41 -0.60 15.38
C GLN F 20 -47.63 -1.72 16.13
N VAL F 21 -48.22 -2.89 16.20
CA VAL F 21 -47.56 -4.05 16.78
C VAL F 21 -46.32 -4.38 15.91
N VAL F 22 -46.49 -4.32 14.60
CA VAL F 22 -45.38 -4.59 13.72
C VAL F 22 -44.27 -3.57 13.93
N SER F 23 -44.64 -2.29 14.03
CA SER F 23 -43.66 -1.22 14.27
C SER F 23 -42.95 -1.39 15.61
N THR F 24 -43.69 -1.84 16.60
CA THR F 24 -43.11 -2.08 17.90
C THR F 24 -42.06 -3.19 17.87
N PHE F 25 -42.26 -4.19 17.03
CA PHE F 25 -41.33 -5.22 16.99
C PHE F 25 -40.05 -4.83 16.21
N TYR F 26 -40.20 -4.30 15.00
CA TYR F 26 -39.05 -3.99 14.13
C TYR F 26 -38.27 -2.75 14.55
N GLN F 27 -38.99 -1.77 15.11
CA GLN F 27 -38.40 -0.49 15.51
C GLN F 27 -38.31 -0.27 17.02
N GLY F 28 -38.90 -1.15 17.83
CA GLY F 28 -38.82 -0.98 19.29
C GLY F 28 -37.67 -1.79 19.87
N SER F 29 -37.66 -1.98 21.19
CA SER F 29 -36.68 -2.86 21.85
C SER F 29 -37.13 -3.32 23.24
N GLY F 30 -36.30 -4.08 23.96
CA GLY F 30 -36.62 -4.60 25.32
C GLY F 30 -37.87 -5.47 25.41
N VAL F 31 -38.62 -5.39 26.52
CA VAL F 31 -39.89 -6.20 26.66
C VAL F 31 -40.95 -5.95 25.58
N GLN F 32 -41.03 -4.75 25.06
CA GLN F 32 -42.12 -4.43 24.12
C GLN F 32 -41.92 -5.15 22.79
N GLN F 33 -40.71 -5.03 22.27
CA GLN F 33 -40.36 -5.69 21.04
C GLN F 33 -40.46 -7.18 21.25
N LYS F 34 -39.97 -7.64 22.40
CA LYS F 34 -40.03 -9.05 22.73
C LYS F 34 -41.49 -9.59 22.76
N GLN F 35 -42.41 -8.88 23.40
CA GLN F 35 -43.85 -9.32 23.42
C GLN F 35 -44.52 -9.18 22.08
N ALA F 36 -44.17 -8.14 21.34
CA ALA F 36 -44.80 -7.93 20.05
C ALA F 36 -44.42 -9.07 19.12
N GLN F 37 -43.18 -9.53 19.25
CA GLN F 37 -42.69 -10.68 18.51
C GLN F 37 -43.51 -11.94 18.80
N GLU F 38 -43.74 -12.22 20.08
CA GLU F 38 -44.63 -13.32 20.52
C GLU F 38 -46.00 -13.25 19.87
N ILE F 39 -46.61 -12.08 19.91
CA ILE F 39 -47.91 -11.86 19.27
C ILE F 39 -47.92 -12.04 17.74
N LEU F 40 -46.96 -11.44 17.05
CA LEU F 40 -46.85 -11.58 15.59
C LEU F 40 -46.69 -13.06 15.16
N THR F 41 -45.88 -13.80 15.88
CA THR F 41 -45.71 -15.23 15.56
C THR F 41 -47.10 -15.87 15.63
N LYS F 42 -47.79 -15.64 16.75
CA LYS F 42 -49.14 -16.25 16.97
C LYS F 42 -50.13 -15.86 15.90
N PHE F 43 -50.06 -14.60 15.49
CA PHE F 43 -50.95 -14.15 14.46
C PHE F 43 -50.57 -14.78 13.12
N GLN F 44 -49.27 -14.87 12.86
CA GLN F 44 -48.79 -15.47 11.63
C GLN F 44 -49.23 -16.94 11.55
N ASP F 45 -49.18 -17.65 12.69
CA ASP F 45 -49.52 -19.08 12.74
C ASP F 45 -51.01 -19.44 12.86
N ASN F 46 -51.89 -18.46 13.05
CA ASN F 46 -53.35 -18.72 13.13
C ASN F 46 -53.82 -19.19 11.76
N PRO F 47 -54.39 -20.41 11.67
CA PRO F 47 -54.75 -20.97 10.34
C PRO F 47 -55.80 -20.16 9.54
N ASP F 48 -56.31 -19.07 10.11
CA ASP F 48 -57.24 -18.25 9.35
C ASP F 48 -56.70 -16.87 9.02
N ALA F 49 -55.47 -16.59 9.46
CA ALA F 49 -54.74 -15.35 9.10
C ALA F 49 -54.68 -15.10 7.59
N TRP F 50 -54.58 -16.17 6.80
CA TRP F 50 -54.52 -16.04 5.33
C TRP F 50 -55.71 -15.26 4.77
N GLN F 51 -56.89 -15.49 5.32
CA GLN F 51 -58.12 -14.77 4.92
C GLN F 51 -58.04 -13.24 5.09
N LYS F 52 -57.23 -12.77 6.03
CA LYS F 52 -57.08 -11.33 6.27
C LYS F 52 -56.04 -10.71 5.35
N ALA F 53 -55.21 -11.54 4.70
CA ALA F 53 -54.01 -11.08 3.98
C ALA F 53 -54.27 -10.17 2.77
N ASP F 54 -55.37 -10.42 2.05
CA ASP F 54 -55.74 -9.54 0.92
C ASP F 54 -55.95 -8.11 1.42
N GLN F 55 -56.74 -7.98 2.49
CA GLN F 55 -56.90 -6.68 3.16
C GLN F 55 -55.58 -6.06 3.61
N ILE F 56 -54.69 -6.84 4.24
CA ILE F 56 -53.40 -6.29 4.69
C ILE F 56 -52.52 -5.81 3.52
N LEU F 57 -52.41 -6.63 2.48
CA LEU F 57 -51.55 -6.30 1.36
C LEU F 57 -52.08 -5.08 0.59
N GLN F 58 -53.40 -4.96 0.50
CA GLN F 58 -54.00 -3.80 -0.17
C GLN F 58 -53.91 -2.53 0.67
N PHE F 59 -54.23 -2.60 1.97
CA PHE F 59 -54.40 -1.36 2.76
C PHE F 59 -53.31 -1.00 3.76
N SER F 60 -52.55 -1.97 4.25
CA SER F 60 -51.52 -1.67 5.26
C SER F 60 -50.61 -0.54 4.80
N THR F 61 -50.12 0.26 5.74
CA THR F 61 -49.19 1.34 5.37
C THR F 61 -47.79 0.93 5.82
N ASN F 62 -47.65 -0.31 6.27
CA ASN F 62 -46.39 -0.74 6.85
C ASN F 62 -45.82 -1.93 6.07
N PRO F 63 -44.75 -1.68 5.29
CA PRO F 63 -44.08 -2.66 4.41
C PRO F 63 -43.73 -3.94 5.13
N GLN F 64 -43.43 -3.85 6.43
CA GLN F 64 -43.15 -5.07 7.18
C GLN F 64 -44.46 -5.83 7.55
N SER F 65 -45.59 -5.12 7.69
CA SER F 65 -46.89 -5.83 7.84
C SER F 65 -47.20 -6.61 6.58
N LYS F 66 -46.80 -6.09 5.43
CA LYS F 66 -47.12 -6.74 4.17
C LYS F 66 -46.19 -7.93 3.90
N PHE F 67 -44.93 -7.81 4.31
CA PHE F 67 -43.99 -8.97 4.24
C PHE F 67 -44.55 -10.15 5.02
N ILE F 68 -44.95 -9.89 6.28
CA ILE F 68 -45.60 -10.91 7.14
C ILE F 68 -46.87 -11.47 6.52
N ALA F 69 -47.68 -10.61 5.92
CA ALA F 69 -48.90 -11.06 5.18
C ALA F 69 -48.58 -12.15 4.11
N LEU F 70 -47.52 -11.91 3.35
CA LEU F 70 -46.96 -12.85 2.36
C LEU F 70 -46.35 -14.16 2.93
N SER F 71 -45.62 -14.10 4.07
CA SER F 71 -45.21 -15.34 4.73
C SER F 71 -46.48 -16.14 5.04
N ILE F 72 -47.54 -15.46 5.49
CA ILE F 72 -48.77 -16.19 5.89
C ILE F 72 -49.30 -16.92 4.65
N LEU F 73 -49.48 -16.18 3.58
CA LEU F 73 -49.76 -16.76 2.28
C LEU F 73 -48.81 -17.90 1.94
N ASP F 74 -47.52 -17.70 2.19
CA ASP F 74 -46.51 -18.73 1.89
C ASP F 74 -46.86 -20.07 2.55
N LYS F 75 -47.19 -20.05 3.84
CA LYS F 75 -47.52 -21.31 4.55
C LYS F 75 -48.74 -22.03 3.98
N LEU F 76 -49.67 -21.25 3.45
CA LEU F 76 -50.88 -21.76 2.81
C LEU F 76 -50.59 -22.42 1.47
N ILE F 77 -49.93 -21.69 0.58
CA ILE F 77 -49.55 -22.16 -0.75
C ILE F 77 -48.75 -23.47 -0.63
N THR F 78 -47.84 -23.54 0.35
CA THR F 78 -46.91 -24.66 0.41
C THR F 78 -47.48 -25.83 1.14
N ARG F 79 -48.44 -25.59 2.00
CA ARG F 79 -48.89 -26.69 2.81
C ARG F 79 -50.31 -27.13 2.52
N LYS F 80 -51.16 -26.19 2.07
CA LYS F 80 -52.58 -26.50 1.88
C LYS F 80 -53.26 -25.98 0.58
N TRP F 81 -52.49 -25.47 -0.38
CA TRP F 81 -53.04 -25.02 -1.67
C TRP F 81 -54.13 -25.92 -2.26
N LYS F 82 -54.02 -27.23 -2.03
CA LYS F 82 -54.94 -28.20 -2.64
C LYS F 82 -56.24 -28.35 -1.85
N LEU F 83 -56.38 -27.61 -0.77
CA LEU F 83 -57.59 -27.62 0.06
C LEU F 83 -58.44 -26.42 -0.32
N LEU F 84 -57.90 -25.59 -1.21
CA LEU F 84 -58.59 -24.44 -1.73
C LEU F 84 -59.37 -24.80 -3.02
N PRO F 85 -60.47 -24.06 -3.30
CA PRO F 85 -61.17 -24.15 -4.59
C PRO F 85 -60.58 -23.16 -5.60
N ASN F 86 -60.74 -23.43 -6.89
CA ASN F 86 -60.11 -22.60 -7.92
C ASN F 86 -60.36 -21.11 -7.70
N ASP F 87 -61.48 -20.83 -7.05
CA ASP F 87 -61.94 -19.48 -6.76
C ASP F 87 -60.90 -18.72 -5.93
N HIS F 88 -60.55 -19.31 -4.79
CA HIS F 88 -59.53 -18.74 -3.91
C HIS F 88 -58.13 -18.75 -4.52
N ARG F 89 -57.86 -19.77 -5.34
CA ARG F 89 -56.60 -19.99 -6.02
C ARG F 89 -56.30 -18.97 -7.12
N ILE F 90 -57.14 -18.92 -8.15
CA ILE F 90 -57.07 -17.83 -9.13
C ILE F 90 -57.09 -16.51 -8.38
N GLY F 91 -57.94 -16.42 -7.38
CA GLY F 91 -58.02 -15.18 -6.60
C GLY F 91 -56.65 -14.74 -6.06
N ILE F 92 -55.96 -15.66 -5.39
CA ILE F 92 -54.67 -15.35 -4.77
C ILE F 92 -53.63 -15.04 -5.87
N ARG F 93 -53.61 -15.85 -6.90
CA ARG F 93 -52.55 -15.71 -7.89
C ARG F 93 -52.65 -14.42 -8.69
N ASN F 94 -53.88 -14.05 -9.04
CA ASN F 94 -54.08 -12.72 -9.65
C ASN F 94 -53.86 -11.57 -8.67
N PHE F 95 -54.16 -11.76 -7.39
CA PHE F 95 -53.74 -10.72 -6.42
C PHE F 95 -52.23 -10.44 -6.43
N VAL F 96 -51.45 -11.51 -6.41
CA VAL F 96 -49.99 -11.42 -6.23
C VAL F 96 -49.34 -10.79 -7.46
N VAL F 97 -49.69 -11.32 -8.63
CA VAL F 97 -49.25 -10.80 -9.91
C VAL F 97 -49.59 -9.33 -9.95
N GLY F 98 -50.83 -8.99 -9.63
CA GLY F 98 -51.24 -7.60 -9.70
C GLY F 98 -50.56 -6.72 -8.67
N MET F 99 -50.29 -7.26 -7.49
CA MET F 99 -49.55 -6.46 -6.51
C MET F 99 -48.12 -6.20 -7.02
N ILE F 100 -47.52 -7.20 -7.65
CA ILE F 100 -46.12 -7.08 -8.10
C ILE F 100 -45.99 -5.99 -9.17
N ILE F 101 -46.96 -5.96 -10.05
CA ILE F 101 -46.95 -5.04 -11.19
C ILE F 101 -47.19 -3.63 -10.68
N SER F 102 -48.12 -3.46 -9.74
CA SER F 102 -48.41 -2.12 -9.18
C SER F 102 -47.23 -1.60 -8.39
N MET F 103 -46.47 -2.51 -7.78
CA MET F 103 -45.27 -2.08 -7.07
C MET F 103 -44.17 -1.65 -8.03
N CYS F 104 -44.05 -2.36 -9.14
CA CYS F 104 -43.01 -2.05 -10.13
C CYS F 104 -43.33 -0.81 -10.98
N GLN F 105 -44.62 -0.48 -11.09
CA GLN F 105 -45.05 0.67 -11.88
C GLN F 105 -44.99 2.01 -11.12
N ASP F 106 -44.33 2.02 -9.96
CA ASP F 106 -44.13 3.22 -9.13
C ASP F 106 -42.65 3.33 -8.75
N ASP F 107 -41.94 4.25 -9.40
CA ASP F 107 -40.46 4.32 -9.41
C ASP F 107 -39.80 4.44 -8.04
N GLU F 108 -40.45 5.16 -7.13
CA GLU F 108 -39.96 5.32 -5.75
C GLU F 108 -40.19 4.06 -4.90
N VAL F 109 -41.30 3.36 -5.15
CA VAL F 109 -41.60 2.08 -4.49
C VAL F 109 -40.65 0.98 -4.99
N PHE F 110 -40.49 0.91 -6.31
CA PHE F 110 -39.52 0.02 -6.95
C PHE F 110 -38.10 0.29 -6.46
N LYS F 111 -37.82 1.53 -6.05
CA LYS F 111 -36.48 1.89 -5.55
C LYS F 111 -36.26 1.42 -4.13
N THR F 112 -37.24 1.66 -3.25
CA THR F 112 -37.08 1.50 -1.79
C THR F 112 -37.59 0.20 -1.17
N GLN F 113 -38.59 -0.42 -1.78
CA GLN F 113 -39.21 -1.62 -1.19
C GLN F 113 -38.91 -2.90 -1.95
N LYS F 114 -37.62 -3.08 -2.23
CA LYS F 114 -37.10 -4.22 -2.95
C LYS F 114 -37.36 -5.54 -2.18
N ASN F 115 -37.01 -5.59 -0.90
CA ASN F 115 -37.26 -6.77 -0.07
C ASN F 115 -38.72 -7.23 -0.14
N LEU F 116 -39.66 -6.28 -0.05
CA LEU F 116 -41.07 -6.62 -0.22
C LEU F 116 -41.40 -7.14 -1.62
N ILE F 117 -40.75 -6.57 -2.64
CA ILE F 117 -41.02 -6.93 -4.04
C ILE F 117 -40.48 -8.33 -4.33
N ASN F 118 -39.21 -8.53 -3.98
CA ASN F 118 -38.54 -9.82 -4.04
C ASN F 118 -39.35 -10.89 -3.29
N LYS F 119 -39.82 -10.55 -2.10
CA LYS F 119 -40.72 -11.43 -1.35
C LYS F 119 -41.96 -11.84 -2.11
N SER F 120 -42.57 -10.89 -2.84
CA SER F 120 -43.86 -11.18 -3.55
C SER F 120 -43.55 -12.03 -4.78
N ASP F 121 -42.41 -11.75 -5.41
CA ASP F 121 -41.86 -12.56 -6.50
C ASP F 121 -41.70 -14.01 -6.11
N LEU F 122 -41.13 -14.27 -4.92
CA LEU F 122 -41.00 -15.65 -4.38
C LEU F 122 -42.37 -16.25 -3.97
N THR F 123 -43.29 -15.44 -3.50
CA THR F 123 -44.61 -15.95 -3.18
C THR F 123 -45.27 -16.31 -4.54
N LEU F 124 -44.95 -15.60 -5.63
CA LEU F 124 -45.59 -16.01 -6.90
C LEU F 124 -44.97 -17.30 -7.38
N VAL F 125 -43.65 -17.37 -7.26
CA VAL F 125 -42.93 -18.59 -7.59
C VAL F 125 -43.42 -19.77 -6.77
N GLN F 126 -43.86 -19.52 -5.55
CA GLN F 126 -44.39 -20.66 -4.79
C GLN F 126 -45.69 -21.14 -5.42
N ILE F 127 -46.52 -20.22 -5.87
CA ILE F 127 -47.78 -20.59 -6.52
C ILE F 127 -47.52 -21.37 -7.79
N LEU F 128 -46.53 -20.92 -8.58
CA LEU F 128 -46.13 -21.63 -9.80
C LEU F 128 -45.70 -23.07 -9.58
N LYS F 129 -45.26 -23.38 -8.36
CA LYS F 129 -44.85 -24.75 -8.01
C LYS F 129 -46.08 -25.58 -7.80
N GLN F 130 -47.17 -24.94 -7.34
CA GLN F 130 -48.41 -25.66 -7.16
C GLN F 130 -49.16 -25.82 -8.48
N GLU F 131 -49.03 -24.82 -9.35
CA GLU F 131 -49.98 -24.46 -10.40
C GLU F 131 -49.49 -24.62 -11.84
N TRP F 132 -48.20 -24.37 -12.06
CA TRP F 132 -47.65 -24.29 -13.39
C TRP F 132 -46.83 -25.55 -13.77
N PRO F 133 -46.96 -26.01 -15.04
CA PRO F 133 -47.80 -25.43 -16.08
C PRO F 133 -49.23 -26.01 -16.21
N GLN F 134 -49.50 -27.13 -15.56
CA GLN F 134 -50.76 -27.88 -15.78
C GLN F 134 -52.04 -27.05 -15.62
N ASN F 135 -51.91 -25.88 -15.00
CA ASN F 135 -53.06 -25.07 -14.59
C ASN F 135 -52.78 -23.61 -14.71
N TRP F 136 -51.74 -23.28 -15.47
CA TRP F 136 -51.38 -21.91 -15.82
C TRP F 136 -50.56 -21.99 -17.06
N PRO F 137 -51.09 -22.67 -18.10
CA PRO F 137 -50.28 -22.86 -19.31
C PRO F 137 -49.76 -21.58 -19.93
N GLU F 138 -50.48 -20.48 -19.83
CA GLU F 138 -49.95 -19.27 -20.45
C GLU F 138 -49.13 -18.40 -19.54
N PHE F 139 -48.75 -18.87 -18.34
CA PHE F 139 -47.93 -17.99 -17.50
C PHE F 139 -46.70 -17.44 -18.21
N ILE F 140 -45.83 -18.31 -18.71
CA ILE F 140 -44.56 -17.79 -19.22
C ILE F 140 -44.72 -16.74 -20.33
N PRO F 141 -45.51 -17.05 -21.41
CA PRO F 141 -45.63 -16.02 -22.45
C PRO F 141 -46.25 -14.75 -21.88
N GLU F 142 -47.25 -14.89 -21.02
CA GLU F 142 -47.79 -13.73 -20.30
C GLU F 142 -46.82 -12.88 -19.51
N LEU F 143 -45.80 -13.50 -18.93
CA LEU F 143 -44.82 -12.79 -18.11
C LEU F 143 -43.78 -12.15 -19.04
N ILE F 144 -43.42 -12.92 -20.07
CA ILE F 144 -42.57 -12.41 -21.16
C ILE F 144 -43.32 -11.25 -21.79
N GLY F 145 -44.62 -11.45 -22.03
CA GLY F 145 -45.48 -10.37 -22.52
C GLY F 145 -45.35 -9.10 -21.71
N SER F 146 -45.49 -9.22 -20.39
CA SER F 146 -45.50 -8.06 -19.48
C SER F 146 -44.21 -7.23 -19.47
N SER F 147 -43.14 -7.78 -20.03
CA SER F 147 -41.84 -7.13 -19.96
C SER F 147 -41.75 -5.87 -20.82
N SER F 148 -42.42 -5.90 -21.98
CA SER F 148 -42.36 -4.77 -22.93
C SER F 148 -43.28 -3.62 -22.54
N SER F 149 -44.18 -3.88 -21.61
CA SER F 149 -44.97 -2.81 -20.97
C SER F 149 -44.10 -1.74 -20.29
N SER F 150 -43.06 -2.14 -19.57
CA SER F 150 -42.23 -1.17 -18.85
C SER F 150 -40.95 -1.78 -18.27
N VAL F 151 -39.93 -0.94 -18.15
CA VAL F 151 -38.56 -1.37 -17.77
C VAL F 151 -38.41 -1.98 -16.36
N ASN F 152 -39.18 -1.48 -15.40
CA ASN F 152 -39.13 -2.01 -14.03
C ASN F 152 -39.67 -3.41 -13.96
N VAL F 153 -40.74 -3.64 -14.71
CA VAL F 153 -41.47 -4.89 -14.70
C VAL F 153 -40.65 -5.93 -15.48
N CYS F 154 -39.88 -5.44 -16.44
CA CYS F 154 -38.92 -6.26 -17.17
C CYS F 154 -37.80 -6.73 -16.24
N GLU F 155 -37.25 -5.80 -15.48
CA GLU F 155 -36.28 -6.08 -14.43
C GLU F 155 -36.85 -7.09 -13.43
N ASN F 156 -38.07 -6.84 -12.94
CA ASN F 156 -38.68 -7.73 -11.99
C ASN F 156 -38.93 -9.12 -12.51
N ASN F 157 -39.33 -9.24 -13.79
CA ASN F 157 -39.51 -10.54 -14.42
C ASN F 157 -38.24 -11.36 -14.46
N MET F 158 -37.08 -10.69 -14.59
CA MET F 158 -35.78 -11.34 -14.42
C MET F 158 -35.65 -11.93 -13.00
N ILE F 159 -35.93 -11.13 -11.98
CA ILE F 159 -35.98 -11.66 -10.60
C ILE F 159 -36.91 -12.87 -10.49
N VAL F 160 -38.09 -12.80 -11.09
CA VAL F 160 -39.04 -13.90 -10.98
C VAL F 160 -38.53 -15.19 -11.67
N LEU F 161 -37.91 -15.04 -12.83
CA LEU F 161 -37.38 -16.18 -13.57
C LEU F 161 -36.14 -16.76 -12.89
N LYS F 162 -35.26 -15.90 -12.37
CA LYS F 162 -34.15 -16.33 -11.52
C LYS F 162 -34.57 -17.16 -10.31
N LEU F 163 -35.61 -16.72 -9.59
CA LEU F 163 -36.11 -17.49 -8.44
C LEU F 163 -36.74 -18.80 -8.82
N LEU F 164 -37.49 -18.82 -9.93
CA LEU F 164 -38.11 -20.05 -10.43
C LEU F 164 -37.07 -21.15 -10.76
N SER F 165 -36.02 -20.74 -11.47
CA SER F 165 -34.87 -21.59 -11.81
C SER F 165 -34.16 -22.15 -10.55
N GLU F 166 -33.86 -21.28 -9.58
CA GLU F 166 -33.36 -21.70 -8.27
C GLU F 166 -34.24 -22.76 -7.62
N GLU F 167 -35.55 -22.48 -7.57
CA GLU F 167 -36.48 -23.37 -6.88
C GLU F 167 -36.67 -24.68 -7.61
N VAL F 168 -36.50 -24.63 -8.93
CA VAL F 168 -36.69 -25.84 -9.74
C VAL F 168 -35.45 -26.67 -9.80
N PHE F 169 -34.31 -26.03 -10.07
CA PHE F 169 -33.08 -26.82 -10.27
C PHE F 169 -32.13 -26.87 -9.10
N ASP F 170 -32.01 -25.77 -8.36
CA ASP F 170 -30.97 -25.67 -7.31
C ASP F 170 -31.41 -26.10 -5.94
N PHE F 171 -32.70 -25.99 -5.63
CA PHE F 171 -33.20 -26.23 -4.30
C PHE F 171 -34.41 -27.17 -4.27
N SER F 172 -34.66 -27.91 -5.36
CA SER F 172 -35.70 -28.94 -5.34
C SER F 172 -35.33 -30.19 -4.58
N ALA F 173 -34.04 -30.56 -4.59
CA ALA F 173 -33.66 -31.81 -3.90
C ALA F 173 -34.24 -31.79 -2.48
N GLU F 174 -34.93 -32.87 -2.12
CA GLU F 174 -35.49 -33.05 -0.76
C GLU F 174 -36.54 -32.03 -0.30
N GLN F 175 -36.72 -30.89 -1.00
CA GLN F 175 -37.92 -30.07 -0.69
C GLN F 175 -39.17 -30.36 -1.57
N MET F 176 -38.98 -31.07 -2.67
CA MET F 176 -40.06 -31.64 -3.48
C MET F 176 -39.80 -33.12 -3.67
N THR F 177 -40.84 -33.86 -4.05
CA THR F 177 -40.72 -35.26 -4.47
C THR F 177 -39.88 -35.31 -5.72
N GLN F 178 -39.18 -36.42 -5.92
CA GLN F 178 -38.39 -36.63 -7.12
C GLN F 178 -39.27 -36.43 -8.34
N ALA F 179 -40.51 -36.88 -8.24
CA ALA F 179 -41.41 -36.80 -9.40
C ALA F 179 -41.78 -35.35 -9.72
N LYS F 180 -42.05 -34.56 -8.68
CA LYS F 180 -42.43 -33.14 -8.84
C LYS F 180 -41.25 -32.29 -9.28
N ALA F 181 -40.06 -32.54 -8.73
CA ALA F 181 -38.87 -31.84 -9.24
C ALA F 181 -38.65 -32.14 -10.74
N LEU F 182 -38.85 -33.40 -11.11
CA LEU F 182 -38.65 -33.83 -12.50
C LEU F 182 -39.59 -33.11 -13.47
N HIS F 183 -40.88 -33.19 -13.18
CA HIS F 183 -41.95 -32.53 -13.93
C HIS F 183 -41.63 -31.06 -14.16
N LEU F 184 -41.41 -30.34 -13.07
CA LEU F 184 -41.09 -28.94 -13.15
C LEU F 184 -39.76 -28.64 -13.90
N LYS F 185 -38.78 -29.54 -13.83
CA LYS F 185 -37.53 -29.33 -14.62
C LYS F 185 -37.83 -29.54 -16.11
N ASN F 186 -38.66 -30.54 -16.38
CA ASN F 186 -39.17 -30.75 -17.74
C ASN F 186 -39.96 -29.56 -18.28
N SER F 187 -40.91 -29.04 -17.48
CA SER F 187 -41.70 -27.85 -17.88
C SER F 187 -40.82 -26.64 -18.15
N MET F 188 -39.86 -26.34 -17.27
CA MET F 188 -39.05 -25.14 -17.50
C MET F 188 -38.23 -25.24 -18.77
N SER F 189 -37.72 -26.44 -19.02
CA SER F 189 -36.89 -26.73 -20.15
C SER F 189 -37.73 -26.65 -21.43
N LYS F 190 -38.98 -27.12 -21.38
CA LYS F 190 -39.95 -26.86 -22.46
C LYS F 190 -39.89 -25.40 -22.90
N GLU F 191 -39.93 -24.49 -21.92
CA GLU F 191 -40.16 -23.08 -22.20
C GLU F 191 -38.91 -22.23 -22.14
N PHE F 192 -37.76 -22.86 -22.01
CA PHE F 192 -36.57 -22.03 -21.85
C PHE F 192 -36.26 -21.19 -23.07
N GLU F 193 -36.62 -21.73 -24.24
CA GLU F 193 -36.37 -21.05 -25.52
C GLU F 193 -36.96 -19.65 -25.51
N GLN F 194 -38.25 -19.53 -25.15
CA GLN F 194 -38.89 -18.21 -25.01
C GLN F 194 -38.09 -17.32 -24.06
N ILE F 195 -37.69 -17.90 -22.92
CA ILE F 195 -36.99 -17.19 -21.83
C ILE F 195 -35.64 -16.67 -22.34
N PHE F 196 -34.93 -17.54 -23.06
CA PHE F 196 -33.62 -17.14 -23.54
C PHE F 196 -33.72 -15.97 -24.54
N LYS F 197 -34.79 -15.95 -25.33
CA LYS F 197 -34.94 -14.91 -26.31
C LYS F 197 -35.13 -13.57 -25.60
N LEU F 198 -36.09 -13.50 -24.67
CA LEU F 198 -36.26 -12.30 -23.85
C LEU F 198 -34.93 -11.92 -23.24
N CYS F 199 -34.34 -12.90 -22.58
CA CYS F 199 -33.11 -12.72 -21.84
C CYS F 199 -31.97 -12.22 -22.74
N PHE F 200 -31.81 -12.81 -23.92
CA PHE F 200 -30.80 -12.39 -24.92
C PHE F 200 -31.06 -10.97 -25.45
N GLN F 201 -32.33 -10.70 -25.74
CA GLN F 201 -32.72 -9.38 -26.23
C GLN F 201 -32.23 -8.28 -25.32
N VAL F 202 -32.48 -8.45 -24.02
CA VAL F 202 -32.08 -7.42 -23.08
C VAL F 202 -30.57 -7.28 -23.12
N LEU F 203 -29.88 -8.41 -23.23
CA LEU F 203 -28.41 -8.38 -23.20
C LEU F 203 -27.77 -7.55 -24.34
N GLU F 204 -28.30 -7.64 -25.56
CA GLU F 204 -27.72 -6.82 -26.64
C GLU F 204 -28.32 -5.40 -26.78
N GLN F 205 -29.65 -5.30 -26.69
CA GLN F 205 -30.34 -4.01 -26.95
C GLN F 205 -30.60 -3.16 -25.69
N GLY F 206 -30.50 -3.77 -24.51
CA GLY F 206 -30.81 -3.10 -23.24
C GLY F 206 -29.79 -2.06 -22.78
N SER F 207 -30.31 -0.94 -22.29
CA SER F 207 -29.44 0.18 -21.90
C SER F 207 -29.40 0.42 -20.39
N SER F 208 -30.40 -0.09 -19.69
CA SER F 208 -30.52 0.13 -18.23
C SER F 208 -29.53 -0.72 -17.39
N SER F 209 -28.85 -0.08 -16.44
CA SER F 209 -27.73 -0.70 -15.72
C SER F 209 -28.15 -1.71 -14.64
N SER F 210 -29.29 -1.47 -13.99
CA SER F 210 -29.81 -2.41 -13.00
C SER F 210 -30.49 -3.57 -13.73
N LEU F 211 -31.07 -3.28 -14.89
CA LEU F 211 -31.76 -4.28 -15.71
C LEU F 211 -30.81 -5.32 -16.32
N ILE F 212 -29.66 -4.86 -16.81
CA ILE F 212 -28.71 -5.77 -17.40
C ILE F 212 -28.13 -6.68 -16.32
N VAL F 213 -27.78 -6.09 -15.18
CA VAL F 213 -27.27 -6.79 -14.01
C VAL F 213 -28.25 -7.86 -13.56
N ALA F 214 -29.53 -7.48 -13.45
CA ALA F 214 -30.57 -8.43 -13.08
C ALA F 214 -30.62 -9.59 -14.08
N THR F 215 -30.60 -9.27 -15.39
CA THR F 215 -30.56 -10.30 -16.43
C THR F 215 -29.30 -11.17 -16.31
N LEU F 216 -28.15 -10.59 -15.99
CA LEU F 216 -26.96 -11.42 -15.73
C LEU F 216 -27.06 -12.31 -14.50
N GLU F 217 -27.87 -11.89 -13.52
CA GLU F 217 -28.04 -12.68 -12.31
C GLU F 217 -28.89 -13.85 -12.70
N SER F 218 -29.86 -13.63 -13.59
CA SER F 218 -30.71 -14.73 -14.00
C SER F 218 -29.95 -15.77 -14.79
N LEU F 219 -29.10 -15.30 -15.68
CA LEU F 219 -28.33 -16.14 -16.58
C LEU F 219 -27.37 -17.04 -15.80
N LEU F 220 -26.70 -16.46 -14.81
CA LEU F 220 -25.87 -17.22 -13.88
C LEU F 220 -26.51 -18.48 -13.38
N ARG F 221 -27.76 -18.39 -12.95
CA ARG F 221 -28.49 -19.56 -12.50
C ARG F 221 -28.92 -20.51 -13.66
N TYR F 222 -29.20 -19.95 -14.84
CA TYR F 222 -29.58 -20.81 -15.97
C TYR F 222 -28.41 -21.71 -16.36
N LEU F 223 -27.19 -21.20 -16.21
CA LEU F 223 -25.97 -21.91 -16.61
C LEU F 223 -25.73 -23.16 -15.77
N HIS F 224 -26.44 -23.31 -14.65
CA HIS F 224 -26.39 -24.59 -13.90
C HIS F 224 -26.97 -25.79 -14.67
N TRP F 225 -27.88 -25.54 -15.63
CA TRP F 225 -28.68 -26.66 -16.18
C TRP F 225 -28.93 -26.62 -17.69
N ILE F 226 -28.89 -25.44 -18.31
CA ILE F 226 -29.29 -25.32 -19.72
C ILE F 226 -28.29 -25.97 -20.68
N PRO F 227 -28.79 -26.44 -21.85
CA PRO F 227 -27.94 -27.02 -22.91
C PRO F 227 -26.84 -26.06 -23.34
N TYR F 228 -25.64 -26.58 -23.57
CA TYR F 228 -24.47 -25.74 -23.93
C TYR F 228 -24.67 -24.88 -25.18
N ARG F 229 -25.59 -25.29 -26.07
CA ARG F 229 -25.87 -24.57 -27.33
C ARG F 229 -26.32 -23.13 -27.12
N TYR F 230 -27.05 -22.85 -26.04
CA TYR F 230 -27.37 -21.44 -25.72
C TYR F 230 -26.14 -20.58 -25.46
N ILE F 231 -25.01 -21.19 -25.12
CA ILE F 231 -23.82 -20.38 -24.85
C ILE F 231 -22.86 -20.33 -26.07
N TYR F 232 -22.57 -21.51 -26.62
CA TYR F 232 -21.63 -21.61 -27.72
C TYR F 232 -22.20 -21.20 -29.08
N GLU F 233 -23.45 -21.56 -29.33
CA GLU F 233 -24.11 -21.33 -30.62
C GLU F 233 -24.95 -20.04 -30.61
N THR F 234 -24.61 -19.09 -29.72
CA THR F 234 -25.15 -17.72 -29.79
C THR F 234 -23.96 -16.75 -29.72
N ASN F 235 -24.21 -15.46 -29.70
CA ASN F 235 -23.12 -14.54 -29.46
C ASN F 235 -22.97 -14.15 -27.97
N ILE F 236 -23.46 -14.99 -27.07
CA ILE F 236 -23.46 -14.60 -25.67
C ILE F 236 -22.04 -14.71 -25.12
N LEU F 237 -21.32 -15.77 -25.50
CA LEU F 237 -19.92 -15.90 -25.10
C LEU F 237 -19.14 -14.61 -25.32
N GLU F 238 -19.13 -14.17 -26.56
CA GLU F 238 -18.42 -12.95 -26.98
C GLU F 238 -18.90 -11.72 -26.20
N LEU F 239 -20.22 -11.64 -26.03
CA LEU F 239 -20.85 -10.52 -25.35
C LEU F 239 -20.37 -10.41 -23.90
N LEU F 240 -20.34 -11.55 -23.20
CA LEU F 240 -19.87 -11.57 -21.82
C LEU F 240 -18.39 -11.29 -21.72
N SER F 241 -17.60 -11.89 -22.63
CA SER F 241 -16.14 -11.79 -22.60
C SER F 241 -15.57 -10.41 -22.97
N THR F 242 -16.40 -9.60 -23.62
CA THR F 242 -16.03 -8.31 -24.16
C THR F 242 -16.84 -7.21 -23.45
N LYS F 243 -18.00 -6.88 -23.98
CA LYS F 243 -18.70 -5.69 -23.53
C LYS F 243 -19.05 -5.73 -22.04
N PHE F 244 -19.30 -6.92 -21.50
CA PHE F 244 -19.72 -7.01 -20.10
C PHE F 244 -18.60 -7.04 -19.07
N MET F 245 -17.39 -7.42 -19.52
CA MET F 245 -16.16 -7.18 -18.75
C MET F 245 -15.64 -5.71 -18.82
N THR F 246 -16.03 -4.99 -19.87
CA THR F 246 -15.63 -3.60 -20.05
C THR F 246 -16.35 -2.65 -19.09
N SER F 247 -17.69 -2.65 -19.09
CA SER F 247 -18.42 -1.77 -18.17
C SER F 247 -18.26 -2.23 -16.72
N PRO F 248 -17.79 -1.31 -15.86
CA PRO F 248 -17.51 -1.52 -14.42
C PRO F 248 -18.67 -2.10 -13.56
N ASP F 249 -19.92 -1.90 -13.95
CA ASP F 249 -21.03 -2.40 -13.12
C ASP F 249 -21.58 -3.79 -13.51
N THR F 250 -21.18 -4.29 -14.68
CA THR F 250 -21.56 -5.66 -15.08
C THR F 250 -20.51 -6.74 -14.80
N ARG F 251 -19.40 -6.34 -14.21
CA ARG F 251 -18.15 -7.09 -14.29
C ARG F 251 -18.06 -8.22 -13.32
N ALA F 252 -18.59 -7.98 -12.11
CA ALA F 252 -18.61 -8.97 -11.03
C ALA F 252 -19.49 -10.14 -11.42
N ILE F 253 -20.75 -9.82 -11.70
CA ILE F 253 -21.67 -10.84 -12.19
C ILE F 253 -21.20 -11.54 -13.48
N THR F 254 -20.54 -10.83 -14.39
CA THR F 254 -20.11 -11.46 -15.65
C THR F 254 -18.95 -12.45 -15.45
N LEU F 255 -18.05 -12.15 -14.52
CA LEU F 255 -17.01 -13.09 -14.22
C LEU F 255 -17.61 -14.37 -13.70
N LYS F 256 -18.65 -14.22 -12.87
CA LYS F 256 -19.30 -15.34 -12.22
C LYS F 256 -19.96 -16.21 -13.29
N CYS F 257 -20.65 -15.59 -14.25
CA CYS F 257 -21.15 -16.38 -15.41
C CYS F 257 -20.03 -17.06 -16.20
N LEU F 258 -18.98 -16.34 -16.53
CA LEU F 258 -17.83 -16.97 -17.24
C LEU F 258 -17.22 -18.12 -16.45
N THR F 259 -17.17 -17.97 -15.12
CA THR F 259 -16.74 -19.09 -14.27
C THR F 259 -17.63 -20.31 -14.42
N GLU F 260 -18.96 -20.10 -14.36
CA GLU F 260 -19.90 -21.22 -14.53
C GLU F 260 -19.82 -21.73 -15.95
N VAL F 261 -19.60 -20.83 -16.89
CA VAL F 261 -19.44 -21.27 -18.24
C VAL F 261 -18.20 -22.18 -18.32
N SER F 262 -17.15 -21.90 -17.56
CA SER F 262 -15.97 -22.76 -17.59
C SER F 262 -16.29 -24.17 -17.08
N ASN F 263 -17.52 -24.37 -16.61
CA ASN F 263 -17.97 -25.63 -16.03
C ASN F 263 -19.00 -26.39 -16.91
N LEU F 264 -19.47 -25.77 -17.99
CA LEU F 264 -20.52 -26.40 -18.82
C LEU F 264 -20.18 -27.82 -19.35
N LYS F 265 -21.21 -28.63 -19.59
CA LYS F 265 -21.06 -29.89 -20.29
C LYS F 265 -20.81 -29.58 -21.79
N ILE F 266 -19.70 -30.13 -22.29
CA ILE F 266 -18.96 -29.56 -23.41
C ILE F 266 -18.26 -30.69 -24.22
N PRO F 267 -18.61 -30.83 -25.52
CA PRO F 267 -18.02 -31.89 -26.36
C PRO F 267 -16.48 -31.90 -26.36
N GLN F 268 -15.89 -33.06 -26.11
CA GLN F 268 -14.44 -33.21 -25.99
C GLN F 268 -13.70 -33.21 -27.33
N ASP F 269 -14.31 -33.80 -28.36
CA ASP F 269 -13.67 -33.99 -29.67
C ASP F 269 -14.03 -32.91 -30.69
N ASN F 270 -14.42 -31.73 -30.20
CA ASN F 270 -14.81 -30.65 -31.09
C ASN F 270 -13.79 -29.51 -31.17
N ASP F 271 -13.47 -29.13 -32.39
CA ASP F 271 -12.36 -28.21 -32.66
C ASP F 271 -12.83 -26.76 -32.71
N LEU F 272 -14.07 -26.55 -33.14
CA LEU F 272 -14.66 -25.21 -33.15
C LEU F 272 -14.92 -24.78 -31.71
N ILE F 273 -15.35 -25.73 -30.89
CA ILE F 273 -15.74 -25.45 -29.52
C ILE F 273 -14.49 -25.22 -28.64
N LYS F 274 -13.48 -26.07 -28.83
CA LYS F 274 -12.14 -25.82 -28.27
C LYS F 274 -11.60 -24.42 -28.59
N ARG F 275 -11.71 -23.99 -29.85
CA ARG F 275 -11.31 -22.62 -30.25
C ARG F 275 -12.14 -21.52 -29.56
N GLN F 276 -13.43 -21.79 -29.36
CA GLN F 276 -14.31 -20.89 -28.61
C GLN F 276 -13.98 -20.81 -27.09
N THR F 277 -13.55 -21.93 -26.50
CA THR F 277 -13.18 -21.88 -25.09
C THR F 277 -11.93 -21.02 -24.87
N VAL F 278 -10.99 -21.10 -25.80
CA VAL F 278 -9.79 -20.27 -25.78
C VAL F 278 -10.12 -18.79 -25.94
N LEU F 279 -10.94 -18.45 -26.95
CA LEU F 279 -11.25 -17.03 -27.21
C LEU F 279 -12.01 -16.31 -26.10
N PHE F 280 -12.89 -17.00 -25.37
CA PHE F 280 -13.62 -16.19 -24.35
C PHE F 280 -12.61 -15.90 -23.20
N PHE F 281 -11.74 -16.85 -22.91
CA PHE F 281 -10.68 -16.64 -21.93
C PHE F 281 -9.74 -15.51 -22.36
N GLN F 282 -9.33 -15.55 -23.63
CA GLN F 282 -8.41 -14.55 -24.16
C GLN F 282 -9.06 -13.17 -24.17
N ASN F 283 -10.31 -13.10 -24.62
CA ASN F 283 -11.10 -11.87 -24.49
C ASN F 283 -11.15 -11.36 -23.04
N THR F 284 -11.31 -12.27 -22.09
CA THR F 284 -11.51 -11.87 -20.69
C THR F 284 -10.20 -11.40 -20.11
N LEU F 285 -9.15 -12.18 -20.27
CA LEU F 285 -7.85 -11.68 -19.80
C LEU F 285 -7.48 -10.32 -20.40
N GLN F 286 -7.82 -10.14 -21.68
CA GLN F 286 -7.59 -8.87 -22.39
C GLN F 286 -8.39 -7.69 -21.82
N GLN F 287 -9.70 -7.85 -21.57
CA GLN F 287 -10.49 -6.77 -20.98
C GLN F 287 -9.96 -6.38 -19.61
N ILE F 288 -9.50 -7.36 -18.82
CA ILE F 288 -8.99 -7.11 -17.46
C ILE F 288 -7.71 -6.27 -17.52
N ALA F 289 -6.76 -6.72 -18.36
CA ALA F 289 -5.50 -6.00 -18.60
C ALA F 289 -5.71 -4.54 -19.09
N THR F 290 -6.64 -4.36 -20.04
CA THR F 290 -7.02 -3.03 -20.61
C THR F 290 -7.90 -2.17 -19.71
N SER F 291 -9.00 -2.75 -19.17
CA SER F 291 -9.96 -1.95 -18.38
C SER F 291 -9.70 -1.99 -16.86
N VAL F 292 -9.15 -3.08 -16.31
CA VAL F 292 -9.11 -3.17 -14.83
C VAL F 292 -7.73 -2.99 -14.25
N MET F 293 -6.81 -3.94 -14.49
CA MET F 293 -5.45 -3.78 -14.01
C MET F 293 -4.45 -4.67 -14.78
N PRO F 294 -3.19 -4.26 -14.83
CA PRO F 294 -2.19 -5.05 -15.53
C PRO F 294 -1.60 -6.17 -14.65
N VAL F 295 -1.00 -7.16 -15.30
CA VAL F 295 -0.47 -8.34 -14.62
C VAL F 295 0.63 -8.00 -13.62
N THR F 296 1.12 -6.77 -13.71
CA THR F 296 2.21 -6.29 -12.84
C THR F 296 1.63 -5.55 -11.63
N ALA F 297 0.32 -5.32 -11.63
CA ALA F 297 -0.35 -4.75 -10.46
C ALA F 297 -0.08 -5.45 -9.12
N ASP F 298 0.15 -4.66 -8.08
CA ASP F 298 0.27 -5.15 -6.74
C ASP F 298 -1.14 -5.46 -6.22
N LEU F 299 -1.51 -6.73 -6.20
CA LEU F 299 -2.90 -7.07 -5.88
C LEU F 299 -3.06 -7.12 -4.37
N LYS F 300 -1.98 -7.47 -3.67
CA LYS F 300 -1.92 -7.42 -2.20
C LYS F 300 -2.23 -6.02 -1.67
N ALA F 301 -1.66 -5.00 -2.31
CA ALA F 301 -1.91 -3.61 -1.92
C ALA F 301 -3.32 -3.26 -2.28
N THR F 302 -3.70 -3.50 -3.53
CA THR F 302 -5.04 -3.21 -4.00
C THR F 302 -6.14 -3.86 -3.12
N TYR F 303 -5.90 -5.09 -2.66
CA TYR F 303 -6.93 -5.78 -1.88
C TYR F 303 -6.96 -5.18 -0.46
N ALA F 304 -5.79 -4.88 0.10
CA ALA F 304 -5.76 -4.28 1.41
C ALA F 304 -6.38 -2.86 1.48
N ASN F 305 -6.52 -2.14 0.36
CA ASN F 305 -7.20 -0.81 0.40
C ASN F 305 -8.72 -0.88 0.25
N ALA F 306 -9.23 -2.07 -0.05
CA ALA F 306 -10.68 -2.35 -0.18
C ALA F 306 -11.56 -1.23 -0.75
N ASN F 307 -11.08 -0.58 -1.81
CA ASN F 307 -11.90 0.40 -2.54
C ASN F 307 -13.08 -0.29 -3.18
N GLY F 308 -14.29 0.16 -2.83
CA GLY F 308 -15.51 -0.34 -3.47
C GLY F 308 -15.71 -1.84 -3.29
N ASN F 309 -15.96 -2.55 -4.41
CA ASN F 309 -16.12 -4.01 -4.40
C ASN F 309 -14.94 -4.73 -5.05
N ASP F 310 -13.74 -4.17 -4.85
CA ASP F 310 -12.48 -4.66 -5.40
C ASP F 310 -12.10 -5.97 -4.77
N GLN F 311 -12.42 -6.11 -3.49
CA GLN F 311 -12.10 -7.32 -2.76
C GLN F 311 -12.84 -8.53 -3.35
N SER F 312 -14.14 -8.37 -3.63
CA SER F 312 -14.96 -9.45 -4.19
C SER F 312 -14.61 -9.70 -5.62
N PHE F 313 -14.28 -8.62 -6.33
CA PHE F 313 -13.82 -8.76 -7.70
C PHE F 313 -12.53 -9.61 -7.76
N LEU F 314 -11.66 -9.42 -6.79
CA LEU F 314 -10.36 -10.07 -6.82
C LEU F 314 -10.55 -11.53 -6.40
N GLN F 315 -11.56 -11.78 -5.59
CA GLN F 315 -11.97 -13.13 -5.19
C GLN F 315 -12.58 -13.86 -6.39
N ASP F 316 -13.45 -13.15 -7.11
CA ASP F 316 -14.07 -13.68 -8.34
C ASP F 316 -13.08 -13.93 -9.49
N LEU F 317 -12.10 -13.04 -9.68
CA LEU F 317 -10.98 -13.34 -10.57
C LEU F 317 -10.20 -14.60 -10.16
N ALA F 318 -9.75 -14.69 -8.91
CA ALA F 318 -9.13 -15.94 -8.39
C ALA F 318 -9.87 -17.19 -8.82
N MET F 319 -11.16 -17.20 -8.52
CA MET F 319 -12.03 -18.31 -8.80
C MET F 319 -12.15 -18.59 -10.30
N PHE F 320 -12.33 -17.54 -11.08
CA PHE F 320 -12.47 -17.70 -12.52
C PHE F 320 -11.18 -18.32 -13.10
N LEU F 321 -10.01 -17.81 -12.69
CA LEU F 321 -8.75 -18.27 -13.27
C LEU F 321 -8.42 -19.68 -12.86
N THR F 322 -8.62 -19.99 -11.58
CA THR F 322 -8.41 -21.38 -11.16
C THR F 322 -9.36 -22.38 -11.77
N THR F 323 -10.66 -22.06 -11.83
CA THR F 323 -11.62 -22.97 -12.42
C THR F 323 -11.26 -23.21 -13.89
N TYR F 324 -11.21 -22.15 -14.68
CA TYR F 324 -10.86 -22.30 -16.09
C TYR F 324 -9.56 -23.08 -16.35
N LEU F 325 -8.50 -22.79 -15.60
CA LEU F 325 -7.18 -23.33 -15.94
C LEU F 325 -7.05 -24.76 -15.46
N ALA F 326 -7.66 -25.10 -14.34
CA ALA F 326 -7.67 -26.54 -13.94
C ALA F 326 -8.34 -27.41 -15.01
N ARG F 327 -9.21 -26.80 -15.83
CA ARG F 327 -9.92 -27.59 -16.83
C ARG F 327 -9.25 -27.50 -18.19
N ASN F 328 -8.86 -26.28 -18.59
CA ASN F 328 -8.56 -26.01 -19.99
C ASN F 328 -7.13 -25.54 -20.25
N ARG F 329 -6.24 -25.56 -19.24
CA ARG F 329 -4.87 -25.09 -19.49
C ARG F 329 -4.13 -25.84 -20.61
N ALA F 330 -4.37 -27.13 -20.74
CA ALA F 330 -3.84 -27.93 -21.86
C ALA F 330 -4.17 -27.34 -23.25
N LEU F 331 -5.41 -26.89 -23.47
CA LEU F 331 -5.71 -26.07 -24.67
C LEU F 331 -4.70 -24.98 -24.91
N LEU F 332 -4.04 -24.51 -23.85
CA LEU F 332 -3.13 -23.36 -24.02
C LEU F 332 -1.67 -23.75 -24.05
N GLU F 333 -1.37 -25.04 -23.87
CA GLU F 333 0.01 -25.48 -23.61
C GLU F 333 0.98 -25.66 -24.82
N SER F 334 0.46 -26.12 -25.96
CA SER F 334 1.33 -26.43 -27.11
C SER F 334 1.43 -25.25 -28.10
N ASP F 335 0.26 -24.65 -28.36
CA ASP F 335 0.17 -23.55 -29.31
C ASP F 335 0.97 -22.34 -28.84
N GLU F 336 2.14 -22.13 -29.42
CA GLU F 336 3.06 -21.04 -29.03
C GLU F 336 2.40 -19.65 -29.07
N SER F 337 1.34 -19.51 -29.85
CA SER F 337 0.68 -18.22 -29.93
C SER F 337 -0.24 -18.00 -28.73
N LEU F 338 -0.41 -19.04 -27.91
CA LEU F 338 -1.22 -18.91 -26.68
C LEU F 338 -0.41 -18.95 -25.41
N ARG F 339 0.92 -18.89 -25.58
CA ARG F 339 1.86 -19.11 -24.50
C ARG F 339 1.87 -17.90 -23.57
N GLU F 340 1.77 -16.71 -24.14
CA GLU F 340 1.76 -15.50 -23.35
C GLU F 340 0.47 -15.38 -22.52
N LEU F 341 -0.64 -15.81 -23.10
CA LEU F 341 -1.90 -15.79 -22.34
C LEU F 341 -1.86 -16.84 -21.24
N LEU F 342 -1.37 -18.04 -21.53
CA LEU F 342 -1.23 -19.05 -20.52
C LEU F 342 -0.48 -18.48 -19.31
N LEU F 343 0.71 -17.93 -19.60
CA LEU F 343 1.61 -17.48 -18.57
C LEU F 343 1.17 -16.22 -17.89
N ASN F 344 0.47 -15.31 -18.60
CA ASN F 344 -0.22 -14.14 -17.98
C ASN F 344 -1.35 -14.55 -17.03
N ALA F 345 -2.12 -15.55 -17.41
CA ALA F 345 -3.17 -16.07 -16.51
C ALA F 345 -2.55 -16.51 -15.20
N HIS F 346 -1.45 -17.28 -15.27
CA HIS F 346 -0.84 -17.78 -14.06
C HIS F 346 -0.10 -16.65 -13.29
N GLN F 347 0.41 -15.63 -13.99
CA GLN F 347 1.02 -14.46 -13.31
C GLN F 347 -0.03 -13.64 -12.50
N TYR F 348 -1.23 -13.46 -13.05
CA TYR F 348 -2.37 -12.95 -12.21
C TYR F 348 -2.58 -13.80 -10.98
N LEU F 349 -2.54 -15.12 -11.16
CA LEU F 349 -2.64 -16.02 -10.06
C LEU F 349 -1.52 -15.88 -9.03
N ILE F 350 -0.27 -15.74 -9.49
CA ILE F 350 0.82 -15.45 -8.58
C ILE F 350 0.54 -14.20 -7.76
N GLN F 351 -0.03 -13.17 -8.39
CA GLN F 351 -0.19 -11.89 -7.75
C GLN F 351 -1.38 -12.02 -6.82
N LEU F 352 -2.41 -12.77 -7.24
CA LEU F 352 -3.51 -13.07 -6.33
C LEU F 352 -3.02 -13.86 -5.11
N SER F 353 -2.00 -14.71 -5.29
CA SER F 353 -1.54 -15.55 -4.21
C SER F 353 -0.85 -14.76 -3.10
N LYS F 354 -0.51 -13.51 -3.37
CA LYS F 354 0.18 -12.69 -2.38
C LYS F 354 -0.78 -11.92 -1.48
N ILE F 355 -2.05 -11.96 -1.82
CA ILE F 355 -3.04 -11.29 -0.98
C ILE F 355 -3.12 -11.85 0.44
N GLU F 356 -3.18 -10.95 1.41
CA GLU F 356 -3.35 -11.29 2.80
C GLU F 356 -4.83 -11.53 3.14
N GLU F 357 -5.21 -12.79 3.00
CA GLU F 357 -6.58 -13.21 3.13
C GLU F 357 -6.50 -14.72 3.01
N ARG F 358 -6.49 -15.37 4.18
CA ARG F 358 -6.46 -16.83 4.31
C ARG F 358 -7.32 -17.65 3.32
N GLU F 359 -8.58 -17.30 3.21
CA GLU F 359 -9.48 -18.09 2.38
C GLU F 359 -9.27 -17.96 0.87
N LEU F 360 -8.87 -16.78 0.45
CA LEU F 360 -8.44 -16.54 -0.92
C LEU F 360 -7.11 -17.31 -1.16
N PHE F 361 -6.18 -17.17 -0.23
CA PHE F 361 -4.95 -17.94 -0.32
C PHE F 361 -5.21 -19.43 -0.48
N LYS F 362 -6.29 -19.93 0.15
CA LYS F 362 -6.54 -21.35 0.17
C LYS F 362 -7.11 -21.78 -1.18
N THR F 363 -7.83 -20.87 -1.81
CA THR F 363 -8.33 -21.05 -3.18
C THR F 363 -7.18 -21.09 -4.23
N THR F 364 -6.29 -20.12 -4.18
CA THR F 364 -5.16 -20.17 -5.10
C THR F 364 -4.33 -21.43 -4.82
N LEU F 365 -4.09 -21.69 -3.54
CA LEU F 365 -3.32 -22.85 -3.13
C LEU F 365 -3.83 -24.15 -3.62
N ASP F 366 -5.16 -24.33 -3.58
CA ASP F 366 -5.69 -25.56 -4.18
C ASP F 366 -5.32 -25.69 -5.67
N TYR F 367 -5.42 -24.58 -6.40
CA TYR F 367 -5.10 -24.55 -7.81
C TYR F 367 -3.60 -24.90 -8.00
N TRP F 368 -2.75 -24.30 -7.17
CA TRP F 368 -1.31 -24.62 -7.24
C TRP F 368 -0.96 -26.07 -7.01
N HIS F 369 -1.76 -26.73 -6.18
CA HIS F 369 -1.58 -28.13 -5.81
C HIS F 369 -1.88 -29.01 -7.07
N ASN F 370 -2.94 -28.63 -7.78
CA ASN F 370 -3.35 -29.26 -9.02
C ASN F 370 -2.26 -29.04 -10.11
N LEU F 371 -1.66 -27.86 -10.19
CA LEU F 371 -0.66 -27.60 -11.21
C LEU F 371 0.62 -28.38 -10.99
N VAL F 372 1.18 -28.28 -9.78
CA VAL F 372 2.47 -28.87 -9.52
C VAL F 372 2.46 -30.39 -9.47
N ALA F 373 1.34 -30.99 -9.00
CA ALA F 373 1.16 -32.45 -9.11
C ALA F 373 1.21 -32.83 -10.59
N ASP F 374 0.61 -32.01 -11.45
CA ASP F 374 0.64 -32.37 -12.87
C ASP F 374 2.07 -32.28 -13.42
N LEU F 375 2.75 -31.18 -13.12
CA LEU F 375 4.13 -31.02 -13.60
C LEU F 375 5.01 -32.14 -13.07
N PHE F 376 4.73 -32.61 -11.87
CA PHE F 376 5.56 -33.65 -11.26
C PHE F 376 5.43 -34.97 -12.02
N TYR F 377 4.22 -35.26 -12.51
CA TYR F 377 3.89 -36.48 -13.22
C TYR F 377 4.12 -36.38 -14.71
N GLU F 378 4.12 -35.16 -15.24
CA GLU F 378 4.31 -34.90 -16.65
C GLU F 378 5.45 -33.91 -16.86
N PRO F 379 6.67 -34.41 -16.49
CA PRO F 379 7.80 -33.51 -16.41
C PRO F 379 8.14 -32.75 -17.70
N LEU F 380 7.69 -33.25 -18.86
CA LEU F 380 7.93 -32.57 -20.15
C LEU F 380 7.33 -31.19 -20.22
N LYS F 381 6.41 -30.92 -19.29
CA LYS F 381 5.73 -29.65 -19.24
C LYS F 381 6.39 -28.63 -18.31
N LYS F 382 7.34 -29.08 -17.48
CA LYS F 382 7.87 -28.29 -16.35
C LYS F 382 8.43 -26.96 -16.80
N HIS F 383 9.06 -27.00 -17.97
CA HIS F 383 9.80 -25.86 -18.45
C HIS F 383 8.79 -24.78 -18.86
N ILE F 384 7.61 -25.18 -19.30
CA ILE F 384 6.62 -24.12 -19.65
C ILE F 384 6.39 -23.18 -18.49
N TYR F 385 6.42 -23.75 -17.28
CA TYR F 385 6.02 -23.06 -16.06
C TYR F 385 7.17 -22.82 -15.09
N GLU F 386 8.40 -22.74 -15.58
CA GLU F 386 9.49 -22.70 -14.61
C GLU F 386 9.68 -21.39 -13.87
N GLU F 387 9.38 -20.28 -14.53
CA GLU F 387 9.35 -19.01 -13.86
C GLU F 387 8.06 -18.79 -13.06
N ILE F 388 6.93 -19.36 -13.49
CA ILE F 388 5.80 -19.37 -12.53
C ILE F 388 6.22 -20.14 -11.23
N CYS F 389 6.86 -21.30 -11.37
CA CYS F 389 7.08 -22.18 -10.22
C CYS F 389 8.09 -21.57 -9.29
N SER F 390 9.11 -20.91 -9.85
CA SER F 390 10.12 -20.32 -9.00
C SER F 390 9.52 -19.09 -8.33
N GLN F 391 8.73 -18.31 -9.03
CA GLN F 391 7.98 -17.30 -8.27
C GLN F 391 7.22 -17.91 -7.10
N LEU F 392 6.58 -19.05 -7.35
CA LEU F 392 5.69 -19.73 -6.37
C LEU F 392 6.48 -20.28 -5.20
N ARG F 393 7.75 -20.64 -5.40
CA ARG F 393 8.55 -21.17 -4.27
C ARG F 393 8.72 -20.04 -3.26
N LEU F 394 8.77 -18.81 -3.76
CA LEU F 394 8.94 -17.70 -2.89
C LEU F 394 7.69 -17.44 -2.07
N VAL F 395 6.54 -17.39 -2.72
CA VAL F 395 5.23 -17.10 -2.04
C VAL F 395 4.98 -18.16 -0.95
N ILE F 396 5.13 -19.43 -1.28
CA ILE F 396 4.81 -20.52 -0.38
C ILE F 396 5.70 -20.49 0.83
N ILE F 397 7.02 -20.37 0.61
CA ILE F 397 8.00 -20.33 1.67
C ILE F 397 7.81 -19.15 2.59
N GLU F 398 7.30 -18.02 2.07
CA GLU F 398 7.09 -16.79 2.83
C GLU F 398 5.76 -16.75 3.58
N ASN F 399 4.86 -17.64 3.20
CA ASN F 399 3.54 -17.72 3.79
C ASN F 399 3.22 -19.03 4.50
N MET F 400 4.24 -19.81 4.88
CA MET F 400 4.02 -21.05 5.68
C MET F 400 3.35 -20.71 6.99
N VAL F 401 2.42 -21.55 7.46
CA VAL F 401 1.80 -21.22 8.76
C VAL F 401 2.28 -22.35 9.69
N ARG F 402 2.01 -22.20 10.98
CA ARG F 402 2.65 -22.95 12.02
C ARG F 402 2.22 -24.39 12.05
N PRO F 403 3.20 -25.31 12.01
CA PRO F 403 2.96 -26.74 12.05
C PRO F 403 2.41 -27.08 13.43
N GLU F 404 1.74 -28.22 13.55
CA GLU F 404 1.17 -28.54 14.85
C GLU F 404 2.22 -28.82 15.94
N GLU F 405 3.43 -29.25 15.56
CA GLU F 405 4.47 -29.44 16.59
C GLU F 405 5.05 -28.19 17.20
N VAL F 406 4.75 -27.04 16.64
CA VAL F 406 5.36 -25.83 17.14
C VAL F 406 4.46 -25.22 18.22
N LEU F 407 4.95 -25.22 19.46
CA LEU F 407 4.14 -24.95 20.66
C LEU F 407 4.40 -23.56 21.28
N VAL F 408 5.20 -22.75 20.59
CA VAL F 408 5.61 -21.40 20.99
C VAL F 408 4.81 -20.49 20.02
N VAL F 409 4.23 -19.39 20.53
CA VAL F 409 3.45 -18.43 19.72
C VAL F 409 3.52 -16.98 20.29
N GLU F 410 3.36 -15.94 19.46
CA GLU F 410 3.28 -14.57 20.01
C GLU F 410 1.85 -14.16 20.42
N ASN F 411 1.71 -13.60 21.63
CA ASN F 411 0.43 -13.06 22.14
C ASN F 411 0.15 -11.60 21.74
N ASP F 412 -1.02 -11.09 22.12
CA ASP F 412 -1.53 -9.77 21.68
C ASP F 412 -0.74 -8.55 22.14
N GLU F 413 0.32 -8.76 22.93
CA GLU F 413 1.10 -7.68 23.54
C GLU F 413 2.61 -7.78 23.25
N GLY F 414 2.95 -8.48 22.16
CA GLY F 414 4.34 -8.65 21.73
C GLY F 414 5.14 -9.68 22.51
N GLU F 415 4.43 -10.59 23.20
CA GLU F 415 5.06 -11.65 24.00
C GLU F 415 4.96 -13.04 23.33
N ILE F 416 5.94 -13.89 23.62
CA ILE F 416 6.04 -15.22 23.03
C ILE F 416 5.56 -16.24 24.04
N VAL F 417 4.38 -16.82 23.81
CA VAL F 417 3.80 -17.74 24.79
C VAL F 417 3.61 -19.15 24.26
N ARG F 418 3.45 -20.10 25.19
CA ARG F 418 2.97 -21.42 24.88
C ARG F 418 1.53 -21.27 24.37
N GLU F 419 1.20 -22.01 23.30
CA GLU F 419 -0.12 -21.89 22.70
C GLU F 419 -1.23 -22.53 23.52
N PHE F 420 -2.27 -21.75 23.76
CA PHE F 420 -3.45 -22.26 24.46
C PHE F 420 -4.16 -23.31 23.59
N VAL F 421 -4.69 -22.86 22.48
CA VAL F 421 -5.54 -23.69 21.61
C VAL F 421 -4.75 -24.44 20.54
N LYS F 422 -5.16 -25.68 20.23
CA LYS F 422 -4.81 -26.28 18.93
C LYS F 422 -5.67 -25.63 17.84
N GLU F 423 -4.99 -25.21 16.76
CA GLU F 423 -5.64 -24.53 15.64
C GLU F 423 -5.70 -25.46 14.44
N SER F 424 -6.84 -26.14 14.31
CA SER F 424 -7.13 -27.08 13.21
C SER F 424 -6.97 -26.45 11.86
N ASP F 425 -7.52 -25.24 11.72
CA ASP F 425 -7.47 -24.52 10.45
C ASP F 425 -6.04 -24.32 10.00
N THR F 426 -5.20 -23.91 10.96
CA THR F 426 -3.81 -23.59 10.73
C THR F 426 -3.00 -24.84 10.44
N ILE F 427 -3.29 -25.93 11.16
CA ILE F 427 -2.61 -27.22 10.94
C ILE F 427 -2.92 -27.71 9.55
N GLN F 428 -4.18 -27.61 9.11
CA GLN F 428 -4.57 -28.07 7.77
C GLN F 428 -3.97 -27.24 6.64
N LEU F 429 -3.92 -25.93 6.84
CA LEU F 429 -3.32 -25.06 5.87
C LEU F 429 -1.81 -25.45 5.71
N TYR F 430 -1.11 -25.62 6.83
CA TYR F 430 0.31 -25.92 6.78
C TYR F 430 0.59 -27.19 6.00
N LYS F 431 -0.30 -28.15 6.15
CA LYS F 431 -0.19 -29.41 5.50
C LYS F 431 -0.41 -29.32 4.00
N SER F 432 -1.32 -28.46 3.56
CA SER F 432 -1.50 -28.24 2.09
C SER F 432 -0.34 -27.53 1.44
N GLU F 433 0.21 -26.58 2.19
CA GLU F 433 1.33 -25.77 1.79
C GLU F 433 2.56 -26.66 1.66
N ARG F 434 2.79 -27.48 2.69
CA ARG F 434 3.77 -28.56 2.61
C ARG F 434 3.64 -29.44 1.35
N GLU F 435 2.48 -29.98 1.06
CA GLU F 435 2.36 -30.74 -0.20
C GLU F 435 2.77 -29.94 -1.45
N VAL F 436 2.33 -28.69 -1.55
CA VAL F 436 2.64 -27.88 -2.69
C VAL F 436 4.17 -27.66 -2.78
N LEU F 437 4.81 -27.41 -1.63
CA LEU F 437 6.22 -27.14 -1.56
C LEU F 437 7.10 -28.37 -1.73
N VAL F 438 6.58 -29.51 -1.35
CA VAL F 438 7.23 -30.79 -1.64
C VAL F 438 7.28 -31.03 -3.15
N TYR F 439 6.15 -30.89 -3.85
CA TYR F 439 6.19 -30.99 -5.32
C TYR F 439 7.17 -30.00 -6.00
N LEU F 440 7.15 -28.72 -5.60
CA LEU F 440 7.98 -27.69 -6.22
C LEU F 440 9.44 -27.98 -6.05
N THR F 441 9.77 -28.51 -4.89
CA THR F 441 11.11 -28.95 -4.59
C THR F 441 11.54 -30.07 -5.55
N HIS F 442 10.67 -31.05 -5.73
CA HIS F 442 10.95 -32.11 -6.70
C HIS F 442 11.19 -31.58 -8.11
N LEU F 443 10.43 -30.56 -8.47
CA LEU F 443 10.48 -29.97 -9.82
C LEU F 443 11.81 -29.24 -9.98
N ASN F 444 12.31 -28.64 -8.90
CA ASN F 444 13.67 -28.05 -8.91
C ASN F 444 14.36 -27.97 -7.59
N VAL F 445 15.01 -29.07 -7.19
CA VAL F 445 15.67 -29.16 -5.90
C VAL F 445 16.81 -28.15 -5.66
N ILE F 446 17.62 -27.88 -6.70
CA ILE F 446 18.75 -26.94 -6.57
C ILE F 446 18.20 -25.52 -6.36
N ASP F 447 17.13 -25.19 -7.05
CA ASP F 447 16.53 -23.87 -6.82
C ASP F 447 16.01 -23.69 -5.40
N THR F 448 15.50 -24.77 -4.81
CA THR F 448 14.72 -24.63 -3.59
C THR F 448 15.72 -24.47 -2.48
N GLU F 449 16.75 -25.29 -2.51
CA GLU F 449 17.86 -25.19 -1.63
C GLU F 449 18.48 -23.83 -1.68
N GLU F 450 18.70 -23.30 -2.86
CA GLU F 450 19.43 -22.02 -2.98
C GLU F 450 18.60 -20.86 -2.40
N ILE F 451 17.30 -20.93 -2.63
CA ILE F 451 16.34 -19.89 -2.13
C ILE F 451 16.35 -19.87 -0.60
N MET F 452 16.31 -21.08 -0.01
CA MET F 452 16.31 -21.27 1.45
C MET F 452 17.64 -20.87 2.11
N ILE F 453 18.77 -21.32 1.56
CA ILE F 453 20.12 -20.85 2.01
C ILE F 453 20.27 -19.33 2.00
N SER F 454 19.92 -18.74 0.88
CA SER F 454 19.82 -17.26 0.83
C SER F 454 18.92 -16.65 1.89
N LYS F 455 17.73 -17.21 2.12
CA LYS F 455 16.81 -16.55 3.05
C LYS F 455 17.38 -16.64 4.45
N LEU F 456 17.99 -17.78 4.75
CA LEU F 456 18.72 -17.96 5.95
C LEU F 456 19.87 -16.96 6.14
N ALA F 457 20.62 -16.69 5.08
CA ALA F 457 21.67 -15.68 5.14
C ALA F 457 21.09 -14.30 5.51
N ARG F 458 19.95 -13.94 4.94
CA ARG F 458 19.25 -12.69 5.36
C ARG F 458 18.70 -12.65 6.83
N GLN F 459 18.57 -13.81 7.51
CA GLN F 459 18.29 -13.83 8.97
C GLN F 459 19.54 -13.60 9.73
N ILE F 460 20.58 -14.30 9.32
CA ILE F 460 21.87 -14.17 9.99
C ILE F 460 22.39 -12.74 9.95
N ASP F 461 22.31 -12.09 8.79
CA ASP F 461 22.86 -10.71 8.63
C ASP F 461 21.90 -9.62 9.13
N GLY F 462 20.72 -10.07 9.54
CA GLY F 462 19.72 -9.19 10.15
C GLY F 462 18.96 -8.34 9.16
N SER F 463 19.16 -8.57 7.86
CA SER F 463 18.49 -7.77 6.84
C SER F 463 17.04 -8.15 6.70
N GLU F 464 16.69 -9.42 6.88
CA GLU F 464 15.24 -9.73 6.89
C GLU F 464 14.82 -10.32 8.24
N TRP F 465 15.72 -10.23 9.23
CA TRP F 465 15.39 -10.78 10.54
C TRP F 465 14.04 -10.33 11.08
N SER F 466 13.27 -11.33 11.50
CA SER F 466 12.14 -11.13 12.45
C SER F 466 11.63 -12.51 12.92
N TRP F 467 10.75 -12.51 13.91
CA TRP F 467 10.16 -13.73 14.37
C TRP F 467 9.36 -14.38 13.27
N HIS F 468 8.65 -13.53 12.57
CA HIS F 468 7.81 -13.99 11.52
C HIS F 468 8.67 -14.61 10.39
N ASN F 469 9.79 -13.96 10.05
CA ASN F 469 10.61 -14.46 8.96
C ASN F 469 11.45 -15.69 9.29
N ILE F 470 11.97 -15.84 10.49
CA ILE F 470 12.74 -17.04 10.80
C ILE F 470 11.77 -18.22 10.97
N ASN F 471 10.55 -17.95 11.46
CA ASN F 471 9.55 -19.04 11.61
C ASN F 471 9.07 -19.66 10.32
N THR F 472 8.60 -18.85 9.38
CA THR F 472 8.11 -19.38 8.09
C THR F 472 9.19 -20.13 7.37
N LEU F 473 10.42 -19.58 7.36
CA LEU F 473 11.55 -20.25 6.71
C LEU F 473 11.85 -21.62 7.34
N SER F 474 11.85 -21.68 8.68
CA SER F 474 12.19 -22.91 9.40
C SER F 474 11.15 -23.95 9.18
N TRP F 475 9.90 -23.51 9.19
CA TRP F 475 8.77 -24.37 8.96
C TRP F 475 8.93 -24.86 7.50
N ALA F 476 9.11 -23.97 6.55
CA ALA F 476 9.34 -24.44 5.18
C ALA F 476 10.54 -25.40 5.08
N ILE F 477 11.63 -25.17 5.84
CA ILE F 477 12.77 -26.12 5.76
C ILE F 477 12.37 -27.49 6.35
N GLY F 478 11.77 -27.48 7.54
CA GLY F 478 11.26 -28.74 8.08
C GLY F 478 10.34 -29.45 7.11
N SER F 479 9.58 -28.69 6.34
CA SER F 479 8.47 -29.30 5.59
C SER F 479 8.88 -30.08 4.36
N ILE F 480 10.07 -29.80 3.81
CA ILE F 480 10.55 -30.48 2.60
C ILE F 480 11.38 -31.77 2.93
N SER F 481 11.36 -32.22 4.18
CA SER F 481 12.12 -33.42 4.51
C SER F 481 11.73 -34.59 3.66
N GLY F 482 12.73 -35.23 2.98
CA GLY F 482 12.54 -36.43 2.10
C GLY F 482 12.57 -36.10 0.63
N THR F 483 12.56 -34.81 0.31
CA THR F 483 12.67 -34.39 -1.06
C THR F 483 14.11 -34.43 -1.59
N MET F 484 15.13 -34.56 -0.73
CA MET F 484 16.52 -34.42 -1.23
C MET F 484 17.23 -35.77 -1.23
N SER F 485 18.34 -35.90 -1.98
CA SER F 485 19.17 -37.12 -1.88
C SER F 485 19.77 -37.00 -0.50
N GLU F 486 20.11 -38.14 0.09
CA GLU F 486 20.69 -38.19 1.40
C GLU F 486 21.97 -37.35 1.51
N ASP F 487 22.81 -37.38 0.48
CA ASP F 487 24.04 -36.55 0.45
C ASP F 487 23.72 -35.08 0.24
N THR F 488 22.77 -34.77 -0.60
CA THR F 488 22.41 -33.35 -0.70
C THR F 488 21.84 -32.91 0.64
N GLU F 489 20.99 -33.74 1.24
CA GLU F 489 20.32 -33.38 2.49
C GLU F 489 21.31 -33.25 3.59
N LYS F 490 22.32 -34.11 3.60
CA LYS F 490 23.36 -33.96 4.63
C LYS F 490 24.00 -32.58 4.61
N ARG F 491 24.33 -32.07 3.43
CA ARG F 491 25.05 -30.80 3.42
C ARG F 491 24.04 -29.69 3.73
N PHE F 492 22.84 -29.81 3.21
CA PHE F 492 21.79 -28.83 3.56
C PHE F 492 21.55 -28.68 5.09
N VAL F 493 21.27 -29.80 5.78
CA VAL F 493 20.87 -29.81 7.21
C VAL F 493 21.99 -29.30 8.07
N VAL F 494 23.23 -29.61 7.68
CA VAL F 494 24.43 -29.10 8.37
C VAL F 494 24.48 -27.58 8.31
N THR F 495 24.23 -27.01 7.12
CA THR F 495 24.20 -25.56 7.02
C THR F 495 23.05 -25.01 7.86
N VAL F 496 21.88 -25.63 7.75
CA VAL F 496 20.70 -25.13 8.49
C VAL F 496 20.84 -25.03 10.02
N ILE F 497 21.33 -26.10 10.62
CA ILE F 497 21.50 -26.17 12.07
C ILE F 497 22.58 -25.25 12.55
N LYS F 498 23.67 -25.16 11.79
CA LYS F 498 24.74 -24.19 12.06
C LYS F 498 24.20 -22.75 12.08
N ASP F 499 23.33 -22.41 11.13
CA ASP F 499 22.82 -21.06 11.08
C ASP F 499 21.93 -20.86 12.29
N LEU F 500 21.15 -21.87 12.66
CA LEU F 500 20.17 -21.66 13.72
C LEU F 500 20.82 -21.53 15.08
N LEU F 501 21.86 -22.33 15.36
CA LEU F 501 22.67 -22.20 16.58
C LEU F 501 23.42 -20.88 16.66
N ASP F 502 24.03 -20.46 15.55
CA ASP F 502 24.56 -19.11 15.41
C ASP F 502 23.59 -18.03 15.87
N LEU F 503 22.36 -18.07 15.36
CA LEU F 503 21.32 -17.11 15.74
C LEU F 503 20.95 -17.19 17.22
N THR F 504 21.06 -18.40 17.75
CA THR F 504 20.83 -18.69 19.16
C THR F 504 21.81 -17.86 20.00
N VAL F 505 23.07 -17.79 19.54
CA VAL F 505 24.12 -16.94 20.13
C VAL F 505 23.79 -15.43 20.05
N LYS F 506 23.64 -14.91 18.81
CA LYS F 506 23.28 -13.49 18.55
C LYS F 506 22.02 -12.94 19.23
N LYS F 507 20.92 -13.71 19.26
CA LYS F 507 19.57 -13.20 19.60
C LYS F 507 19.14 -13.56 21.02
N ARG F 508 19.35 -12.64 21.96
CA ARG F 508 19.18 -12.94 23.38
C ARG F 508 17.82 -12.52 23.96
N GLY F 509 17.56 -13.01 25.16
CA GLY F 509 16.32 -12.76 25.87
C GLY F 509 15.32 -13.87 25.67
N LYS F 510 14.55 -14.13 26.73
CA LYS F 510 13.51 -15.16 26.76
C LYS F 510 12.76 -15.28 25.43
N ASP F 511 12.30 -14.16 24.88
CA ASP F 511 11.55 -14.15 23.63
C ASP F 511 12.37 -14.67 22.43
N ASN F 512 13.49 -14.03 22.13
CA ASN F 512 14.30 -14.50 21.01
C ASN F 512 14.75 -15.95 21.18
N LYS F 513 15.11 -16.31 22.40
CA LYS F 513 15.62 -17.64 22.62
C LYS F 513 14.60 -18.72 22.43
N ALA F 514 13.36 -18.47 22.89
CA ALA F 514 12.27 -19.40 22.71
C ALA F 514 11.90 -19.60 21.23
N VAL F 515 11.81 -18.52 20.46
CA VAL F 515 11.54 -18.58 19.01
C VAL F 515 12.63 -19.43 18.25
N VAL F 516 13.90 -19.15 18.49
CA VAL F 516 14.95 -19.87 17.73
C VAL F 516 15.06 -21.36 18.17
N ALA F 517 14.90 -21.61 19.46
CA ALA F 517 14.76 -23.00 19.99
C ALA F 517 13.62 -23.76 19.36
N SER F 518 12.47 -23.12 19.17
CA SER F 518 11.31 -23.86 18.62
C SER F 518 11.61 -24.23 17.16
N ASP F 519 12.23 -23.29 16.44
CA ASP F 519 12.65 -23.52 15.05
C ASP F 519 13.74 -24.58 15.01
N ILE F 520 14.66 -24.62 15.97
CA ILE F 520 15.64 -25.69 15.97
C ILE F 520 14.97 -27.05 16.25
N MET F 521 14.01 -27.04 17.17
CA MET F 521 13.30 -28.27 17.47
C MET F 521 12.50 -28.73 16.30
N TYR F 522 11.91 -27.80 15.57
CA TYR F 522 11.03 -28.25 14.53
C TYR F 522 11.79 -28.97 13.41
N VAL F 523 12.87 -28.36 12.96
CA VAL F 523 13.71 -28.85 11.88
C VAL F 523 14.35 -30.19 12.24
N VAL F 524 14.86 -30.29 13.44
CA VAL F 524 15.64 -31.41 13.84
C VAL F 524 14.73 -32.64 13.96
N GLY F 525 13.52 -32.44 14.50
CA GLY F 525 12.52 -33.47 14.51
C GLY F 525 12.11 -33.94 13.12
N GLN F 526 12.20 -33.08 12.14
CA GLN F 526 11.77 -33.43 10.76
C GLN F 526 12.83 -34.21 9.95
N TYR F 527 14.04 -34.34 10.48
CA TYR F 527 15.12 -34.99 9.67
C TYR F 527 15.68 -36.28 10.30
N PRO F 528 14.79 -37.25 10.66
CA PRO F 528 15.29 -38.50 11.27
C PRO F 528 16.28 -39.27 10.40
N ARG F 529 16.06 -39.32 9.09
CA ARG F 529 17.08 -39.94 8.21
C ARG F 529 18.48 -39.45 8.54
N PHE F 530 18.64 -38.14 8.68
CA PHE F 530 19.92 -37.53 8.96
C PHE F 530 20.49 -37.94 10.33
N LEU F 531 19.65 -37.92 11.35
CA LEU F 531 20.09 -38.24 12.71
C LEU F 531 20.41 -39.72 12.79
N LYS F 532 19.71 -40.54 12.03
CA LYS F 532 20.00 -41.98 12.06
C LYS F 532 21.44 -42.27 11.49
N ALA F 533 21.93 -41.43 10.57
CA ALA F 533 23.26 -41.70 9.95
C ALA F 533 24.44 -41.08 10.71
N HIS F 534 24.14 -40.27 11.71
CA HIS F 534 25.13 -39.40 12.32
C HIS F 534 24.98 -39.36 13.81
N TRP F 535 25.30 -40.49 14.44
CA TRP F 535 25.11 -40.71 15.86
C TRP F 535 25.50 -39.55 16.72
N ASN F 536 26.64 -38.93 16.43
CA ASN F 536 27.17 -37.91 17.36
C ASN F 536 26.42 -36.64 17.20
N PHE F 537 25.84 -36.51 16.04
CA PHE F 537 24.91 -35.48 15.84
C PHE F 537 23.56 -35.79 16.57
N LEU F 538 22.97 -36.96 16.33
CA LEU F 538 21.81 -37.41 17.12
C LEU F 538 22.00 -37.18 18.64
N ARG F 539 23.13 -37.60 19.18
CA ARG F 539 23.35 -37.58 20.63
C ARG F 539 23.39 -36.13 21.14
N THR F 540 24.10 -35.30 20.39
CA THR F 540 24.16 -33.88 20.63
C THR F 540 22.78 -33.23 20.57
N VAL F 541 22.01 -33.53 19.56
CA VAL F 541 20.63 -33.01 19.52
C VAL F 541 19.85 -33.38 20.77
N ILE F 542 19.98 -34.64 21.23
CA ILE F 542 19.19 -35.06 22.38
C ILE F 542 19.61 -34.30 23.67
N LEU F 543 20.91 -34.15 23.88
CA LEU F 543 21.44 -33.34 25.00
C LEU F 543 21.07 -31.85 24.92
N LYS F 544 20.98 -31.32 23.72
CA LYS F 544 20.38 -29.98 23.48
C LYS F 544 18.91 -29.93 23.92
N LEU F 545 18.13 -30.93 23.50
CA LEU F 545 16.73 -31.10 23.97
C LEU F 545 16.68 -31.13 25.48
N PHE F 546 17.59 -31.89 26.07
CA PHE F 546 17.66 -31.96 27.56
C PHE F 546 17.95 -30.58 28.19
N GLU F 547 18.77 -29.77 27.53
CA GLU F 547 18.96 -28.40 28.01
C GLU F 547 17.67 -27.62 27.94
N PHE F 548 16.98 -27.70 26.80
CA PHE F 548 15.71 -27.01 26.63
C PHE F 548 14.70 -27.39 27.72
N MET F 549 14.77 -28.62 28.25
CA MET F 549 13.99 -28.99 29.44
C MET F 549 14.33 -28.24 30.74
N HIS F 550 15.43 -27.51 30.79
CA HIS F 550 15.73 -26.70 31.98
C HIS F 550 15.39 -25.22 31.81
N GLU F 551 14.74 -24.91 30.71
CA GLU F 551 14.43 -23.55 30.33
C GLU F 551 13.14 -23.19 31.04
N THR F 552 13.01 -21.94 31.49
CA THR F 552 11.81 -21.52 32.23
C THR F 552 10.56 -21.27 31.37
N HIS F 553 10.75 -21.04 30.09
CA HIS F 553 9.63 -20.98 29.16
C HIS F 553 8.94 -22.36 29.00
N GLU F 554 7.62 -22.43 29.22
CA GLU F 554 6.97 -23.73 29.36
C GLU F 554 6.63 -24.32 27.99
N GLY F 555 6.43 -23.42 27.00
CA GLY F 555 6.45 -23.77 25.61
C GLY F 555 7.77 -24.39 25.14
N VAL F 556 8.92 -23.91 25.60
CA VAL F 556 10.21 -24.52 25.20
C VAL F 556 10.31 -25.94 25.80
N GLN F 557 10.00 -26.11 27.08
CA GLN F 557 10.00 -27.46 27.72
C GLN F 557 9.01 -28.40 27.08
N ASP F 558 7.79 -27.94 26.79
CA ASP F 558 6.82 -28.87 26.23
C ASP F 558 7.32 -29.37 24.87
N MET F 559 7.81 -28.47 24.04
CA MET F 559 8.21 -28.85 22.69
C MET F 559 9.46 -29.72 22.68
N ALA F 560 10.31 -29.56 23.67
CA ALA F 560 11.49 -30.42 23.81
C ALA F 560 11.11 -31.84 24.18
N CYS F 561 10.02 -32.02 24.94
CA CYS F 561 9.57 -33.37 25.30
C CYS F 561 8.95 -34.00 24.07
N ASP F 562 8.21 -33.20 23.32
CA ASP F 562 7.47 -33.73 22.20
C ASP F 562 8.43 -34.05 21.05
N THR F 563 9.45 -33.22 20.91
CA THR F 563 10.52 -33.41 19.90
C THR F 563 11.25 -34.70 20.22
N PHE F 564 11.55 -34.90 21.50
CA PHE F 564 12.10 -36.15 22.03
C PHE F 564 11.30 -37.37 21.57
N ILE F 565 10.02 -37.42 21.89
CA ILE F 565 9.15 -38.45 21.43
C ILE F 565 9.21 -38.57 19.92
N LYS F 566 9.12 -37.43 19.22
CA LYS F 566 9.09 -37.47 17.75
C LYS F 566 10.40 -38.06 17.18
N ILE F 567 11.51 -37.70 17.81
CA ILE F 567 12.81 -38.25 17.38
C ILE F 567 12.91 -39.72 17.71
N VAL F 568 12.59 -40.10 18.96
CA VAL F 568 12.68 -41.53 19.26
C VAL F 568 11.69 -42.44 18.52
N GLN F 569 10.52 -41.94 18.09
CA GLN F 569 9.65 -42.83 17.32
C GLN F 569 10.40 -43.36 16.08
N LYS F 570 11.21 -42.53 15.46
CA LYS F 570 11.98 -42.94 14.30
C LYS F 570 13.36 -43.46 14.63
N CYS F 571 14.06 -42.90 15.64
CA CYS F 571 15.50 -43.24 15.76
C CYS F 571 15.83 -44.19 16.91
N LYS F 572 14.78 -44.76 17.49
CA LYS F 572 14.91 -45.60 18.70
C LYS F 572 15.93 -46.73 18.58
N TYR F 573 16.14 -47.26 17.38
CA TYR F 573 17.23 -48.28 17.19
C TYR F 573 18.52 -47.77 17.74
N HIS F 574 18.73 -46.46 17.63
CA HIS F 574 20.01 -45.86 17.88
C HIS F 574 20.28 -45.66 19.32
N PHE F 575 19.24 -45.79 20.14
CA PHE F 575 19.34 -45.60 21.57
C PHE F 575 19.51 -46.93 22.30
N VAL F 576 19.19 -48.00 21.59
CA VAL F 576 19.13 -49.27 22.23
C VAL F 576 20.40 -50.08 21.97
N ILE F 577 21.05 -49.85 20.83
CA ILE F 577 22.35 -50.50 20.56
C ILE F 577 23.48 -49.78 21.28
N GLN F 578 24.63 -50.41 21.34
CA GLN F 578 25.81 -49.73 21.85
C GLN F 578 26.48 -49.14 20.62
N GLN F 579 26.42 -47.82 20.51
CA GLN F 579 27.08 -47.08 19.46
C GLN F 579 28.63 -47.12 19.57
N PRO F 580 29.36 -46.98 18.43
CA PRO F 580 30.84 -46.85 18.42
C PRO F 580 31.33 -45.75 19.36
N ARG F 581 32.21 -46.09 20.30
CA ARG F 581 32.86 -45.11 21.19
C ARG F 581 32.00 -44.67 22.38
N GLU F 582 31.05 -45.52 22.78
CA GLU F 582 30.39 -45.37 24.07
C GLU F 582 30.66 -46.62 24.84
N SER F 583 30.37 -46.56 26.13
CA SER F 583 30.51 -47.69 27.03
C SER F 583 29.21 -48.47 27.12
N GLU F 584 28.11 -47.84 26.72
CA GLU F 584 26.79 -48.46 26.89
C GLU F 584 25.75 -47.84 25.96
N PRO F 585 24.63 -48.57 25.75
CA PRO F 585 23.47 -48.02 25.03
C PRO F 585 23.04 -46.69 25.66
N PHE F 586 22.57 -45.76 24.83
CA PHE F 586 22.23 -44.45 25.34
C PHE F 586 21.00 -44.52 26.24
N ILE F 587 20.07 -45.42 25.92
CA ILE F 587 18.97 -45.67 26.86
C ILE F 587 19.46 -45.78 28.33
N GLN F 588 20.67 -46.34 28.56
CA GLN F 588 21.15 -46.58 29.94
C GLN F 588 21.56 -45.30 30.62
N THR F 589 22.26 -44.48 29.86
CA THR F 589 22.68 -43.15 30.25
C THR F 589 21.48 -42.26 30.53
N ILE F 590 20.47 -42.37 29.69
CA ILE F 590 19.23 -41.62 29.84
C ILE F 590 18.45 -42.01 31.08
N ILE F 591 18.29 -43.30 31.32
CA ILE F 591 17.47 -43.71 32.45
C ILE F 591 18.16 -43.28 33.76
N ARG F 592 19.50 -43.40 33.78
CA ARG F 592 20.30 -43.07 34.94
C ARG F 592 20.21 -41.63 35.40
N ASP F 593 20.08 -40.70 34.46
CA ASP F 593 20.11 -39.25 34.73
C ASP F 593 18.70 -38.68 34.71
N ILE F 594 17.73 -39.54 34.59
CA ILE F 594 16.35 -39.12 34.52
C ILE F 594 15.97 -38.07 35.57
N GLN F 595 16.34 -38.30 36.83
CA GLN F 595 16.00 -37.36 37.90
C GLN F 595 16.45 -35.93 37.61
N LYS F 596 17.72 -35.77 37.22
CA LYS F 596 18.35 -34.50 36.92
C LYS F 596 17.86 -33.90 35.63
N THR F 597 17.59 -34.76 34.63
CA THR F 597 17.13 -34.30 33.34
C THR F 597 15.72 -33.75 33.42
N THR F 598 14.83 -34.43 34.15
CA THR F 598 13.44 -33.96 34.24
C THR F 598 13.15 -33.01 35.44
N ALA F 599 14.18 -32.66 36.25
CA ALA F 599 13.97 -31.89 37.51
C ALA F 599 13.10 -30.66 37.37
N ASP F 600 13.24 -29.93 36.28
CA ASP F 600 12.45 -28.70 36.14
C ASP F 600 11.17 -28.90 35.36
N LEU F 601 10.82 -30.15 35.05
CA LEU F 601 9.63 -30.35 34.25
C LEU F 601 8.39 -30.38 35.14
N GLN F 602 7.26 -29.86 34.68
CA GLN F 602 5.94 -30.17 35.22
C GLN F 602 5.60 -31.66 35.05
N PRO F 603 4.70 -32.20 35.91
CA PRO F 603 4.41 -33.67 35.86
C PRO F 603 3.89 -34.20 34.48
N GLN F 604 3.01 -33.47 33.80
CA GLN F 604 2.59 -33.78 32.40
C GLN F 604 3.79 -34.02 31.44
N GLN F 605 4.84 -33.22 31.60
CA GLN F 605 6.05 -33.34 30.75
C GLN F 605 6.96 -34.50 31.14
N VAL F 606 7.12 -34.69 32.45
CA VAL F 606 7.75 -35.84 33.05
C VAL F 606 7.22 -37.15 32.44
N HIS F 607 5.90 -37.24 32.33
CA HIS F 607 5.23 -38.43 31.88
C HIS F 607 5.58 -38.67 30.41
N THR F 608 5.54 -37.63 29.57
CA THR F 608 5.94 -37.75 28.16
C THR F 608 7.39 -38.20 28.06
N PHE F 609 8.26 -37.77 28.97
CA PHE F 609 9.64 -38.17 28.93
C PHE F 609 9.76 -39.72 29.13
N TYR F 610 9.03 -40.22 30.12
CA TYR F 610 8.99 -41.69 30.43
C TYR F 610 8.37 -42.42 29.26
N LYS F 611 7.39 -41.81 28.62
CA LYS F 611 6.71 -42.44 27.52
C LYS F 611 7.75 -42.62 26.38
N ALA F 612 8.42 -41.54 26.04
CA ALA F 612 9.64 -41.59 25.21
C ALA F 612 10.67 -42.70 25.53
N CYS F 613 11.09 -42.87 26.79
CA CYS F 613 11.90 -44.01 27.15
C CYS F 613 11.26 -45.35 26.91
N GLY F 614 9.96 -45.48 27.18
CA GLY F 614 9.25 -46.69 26.85
C GLY F 614 9.31 -47.18 25.39
N ILE F 615 9.17 -46.25 24.46
CA ILE F 615 9.36 -46.47 23.02
C ILE F 615 10.77 -47.02 22.70
N ILE F 616 11.77 -46.44 23.35
CA ILE F 616 13.13 -46.94 23.15
C ILE F 616 13.18 -48.41 23.64
N ILE F 617 12.73 -48.63 24.87
CA ILE F 617 12.85 -49.93 25.55
C ILE F 617 12.23 -51.08 24.78
N SER F 618 11.11 -50.81 24.10
CA SER F 618 10.38 -51.80 23.33
C SER F 618 11.08 -52.18 22.03
N GLU F 619 12.16 -51.47 21.72
CA GLU F 619 12.97 -51.73 20.56
C GLU F 619 13.95 -52.88 20.87
N GLU F 620 14.37 -52.99 22.13
CA GLU F 620 15.06 -54.18 22.66
C GLU F 620 14.20 -55.47 22.57
N ARG F 621 14.63 -56.39 21.70
CA ARG F 621 13.85 -57.62 21.54
C ARG F 621 14.20 -58.77 22.51
N SER F 622 15.39 -58.78 23.10
CA SER F 622 15.65 -59.73 24.19
C SER F 622 14.83 -59.37 25.46
N VAL F 623 14.01 -60.34 25.91
CA VAL F 623 12.99 -60.14 26.93
C VAL F 623 13.66 -59.86 28.27
N ALA F 624 14.65 -60.68 28.65
CA ALA F 624 15.34 -60.39 29.91
C ALA F 624 15.90 -58.97 29.97
N GLU F 625 16.37 -58.46 28.84
CA GLU F 625 17.13 -57.22 28.85
C GLU F 625 16.12 -56.09 28.89
N ARG F 626 15.08 -56.24 28.10
CA ARG F 626 13.98 -55.32 28.06
C ARG F 626 13.29 -55.13 29.41
N ASN F 627 12.98 -56.23 30.09
CA ASN F 627 12.46 -56.23 31.45
C ASN F 627 13.35 -55.55 32.43
N ARG F 628 14.64 -55.75 32.30
CA ARG F 628 15.58 -55.04 33.14
C ARG F 628 15.56 -53.50 32.88
N LEU F 629 15.47 -53.07 31.63
CA LEU F 629 15.43 -51.62 31.35
C LEU F 629 14.12 -51.05 31.89
N LEU F 630 13.00 -51.70 31.59
CA LEU F 630 11.68 -51.33 32.19
C LEU F 630 11.79 -51.13 33.73
N SER F 631 12.18 -52.19 34.43
CA SER F 631 12.61 -52.07 35.83
C SER F 631 13.54 -50.93 36.17
N ASP F 632 14.61 -50.71 35.39
CA ASP F 632 15.46 -49.55 35.64
C ASP F 632 14.73 -48.19 35.44
N LEU F 633 13.93 -48.11 34.39
CA LEU F 633 13.18 -46.90 34.05
C LEU F 633 12.21 -46.57 35.16
N MET F 634 11.66 -47.60 35.79
CA MET F 634 10.56 -47.36 36.76
C MET F 634 11.05 -47.24 38.22
N GLN F 635 12.35 -47.27 38.42
CA GLN F 635 12.98 -47.18 39.76
C GLN F 635 12.46 -46.05 40.61
N LEU F 636 12.32 -44.85 40.05
CA LEU F 636 11.79 -43.70 40.81
C LEU F 636 10.34 -43.81 41.23
N PRO F 637 9.42 -44.07 40.28
CA PRO F 637 8.02 -44.15 40.71
C PRO F 637 7.72 -45.44 41.47
N ASN F 638 8.61 -46.42 41.39
CA ASN F 638 8.43 -47.61 42.23
C ASN F 638 8.97 -47.30 43.61
N MET F 639 10.11 -46.62 43.69
CA MET F 639 10.66 -46.28 44.99
C MET F 639 9.66 -45.44 45.79
N ALA F 640 9.09 -44.45 45.13
CA ALA F 640 8.11 -43.58 45.73
C ALA F 640 6.81 -44.33 46.03
N TRP F 641 6.39 -45.19 45.11
CA TRP F 641 5.18 -46.00 45.30
C TRP F 641 5.29 -46.95 46.51
N ASP F 642 6.49 -47.46 46.80
CA ASP F 642 6.64 -48.44 47.92
C ASP F 642 6.63 -47.77 49.29
N THR F 643 7.30 -46.62 49.39
CA THR F 643 7.17 -45.72 50.53
C THR F 643 5.71 -45.40 50.85
N ILE F 644 4.94 -44.95 49.87
CA ILE F 644 3.60 -44.41 50.12
C ILE F 644 2.55 -45.48 50.40
N VAL F 645 2.35 -46.40 49.46
CA VAL F 645 1.35 -47.50 49.54
C VAL F 645 1.21 -48.16 50.91
N GLU F 646 2.34 -48.49 51.53
CA GLU F 646 2.38 -48.88 52.94
C GLU F 646 1.58 -47.87 53.78
N GLN F 647 2.18 -46.71 54.08
CA GLN F 647 1.50 -45.62 54.82
C GLN F 647 0.01 -45.57 54.52
N SER F 648 -0.29 -45.28 53.26
CA SER F 648 -1.59 -44.76 52.91
C SER F 648 -2.70 -45.78 53.13
N THR F 649 -2.48 -47.00 52.67
CA THR F 649 -3.54 -48.02 52.61
C THR F 649 -3.90 -48.50 53.98
N ALA F 650 -2.91 -48.51 54.87
CA ALA F 650 -3.09 -48.86 56.27
C ALA F 650 -3.98 -47.89 57.07
N ASN F 651 -4.15 -46.64 56.61
CA ASN F 651 -4.77 -45.61 57.47
C ASN F 651 -4.94 -44.24 56.79
N PRO F 652 -6.09 -44.00 56.15
CA PRO F 652 -6.40 -42.62 55.67
C PRO F 652 -6.79 -41.48 56.66
N THR F 653 -6.09 -41.37 57.80
CA THR F 653 -5.68 -40.04 58.33
C THR F 653 -4.20 -39.85 57.92
N LEU F 654 -3.81 -40.52 56.83
CA LEU F 654 -2.48 -40.38 56.24
C LEU F 654 -2.51 -39.91 54.79
N LEU F 655 -3.63 -40.14 54.08
CA LEU F 655 -3.77 -39.78 52.66
C LEU F 655 -5.15 -39.27 52.31
N THR F 660 -0.36 -36.01 49.25
CA THR F 660 -0.15 -37.42 48.96
C THR F 660 -0.99 -37.97 47.78
N VAL F 661 -2.21 -37.46 47.58
CA VAL F 661 -3.06 -37.89 46.47
C VAL F 661 -2.39 -37.56 45.12
N LYS F 662 -1.80 -36.36 45.04
CA LYS F 662 -1.15 -35.88 43.83
C LYS F 662 0.01 -36.77 43.50
N ILE F 663 0.84 -37.08 44.49
CA ILE F 663 2.02 -37.94 44.35
C ILE F 663 1.61 -39.31 43.82
N ILE F 664 0.47 -39.82 44.30
CA ILE F 664 -0.02 -41.11 43.84
C ILE F 664 -0.56 -41.06 42.43
N ALA F 665 -1.33 -40.03 42.12
CA ALA F 665 -1.98 -39.91 40.80
C ALA F 665 -0.94 -39.78 39.72
N ASN F 666 0.18 -39.16 40.06
CA ASN F 666 1.29 -38.96 39.17
C ASN F 666 2.17 -40.20 39.03
N ILE F 667 2.19 -41.07 40.02
CA ILE F 667 2.88 -42.37 39.89
C ILE F 667 2.15 -43.21 38.87
N ILE F 668 0.83 -43.25 39.03
CA ILE F 668 -0.03 -44.04 38.17
C ILE F 668 0.05 -43.53 36.74
N LYS F 669 -0.03 -42.20 36.58
CA LYS F 669 0.05 -41.56 35.29
C LYS F 669 1.41 -41.78 34.60
N THR F 670 2.48 -41.87 35.37
CA THR F 670 3.77 -42.30 34.85
C THR F 670 3.67 -43.71 34.25
N ASN F 671 2.83 -44.56 34.84
CA ASN F 671 2.78 -45.98 34.44
C ASN F 671 1.92 -46.04 33.23
N VAL F 672 0.90 -45.18 33.15
CA VAL F 672 0.05 -45.12 31.94
C VAL F 672 0.89 -44.70 30.74
N ALA F 673 1.66 -43.64 30.94
CA ALA F 673 2.58 -43.15 29.93
C ALA F 673 3.48 -44.24 29.38
N VAL F 674 4.14 -45.02 30.21
CA VAL F 674 5.00 -46.11 29.76
C VAL F 674 4.20 -47.22 29.10
N CYS F 675 3.05 -47.54 29.70
CA CYS F 675 2.21 -48.57 29.19
C CYS F 675 1.75 -48.27 27.77
N THR F 676 1.38 -47.00 27.53
CA THR F 676 0.96 -46.53 26.23
C THR F 676 2.03 -46.82 25.15
N SER F 677 3.30 -46.67 25.46
CA SER F 677 4.27 -46.84 24.40
C SER F 677 4.80 -48.28 24.36
N MET F 678 4.73 -48.96 25.51
CA MET F 678 5.30 -50.32 25.63
C MET F 678 4.31 -51.42 25.38
N GLY F 679 3.00 -51.14 25.56
CA GLY F 679 1.91 -52.08 25.43
C GLY F 679 2.03 -53.44 26.08
N ALA F 680 1.87 -54.52 25.28
CA ALA F 680 2.14 -55.90 25.74
C ALA F 680 3.38 -56.02 26.60
N ASP F 681 4.44 -55.27 26.25
CA ASP F 681 5.70 -55.45 26.94
C ASP F 681 5.62 -54.83 28.33
N PHE F 682 4.56 -54.10 28.63
CA PHE F 682 4.47 -53.47 29.95
C PHE F 682 4.16 -54.50 31.05
N TYR F 683 3.60 -55.65 30.65
CA TYR F 683 3.10 -56.63 31.67
C TYR F 683 3.88 -56.72 32.98
N PRO F 684 5.20 -56.86 32.91
CA PRO F 684 5.90 -57.13 34.14
C PRO F 684 5.91 -55.99 35.16
N GLN F 685 5.75 -54.74 34.73
CA GLN F 685 5.68 -53.63 35.64
C GLN F 685 4.23 -53.52 36.09
N LEU F 686 3.29 -53.77 35.20
CA LEU F 686 1.91 -53.81 35.70
C LEU F 686 1.83 -54.85 36.86
N GLY F 687 2.30 -56.05 36.63
CA GLY F 687 2.16 -57.08 37.66
C GLY F 687 2.90 -56.76 38.94
N HIS F 688 3.96 -55.98 38.79
CA HIS F 688 4.78 -55.58 39.93
C HIS F 688 4.02 -54.71 40.89
N ILE F 689 2.99 -54.00 40.40
CA ILE F 689 2.28 -53.04 41.26
C ILE F 689 0.84 -53.40 41.45
N TYR F 690 0.38 -54.35 40.66
CA TYR F 690 -1.07 -54.65 40.53
C TYR F 690 -1.75 -54.95 41.86
N TYR F 691 -1.14 -55.79 42.66
CA TYR F 691 -1.77 -56.13 43.93
C TYR F 691 -2.03 -54.91 44.83
N ASN F 692 -0.98 -54.16 45.15
CA ASN F 692 -1.12 -53.04 46.06
C ASN F 692 -1.94 -51.96 45.41
N MET F 693 -1.97 -51.99 44.07
CA MET F 693 -2.75 -51.03 43.29
C MET F 693 -4.26 -51.16 43.50
N LEU F 694 -4.76 -52.38 43.41
CA LEU F 694 -6.18 -52.62 43.62
C LEU F 694 -6.58 -52.55 45.09
N GLN F 695 -5.63 -52.82 45.98
CA GLN F 695 -5.84 -52.67 47.42
C GLN F 695 -6.06 -51.18 47.67
N LEU F 696 -5.15 -50.37 47.10
CA LEU F 696 -5.30 -48.91 47.14
C LEU F 696 -6.61 -48.40 46.58
N TYR F 697 -7.08 -48.98 45.48
CA TYR F 697 -8.34 -48.62 44.82
C TYR F 697 -9.47 -48.91 45.80
N ARG F 698 -9.42 -50.09 46.45
CA ARG F 698 -10.42 -50.53 47.46
C ARG F 698 -10.48 -49.54 48.61
N ALA F 699 -9.30 -49.09 49.05
CA ALA F 699 -9.16 -48.24 50.22
C ALA F 699 -9.49 -46.76 49.97
N VAL F 700 -9.20 -46.27 48.77
CA VAL F 700 -9.54 -44.90 48.43
C VAL F 700 -11.04 -44.85 48.20
N SER F 701 -11.62 -46.01 47.87
CA SER F 701 -13.05 -46.14 47.60
C SER F 701 -13.83 -45.97 48.89
N SER F 702 -13.50 -46.80 49.89
CA SER F 702 -14.32 -46.92 51.11
C SER F 702 -14.46 -45.58 51.81
N MET F 703 -13.39 -44.79 51.75
CA MET F 703 -13.43 -43.39 52.13
C MET F 703 -14.71 -42.78 51.57
N ILE F 704 -14.74 -42.68 50.24
CA ILE F 704 -15.89 -42.13 49.52
C ILE F 704 -17.18 -42.85 49.94
N SER F 705 -17.18 -44.18 49.84
CA SER F 705 -18.32 -45.02 50.21
C SER F 705 -18.91 -44.78 51.61
N ALA F 706 -18.06 -44.39 52.56
CA ALA F 706 -18.53 -44.04 53.91
C ALA F 706 -18.90 -42.55 54.03
N GLN F 707 -18.10 -41.67 53.43
CA GLN F 707 -18.42 -40.25 53.36
C GLN F 707 -19.57 -40.02 52.35
N THR F 718 -16.15 -31.35 46.46
CA THR F 718 -15.16 -31.55 47.51
C THR F 718 -13.80 -31.97 46.93
N PRO F 719 -12.87 -31.01 46.78
CA PRO F 719 -11.50 -31.26 46.23
C PRO F 719 -10.74 -32.44 46.85
N LYS F 720 -11.09 -32.85 48.07
CA LYS F 720 -10.57 -34.08 48.65
C LYS F 720 -11.09 -35.28 47.84
N VAL F 721 -12.43 -35.38 47.75
CA VAL F 721 -13.11 -36.42 46.95
C VAL F 721 -12.60 -36.44 45.49
N ARG F 722 -12.61 -35.27 44.85
CA ARG F 722 -12.12 -35.10 43.48
C ARG F 722 -10.66 -35.53 43.30
N GLY F 723 -9.81 -35.22 44.26
CA GLY F 723 -8.43 -35.70 44.26
C GLY F 723 -8.36 -37.21 44.50
N LEU F 724 -9.28 -37.73 45.31
CA LEU F 724 -9.38 -39.17 45.56
C LEU F 724 -9.99 -39.92 44.36
N ARG F 725 -10.79 -39.25 43.57
CA ARG F 725 -11.41 -39.96 42.43
C ARG F 725 -10.41 -40.06 41.28
N THR F 726 -9.57 -39.06 41.15
CA THR F 726 -8.48 -39.11 40.17
C THR F 726 -7.58 -40.35 40.37
N ILE F 727 -7.46 -40.81 41.63
CA ILE F 727 -6.81 -42.09 41.91
C ILE F 727 -7.55 -43.29 41.28
N LYS F 728 -8.85 -43.40 41.55
CA LYS F 728 -9.64 -44.44 40.95
C LYS F 728 -9.45 -44.38 39.44
N LYS F 729 -9.50 -43.15 38.91
CA LYS F 729 -9.66 -42.94 37.48
C LYS F 729 -8.36 -43.27 36.74
N GLU F 730 -7.22 -42.89 37.32
CA GLU F 730 -5.94 -43.24 36.72
C GLU F 730 -5.64 -44.75 36.87
N ILE F 731 -6.26 -45.43 37.84
CA ILE F 731 -5.95 -46.88 37.99
C ILE F 731 -6.68 -47.64 36.88
N LEU F 732 -7.95 -47.26 36.69
CA LEU F 732 -8.80 -47.78 35.65
C LEU F 732 -8.21 -47.53 34.30
N LYS F 733 -7.70 -46.31 34.12
CA LYS F 733 -7.12 -45.89 32.86
C LYS F 733 -5.91 -46.77 32.60
N LEU F 734 -5.09 -46.97 33.62
CA LEU F 734 -3.90 -47.84 33.49
C LEU F 734 -4.32 -49.22 33.04
N VAL F 735 -5.41 -49.75 33.63
CA VAL F 735 -5.78 -51.15 33.37
C VAL F 735 -6.33 -51.27 31.98
N GLU F 736 -7.12 -50.30 31.55
CA GLU F 736 -7.67 -50.20 30.19
C GLU F 736 -6.54 -50.13 29.17
N THR F 737 -5.56 -49.26 29.40
CA THR F 737 -4.40 -49.10 28.50
C THR F 737 -3.72 -50.43 28.31
N TYR F 738 -3.42 -51.11 29.42
CA TYR F 738 -2.77 -52.40 29.27
C TYR F 738 -3.59 -53.39 28.43
N ILE F 739 -4.84 -53.63 28.84
CA ILE F 739 -5.62 -54.70 28.25
C ILE F 739 -5.92 -54.41 26.77
N SER F 740 -6.02 -53.15 26.41
CA SER F 740 -6.26 -52.83 25.03
C SER F 740 -5.04 -53.21 24.14
N LYS F 741 -3.89 -53.36 24.77
CA LYS F 741 -2.62 -53.54 24.08
C LYS F 741 -1.99 -54.91 24.33
N ALA F 742 -2.60 -55.70 25.21
CA ALA F 742 -2.09 -57.01 25.59
C ALA F 742 -2.09 -58.02 24.42
N ARG F 743 -1.07 -58.87 24.41
CA ARG F 743 -1.01 -60.01 23.49
C ARG F 743 -1.19 -61.33 24.26
N ASN F 744 -0.78 -61.39 25.51
CA ASN F 744 -1.03 -62.60 26.24
C ASN F 744 -2.38 -62.51 26.95
N LEU F 745 -3.43 -62.80 26.21
CA LEU F 745 -4.78 -62.73 26.71
C LEU F 745 -5.01 -63.72 27.86
N ASP F 746 -4.33 -64.87 27.83
CA ASP F 746 -4.41 -65.86 28.88
C ASP F 746 -4.13 -65.26 30.22
N ASP F 747 -3.00 -64.57 30.37
CA ASP F 747 -2.68 -63.92 31.64
C ASP F 747 -3.72 -62.86 32.02
N VAL F 748 -4.35 -62.22 31.03
CA VAL F 748 -5.34 -61.21 31.32
C VAL F 748 -6.49 -61.91 32.07
N VAL F 749 -7.09 -62.87 31.38
CA VAL F 749 -8.17 -63.68 31.91
C VAL F 749 -7.73 -64.29 33.28
N LYS F 750 -6.63 -65.05 33.30
CA LYS F 750 -6.32 -65.89 34.47
C LYS F 750 -5.77 -65.14 35.69
N VAL F 751 -5.19 -63.96 35.46
CA VAL F 751 -4.53 -63.25 36.52
C VAL F 751 -5.05 -61.84 36.75
N LEU F 752 -5.55 -61.16 35.72
CA LEU F 752 -5.89 -59.74 35.94
C LEU F 752 -7.35 -59.48 36.19
N VAL F 753 -8.20 -60.16 35.44
CA VAL F 753 -9.59 -59.74 35.33
C VAL F 753 -10.36 -59.98 36.65
N GLU F 754 -10.18 -61.16 37.24
CA GLU F 754 -10.98 -61.51 38.41
C GLU F 754 -10.78 -60.48 39.50
N PRO F 755 -9.51 -60.18 39.88
CA PRO F 755 -9.44 -59.15 40.89
C PRO F 755 -9.76 -57.72 40.42
N LEU F 756 -9.75 -57.45 39.11
CA LEU F 756 -10.15 -56.11 38.66
C LEU F 756 -11.65 -55.97 38.92
N LEU F 757 -12.42 -57.00 38.55
CA LEU F 757 -13.89 -56.93 38.65
C LEU F 757 -14.34 -56.92 40.10
N ASN F 758 -13.61 -57.63 40.96
CA ASN F 758 -13.89 -57.60 42.39
C ASN F 758 -13.71 -56.25 43.03
N ALA F 759 -12.68 -55.55 42.57
CA ALA F 759 -12.29 -54.31 43.14
C ALA F 759 -13.19 -53.16 42.73
N VAL F 760 -13.81 -53.27 41.54
CA VAL F 760 -14.43 -52.10 40.91
C VAL F 760 -15.95 -52.13 40.77
N LEU F 761 -16.54 -53.32 40.71
CA LEU F 761 -17.95 -53.47 40.29
C LEU F 761 -19.01 -53.26 41.38
N GLU F 762 -18.75 -53.78 42.58
CA GLU F 762 -19.62 -53.51 43.70
C GLU F 762 -19.48 -52.04 44.14
N ASP F 763 -18.25 -51.57 44.29
CA ASP F 763 -17.98 -50.15 44.51
C ASP F 763 -18.78 -49.28 43.55
N TYR F 764 -18.95 -49.76 42.31
CA TYR F 764 -19.73 -49.03 41.29
C TYR F 764 -21.24 -49.15 41.53
N MET F 765 -21.72 -50.37 41.66
CA MET F 765 -23.14 -50.57 41.88
C MET F 765 -23.66 -49.80 43.11
N ASN F 766 -22.89 -49.81 44.20
CA ASN F 766 -23.35 -49.29 45.50
C ASN F 766 -23.01 -47.85 45.83
N ASN F 767 -22.07 -47.26 45.10
CA ASN F 767 -21.83 -45.83 45.23
C ASN F 767 -23.06 -45.01 44.82
N VAL F 768 -23.12 -43.77 45.30
CA VAL F 768 -24.20 -42.88 44.90
C VAL F 768 -23.95 -42.37 43.49
N PRO F 769 -25.03 -42.14 42.73
CA PRO F 769 -24.86 -41.70 41.36
C PRO F 769 -23.74 -40.65 41.11
N ASP F 770 -23.66 -39.63 41.97
CA ASP F 770 -22.68 -38.56 41.77
C ASP F 770 -21.25 -39.03 41.97
N ALA F 771 -21.05 -40.18 42.59
CA ALA F 771 -19.70 -40.74 42.85
C ALA F 771 -19.32 -41.93 41.95
N ARG F 772 -20.24 -42.36 41.09
CA ARG F 772 -19.92 -43.39 40.09
C ARG F 772 -18.96 -42.83 39.05
N ASP F 773 -17.84 -43.51 38.87
CA ASP F 773 -16.94 -43.07 37.82
C ASP F 773 -17.33 -43.68 36.50
N ALA F 774 -17.55 -42.81 35.52
CA ALA F 774 -17.92 -43.19 34.17
C ALA F 774 -16.85 -44.05 33.53
N GLU F 775 -15.61 -43.91 34.01
CA GLU F 775 -14.45 -44.64 33.52
C GLU F 775 -14.54 -46.14 33.79
N VAL F 776 -15.24 -46.53 34.85
CA VAL F 776 -15.57 -47.95 35.04
C VAL F 776 -16.17 -48.55 33.78
N LEU F 777 -17.11 -47.81 33.17
CA LEU F 777 -17.83 -48.32 31.99
C LEU F 777 -16.90 -48.40 30.78
N ASN F 778 -16.01 -47.41 30.67
CA ASN F 778 -14.96 -47.44 29.66
C ASN F 778 -14.03 -48.66 29.86
N CYS F 779 -13.56 -48.83 31.08
CA CYS F 779 -12.73 -49.97 31.43
C CYS F 779 -13.41 -51.30 31.11
N MET F 780 -14.71 -51.41 31.36
CA MET F 780 -15.44 -52.65 31.09
C MET F 780 -15.65 -52.90 29.60
N THR F 781 -15.90 -51.83 28.83
CA THR F 781 -15.91 -51.90 27.36
C THR F 781 -14.60 -52.56 26.79
N THR F 782 -13.44 -52.18 27.36
CA THR F 782 -12.14 -52.72 26.88
C THR F 782 -11.93 -54.16 27.30
N VAL F 783 -12.36 -54.53 28.51
CA VAL F 783 -12.34 -55.94 28.90
C VAL F 783 -13.19 -56.76 27.93
N VAL F 784 -14.34 -56.25 27.53
CA VAL F 784 -15.23 -57.11 26.77
C VAL F 784 -14.69 -57.23 25.36
N GLU F 785 -14.27 -56.10 24.80
CA GLU F 785 -13.70 -56.09 23.44
C GLU F 785 -12.51 -57.08 23.31
N LYS F 786 -11.69 -57.19 24.34
CA LYS F 786 -10.44 -57.91 24.22
C LYS F 786 -10.49 -59.41 24.58
N VAL F 787 -11.15 -59.71 25.68
CA VAL F 787 -11.15 -61.05 26.19
C VAL F 787 -12.57 -61.48 26.50
N GLY F 788 -13.55 -60.69 26.08
CA GLY F 788 -14.97 -61.04 26.31
C GLY F 788 -15.31 -62.50 25.95
N HIS F 789 -14.94 -62.92 24.75
CA HIS F 789 -15.28 -64.25 24.23
C HIS F 789 -14.72 -65.37 25.11
N MET F 790 -13.62 -65.08 25.82
CA MET F 790 -12.99 -66.02 26.75
C MET F 790 -13.65 -66.04 28.14
N ILE F 791 -14.46 -65.04 28.46
CA ILE F 791 -15.08 -64.93 29.83
C ILE F 791 -16.59 -64.70 29.76
N PRO F 792 -17.36 -65.67 29.26
CA PRO F 792 -18.80 -65.41 29.14
C PRO F 792 -19.52 -65.14 30.49
N GLN F 793 -19.01 -65.71 31.57
CA GLN F 793 -19.56 -65.52 32.90
C GLN F 793 -19.09 -64.22 33.54
N GLY F 794 -17.91 -63.76 33.13
CA GLY F 794 -17.46 -62.42 33.54
C GLY F 794 -18.29 -61.35 32.86
N VAL F 795 -18.69 -61.58 31.62
CA VAL F 795 -19.51 -60.61 30.86
C VAL F 795 -20.87 -60.45 31.54
N ILE F 796 -21.55 -61.58 31.78
CA ILE F 796 -22.80 -61.59 32.53
C ILE F 796 -22.70 -60.79 33.83
N LEU F 797 -21.67 -61.06 34.63
CA LEU F 797 -21.47 -60.30 35.87
C LEU F 797 -21.29 -58.78 35.64
N ILE F 798 -20.49 -58.42 34.63
CA ILE F 798 -20.33 -57.01 34.24
C ILE F 798 -21.72 -56.40 33.99
N LEU F 799 -22.47 -57.00 33.08
CA LEU F 799 -23.79 -56.52 32.74
C LEU F 799 -24.62 -56.34 34.00
N GLN F 800 -24.84 -57.43 34.71
CA GLN F 800 -25.58 -57.41 35.97
C GLN F 800 -25.13 -56.31 36.91
N SER F 801 -23.82 -56.08 37.00
CA SER F 801 -23.31 -55.06 37.93
C SER F 801 -23.63 -53.62 37.50
N VAL F 802 -23.80 -53.40 36.21
CA VAL F 802 -23.81 -52.01 35.78
C VAL F 802 -25.01 -51.58 34.98
N PHE F 803 -25.75 -52.54 34.44
CA PHE F 803 -26.79 -52.20 33.50
C PHE F 803 -27.80 -51.26 34.19
N GLU F 804 -28.51 -51.77 35.20
CA GLU F 804 -29.71 -51.07 35.71
C GLU F 804 -29.43 -49.83 36.53
N CYS F 805 -28.45 -49.93 37.42
CA CYS F 805 -28.03 -48.79 38.22
C CYS F 805 -27.54 -47.64 37.31
N THR F 806 -26.82 -47.98 36.23
CA THR F 806 -26.37 -46.95 35.28
C THR F 806 -27.52 -46.42 34.44
N LEU F 807 -28.48 -47.30 34.12
CA LEU F 807 -29.65 -46.93 33.30
C LEU F 807 -30.59 -46.02 34.09
N ASP F 808 -30.57 -46.19 35.41
CA ASP F 808 -31.44 -45.42 36.27
C ASP F 808 -30.97 -43.98 36.40
N MET F 809 -29.69 -43.79 36.15
CA MET F 809 -29.10 -42.47 36.12
C MET F 809 -29.42 -41.69 34.85
N ILE F 810 -29.79 -42.40 33.79
CA ILE F 810 -29.99 -41.77 32.48
C ILE F 810 -31.38 -41.97 31.89
N ASN F 811 -32.29 -42.63 32.60
CA ASN F 811 -33.65 -42.80 32.08
C ASN F 811 -34.72 -41.73 32.47
N LYS F 812 -34.32 -40.63 33.10
CA LYS F 812 -35.27 -39.55 33.45
C LYS F 812 -35.28 -38.42 32.42
N ASP F 813 -34.09 -38.00 32.01
CA ASP F 813 -33.94 -36.94 31.01
C ASP F 813 -32.88 -37.35 29.99
N PHE F 814 -32.76 -36.55 28.94
CA PHE F 814 -31.74 -36.76 27.94
C PHE F 814 -30.44 -36.07 28.29
N THR F 815 -30.34 -35.53 29.50
CA THR F 815 -29.28 -34.54 29.83
C THR F 815 -28.31 -34.92 30.97
N GLU F 816 -28.84 -35.51 32.05
CA GLU F 816 -28.02 -35.89 33.19
C GLU F 816 -26.88 -36.89 32.87
N TYR F 817 -25.81 -36.77 33.65
CA TYR F 817 -24.68 -37.71 33.65
C TYR F 817 -24.21 -38.05 32.24
N PRO F 818 -23.86 -37.01 31.45
CA PRO F 818 -23.54 -37.21 30.04
C PRO F 818 -22.37 -38.19 29.77
N GLU F 819 -21.42 -38.30 30.71
CA GLU F 819 -20.30 -39.23 30.53
C GLU F 819 -20.76 -40.69 30.67
N HIS F 820 -21.62 -40.93 31.65
CA HIS F 820 -22.20 -42.25 31.90
C HIS F 820 -23.06 -42.74 30.73
N ARG F 821 -23.70 -41.79 30.05
CA ARG F 821 -24.64 -42.02 28.99
C ARG F 821 -23.92 -42.52 27.74
N VAL F 822 -22.84 -41.85 27.40
CA VAL F 822 -21.99 -42.22 26.27
C VAL F 822 -21.33 -43.61 26.49
N GLU F 823 -20.63 -43.77 27.62
CA GLU F 823 -19.99 -45.04 27.95
C GLU F 823 -20.93 -46.21 28.09
N PHE F 824 -22.13 -45.97 28.63
CA PHE F 824 -23.20 -46.99 28.72
C PHE F 824 -23.57 -47.61 27.38
N TYR F 825 -23.98 -46.80 26.42
CA TYR F 825 -24.29 -47.34 25.10
C TYR F 825 -23.08 -47.93 24.34
N LYS F 826 -21.86 -47.51 24.65
CA LYS F 826 -20.70 -48.12 23.99
C LYS F 826 -20.44 -49.50 24.55
N LEU F 827 -20.66 -49.67 25.85
CA LEU F 827 -20.58 -50.99 26.46
C LEU F 827 -21.71 -51.90 25.96
N LEU F 828 -22.94 -51.39 25.92
CA LEU F 828 -24.02 -52.25 25.42
C LEU F 828 -23.71 -52.64 23.99
N LYS F 829 -23.15 -51.71 23.23
CA LYS F 829 -22.75 -52.06 21.86
C LYS F 829 -21.69 -53.18 21.76
N VAL F 830 -20.68 -53.14 22.61
CA VAL F 830 -19.67 -54.20 22.51
C VAL F 830 -20.12 -55.55 23.09
N ILE F 831 -20.89 -55.52 24.16
CA ILE F 831 -21.52 -56.74 24.67
C ILE F 831 -22.48 -57.33 23.61
N ASN F 832 -23.29 -56.49 22.98
CA ASN F 832 -24.15 -56.99 21.91
C ASN F 832 -23.36 -57.51 20.67
N GLU F 833 -22.21 -56.90 20.38
CA GLU F 833 -21.40 -57.32 19.23
C GLU F 833 -20.54 -58.53 19.53
N LYS F 834 -19.91 -58.58 20.69
CA LYS F 834 -18.91 -59.59 21.00
C LYS F 834 -19.43 -60.70 21.89
N SER F 835 -20.51 -60.46 22.62
CA SER F 835 -20.89 -61.42 23.63
C SER F 835 -22.39 -61.48 23.84
N PHE F 836 -23.10 -61.70 22.74
CA PHE F 836 -24.57 -61.74 22.71
C PHE F 836 -25.25 -62.72 23.66
N ALA F 837 -24.60 -63.83 23.97
CA ALA F 837 -25.20 -64.82 24.90
C ALA F 837 -25.51 -64.18 26.24
N ALA F 838 -24.76 -63.13 26.60
CA ALA F 838 -25.02 -62.44 27.88
C ALA F 838 -26.40 -61.81 27.95
N PHE F 839 -26.93 -61.36 26.80
CA PHE F 839 -28.28 -60.79 26.77
C PHE F 839 -29.35 -61.86 26.82
N LEU F 840 -28.97 -63.04 26.31
CA LEU F 840 -29.82 -64.22 26.31
C LEU F 840 -30.11 -64.75 27.72
N GLU F 841 -29.22 -64.46 28.66
CA GLU F 841 -29.37 -64.92 30.02
C GLU F 841 -29.93 -63.87 30.97
N LEU F 842 -30.42 -62.77 30.41
CA LEU F 842 -31.21 -61.83 31.21
C LEU F 842 -32.64 -62.40 31.36
N PRO F 843 -33.29 -62.22 32.53
CA PRO F 843 -34.72 -62.56 32.59
C PRO F 843 -35.51 -61.62 31.66
N PRO F 844 -36.61 -62.13 31.04
CA PRO F 844 -37.49 -61.31 30.20
C PRO F 844 -37.69 -59.83 30.62
N ALA F 845 -37.84 -59.56 31.90
CA ALA F 845 -37.98 -58.17 32.36
C ALA F 845 -36.71 -57.33 32.14
N ALA F 846 -35.54 -57.98 32.21
CA ALA F 846 -34.27 -57.25 32.03
C ALA F 846 -34.00 -57.02 30.56
N PHE F 847 -34.45 -57.96 29.73
CA PHE F 847 -34.34 -57.86 28.29
C PHE F 847 -35.20 -56.75 27.74
N LYS F 848 -36.42 -56.62 28.28
CA LYS F 848 -37.31 -55.53 27.92
C LYS F 848 -36.64 -54.19 28.16
N LEU F 849 -36.01 -54.02 29.33
CA LEU F 849 -35.31 -52.76 29.66
C LEU F 849 -34.18 -52.43 28.69
N PHE F 850 -33.42 -53.43 28.28
CA PHE F 850 -32.50 -53.33 27.13
C PHE F 850 -33.17 -52.73 25.87
N VAL F 851 -34.28 -53.33 25.44
CA VAL F 851 -34.94 -52.86 24.23
C VAL F 851 -35.32 -51.39 24.41
N ASP F 852 -35.98 -51.10 25.52
CA ASP F 852 -36.33 -49.76 25.93
C ASP F 852 -35.10 -48.86 25.96
N ALA F 853 -33.98 -49.38 26.44
CA ALA F 853 -32.76 -48.56 26.47
C ALA F 853 -32.30 -48.23 25.04
N ILE F 854 -32.47 -49.19 24.13
CA ILE F 854 -32.16 -48.99 22.72
C ILE F 854 -33.05 -47.90 22.12
N CYS F 855 -34.33 -47.95 22.47
CA CYS F 855 -35.31 -47.00 21.96
C CYS F 855 -35.09 -45.62 22.51
N TRP F 856 -34.82 -45.53 23.81
CA TRP F 856 -34.43 -44.28 24.45
C TRP F 856 -33.24 -43.67 23.73
N ALA F 857 -32.27 -44.50 23.37
CA ALA F 857 -31.11 -43.99 22.66
C ALA F 857 -31.47 -43.34 21.33
N PHE F 858 -32.34 -43.95 20.52
CA PHE F 858 -32.67 -43.18 19.32
C PHE F 858 -33.65 -42.03 19.41
N LYS F 859 -34.16 -41.76 20.61
CA LYS F 859 -34.92 -40.54 20.82
C LYS F 859 -34.04 -39.34 21.18
N HIS F 860 -32.79 -39.59 21.59
CA HIS F 860 -31.84 -38.52 21.90
C HIS F 860 -31.61 -37.54 20.77
N ASN F 861 -31.21 -36.31 21.10
CA ASN F 861 -30.74 -35.36 20.08
C ASN F 861 -29.24 -35.43 19.95
N ASN F 862 -28.57 -35.62 21.09
CA ASN F 862 -27.18 -36.06 21.15
C ASN F 862 -27.01 -37.06 20.00
N ARG F 863 -26.16 -36.73 19.02
CA ARG F 863 -25.96 -37.64 17.88
C ARG F 863 -25.04 -38.80 18.25
N ASP F 864 -24.09 -38.54 19.15
CA ASP F 864 -23.26 -39.61 19.66
C ASP F 864 -24.15 -40.80 20.06
N VAL F 865 -24.99 -40.58 21.08
CA VAL F 865 -25.83 -41.63 21.64
C VAL F 865 -26.81 -42.24 20.59
N GLU F 866 -27.39 -41.40 19.75
CA GLU F 866 -28.38 -41.80 18.75
C GLU F 866 -27.82 -42.77 17.69
N VAL F 867 -26.57 -42.57 17.29
CA VAL F 867 -25.92 -43.44 16.30
C VAL F 867 -25.66 -44.79 16.92
N ASN F 868 -25.15 -44.78 18.16
CA ASN F 868 -24.87 -46.02 18.88
C ASN F 868 -26.12 -46.84 19.09
N GLY F 869 -27.22 -46.19 19.43
CA GLY F 869 -28.50 -46.88 19.69
C GLY F 869 -29.13 -47.46 18.45
N LEU F 870 -29.03 -46.74 17.34
CA LEU F 870 -29.41 -47.28 16.02
C LEU F 870 -28.50 -48.43 15.59
N GLN F 871 -27.20 -48.29 15.80
CA GLN F 871 -26.25 -49.39 15.50
C GLN F 871 -26.52 -50.61 16.37
N ILE F 872 -26.83 -50.39 17.64
CA ILE F 872 -27.18 -51.50 18.52
C ILE F 872 -28.43 -52.25 18.05
N ALA F 873 -29.44 -51.54 17.58
CA ALA F 873 -30.69 -52.17 17.10
C ALA F 873 -30.48 -53.03 15.84
N LEU F 874 -29.72 -52.52 14.88
CA LEU F 874 -29.25 -53.32 13.73
C LEU F 874 -28.48 -54.58 14.15
N ASP F 875 -27.49 -54.39 15.02
CA ASP F 875 -26.70 -55.48 15.56
C ASP F 875 -27.58 -56.52 16.26
N LEU F 876 -28.51 -56.04 17.10
CA LEU F 876 -29.46 -56.92 17.78
C LEU F 876 -30.28 -57.75 16.77
N VAL F 877 -30.82 -57.07 15.79
CA VAL F 877 -31.65 -57.70 14.78
C VAL F 877 -30.87 -58.69 13.93
N LYS F 878 -29.61 -58.37 13.62
CA LYS F 878 -28.70 -59.34 12.97
C LYS F 878 -28.48 -60.55 13.85
N ASN F 879 -28.19 -60.30 15.12
CA ASN F 879 -27.97 -61.38 16.08
C ASN F 879 -29.11 -62.35 16.17
N ILE F 880 -30.33 -61.81 16.21
CA ILE F 880 -31.53 -62.63 16.34
C ILE F 880 -31.76 -63.41 15.05
N GLU F 881 -31.51 -62.78 13.91
CA GLU F 881 -31.73 -63.41 12.63
C GLU F 881 -30.79 -64.61 12.50
N ARG F 882 -29.56 -64.46 12.99
CA ARG F 882 -28.55 -65.50 12.91
C ARG F 882 -28.94 -66.73 13.73
N MET F 883 -29.63 -66.54 14.85
CA MET F 883 -30.26 -67.67 15.54
C MET F 883 -31.36 -68.05 14.59
N GLY F 884 -31.67 -69.34 14.49
CA GLY F 884 -32.64 -69.72 13.47
C GLY F 884 -34.12 -69.57 13.82
N ASN F 885 -34.91 -70.46 13.25
CA ASN F 885 -36.26 -70.73 13.70
C ASN F 885 -36.11 -71.38 15.08
N VAL F 886 -36.18 -70.56 16.13
CA VAL F 886 -35.87 -71.01 17.47
C VAL F 886 -36.67 -70.17 18.48
N PRO F 887 -37.08 -70.78 19.61
CA PRO F 887 -37.97 -70.12 20.59
C PRO F 887 -37.64 -68.63 20.92
N PHE F 888 -36.37 -68.32 21.20
CA PHE F 888 -36.00 -66.97 21.62
C PHE F 888 -36.14 -65.94 20.49
N ALA F 889 -35.64 -66.33 19.33
CA ALA F 889 -35.76 -65.54 18.11
C ALA F 889 -37.24 -65.28 17.78
N ASN F 890 -38.02 -66.36 17.78
CA ASN F 890 -39.47 -66.27 17.56
C ASN F 890 -40.18 -65.38 18.57
N GLU F 891 -39.88 -65.57 19.84
CA GLU F 891 -40.44 -64.69 20.87
C GLU F 891 -40.03 -63.23 20.65
N PHE F 892 -38.75 -63.02 20.30
CA PHE F 892 -38.26 -61.68 20.04
C PHE F 892 -39.08 -60.97 18.97
N HIS F 893 -39.39 -61.64 17.87
CA HIS F 893 -40.13 -60.98 16.81
C HIS F 893 -41.52 -60.60 17.27
N LYS F 894 -42.27 -61.56 17.80
CA LYS F 894 -43.61 -61.28 18.34
C LYS F 894 -43.63 -60.18 19.38
N ASN F 895 -42.60 -60.11 20.21
CA ASN F 895 -42.58 -59.05 21.23
C ASN F 895 -42.07 -57.71 20.71
N TYR F 896 -41.09 -57.73 19.82
CA TYR F 896 -40.35 -56.50 19.55
C TYR F 896 -40.20 -56.05 18.11
N PHE F 897 -40.66 -56.86 17.16
CA PHE F 897 -40.46 -56.50 15.77
C PHE F 897 -41.08 -55.14 15.39
N PHE F 898 -42.38 -54.99 15.66
CA PHE F 898 -43.11 -53.74 15.37
C PHE F 898 -42.74 -52.61 16.33
N ILE F 899 -42.27 -52.92 17.53
CA ILE F 899 -41.72 -51.82 18.30
C ILE F 899 -40.56 -51.15 17.55
N PHE F 900 -39.61 -51.94 17.06
CA PHE F 900 -38.55 -51.37 16.24
C PHE F 900 -39.03 -50.63 15.01
N VAL F 901 -40.00 -51.20 14.29
CA VAL F 901 -40.54 -50.54 13.13
C VAL F 901 -41.10 -49.17 13.53
N SER F 902 -41.97 -49.14 14.51
CA SER F 902 -42.69 -47.90 14.75
C SER F 902 -41.79 -46.83 15.35
N GLU F 903 -40.85 -47.23 16.21
CA GLU F 903 -39.86 -46.31 16.75
C GLU F 903 -38.90 -45.76 15.69
N THR F 904 -38.51 -46.61 14.73
CA THR F 904 -37.65 -46.20 13.63
C THR F 904 -38.42 -45.19 12.80
N PHE F 905 -39.63 -45.57 12.40
CA PHE F 905 -40.57 -44.64 11.77
C PHE F 905 -40.82 -43.36 12.57
N PHE F 906 -40.97 -43.48 13.88
CA PHE F 906 -41.15 -42.26 14.67
C PHE F 906 -40.01 -41.21 14.45
N VAL F 907 -38.74 -41.61 14.64
CA VAL F 907 -37.57 -40.71 14.48
C VAL F 907 -37.38 -40.22 13.06
N LEU F 908 -37.55 -41.13 12.12
CA LEU F 908 -37.40 -40.83 10.75
C LEU F 908 -38.33 -39.70 10.37
N THR F 909 -39.42 -39.58 11.12
CA THR F 909 -40.58 -38.91 10.62
C THR F 909 -41.08 -37.72 11.43
N ASP F 910 -40.63 -37.61 12.68
CA ASP F 910 -40.83 -36.36 13.39
C ASP F 910 -39.75 -35.45 12.81
N SER F 911 -39.58 -34.24 13.30
CA SER F 911 -38.58 -33.46 12.59
C SER F 911 -37.31 -33.28 13.36
N ASP F 912 -37.15 -34.12 14.37
CA ASP F 912 -36.21 -33.88 15.45
C ASP F 912 -34.91 -34.69 15.34
N HIS F 913 -34.84 -35.64 14.43
CA HIS F 913 -33.71 -36.58 14.42
C HIS F 913 -33.15 -36.71 13.04
N LYS F 914 -33.04 -35.57 12.36
CA LYS F 914 -32.73 -35.53 10.95
C LYS F 914 -31.32 -36.00 10.67
N SER F 915 -30.43 -35.79 11.64
CA SER F 915 -29.05 -36.21 11.48
C SER F 915 -28.92 -37.73 11.40
N GLY F 916 -29.89 -38.47 11.96
CA GLY F 916 -29.80 -39.93 11.90
C GLY F 916 -30.41 -40.60 10.67
N PHE F 917 -30.93 -39.81 9.76
CA PHE F 917 -31.64 -40.31 8.59
C PHE F 917 -31.11 -41.61 7.95
N SER F 918 -29.83 -41.67 7.62
CA SER F 918 -29.29 -42.79 6.83
C SER F 918 -29.29 -44.11 7.61
N LYS F 919 -28.89 -44.03 8.87
CA LYS F 919 -28.92 -45.20 9.78
C LYS F 919 -30.34 -45.67 10.11
N GLN F 920 -31.30 -44.75 10.22
CA GLN F 920 -32.72 -45.14 10.38
C GLN F 920 -33.15 -45.91 9.14
N ALA F 921 -32.77 -45.40 7.97
CA ALA F 921 -33.24 -45.98 6.72
C ALA F 921 -32.70 -47.42 6.62
N LEU F 922 -31.39 -47.56 6.89
CA LEU F 922 -30.74 -48.86 6.95
C LEU F 922 -31.39 -49.83 7.93
N LEU F 923 -31.79 -49.35 9.10
CA LEU F 923 -32.49 -50.22 10.04
C LEU F 923 -33.83 -50.65 9.50
N LEU F 924 -34.56 -49.68 8.91
CA LEU F 924 -35.88 -49.93 8.31
C LEU F 924 -35.76 -50.89 7.15
N MET F 925 -34.69 -50.78 6.36
CA MET F 925 -34.47 -51.71 5.25
C MET F 925 -34.29 -53.14 5.73
N LYS F 926 -33.59 -53.28 6.86
CA LYS F 926 -33.26 -54.55 7.43
C LYS F 926 -34.49 -55.21 8.04
N LEU F 927 -35.29 -54.43 8.78
CA LEU F 927 -36.63 -54.86 9.23
C LEU F 927 -37.51 -55.34 8.06
N ILE F 928 -37.73 -54.53 7.05
CA ILE F 928 -38.57 -54.95 5.93
C ILE F 928 -38.08 -56.27 5.28
N SER F 929 -36.77 -56.38 5.06
CA SER F 929 -36.15 -57.59 4.55
C SER F 929 -36.37 -58.80 5.43
N LEU F 930 -36.44 -58.62 6.73
CA LEU F 930 -36.72 -59.77 7.59
C LEU F 930 -38.06 -60.42 7.22
N VAL F 931 -39.02 -59.61 6.78
CA VAL F 931 -40.32 -60.12 6.33
C VAL F 931 -40.26 -60.53 4.85
N TYR F 932 -39.85 -59.64 3.97
CA TYR F 932 -40.02 -59.96 2.54
C TYR F 932 -39.00 -60.98 2.03
N ASP F 933 -37.90 -61.14 2.75
CA ASP F 933 -36.98 -62.23 2.44
C ASP F 933 -37.26 -63.47 3.28
N ASN F 934 -38.48 -63.54 3.86
CA ASN F 934 -38.98 -64.75 4.51
C ASN F 934 -38.07 -65.32 5.58
N LYS F 935 -37.60 -64.45 6.46
CA LYS F 935 -36.69 -64.82 7.55
C LYS F 935 -37.41 -64.96 8.90
N ILE F 936 -38.65 -64.46 8.98
CA ILE F 936 -39.45 -64.63 10.19
C ILE F 936 -40.30 -65.88 9.97
N SER F 937 -40.16 -66.84 10.88
CA SER F 937 -40.69 -68.20 10.64
C SER F 937 -42.16 -68.28 11.04
N VAL F 938 -42.56 -67.28 11.82
CA VAL F 938 -43.68 -67.38 12.69
C VAL F 938 -44.52 -66.13 12.37
N PRO F 939 -45.86 -66.20 12.60
CA PRO F 939 -46.75 -65.05 12.39
C PRO F 939 -46.44 -63.86 13.31
N LEU F 940 -46.46 -62.65 12.78
CA LEU F 940 -46.18 -61.44 13.57
C LEU F 940 -47.41 -60.94 14.31
N TYR F 941 -48.58 -61.33 13.81
CA TYR F 941 -49.88 -60.91 14.34
C TYR F 941 -50.47 -61.97 15.27
N GLN F 942 -51.43 -61.57 16.09
CA GLN F 942 -52.24 -62.55 16.81
C GLN F 942 -53.47 -62.92 15.98
N GLU F 943 -53.99 -64.12 16.17
CA GLU F 943 -55.07 -64.64 15.29
C GLU F 943 -56.28 -63.69 15.24
N ALA F 944 -56.51 -62.97 16.33
CA ALA F 944 -57.54 -61.93 16.39
C ALA F 944 -57.40 -60.74 15.42
N GLU F 945 -56.18 -60.51 14.94
CA GLU F 945 -55.89 -59.29 14.18
C GLU F 945 -56.20 -59.34 12.67
N VAL F 946 -56.46 -60.52 12.14
CA VAL F 946 -56.34 -60.59 10.69
C VAL F 946 -57.16 -61.74 10.14
N PRO F 947 -57.55 -61.71 8.83
CA PRO F 947 -58.10 -62.91 8.24
C PRO F 947 -57.17 -64.08 8.41
N GLN F 948 -57.75 -65.23 8.74
CA GLN F 948 -57.00 -66.47 8.75
C GLN F 948 -56.15 -66.61 7.45
N GLY F 949 -54.88 -66.99 7.64
CA GLY F 949 -53.95 -67.23 6.53
C GLY F 949 -53.32 -66.00 5.87
N THR F 950 -53.34 -64.85 6.54
CA THR F 950 -52.75 -63.70 5.93
C THR F 950 -51.25 -63.76 6.14
N SER F 951 -50.50 -63.26 5.17
CA SER F 951 -49.04 -63.38 5.23
C SER F 951 -48.44 -62.22 6.06
N ASN F 952 -47.25 -62.47 6.63
CA ASN F 952 -46.47 -61.43 7.29
C ASN F 952 -46.25 -60.20 6.38
N GLN F 953 -46.11 -60.39 5.07
CA GLN F 953 -46.01 -59.30 4.07
C GLN F 953 -47.24 -58.40 4.05
N VAL F 954 -48.40 -59.05 3.98
CA VAL F 954 -49.70 -58.36 3.99
C VAL F 954 -49.87 -57.72 5.35
N TYR F 955 -49.54 -58.47 6.39
CA TYR F 955 -49.69 -57.93 7.74
C TYR F 955 -48.81 -56.70 8.00
N LEU F 956 -47.56 -56.76 7.55
CA LEU F 956 -46.62 -55.64 7.68
C LEU F 956 -47.14 -54.33 7.06
N SER F 957 -47.61 -54.41 5.82
CA SER F 957 -48.23 -53.28 5.14
C SER F 957 -49.49 -52.77 5.79
N GLN F 958 -50.36 -53.68 6.20
CA GLN F 958 -51.63 -53.24 6.76
C GLN F 958 -51.42 -52.60 8.12
N TYR F 959 -50.46 -53.09 8.88
CA TYR F 959 -50.11 -52.50 10.18
C TYR F 959 -49.47 -51.11 10.05
N LEU F 960 -48.61 -50.95 9.05
CA LEU F 960 -47.98 -49.69 8.74
C LEU F 960 -48.95 -48.69 8.07
N ALA F 961 -49.81 -49.18 7.19
CA ALA F 961 -50.84 -48.33 6.63
C ALA F 961 -51.70 -47.73 7.75
N ASN F 962 -52.14 -48.58 8.70
CA ASN F 962 -52.89 -48.08 9.84
C ASN F 962 -52.10 -47.10 10.68
N MET F 963 -50.84 -47.45 10.96
CA MET F 963 -49.97 -46.64 11.81
C MET F 963 -49.76 -45.28 11.18
N LEU F 964 -49.68 -45.27 9.85
CA LEU F 964 -49.37 -44.06 9.11
C LEU F 964 -50.57 -43.14 8.94
N SER F 965 -51.77 -43.74 9.02
CA SER F 965 -53.04 -43.04 8.95
C SER F 965 -53.26 -42.31 10.26
N ASN F 966 -52.90 -42.96 11.35
CA ASN F 966 -53.09 -42.38 12.65
C ASN F 966 -52.18 -41.22 12.90
N ALA F 967 -50.95 -41.35 12.41
CA ALA F 967 -49.93 -40.33 12.60
C ALA F 967 -50.14 -39.17 11.65
N PHE F 968 -50.59 -39.46 10.43
CA PHE F 968 -50.71 -38.44 9.40
C PHE F 968 -52.07 -38.42 8.68
N PRO F 969 -53.15 -38.09 9.44
CA PRO F 969 -54.53 -38.31 9.01
C PRO F 969 -54.99 -37.46 7.81
N HIS F 970 -54.16 -36.54 7.38
CA HIS F 970 -54.38 -35.78 6.13
C HIS F 970 -53.89 -36.48 4.86
N LEU F 971 -53.27 -37.65 5.00
CA LEU F 971 -52.83 -38.40 3.83
C LEU F 971 -53.99 -39.26 3.35
N THR F 972 -54.17 -39.38 2.05
CA THR F 972 -55.19 -40.29 1.52
C THR F 972 -54.78 -41.77 1.64
N SER F 973 -55.73 -42.63 1.33
CA SER F 973 -55.51 -44.07 1.24
C SER F 973 -54.44 -44.46 0.22
N GLU F 974 -54.49 -43.82 -0.95
CA GLU F 974 -53.66 -44.17 -2.12
C GLU F 974 -52.22 -43.71 -1.91
N GLN F 975 -52.07 -42.60 -1.20
CA GLN F 975 -50.75 -42.07 -0.89
C GLN F 975 -49.97 -43.06 -0.04
N ILE F 976 -50.62 -43.51 1.03
CA ILE F 976 -50.05 -44.44 1.97
C ILE F 976 -49.75 -45.78 1.34
N ALA F 977 -50.71 -46.28 0.56
CA ALA F 977 -50.58 -47.59 -0.08
C ALA F 977 -49.48 -47.56 -1.14
N SER F 978 -49.35 -46.45 -1.86
CA SER F 978 -48.32 -46.31 -2.90
C SER F 978 -46.91 -46.09 -2.29
N PHE F 979 -46.87 -45.39 -1.15
CA PHE F 979 -45.63 -45.24 -0.39
C PHE F 979 -45.12 -46.59 0.02
N LEU F 980 -46.01 -47.40 0.64
CA LEU F 980 -45.60 -48.70 1.14
C LEU F 980 -45.31 -49.73 0.05
N SER F 981 -46.05 -49.64 -1.05
CA SER F 981 -45.78 -50.52 -2.17
C SER F 981 -44.31 -50.32 -2.64
N ALA F 982 -43.89 -49.06 -2.73
CA ALA F 982 -42.53 -48.70 -3.16
C ALA F 982 -41.46 -49.23 -2.19
N LEU F 983 -41.61 -48.89 -0.90
CA LEU F 983 -40.66 -49.28 0.11
C LEU F 983 -40.44 -50.77 0.15
N THR F 984 -41.52 -51.51 0.05
CA THR F 984 -41.43 -52.97 0.06
C THR F 984 -40.82 -53.56 -1.22
N LYS F 985 -40.67 -52.76 -2.26
CA LYS F 985 -40.02 -53.19 -3.51
C LYS F 985 -38.57 -52.75 -3.58
N GLN F 986 -38.19 -51.79 -2.72
CA GLN F 986 -36.91 -51.12 -2.85
C GLN F 986 -35.99 -51.37 -1.66
N TYR F 987 -36.38 -52.25 -0.74
CA TYR F 987 -35.63 -52.44 0.51
C TYR F 987 -34.26 -53.07 0.28
N LYS F 988 -33.96 -53.53 -0.94
CA LYS F 988 -32.60 -53.99 -1.30
C LYS F 988 -31.63 -52.94 -1.90
N ASP F 989 -32.11 -51.74 -2.19
CA ASP F 989 -31.35 -50.68 -2.89
C ASP F 989 -31.28 -49.43 -2.03
N LEU F 990 -30.17 -49.24 -1.31
CA LEU F 990 -30.09 -48.15 -0.35
C LEU F 990 -30.60 -46.79 -0.86
N VAL F 991 -30.13 -46.42 -2.05
CA VAL F 991 -30.32 -45.08 -2.59
C VAL F 991 -31.75 -44.77 -3.00
N VAL F 992 -32.35 -45.72 -3.71
CA VAL F 992 -33.71 -45.56 -4.21
C VAL F 992 -34.67 -45.51 -3.00
N PHE F 993 -34.51 -46.46 -2.09
CA PHE F 993 -35.26 -46.53 -0.81
C PHE F 993 -35.25 -45.23 0.03
N LYS F 994 -34.09 -44.57 0.15
CA LYS F 994 -33.95 -43.29 0.86
C LYS F 994 -34.63 -42.13 0.11
N GLY F 995 -34.71 -42.24 -1.20
CA GLY F 995 -35.38 -41.26 -2.04
C GLY F 995 -36.86 -41.31 -1.80
N THR F 996 -37.36 -42.53 -1.60
CA THR F 996 -38.75 -42.72 -1.38
C THR F 996 -39.05 -42.24 0.03
N LEU F 997 -38.15 -42.53 0.98
CA LEU F 997 -38.33 -41.97 2.32
C LEU F 997 -38.42 -40.45 2.29
N ARG F 998 -37.49 -39.82 1.58
CA ARG F 998 -37.49 -38.37 1.41
C ARG F 998 -38.72 -37.80 0.70
N ASP F 999 -39.25 -38.53 -0.31
CA ASP F 999 -40.52 -38.19 -0.98
C ASP F 999 -41.70 -38.17 0.00
N PHE F 1000 -41.84 -39.23 0.76
CA PHE F 1000 -42.81 -39.29 1.86
C PHE F 1000 -42.64 -38.17 2.91
N LEU F 1001 -41.39 -37.74 3.17
CA LEU F 1001 -41.17 -36.67 4.16
C LEU F 1001 -41.67 -35.30 3.66
N VAL F 1002 -41.54 -35.08 2.35
CA VAL F 1002 -42.20 -33.98 1.64
C VAL F 1002 -43.72 -34.07 1.79
N GLN F 1003 -44.30 -35.20 1.39
CA GLN F 1003 -45.75 -35.35 1.32
C GLN F 1003 -46.47 -35.16 2.64
N ILE F 1004 -45.93 -35.67 3.74
CA ILE F 1004 -46.61 -35.52 5.03
C ILE F 1004 -46.67 -34.07 5.56
N LYS F 1005 -46.02 -33.14 4.88
CA LYS F 1005 -45.99 -31.74 5.31
C LYS F 1005 -47.06 -30.90 4.61
N GLU F 1006 -47.66 -31.46 3.57
CA GLU F 1006 -48.65 -30.78 2.76
C GLU F 1006 -49.92 -31.63 2.63
N VAL F 1007 -50.99 -31.04 2.11
CA VAL F 1007 -52.20 -31.83 1.80
C VAL F 1007 -52.26 -32.03 0.30
N GLY F 1008 -52.59 -33.24 -0.12
CA GLY F 1008 -52.90 -33.49 -1.53
C GLY F 1008 -51.76 -34.00 -2.37
N GLY F 1009 -50.79 -34.65 -1.71
CA GLY F 1009 -49.63 -35.18 -2.41
C GLY F 1009 -50.02 -36.20 -3.47
N ASP F 1010 -49.27 -36.21 -4.56
CA ASP F 1010 -49.61 -37.09 -5.66
C ASP F 1010 -49.16 -38.53 -5.36
N PRO F 1011 -50.13 -39.45 -5.16
CA PRO F 1011 -49.85 -40.88 -4.87
C PRO F 1011 -48.91 -41.55 -5.90
N THR F 1012 -48.91 -41.02 -7.11
CA THR F 1012 -48.09 -41.55 -8.19
C THR F 1012 -46.61 -41.17 -8.10
N ASP F 1013 -46.25 -40.19 -7.26
CA ASP F 1013 -44.83 -39.80 -7.14
C ASP F 1013 -43.96 -41.01 -6.70
N TYR F 1014 -44.51 -41.91 -5.90
CA TYR F 1014 -43.73 -43.08 -5.49
C TYR F 1014 -43.40 -44.04 -6.65
N LEU F 1015 -43.92 -43.76 -7.85
CA LEU F 1015 -43.56 -44.64 -8.95
C LEU F 1015 -42.32 -44.16 -9.68
N PHE F 1016 -41.67 -43.15 -9.10
CA PHE F 1016 -40.57 -42.44 -9.74
C PHE F 1016 -39.45 -43.37 -10.15
N ALA F 1017 -39.10 -44.31 -9.26
CA ALA F 1017 -38.04 -45.25 -9.54
C ALA F 1017 -38.45 -46.22 -10.63
N GLU F 1018 -39.63 -46.84 -10.47
CA GLU F 1018 -40.21 -47.76 -11.45
C GLU F 1018 -40.24 -47.14 -12.86
N ASP F 1019 -41.01 -46.06 -13.04
CA ASP F 1019 -41.02 -45.29 -14.30
C ASP F 1019 -39.62 -44.78 -14.64
PG GTP G . 8.40 37.30 -16.35
O1G GTP G . 8.28 37.02 -14.91
O2G GTP G . 7.24 37.15 -17.30
O3G GTP G . 9.28 38.46 -16.47
O3B GTP G . 9.41 36.11 -16.78
PB GTP G . 9.01 34.70 -17.34
O1B GTP G . 9.37 33.69 -16.29
O2B GTP G . 7.67 34.61 -18.02
O3A GTP G . 10.14 34.43 -18.51
PA GTP G . 9.83 33.78 -19.95
O1A GTP G . 9.00 32.56 -20.11
O2A GTP G . 9.32 34.92 -20.83
O5' GTP G . 11.29 33.42 -20.58
C5' GTP G . 12.56 33.98 -20.33
C4' GTP G . 13.63 33.37 -21.25
O4' GTP G . 13.96 32.08 -20.77
C3' GTP G . 13.17 33.13 -22.70
O3' GTP G . 14.18 33.61 -23.58
C2' GTP G . 13.02 31.63 -22.77
O2' GTP G . 12.99 31.07 -24.09
C1' GTP G . 14.09 31.13 -21.84
N9 GTP G . 13.73 29.74 -21.38
C8 GTP G . 12.56 29.37 -20.86
N7 GTP G . 12.54 28.06 -20.61
C5 GTP G . 13.72 27.53 -20.92
C6 GTP G . 14.35 26.19 -20.86
O6 GTP G . 13.75 25.13 -20.44
N1 GTP G . 15.62 26.14 -21.31
C2 GTP G . 16.31 27.22 -21.80
N2 GTP G . 17.60 27.06 -22.25
N3 GTP G . 15.78 28.46 -21.88
C4 GTP G . 14.51 28.66 -21.46
MG MG H . 6.08 35.90 -18.17
PG GTP I . -31.23 -22.56 18.51
O1G GTP I . -31.90 -23.86 18.88
O2G GTP I . -31.35 -21.49 19.59
O3G GTP I . -31.35 -22.05 17.11
O3B GTP I . -29.69 -23.08 18.76
PB GTP I . -28.36 -22.30 19.15
O1B GTP I . -28.57 -20.93 19.76
O2B GTP I . -27.51 -22.26 17.90
O3A GTP I . -27.59 -23.29 20.16
PA GTP I . -27.06 -22.77 21.61
O1A GTP I . -28.28 -22.55 22.53
O2A GTP I . -26.05 -21.75 21.56
O5' GTP I . -26.31 -24.04 22.19
C5' GTP I . -25.61 -25.05 21.52
C4' GTP I . -25.07 -26.05 22.55
O4' GTP I . -23.73 -26.26 22.11
C3' GTP I . -25.00 -25.63 24.01
O3' GTP I . -25.07 -26.77 24.89
C2' GTP I . -23.62 -25.07 24.16
O2' GTP I . -23.04 -25.39 25.43
C1' GTP I . -22.82 -25.81 23.13
N9 GTP I . -21.77 -24.95 22.49
C8 GTP I . -21.88 -23.73 21.93
N7 GTP I . -20.68 -23.32 21.42
C5 GTP I . -19.77 -24.29 21.69
C6 GTP I . -18.33 -24.51 21.44
O6 GTP I . -17.68 -23.63 20.84
N1 GTP I . -17.76 -25.66 21.84
C2 GTP I . -18.52 -26.58 22.47
N2 GTP I . -17.96 -27.71 22.88
N3 GTP I . -19.87 -26.46 22.76
C4 GTP I . -20.51 -25.36 22.37
MG MG J . -30.30 -19.97 20.34
#